data_2K78
#
_entry.id   2K78
#
loop_
_entity.id
_entity.type
_entity.pdbx_description
1 polymer 'Iron-regulated surface determinant protein C'
2 non-polymer 'PROTOPORPHYRIN IX CONTAINING ZN'
#
_entity_poly.entity_id   1
_entity_poly.type   'polypeptide(L)'
_entity_poly.pdbx_seq_one_letter_code
;MGSSHHHHHHSSGLVPRGSHMSANAADSGTLNYEVYKYNTNDTSIANDYFNKPAKYIKKNGKLYVQITVNHSHWITGMSI
EGHKENIISKNTAKDERTSEFEVSKLNGKIDGKIDVYIDEKVNGKPFKYDHHYNITYKFNGPTDVAG
;
_entity_poly.pdbx_strand_id   A
#
loop_
_chem_comp.id
_chem_comp.type
_chem_comp.name
_chem_comp.formula
ZNH non-polymer 'PROTOPORPHYRIN IX CONTAINING ZN' 'C34 H32 N4 O4 Zn'
#
# COMPACT_ATOMS: atom_id res chain seq x y z
N SER A 22 -12.96 -4.05 -20.08
CA SER A 22 -13.34 -2.86 -19.27
C SER A 22 -14.08 -1.85 -20.14
N ALA A 23 -15.17 -1.31 -19.66
CA ALA A 23 -15.93 -0.31 -20.47
C ALA A 23 -16.90 0.47 -19.56
N ASN A 24 -17.19 1.70 -19.90
CA ASN A 24 -18.12 2.50 -19.07
C ASN A 24 -17.51 2.71 -17.67
N ALA A 25 -16.21 2.63 -17.57
CA ALA A 25 -15.55 2.82 -16.24
C ALA A 25 -14.03 2.65 -16.38
N ALA A 26 -13.43 3.38 -17.28
CA ALA A 26 -11.95 3.25 -17.46
C ALA A 26 -11.22 3.94 -16.31
N ASP A 27 -10.03 4.44 -16.56
CA ASP A 27 -9.26 5.12 -15.48
C ASP A 27 -9.09 4.19 -14.29
N SER A 28 -9.04 2.91 -14.51
CA SER A 28 -8.87 1.96 -13.38
C SER A 28 -8.40 0.60 -13.89
N GLY A 29 -7.55 -0.07 -13.15
CA GLY A 29 -7.05 -1.40 -13.61
C GLY A 29 -5.93 -1.88 -12.69
N THR A 30 -5.36 -3.03 -12.96
CA THR A 30 -4.27 -3.56 -12.10
C THR A 30 -2.91 -3.04 -12.60
N LEU A 31 -2.34 -2.07 -11.94
CA LEU A 31 -1.02 -1.53 -12.38
C LEU A 31 0.12 -2.21 -11.61
N ASN A 32 1.31 -2.18 -12.16
CA ASN A 32 2.47 -2.81 -11.47
C ASN A 32 2.98 -1.89 -10.37
N TYR A 33 3.37 -2.44 -9.25
CA TYR A 33 3.88 -1.59 -8.13
C TYR A 33 4.60 -2.45 -7.10
N GLU A 34 5.48 -1.87 -6.33
CA GLU A 34 6.22 -2.66 -5.30
C GLU A 34 6.69 -1.74 -4.18
N VAL A 35 7.43 -2.27 -3.24
CA VAL A 35 7.93 -1.42 -2.11
C VAL A 35 9.36 -1.82 -1.77
N TYR A 36 9.99 -1.08 -0.91
CA TYR A 36 11.40 -1.41 -0.53
C TYR A 36 11.69 -1.01 0.91
N LYS A 37 12.70 -1.60 1.50
CA LYS A 37 13.04 -1.25 2.91
C LYS A 37 13.57 0.19 2.98
N TYR A 38 13.01 0.99 3.84
CA TYR A 38 13.48 2.40 3.96
C TYR A 38 14.99 2.43 4.21
N ASN A 39 15.66 3.43 3.69
CA ASN A 39 17.14 3.55 3.88
C ASN A 39 17.89 2.49 3.07
N THR A 40 17.19 1.68 2.31
CA THR A 40 17.88 0.64 1.49
C THR A 40 17.26 0.60 0.08
N ASN A 41 17.54 -0.43 -0.67
CA ASN A 41 16.97 -0.53 -2.04
C ASN A 41 16.40 -1.93 -2.29
N ASP A 42 16.21 -2.70 -1.24
CA ASP A 42 15.67 -4.08 -1.43
C ASP A 42 14.57 -4.37 -0.39
N THR A 43 13.37 -4.61 -0.84
CA THR A 43 12.28 -4.91 0.14
C THR A 43 12.74 -6.01 1.09
N SER A 44 12.57 -5.82 2.37
CA SER A 44 13.04 -6.87 3.33
C SER A 44 11.95 -7.27 4.33
N ILE A 45 10.92 -6.47 4.48
CA ILE A 45 9.85 -6.84 5.46
C ILE A 45 8.47 -6.58 4.86
N ALA A 46 8.11 -5.34 4.72
CA ALA A 46 6.77 -4.99 4.15
C ALA A 46 6.48 -5.82 2.90
N ASN A 47 7.48 -6.25 2.20
CA ASN A 47 7.25 -7.06 0.97
C ASN A 47 6.54 -8.38 1.31
N ASP A 48 6.52 -8.75 2.56
CA ASP A 48 5.85 -10.03 2.95
C ASP A 48 4.40 -9.79 3.38
N TYR A 49 3.86 -8.63 3.10
CA TYR A 49 2.45 -8.35 3.52
C TYR A 49 1.73 -7.52 2.44
N PHE A 50 2.27 -7.46 1.26
CA PHE A 50 1.60 -6.67 0.18
C PHE A 50 1.52 -7.51 -1.11
N ASN A 51 0.34 -7.98 -1.43
CA ASN A 51 0.19 -8.80 -2.67
C ASN A 51 0.31 -7.90 -3.91
N LYS A 52 0.40 -8.51 -5.07
CA LYS A 52 0.52 -7.69 -6.32
C LYS A 52 -0.15 -8.43 -7.49
N PRO A 53 -0.46 -7.69 -8.52
CA PRO A 53 -0.15 -6.24 -8.56
C PRO A 53 -1.23 -5.45 -7.81
N ALA A 54 -1.14 -4.15 -7.82
CA ALA A 54 -2.16 -3.31 -7.13
C ALA A 54 -3.13 -2.70 -8.15
N LYS A 55 -4.19 -2.09 -7.70
CA LYS A 55 -5.15 -1.48 -8.66
C LYS A 55 -5.00 0.03 -8.69
N TYR A 56 -4.62 0.58 -9.80
CA TYR A 56 -4.45 2.06 -9.90
C TYR A 56 -5.71 2.68 -10.53
N ILE A 57 -5.89 3.96 -10.39
CA ILE A 57 -7.10 4.61 -10.98
C ILE A 57 -6.85 6.09 -11.25
N LYS A 58 -7.50 6.65 -12.25
CA LYS A 58 -7.30 8.10 -12.56
C LYS A 58 -8.64 8.79 -12.79
N LYS A 59 -8.62 10.09 -12.95
CA LYS A 59 -9.89 10.85 -13.18
C LYS A 59 -9.58 12.12 -13.96
N ASN A 60 -9.09 11.99 -15.16
CA ASN A 60 -8.77 13.20 -15.99
C ASN A 60 -8.00 14.24 -15.17
N GLY A 61 -6.71 14.07 -15.06
CA GLY A 61 -5.89 15.06 -14.29
C GLY A 61 -5.70 14.59 -12.84
N LYS A 62 -5.87 13.33 -12.59
CA LYS A 62 -5.69 12.82 -11.19
C LYS A 62 -5.66 11.31 -11.16
N LEU A 63 -5.17 10.74 -10.08
CA LEU A 63 -5.14 9.26 -9.97
C LEU A 63 -4.70 8.81 -8.59
N TYR A 64 -5.11 7.63 -8.22
CA TYR A 64 -4.75 7.08 -6.89
C TYR A 64 -4.38 5.61 -7.04
N VAL A 65 -4.54 4.83 -6.01
CA VAL A 65 -4.20 3.40 -6.13
C VAL A 65 -4.68 2.65 -4.89
N GLN A 66 -5.27 1.50 -5.08
CA GLN A 66 -5.74 0.72 -3.91
C GLN A 66 -4.71 -0.35 -3.55
N ILE A 67 -4.34 -0.44 -2.31
CA ILE A 67 -3.32 -1.44 -1.90
C ILE A 67 -3.98 -2.54 -1.06
N THR A 68 -3.54 -3.76 -1.21
CA THR A 68 -4.14 -4.87 -0.41
C THR A 68 -3.40 -5.01 0.91
N VAL A 69 -4.12 -5.18 1.98
CA VAL A 69 -3.46 -5.32 3.32
C VAL A 69 -3.47 -6.78 3.75
N ASN A 70 -2.33 -7.33 4.08
CA ASN A 70 -2.28 -8.75 4.52
C ASN A 70 -2.27 -8.83 6.05
N HIS A 71 -3.18 -9.60 6.62
CA HIS A 71 -3.22 -9.72 8.11
C HIS A 71 -3.35 -8.33 8.73
N SER A 72 -4.54 -7.95 9.13
CA SER A 72 -4.72 -6.61 9.75
C SER A 72 -4.18 -6.62 11.19
N HIS A 73 -4.32 -7.71 11.88
CA HIS A 73 -3.82 -7.78 13.28
C HIS A 73 -2.35 -7.33 13.34
N TRP A 74 -1.64 -7.44 12.25
CA TRP A 74 -0.21 -7.02 12.25
C TRP A 74 -0.08 -5.57 11.77
N ILE A 75 -0.61 -5.26 10.63
CA ILE A 75 -0.51 -3.86 10.11
C ILE A 75 -1.70 -3.04 10.63
N THR A 76 -1.43 -1.95 11.28
CA THR A 76 -2.53 -1.11 11.83
C THR A 76 -3.00 -0.08 10.78
N GLY A 77 -2.14 0.32 9.89
CA GLY A 77 -2.56 1.31 8.86
C GLY A 77 -1.39 1.64 7.92
N MET A 78 -1.58 2.55 7.01
CA MET A 78 -0.48 2.91 6.07
C MET A 78 -0.64 4.36 5.61
N SER A 79 0.38 4.93 5.02
CA SER A 79 0.28 6.34 4.55
C SER A 79 1.27 6.59 3.41
N ILE A 80 0.86 7.34 2.42
CA ILE A 80 1.76 7.63 1.27
C ILE A 80 1.80 9.14 1.00
N GLU A 81 2.96 9.66 0.68
CA GLU A 81 3.09 11.12 0.39
C GLU A 81 2.95 11.96 1.67
N GLY A 82 2.76 11.34 2.81
CA GLY A 82 2.65 12.13 4.06
C GLY A 82 1.19 12.23 4.54
N HIS A 83 0.33 11.33 4.12
CA HIS A 83 -1.09 11.41 4.59
C HIS A 83 -1.61 10.01 4.93
N LYS A 84 -2.63 9.93 5.74
CA LYS A 84 -3.18 8.60 6.12
C LYS A 84 -3.88 7.94 4.94
N GLU A 85 -4.33 6.73 5.09
CA GLU A 85 -5.04 6.04 3.98
C GLU A 85 -6.55 6.02 4.23
N ASN A 86 -7.31 5.61 3.25
CA ASN A 86 -8.79 5.57 3.43
C ASN A 86 -9.29 4.13 3.47
N ILE A 87 -10.09 3.78 4.44
CA ILE A 87 -10.61 2.39 4.52
C ILE A 87 -11.57 2.13 3.35
N ILE A 88 -11.11 1.44 2.35
CA ILE A 88 -11.98 1.17 1.18
C ILE A 88 -12.67 -0.19 1.30
N SER A 89 -12.05 -1.14 1.94
CA SER A 89 -12.67 -2.48 2.07
C SER A 89 -11.92 -3.33 3.10
N LYS A 90 -12.39 -3.34 4.32
CA LYS A 90 -11.71 -4.14 5.38
C LYS A 90 -12.40 -5.49 5.54
N ASN A 91 -11.80 -6.54 5.05
CA ASN A 91 -12.43 -7.89 5.17
C ASN A 91 -11.86 -8.62 6.38
N THR A 92 -12.60 -8.72 7.44
CA THR A 92 -12.10 -9.43 8.65
C THR A 92 -12.23 -10.95 8.47
N ALA A 93 -13.23 -11.39 7.74
CA ALA A 93 -13.39 -12.85 7.52
C ALA A 93 -12.18 -13.41 6.77
N LYS A 94 -11.75 -12.73 5.74
CA LYS A 94 -10.57 -13.22 4.96
C LYS A 94 -9.29 -12.53 5.44
N ASP A 95 -9.35 -11.78 6.51
CA ASP A 95 -8.12 -11.09 7.01
C ASP A 95 -7.47 -10.31 5.87
N GLU A 96 -8.21 -9.48 5.20
CA GLU A 96 -7.63 -8.68 4.08
C GLU A 96 -8.30 -7.31 3.98
N ARG A 97 -7.53 -6.26 4.13
CA ARG A 97 -8.11 -4.89 4.05
C ARG A 97 -7.52 -4.16 2.84
N THR A 98 -8.10 -3.05 2.46
CA THR A 98 -7.56 -2.30 1.29
C THR A 98 -7.62 -0.79 1.55
N SER A 99 -6.76 -0.03 0.94
CA SER A 99 -6.78 1.45 1.17
C SER A 99 -6.40 2.20 -0.10
N GLU A 100 -7.04 3.32 -0.35
CA GLU A 100 -6.72 4.10 -1.58
C GLU A 100 -5.67 5.17 -1.26
N PHE A 101 -4.75 5.39 -2.15
CA PHE A 101 -3.68 6.40 -1.89
C PHE A 101 -3.58 7.40 -3.05
N GLU A 102 -3.42 8.65 -2.75
CA GLU A 102 -3.30 9.68 -3.83
C GLU A 102 -1.83 10.00 -4.08
N VAL A 103 -1.39 9.93 -5.31
CA VAL A 103 0.05 10.22 -5.60
C VAL A 103 0.22 10.81 -7.00
N SER A 104 1.23 11.61 -7.19
CA SER A 104 1.46 12.20 -8.54
C SER A 104 1.76 11.08 -9.53
N LYS A 105 0.86 10.83 -10.45
CA LYS A 105 1.07 9.74 -11.44
C LYS A 105 1.56 8.48 -10.72
N LEU A 106 2.03 7.49 -11.44
CA LEU A 106 2.50 6.25 -10.77
C LEU A 106 3.61 5.58 -11.59
N ASN A 107 4.78 6.17 -11.61
CA ASN A 107 5.91 5.57 -12.38
C ASN A 107 7.24 5.86 -11.67
N GLY A 108 7.45 5.28 -10.51
CA GLY A 108 8.73 5.52 -9.78
C GLY A 108 8.57 5.08 -8.33
N LYS A 109 8.77 5.97 -7.39
CA LYS A 109 8.63 5.59 -5.95
C LYS A 109 8.35 6.84 -5.11
N ILE A 110 7.71 6.67 -3.99
CA ILE A 110 7.39 7.84 -3.12
C ILE A 110 7.67 7.50 -1.66
N ASP A 111 8.04 8.48 -0.87
CA ASP A 111 8.32 8.21 0.57
C ASP A 111 7.00 8.07 1.33
N GLY A 112 6.62 6.86 1.67
CA GLY A 112 5.34 6.67 2.41
C GLY A 112 5.64 6.25 3.85
N LYS A 113 4.62 6.05 4.64
CA LYS A 113 4.84 5.64 6.05
C LYS A 113 3.73 4.68 6.49
N ILE A 114 3.90 4.03 7.59
CA ILE A 114 2.84 3.08 8.06
C ILE A 114 2.94 2.85 9.57
N ASP A 115 1.85 2.52 10.19
CA ASP A 115 1.87 2.24 11.66
C ASP A 115 1.61 0.76 11.89
N VAL A 116 2.00 0.24 13.03
CA VAL A 116 1.77 -1.21 13.30
C VAL A 116 1.41 -1.42 14.77
N TYR A 117 0.64 -2.44 15.05
CA TYR A 117 0.25 -2.72 16.46
C TYR A 117 0.01 -4.21 16.66
N ILE A 118 0.79 -4.84 17.51
CA ILE A 118 0.60 -6.31 17.74
C ILE A 118 0.80 -6.64 19.21
N ASP A 119 0.17 -7.67 19.68
CA ASP A 119 0.31 -8.07 21.11
C ASP A 119 -0.12 -9.52 21.29
N GLU A 120 0.82 -10.44 21.27
CA GLU A 120 0.46 -11.87 21.43
C GLU A 120 1.73 -12.73 21.55
N LYS A 121 1.59 -13.94 22.02
CA LYS A 121 2.78 -14.82 22.15
C LYS A 121 3.03 -15.58 20.84
N VAL A 122 4.11 -15.30 20.17
CA VAL A 122 4.41 -16.00 18.90
C VAL A 122 4.93 -17.40 19.18
N ASN A 123 4.06 -18.38 19.23
CA ASN A 123 4.51 -19.77 19.49
C ASN A 123 5.16 -19.87 20.88
N GLY A 124 4.58 -19.25 21.86
CA GLY A 124 5.16 -19.32 23.23
C GLY A 124 6.17 -18.18 23.40
N LYS A 125 5.96 -17.08 22.73
CA LYS A 125 6.91 -15.93 22.86
C LYS A 125 6.15 -14.61 22.78
N PRO A 126 5.93 -14.01 23.92
CA PRO A 126 5.20 -12.72 23.97
C PRO A 126 5.86 -11.70 23.02
N PHE A 127 5.17 -11.32 21.98
CA PHE A 127 5.76 -10.34 21.02
C PHE A 127 4.99 -9.00 21.09
N LYS A 128 5.68 -7.94 21.42
CA LYS A 128 5.00 -6.62 21.49
C LYS A 128 5.36 -5.77 20.27
N TYR A 129 4.42 -5.02 19.77
CA TYR A 129 4.70 -4.18 18.57
C TYR A 129 3.72 -3.01 18.51
N ASP A 130 4.22 -1.80 18.51
CA ASP A 130 3.30 -0.62 18.47
C ASP A 130 4.11 0.66 18.18
N HIS A 131 4.33 0.97 16.94
CA HIS A 131 5.11 2.20 16.60
C HIS A 131 4.72 2.71 15.21
N HIS A 132 5.42 3.69 14.72
CA HIS A 132 5.09 4.24 13.37
C HIS A 132 6.26 4.03 12.41
N TYR A 133 6.32 2.91 11.76
CA TYR A 133 7.44 2.64 10.81
C TYR A 133 7.13 3.22 9.44
N ASN A 134 8.00 3.05 8.49
CA ASN A 134 7.75 3.60 7.12
C ASN A 134 8.39 2.71 6.06
N ILE A 135 8.10 2.95 4.81
CA ILE A 135 8.69 2.11 3.73
C ILE A 135 8.68 2.86 2.39
N THR A 136 9.45 2.41 1.44
CA THR A 136 9.49 3.09 0.12
C THR A 136 8.46 2.48 -0.84
N TYR A 137 7.59 3.27 -1.39
CA TYR A 137 6.58 2.73 -2.34
C TYR A 137 7.15 2.77 -3.77
N LYS A 138 6.67 1.92 -4.63
CA LYS A 138 7.20 1.92 -6.03
C LYS A 138 6.07 1.64 -7.02
N PHE A 139 5.58 2.65 -7.68
CA PHE A 139 4.48 2.44 -8.67
C PHE A 139 5.06 2.21 -10.07
N ASN A 140 4.34 1.51 -10.91
CA ASN A 140 4.85 1.25 -12.29
C ASN A 140 3.70 1.29 -13.30
N GLY A 141 3.53 2.41 -13.96
CA GLY A 141 2.43 2.52 -14.96
C GLY A 141 2.79 3.59 -16.00
N PRO A 142 1.78 4.25 -16.50
CA PRO A 142 2.00 5.31 -17.51
C PRO A 142 2.91 6.41 -16.94
N THR A 143 2.98 7.53 -17.60
CA THR A 143 3.84 8.64 -17.10
C THR A 143 3.26 9.99 -17.51
N ASP A 144 3.00 10.19 -18.78
CA ASP A 144 2.43 11.48 -19.23
C ASP A 144 1.07 11.25 -19.92
N VAL A 145 1.09 10.79 -21.14
CA VAL A 145 -0.18 10.54 -21.86
C VAL A 145 -1.03 11.82 -21.91
N ALA A 146 -0.50 12.86 -22.49
CA ALA A 146 -1.26 14.13 -22.58
C ALA A 146 -0.73 15.01 -23.71
N GLY A 147 -0.19 14.39 -24.73
CA GLY A 147 0.35 15.18 -25.87
C GLY A 147 1.64 15.89 -25.44
ZN ZNH B . 8.07 -5.50 11.25
CHA ZNH B . 10.93 -3.77 11.51
CHB ZNH B . 9.20 -7.61 13.64
CHC ZNH B . 5.40 -7.14 10.98
CHD ZNH B . 7.04 -3.33 8.86
NA ZNH B . 9.65 -5.65 12.29
C1A ZNH B . 10.80 -4.82 12.29
C2A ZNH B . 11.71 -5.28 13.20
C3A ZNH B . 11.21 -6.35 13.80
C4A ZNH B . 9.97 -6.61 13.28
CMA ZNH B . 11.90 -7.16 14.85
CAA ZNH B . 13.05 -4.67 13.50
CBA ZNH B . 14.13 -5.43 12.72
CGA ZNH B . 15.49 -5.01 13.22
O1A ZNH B . 16.35 -4.70 12.42
O2A ZNH B . 15.76 -4.98 14.54
NB ZNH B . 7.43 -7.08 12.16
C1B ZNH B . 8.00 -7.86 13.14
C2B ZNH B . 7.15 -8.89 13.48
C3B ZNH B . 6.05 -8.80 12.76
C4B ZNH B . 6.20 -7.64 11.88
CMB ZNH B . 7.44 -9.95 14.52
CAB ZNH B . 4.89 -9.73 12.84
CBB ZNH B . 3.65 -9.29 12.68
NC ZNH B . 6.52 -5.26 10.13
C1C ZNH B . 5.43 -6.12 10.20
C2C ZNH B . 4.50 -5.67 9.29
C3C ZNH B . 4.95 -4.59 8.67
C4C ZNH B . 6.21 -4.28 9.15
CMC ZNH B . 3.16 -6.32 9.06
CAC ZNH B . 4.24 -3.83 7.62
CBC ZNH B . 3.89 -4.43 6.48
ND ZNH B . 8.80 -3.95 10.41
C1D ZNH B . 8.22 -3.17 9.42
C2D ZNH B . 9.10 -2.10 9.06
C3D ZNH B . 10.19 -2.20 9.79
C4D ZNH B . 10.03 -3.35 10.64
CMD ZNH B . 8.83 -1.03 8.04
CAD ZNH B . 11.39 -1.28 9.75
CBD ZNH B . 11.52 -0.55 11.08
CGD ZNH B . 12.96 -0.21 11.34
O1D ZNH B . 13.83 -0.95 10.93
O2D ZNH B . 13.28 0.90 12.02
HHA ZNH B . 11.86 -3.19 11.59
HHB ZNH B . 9.58 -8.29 14.41
HHC ZNH B . 4.49 -7.70 10.89
HHD ZNH B . 6.73 -2.62 8.09
HMA1 ZNH B . 12.52 -7.93 14.38
HMA2 ZNH B . 11.16 -7.63 15.50
HMA3 ZNH B . 12.54 -6.51 15.45
HAA1 ZNH B . 13.25 -4.73 14.56
HAA2 ZNH B . 13.05 -3.62 13.18
HBA1 ZNH B . 14.05 -5.21 11.66
HBA2 ZNH B . 14.01 -6.50 12.88
HMB1 ZNH B . 6.50 -10.32 14.93
HMB2 ZNH B . 8.04 -9.53 15.32
HMB3 ZNH B . 7.98 -10.77 14.05
HAB ZNH B . 5.04 -10.72 13.27
HBB1 ZNH B . 2.81 -9.91 12.97
HBB2 ZNH B . 3.48 -8.22 12.48
HMC1 ZNH B . 2.70 -6.59 10.02
HMC2 ZNH B . 3.28 -7.22 8.46
HMC3 ZNH B . 2.50 -5.61 8.54
HAC ZNH B . 4.06 -2.76 7.75
HBC1 ZNH B . 3.43 -3.85 5.69
HBC2 ZNH B . 4.13 -5.48 6.34
HMD1 ZNH B . 7.75 -0.96 7.86
HMD2 ZNH B . 9.33 -1.28 7.10
HMD3 ZNH B . 9.19 -0.07 8.40
HAD1 ZNH B . 12.28 -1.87 9.57
HAD2 ZNH B . 11.26 -0.56 8.95
HBD1 ZNH B . 11.14 -1.19 11.88
HBD2 ZNH B . 10.93 0.36 11.05
N SER A 22 -19.51 5.68 -18.09
CA SER A 22 -18.08 5.68 -18.54
C SER A 22 -17.99 5.34 -20.03
N ALA A 23 -18.16 6.31 -20.88
CA ALA A 23 -18.08 6.04 -22.34
C ALA A 23 -16.62 5.97 -22.79
N ASN A 24 -16.06 4.80 -22.87
CA ASN A 24 -14.63 4.67 -23.29
C ASN A 24 -13.72 5.35 -22.27
N ALA A 25 -14.06 5.29 -21.02
CA ALA A 25 -13.21 5.94 -19.98
C ALA A 25 -13.09 5.03 -18.74
N ALA A 26 -12.24 4.03 -18.81
CA ALA A 26 -12.09 3.11 -17.64
C ALA A 26 -11.29 3.82 -16.53
N ASP A 27 -10.15 4.36 -16.85
CA ASP A 27 -9.34 5.05 -15.81
C ASP A 27 -9.10 4.14 -14.61
N SER A 28 -8.97 2.86 -14.85
CA SER A 28 -8.74 1.93 -13.71
C SER A 28 -8.15 0.62 -14.21
N GLY A 29 -7.34 -0.03 -13.41
CA GLY A 29 -6.72 -1.31 -13.84
C GLY A 29 -5.65 -1.75 -12.84
N THR A 30 -5.10 -2.92 -13.02
CA THR A 30 -4.05 -3.41 -12.07
C THR A 30 -2.65 -2.98 -12.54
N LEU A 31 -2.05 -2.03 -11.87
CA LEU A 31 -0.69 -1.57 -12.28
C LEU A 31 0.39 -2.30 -11.47
N ASN A 32 1.59 -2.36 -11.98
CA ASN A 32 2.67 -3.04 -11.21
C ASN A 32 3.22 -2.10 -10.14
N TYR A 33 3.57 -2.63 -9.00
CA TYR A 33 4.12 -1.76 -7.92
C TYR A 33 4.81 -2.61 -6.85
N GLU A 34 5.71 -2.03 -6.11
CA GLU A 34 6.43 -2.80 -5.05
C GLU A 34 6.94 -1.84 -3.97
N VAL A 35 7.66 -2.35 -3.01
CA VAL A 35 8.19 -1.47 -1.94
C VAL A 35 9.62 -1.90 -1.58
N TYR A 36 10.26 -1.16 -0.71
CA TYR A 36 11.66 -1.52 -0.33
C TYR A 36 11.93 -1.09 1.11
N LYS A 37 12.93 -1.66 1.73
CA LYS A 37 13.27 -1.27 3.12
C LYS A 37 13.79 0.16 3.15
N TYR A 38 13.13 1.03 3.87
CA TYR A 38 13.60 2.45 3.92
C TYR A 38 15.09 2.50 4.21
N ASN A 39 15.78 3.48 3.65
CA ASN A 39 17.26 3.60 3.86
C ASN A 39 18.02 2.50 3.09
N THR A 40 17.32 1.67 2.35
CA THR A 40 18.03 0.61 1.58
C THR A 40 17.45 0.54 0.16
N ASN A 41 17.70 -0.53 -0.54
CA ASN A 41 17.16 -0.66 -1.93
C ASN A 41 16.56 -2.06 -2.12
N ASP A 42 16.32 -2.78 -1.06
CA ASP A 42 15.74 -4.14 -1.20
C ASP A 42 14.62 -4.35 -0.16
N THR A 43 13.44 -4.68 -0.60
CA THR A 43 12.33 -4.90 0.38
C THR A 43 12.72 -6.05 1.32
N SER A 44 12.57 -5.86 2.60
CA SER A 44 12.95 -6.94 3.55
C SER A 44 11.81 -7.27 4.53
N ILE A 45 10.85 -6.40 4.66
CA ILE A 45 9.74 -6.69 5.62
C ILE A 45 8.39 -6.31 5.00
N ALA A 46 8.17 -5.05 4.76
CA ALA A 46 6.87 -4.60 4.18
C ALA A 46 6.50 -5.43 2.94
N ASN A 47 7.47 -6.03 2.30
CA ASN A 47 7.16 -6.84 1.08
C ASN A 47 6.42 -8.13 1.45
N ASP A 48 6.33 -8.44 2.72
CA ASP A 48 5.61 -9.69 3.12
C ASP A 48 4.22 -9.38 3.66
N TYR A 49 3.71 -8.21 3.43
CA TYR A 49 2.35 -7.86 3.93
C TYR A 49 1.54 -7.11 2.86
N PHE A 50 2.06 -6.97 1.67
CA PHE A 50 1.31 -6.26 0.61
C PHE A 50 1.19 -7.14 -0.64
N ASN A 51 0.01 -7.60 -0.96
CA ASN A 51 -0.16 -8.46 -2.16
C ASN A 51 -0.01 -7.62 -3.44
N LYS A 52 0.15 -8.24 -4.56
CA LYS A 52 0.31 -7.47 -5.83
C LYS A 52 -0.31 -8.24 -7.00
N PRO A 53 -0.51 -7.54 -8.09
CA PRO A 53 -0.18 -6.10 -8.15
C PRO A 53 -1.30 -5.26 -7.50
N ALA A 54 -1.18 -3.96 -7.57
CA ALA A 54 -2.22 -3.08 -6.96
C ALA A 54 -3.14 -2.53 -8.06
N LYS A 55 -4.24 -1.92 -7.70
CA LYS A 55 -5.15 -1.38 -8.74
C LYS A 55 -4.98 0.14 -8.87
N TYR A 56 -4.64 0.61 -10.04
CA TYR A 56 -4.47 2.08 -10.24
C TYR A 56 -5.73 2.67 -10.86
N ILE A 57 -5.94 3.95 -10.72
CA ILE A 57 -7.15 4.57 -11.31
C ILE A 57 -6.92 6.05 -11.58
N LYS A 58 -7.53 6.59 -12.61
CA LYS A 58 -7.34 8.03 -12.94
C LYS A 58 -8.70 8.71 -13.19
N LYS A 59 -8.70 10.00 -13.37
CA LYS A 59 -9.98 10.73 -13.61
C LYS A 59 -9.69 12.03 -14.35
N ASN A 60 -9.14 11.96 -15.53
CA ASN A 60 -8.84 13.20 -16.30
C ASN A 60 -8.13 14.23 -15.42
N GLY A 61 -6.82 14.14 -15.31
CA GLY A 61 -6.07 15.13 -14.49
C GLY A 61 -5.92 14.62 -13.04
N LYS A 62 -6.12 13.36 -12.82
CA LYS A 62 -5.99 12.83 -11.43
C LYS A 62 -5.90 11.31 -11.42
N LEU A 63 -5.45 10.74 -10.33
CA LEU A 63 -5.37 9.26 -10.26
C LEU A 63 -4.95 8.81 -8.87
N TYR A 64 -5.32 7.61 -8.51
CA TYR A 64 -4.98 7.08 -7.17
C TYR A 64 -4.58 5.60 -7.30
N VAL A 65 -4.72 4.86 -6.25
CA VAL A 65 -4.36 3.41 -6.31
C VAL A 65 -4.83 2.70 -5.05
N GLN A 66 -5.43 1.56 -5.18
CA GLN A 66 -5.91 0.82 -3.97
C GLN A 66 -4.89 -0.24 -3.58
N ILE A 67 -4.59 -0.33 -2.31
CA ILE A 67 -3.59 -1.33 -1.84
C ILE A 67 -4.29 -2.37 -0.96
N THR A 68 -3.93 -3.62 -1.11
CA THR A 68 -4.57 -4.68 -0.28
C THR A 68 -3.78 -4.86 1.02
N VAL A 69 -4.47 -4.93 2.13
CA VAL A 69 -3.78 -5.12 3.43
C VAL A 69 -3.91 -6.56 3.89
N ASN A 70 -2.82 -7.22 4.17
CA ASN A 70 -2.90 -8.65 4.61
C ASN A 70 -2.78 -8.73 6.13
N HIS A 71 -3.72 -9.39 6.77
CA HIS A 71 -3.68 -9.51 8.26
C HIS A 71 -3.67 -8.12 8.91
N SER A 72 -4.81 -7.67 9.37
CA SER A 72 -4.87 -6.33 10.02
C SER A 72 -4.24 -6.38 11.41
N HIS A 73 -4.24 -7.54 12.02
CA HIS A 73 -3.65 -7.66 13.38
C HIS A 73 -2.16 -7.26 13.36
N TRP A 74 -1.48 -7.58 12.29
CA TRP A 74 -0.04 -7.21 12.21
C TRP A 74 0.11 -5.75 11.73
N ILE A 75 -0.52 -5.42 10.64
CA ILE A 75 -0.42 -4.01 10.13
C ILE A 75 -1.52 -3.16 10.76
N THR A 76 -1.15 -2.10 11.43
CA THR A 76 -2.17 -1.23 12.07
C THR A 76 -2.68 -0.17 11.09
N GLY A 77 -1.90 0.19 10.11
CA GLY A 77 -2.37 1.22 9.14
C GLY A 77 -1.29 1.48 8.08
N MET A 78 -1.58 2.34 7.13
CA MET A 78 -0.58 2.64 6.07
C MET A 78 -0.79 4.07 5.56
N SER A 79 0.21 4.64 4.93
CA SER A 79 0.06 6.04 4.42
C SER A 79 1.01 6.27 3.24
N ILE A 80 0.76 7.27 2.45
CA ILE A 80 1.65 7.55 1.29
C ILE A 80 1.66 9.05 0.98
N GLU A 81 2.73 9.54 0.41
CA GLU A 81 2.81 11.00 0.08
C GLU A 81 2.73 11.86 1.36
N GLY A 82 2.88 11.25 2.51
CA GLY A 82 2.83 12.05 3.77
C GLY A 82 1.39 12.19 4.26
N HIS A 83 0.50 11.34 3.83
CA HIS A 83 -0.92 11.45 4.29
C HIS A 83 -1.49 10.06 4.59
N LYS A 84 -2.53 9.99 5.39
CA LYS A 84 -3.12 8.67 5.73
C LYS A 84 -3.86 8.07 4.53
N GLU A 85 -4.30 6.86 4.64
CA GLU A 85 -5.03 6.21 3.51
C GLU A 85 -6.54 6.25 3.75
N ASN A 86 -7.31 5.90 2.76
CA ASN A 86 -8.79 5.91 2.93
C ASN A 86 -9.33 4.48 3.07
N ILE A 87 -10.13 4.24 4.08
CA ILE A 87 -10.68 2.86 4.25
C ILE A 87 -11.66 2.56 3.11
N ILE A 88 -11.24 1.79 2.14
CA ILE A 88 -12.13 1.48 1.00
C ILE A 88 -12.85 0.14 1.22
N SER A 89 -12.26 -0.74 1.99
CA SER A 89 -12.91 -2.05 2.23
C SER A 89 -12.21 -2.76 3.39
N LYS A 90 -12.79 -2.70 4.55
CA LYS A 90 -12.16 -3.36 5.73
C LYS A 90 -12.76 -4.75 5.94
N ASN A 91 -11.97 -5.68 6.43
CA ASN A 91 -12.51 -7.05 6.66
C ASN A 91 -11.91 -7.64 7.94
N THR A 92 -12.49 -7.34 9.07
CA THR A 92 -11.96 -7.89 10.34
C THR A 92 -12.25 -9.39 10.44
N ALA A 93 -13.31 -9.84 9.84
CA ALA A 93 -13.65 -11.29 9.90
C ALA A 93 -12.55 -12.12 9.22
N LYS A 94 -12.20 -11.79 8.01
CA LYS A 94 -11.13 -12.56 7.30
C LYS A 94 -9.78 -11.86 7.45
N ASP A 95 -9.66 -10.94 8.37
CA ASP A 95 -8.36 -10.24 8.57
C ASP A 95 -7.87 -9.66 7.24
N GLU A 96 -8.61 -8.75 6.66
CA GLU A 96 -8.17 -8.14 5.37
C GLU A 96 -8.65 -6.69 5.28
N ARG A 97 -8.04 -5.91 4.42
CA ARG A 97 -8.47 -4.49 4.29
C ARG A 97 -7.86 -3.88 3.03
N THR A 98 -8.40 -2.78 2.57
CA THR A 98 -7.87 -2.14 1.35
C THR A 98 -7.95 -0.61 1.50
N SER A 99 -7.07 0.12 0.85
CA SER A 99 -7.12 1.61 0.98
C SER A 99 -6.69 2.28 -0.32
N GLU A 100 -7.31 3.38 -0.66
CA GLU A 100 -6.93 4.09 -1.91
C GLU A 100 -5.89 5.16 -1.60
N PHE A 101 -5.00 5.44 -2.52
CA PHE A 101 -3.96 6.46 -2.26
C PHE A 101 -3.87 7.48 -3.41
N GLU A 102 -3.78 8.74 -3.08
CA GLU A 102 -3.67 9.78 -4.14
C GLU A 102 -2.20 10.15 -4.34
N VAL A 103 -1.71 10.06 -5.54
CA VAL A 103 -0.27 10.39 -5.78
C VAL A 103 -0.06 10.94 -7.19
N SER A 104 1.04 11.62 -7.41
CA SER A 104 1.30 12.17 -8.77
C SER A 104 1.60 11.01 -9.73
N LYS A 105 0.73 10.78 -10.67
CA LYS A 105 0.93 9.64 -11.63
C LYS A 105 1.37 8.39 -10.87
N LEU A 106 1.89 7.40 -11.54
CA LEU A 106 2.31 6.16 -10.82
C LEU A 106 3.48 5.48 -11.55
N ASN A 107 4.63 6.09 -11.55
CA ASN A 107 5.81 5.49 -12.22
C ASN A 107 7.09 5.87 -11.48
N GLY A 108 7.47 5.09 -10.50
CA GLY A 108 8.72 5.42 -9.73
C GLY A 108 8.58 4.96 -8.29
N LYS A 109 8.78 5.85 -7.35
CA LYS A 109 8.67 5.48 -5.91
C LYS A 109 8.39 6.74 -5.07
N ILE A 110 7.70 6.59 -3.97
CA ILE A 110 7.39 7.77 -3.12
C ILE A 110 7.63 7.42 -1.64
N ASP A 111 7.95 8.40 -0.84
CA ASP A 111 8.19 8.12 0.61
C ASP A 111 6.86 7.90 1.33
N GLY A 112 6.49 6.66 1.55
CA GLY A 112 5.21 6.39 2.25
C GLY A 112 5.48 6.09 3.72
N LYS A 113 4.44 5.84 4.48
CA LYS A 113 4.64 5.53 5.93
C LYS A 113 3.59 4.52 6.39
N ILE A 114 3.85 3.82 7.46
CA ILE A 114 2.87 2.82 7.96
C ILE A 114 3.10 2.56 9.44
N ASP A 115 2.04 2.31 10.17
CA ASP A 115 2.19 2.01 11.63
C ASP A 115 1.91 0.54 11.89
N VAL A 116 2.36 0.02 13.00
CA VAL A 116 2.12 -1.43 13.29
C VAL A 116 1.67 -1.62 14.75
N TYR A 117 0.90 -2.65 14.99
CA TYR A 117 0.43 -2.90 16.38
C TYR A 117 0.17 -4.40 16.58
N ILE A 118 0.94 -5.05 17.41
CA ILE A 118 0.73 -6.51 17.62
C ILE A 118 0.93 -6.88 19.10
N ASP A 119 0.29 -7.93 19.53
CA ASP A 119 0.43 -8.37 20.95
C ASP A 119 0.03 -9.83 21.06
N GLU A 120 0.99 -10.72 21.11
CA GLU A 120 0.67 -12.16 21.22
C GLU A 120 1.93 -12.99 21.43
N LYS A 121 1.80 -14.28 21.57
CA LYS A 121 3.00 -15.14 21.79
C LYS A 121 3.38 -15.84 20.48
N VAL A 122 4.57 -15.59 19.98
CA VAL A 122 5.00 -16.24 18.72
C VAL A 122 5.40 -17.70 18.98
N ASN A 123 4.49 -18.61 18.85
CA ASN A 123 4.82 -20.05 19.09
C ASN A 123 5.37 -20.23 20.51
N GLY A 124 4.86 -19.50 21.45
CA GLY A 124 5.37 -19.65 22.85
C GLY A 124 6.39 -18.56 23.15
N LYS A 125 6.24 -17.41 22.55
CA LYS A 125 7.21 -16.30 22.80
C LYS A 125 6.48 -14.95 22.76
N PRO A 126 6.16 -14.45 23.93
CA PRO A 126 5.46 -13.16 24.02
C PRO A 126 6.16 -12.10 23.17
N PHE A 127 5.46 -11.53 22.24
CA PHE A 127 6.10 -10.49 21.37
C PHE A 127 5.26 -9.21 21.38
N LYS A 128 5.87 -8.10 21.73
CA LYS A 128 5.10 -6.82 21.76
C LYS A 128 5.44 -5.96 20.54
N TYR A 129 4.46 -5.31 19.97
CA TYR A 129 4.73 -4.45 18.78
C TYR A 129 3.73 -3.30 18.72
N ASP A 130 4.22 -2.08 18.70
CA ASP A 130 3.30 -0.92 18.65
C ASP A 130 4.10 0.38 18.52
N HIS A 131 4.41 0.77 17.31
CA HIS A 131 5.20 2.03 17.12
C HIS A 131 4.90 2.64 15.75
N HIS A 132 5.73 3.55 15.32
CA HIS A 132 5.50 4.19 13.99
C HIS A 132 6.69 3.91 13.06
N TYR A 133 6.43 3.64 11.81
CA TYR A 133 7.54 3.36 10.86
C TYR A 133 7.11 3.70 9.43
N ASN A 134 7.99 3.50 8.47
CA ASN A 134 7.62 3.81 7.07
C ASN A 134 8.41 2.93 6.09
N ILE A 135 8.18 3.08 4.82
CA ILE A 135 8.92 2.25 3.83
C ILE A 135 8.92 2.95 2.46
N THR A 136 9.68 2.46 1.53
CA THR A 136 9.72 3.09 0.18
C THR A 136 8.70 2.46 -0.75
N TYR A 137 7.79 3.24 -1.27
CA TYR A 137 6.76 2.67 -2.20
C TYR A 137 7.29 2.73 -3.63
N LYS A 138 6.80 1.89 -4.50
CA LYS A 138 7.29 1.90 -5.90
C LYS A 138 6.14 1.60 -6.88
N PHE A 139 5.60 2.62 -7.49
CA PHE A 139 4.49 2.40 -8.46
C PHE A 139 5.06 2.24 -9.87
N ASN A 140 4.68 1.19 -10.57
CA ASN A 140 5.23 0.98 -11.93
C ASN A 140 4.12 1.12 -12.99
N GLY A 141 4.10 2.22 -13.70
CA GLY A 141 3.06 2.43 -14.73
C GLY A 141 3.50 3.56 -15.67
N PRO A 142 2.54 4.13 -16.34
CA PRO A 142 2.83 5.24 -17.28
C PRO A 142 3.39 6.44 -16.53
N THR A 143 4.36 7.10 -17.10
CA THR A 143 4.97 8.28 -16.40
C THR A 143 4.23 9.57 -16.80
N ASP A 144 3.91 9.72 -18.04
CA ASP A 144 3.19 10.96 -18.48
C ASP A 144 2.83 10.87 -19.97
N VAL A 145 3.74 10.41 -20.78
CA VAL A 145 3.45 10.29 -22.24
C VAL A 145 3.03 11.64 -22.81
N ALA A 146 3.83 12.66 -22.60
CA ALA A 146 3.47 14.00 -23.14
C ALA A 146 3.85 14.09 -24.62
N GLY A 147 3.27 13.26 -25.44
CA GLY A 147 3.59 13.29 -26.89
C GLY A 147 3.52 11.88 -27.46
ZN ZNH B . 8.14 -5.30 11.25
CHA ZNH B . 10.92 -3.43 11.58
CHB ZNH B . 9.34 -7.39 13.62
CHC ZNH B . 5.56 -7.06 10.92
CHD ZNH B . 7.04 -3.14 8.88
NA ZNH B . 9.70 -5.38 12.31
C1A ZNH B . 10.82 -4.50 12.33
C2A ZNH B . 11.74 -4.94 13.25
C3A ZNH B . 11.29 -6.04 13.82
C4A ZNH B . 10.07 -6.36 13.28
CMA ZNH B . 12.01 -6.83 14.88
CAA ZNH B . 13.05 -4.27 13.57
CBA ZNH B . 12.84 -3.25 14.70
CGA ZNH B . 14.01 -2.30 14.72
O1A ZNH B . 14.92 -2.42 13.94
O2A ZNH B . 14.03 -1.29 15.61
NB ZNH B . 7.57 -6.92 12.13
C1B ZNH B . 8.16 -7.70 13.10
C2B ZNH B . 7.36 -8.76 13.42
C3B ZNH B . 6.26 -8.71 12.68
C4B ZNH B . 6.37 -7.53 11.82
CMB ZNH B . 7.68 -9.83 14.44
CAB ZNH B . 5.16 -9.70 12.72
CBB ZNH B . 3.90 -9.33 12.54
NC ZNH B . 6.61 -5.11 10.13
C1C ZNH B . 5.55 -6.03 10.15
C2C ZNH B . 4.60 -5.61 9.25
C3C ZNH B . 5.01 -4.48 8.63
C4C ZNH B . 6.25 -4.14 9.15
CMC ZNH B . 3.29 -6.31 8.99
CAC ZNH B . 4.28 -3.75 7.60
CBC ZNH B . 3.14 -3.14 7.89
ND ZNH B . 8.81 -3.71 10.45
C1D ZNH B . 8.21 -2.93 9.47
C2D ZNH B . 9.04 -1.80 9.13
C3D ZNH B . 10.13 -1.87 9.88
C4D ZNH B . 10.00 -3.05 10.70
CMD ZNH B . 8.73 -0.74 8.13
CAD ZNH B . 11.28 -0.90 9.87
CBD ZNH B . 11.19 0.01 11.09
CGD ZNH B . 12.57 0.18 11.68
O1D ZNH B . 13.12 -0.76 12.23
O2D ZNH B . 13.19 1.37 11.61
HHA ZNH B . 11.81 -2.82 11.68
HHB ZNH B . 9.74 -8.06 14.38
HHC ZNH B . 4.67 -7.66 10.80
HHD ZNH B . 6.71 -2.42 8.12
HMA1 ZNH B . 11.30 -7.09 15.68
HMA2 ZNH B . 12.82 -6.23 15.30
HMA3 ZNH B . 12.41 -7.74 14.45
HAA1 ZNH B . 13.42 -3.75 12.67
HAA2 ZNH B . 13.78 -5.02 13.88
HBA1 ZNH B . 12.80 -3.78 15.65
HBA2 ZNH B . 11.92 -2.71 14.53
HMB1 ZNH B . 6.77 -10.31 14.76
HMB2 ZNH B . 8.17 -9.37 15.30
HMB3 ZNH B . 8.35 -10.57 13.99
HAB ZNH B . 5.35 -10.69 13.13
HBB1 ZNH B . 3.09 -10.02 12.78
HBB2 ZNH B . 3.67 -8.28 12.34
HMC1 ZNH B . 2.81 -6.54 9.94
HMC2 ZNH B . 3.47 -7.22 8.44
HMC3 ZNH B . 2.64 -5.65 8.41
HAC ZNH B . 4.69 -3.67 6.59
HBC1 ZNH B . 2.62 -2.55 7.14
HBC2 ZNH B . 2.75 -3.18 8.91
HMD1 ZNH B . 8.15 0.05 8.60
HMD2 ZNH B . 8.16 -1.17 7.31
HMD3 ZNH B . 9.66 -0.32 7.74
HAD1 ZNH B . 12.21 -1.46 9.88
HAD2 ZNH B . 11.24 -0.30 8.96
HBD1 ZNH B . 10.53 -0.45 11.83
HBD2 ZNH B . 10.80 0.97 10.80
N SER A 22 -17.95 3.23 -22.13
CA SER A 22 -16.75 4.12 -22.07
C SER A 22 -16.85 5.04 -20.85
N ALA A 23 -17.89 5.82 -20.76
CA ALA A 23 -18.03 6.74 -19.60
C ALA A 23 -18.14 5.94 -18.30
N ASN A 24 -17.39 6.29 -17.30
CA ASN A 24 -17.44 5.55 -16.01
C ASN A 24 -17.01 4.09 -16.22
N ALA A 25 -16.12 3.87 -17.15
CA ALA A 25 -15.66 2.47 -17.41
C ALA A 25 -14.17 2.47 -17.77
N ALA A 26 -13.38 3.26 -17.09
CA ALA A 26 -11.92 3.30 -17.40
C ALA A 26 -11.17 4.00 -16.28
N ASP A 27 -9.98 4.47 -16.54
CA ASP A 27 -9.19 5.16 -15.49
C ASP A 27 -9.00 4.24 -14.28
N SER A 28 -9.01 2.96 -14.48
CA SER A 28 -8.83 2.03 -13.33
C SER A 28 -8.36 0.66 -13.83
N GLY A 29 -7.38 0.09 -13.18
CA GLY A 29 -6.88 -1.25 -13.62
C GLY A 29 -5.76 -1.71 -12.69
N THR A 30 -5.23 -2.88 -12.91
CA THR A 30 -4.13 -3.38 -12.03
C THR A 30 -2.78 -2.91 -12.56
N LEU A 31 -2.17 -1.95 -11.92
CA LEU A 31 -0.84 -1.45 -12.38
C LEU A 31 0.27 -2.17 -11.62
N ASN A 32 1.44 -2.27 -12.20
CA ASN A 32 2.56 -2.96 -11.51
C ASN A 32 3.18 -2.03 -10.45
N TYR A 33 3.61 -2.56 -9.35
CA TYR A 33 4.22 -1.70 -8.29
C TYR A 33 4.95 -2.56 -7.27
N GLU A 34 5.83 -1.95 -6.51
CA GLU A 34 6.59 -2.73 -5.49
C GLU A 34 7.06 -1.79 -4.38
N VAL A 35 7.85 -2.28 -3.47
CA VAL A 35 8.33 -1.41 -2.36
C VAL A 35 9.80 -1.71 -2.05
N TYR A 36 10.40 -0.96 -1.17
CA TYR A 36 11.82 -1.20 -0.83
C TYR A 36 12.07 -0.83 0.63
N LYS A 37 13.01 -1.47 1.26
CA LYS A 37 13.30 -1.16 2.69
C LYS A 37 13.88 0.24 2.81
N TYR A 38 13.31 1.07 3.66
CA TYR A 38 13.84 2.45 3.81
C TYR A 38 15.34 2.39 4.10
N ASN A 39 16.08 3.36 3.63
CA ASN A 39 17.56 3.38 3.84
C ASN A 39 18.25 2.33 2.96
N THR A 40 17.50 1.58 2.20
CA THR A 40 18.14 0.55 1.31
C THR A 40 17.47 0.59 -0.07
N ASN A 41 17.65 -0.44 -0.86
CA ASN A 41 17.01 -0.46 -2.21
C ASN A 41 16.33 -1.81 -2.47
N ASP A 42 16.12 -2.59 -1.44
CA ASP A 42 15.48 -3.92 -1.63
C ASP A 42 14.43 -4.18 -0.55
N THR A 43 13.23 -4.55 -0.94
CA THR A 43 12.18 -4.82 0.09
C THR A 43 12.67 -5.91 1.03
N SER A 44 12.54 -5.72 2.31
CA SER A 44 13.04 -6.75 3.26
C SER A 44 11.97 -7.15 4.28
N ILE A 45 10.95 -6.37 4.46
CA ILE A 45 9.89 -6.74 5.44
C ILE A 45 8.50 -6.51 4.87
N ALA A 46 8.17 -5.28 4.59
CA ALA A 46 6.82 -4.96 4.03
C ALA A 46 6.56 -5.78 2.76
N ASN A 47 7.60 -6.27 2.13
CA ASN A 47 7.40 -7.07 0.89
C ASN A 47 6.61 -8.35 1.18
N ASP A 48 6.55 -8.75 2.42
CA ASP A 48 5.82 -10.00 2.77
C ASP A 48 4.44 -9.69 3.37
N TYR A 49 3.97 -8.48 3.22
CA TYR A 49 2.64 -8.13 3.80
C TYR A 49 1.75 -7.41 2.76
N PHE A 50 2.26 -7.21 1.57
CA PHE A 50 1.44 -6.52 0.52
C PHE A 50 1.41 -7.34 -0.77
N ASN A 51 0.27 -7.86 -1.14
CA ASN A 51 0.18 -8.67 -2.39
C ASN A 51 0.29 -7.78 -3.62
N LYS A 52 0.36 -8.38 -4.78
CA LYS A 52 0.46 -7.58 -6.04
C LYS A 52 -0.25 -8.31 -7.18
N PRO A 53 -0.51 -7.60 -8.24
CA PRO A 53 -0.14 -6.16 -8.33
C PRO A 53 -1.15 -5.30 -7.56
N ALA A 54 -1.02 -4.00 -7.64
CA ALA A 54 -1.96 -3.11 -6.93
C ALA A 54 -3.00 -2.55 -7.90
N LYS A 55 -4.08 -2.01 -7.40
CA LYS A 55 -5.12 -1.45 -8.32
C LYS A 55 -5.02 0.08 -8.37
N TYR A 56 -4.58 0.60 -9.49
CA TYR A 56 -4.46 2.08 -9.61
C TYR A 56 -5.67 2.67 -10.32
N ILE A 57 -5.86 3.95 -10.25
CA ILE A 57 -7.04 4.56 -10.93
C ILE A 57 -6.76 6.04 -11.25
N LYS A 58 -7.46 6.60 -12.19
CA LYS A 58 -7.24 8.03 -12.56
C LYS A 58 -8.57 8.74 -12.82
N LYS A 59 -8.52 10.02 -13.03
CA LYS A 59 -9.76 10.79 -13.29
C LYS A 59 -9.44 12.11 -14.01
N ASN A 60 -8.87 12.02 -15.18
CA ASN A 60 -8.51 13.26 -15.94
C ASN A 60 -7.75 14.25 -15.05
N GLY A 61 -6.46 14.08 -14.94
CA GLY A 61 -5.65 15.03 -14.12
C GLY A 61 -5.55 14.55 -12.66
N LYS A 62 -5.70 13.28 -12.43
CA LYS A 62 -5.62 12.77 -11.02
C LYS A 62 -5.52 11.24 -10.99
N LEU A 63 -4.96 10.71 -9.94
CA LEU A 63 -4.86 9.22 -9.85
C LEU A 63 -4.66 8.75 -8.41
N TYR A 64 -5.03 7.53 -8.14
CA TYR A 64 -4.88 6.97 -6.77
C TYR A 64 -4.50 5.49 -6.87
N VAL A 65 -4.62 4.75 -5.81
CA VAL A 65 -4.25 3.30 -5.89
C VAL A 65 -4.70 2.58 -4.62
N GLN A 66 -5.27 1.42 -4.76
CA GLN A 66 -5.71 0.66 -3.56
C GLN A 66 -4.67 -0.41 -3.21
N ILE A 67 -4.31 -0.52 -1.96
CA ILE A 67 -3.31 -1.54 -1.57
C ILE A 67 -3.96 -2.61 -0.68
N THR A 68 -3.68 -3.86 -0.95
CA THR A 68 -4.29 -4.95 -0.12
C THR A 68 -3.39 -5.25 1.08
N VAL A 69 -3.92 -5.16 2.26
CA VAL A 69 -3.08 -5.45 3.46
C VAL A 69 -3.41 -6.83 4.03
N ASN A 70 -2.42 -7.55 4.49
CA ASN A 70 -2.68 -8.91 5.04
C ASN A 70 -2.76 -8.85 6.57
N HIS A 71 -3.66 -9.58 7.16
CA HIS A 71 -3.79 -9.58 8.64
C HIS A 71 -3.92 -8.13 9.15
N SER A 72 -5.12 -7.63 9.23
CA SER A 72 -5.31 -6.24 9.72
C SER A 72 -4.60 -6.04 11.06
N HIS A 73 -4.42 -7.10 11.81
CA HIS A 73 -3.75 -6.96 13.13
C HIS A 73 -2.29 -6.54 12.94
N TRP A 74 -1.54 -7.28 12.16
CA TRP A 74 -0.11 -6.92 11.94
C TRP A 74 0.00 -5.45 11.51
N ILE A 75 -0.62 -5.09 10.43
CA ILE A 75 -0.55 -3.67 9.97
C ILE A 75 -1.69 -2.87 10.61
N THR A 76 -1.34 -1.87 11.39
CA THR A 76 -2.38 -1.05 12.07
C THR A 76 -2.85 0.09 11.15
N GLY A 77 -2.05 0.49 10.21
CA GLY A 77 -2.47 1.60 9.31
C GLY A 77 -1.40 1.83 8.23
N MET A 78 -1.67 2.73 7.32
CA MET A 78 -0.66 3.02 6.25
C MET A 78 -0.83 4.45 5.75
N SER A 79 0.19 5.01 5.16
CA SER A 79 0.09 6.41 4.65
C SER A 79 1.10 6.62 3.52
N ILE A 80 0.72 7.33 2.49
CA ILE A 80 1.66 7.57 1.36
C ILE A 80 1.68 9.05 0.96
N GLU A 81 2.84 9.57 0.66
CA GLU A 81 2.95 11.01 0.25
C GLU A 81 2.70 11.95 1.44
N GLY A 82 2.46 11.43 2.62
CA GLY A 82 2.25 12.34 3.78
C GLY A 82 0.76 12.42 4.15
N HIS A 83 -0.04 11.46 3.77
CA HIS A 83 -1.49 11.52 4.14
C HIS A 83 -1.98 10.14 4.57
N LYS A 84 -3.06 10.09 5.30
CA LYS A 84 -3.58 8.77 5.77
C LYS A 84 -4.14 7.96 4.60
N GLU A 85 -4.72 6.83 4.88
CA GLU A 85 -5.29 5.99 3.79
C GLU A 85 -6.82 6.01 3.83
N ASN A 86 -7.46 5.51 2.81
CA ASN A 86 -8.95 5.51 2.79
C ASN A 86 -9.46 4.08 2.94
N ILE A 87 -10.34 3.84 3.87
CA ILE A 87 -10.88 2.46 4.04
C ILE A 87 -11.72 2.07 2.82
N ILE A 88 -11.18 1.27 1.96
CA ILE A 88 -11.94 0.87 0.73
C ILE A 88 -12.64 -0.47 0.95
N SER A 89 -12.07 -1.34 1.72
CA SER A 89 -12.71 -2.67 1.95
C SER A 89 -12.06 -3.39 3.12
N LYS A 90 -12.67 -3.34 4.27
CA LYS A 90 -12.09 -4.02 5.46
C LYS A 90 -12.70 -5.41 5.64
N ASN A 91 -11.96 -6.34 6.16
CA ASN A 91 -12.51 -7.71 6.34
C ASN A 91 -11.97 -8.33 7.64
N THR A 92 -12.74 -8.26 8.69
CA THR A 92 -12.29 -8.83 9.99
C THR A 92 -12.41 -10.36 9.96
N ALA A 93 -13.40 -10.86 9.26
CA ALA A 93 -13.58 -12.35 9.19
C ALA A 93 -12.36 -12.99 8.52
N LYS A 94 -11.88 -12.40 7.45
CA LYS A 94 -10.69 -12.98 6.76
C LYS A 94 -9.41 -12.29 7.23
N ASP A 95 -9.50 -11.43 8.22
CA ASP A 95 -8.27 -10.74 8.71
C ASP A 95 -7.55 -10.04 7.56
N GLU A 96 -8.24 -9.16 6.87
CA GLU A 96 -7.58 -8.44 5.73
C GLU A 96 -8.16 -7.04 5.59
N ARG A 97 -7.73 -6.30 4.60
CA ARG A 97 -8.26 -4.92 4.41
C ARG A 97 -7.51 -4.23 3.26
N THR A 98 -8.09 -3.20 2.70
CA THR A 98 -7.42 -2.49 1.58
C THR A 98 -7.56 -0.98 1.77
N SER A 99 -6.68 -0.20 1.20
CA SER A 99 -6.79 1.27 1.37
C SER A 99 -6.36 2.00 0.09
N GLU A 100 -7.01 3.08 -0.23
CA GLU A 100 -6.65 3.83 -1.47
C GLU A 100 -5.65 4.94 -1.12
N PHE A 101 -4.79 5.29 -2.05
CA PHE A 101 -3.79 6.36 -1.77
C PHE A 101 -3.80 7.41 -2.89
N GLU A 102 -3.39 8.61 -2.57
CA GLU A 102 -3.37 9.69 -3.61
C GLU A 102 -1.93 10.18 -3.79
N VAL A 103 -1.46 10.21 -5.02
CA VAL A 103 -0.06 10.67 -5.26
C VAL A 103 0.07 11.31 -6.64
N SER A 104 1.27 11.50 -7.10
CA SER A 104 1.47 12.10 -8.45
C SER A 104 1.72 10.98 -9.46
N LYS A 105 0.80 10.77 -10.36
CA LYS A 105 0.97 9.66 -11.36
C LYS A 105 1.39 8.38 -10.64
N LEU A 106 1.85 7.40 -11.37
CA LEU A 106 2.26 6.13 -10.71
C LEU A 106 3.36 5.44 -11.51
N ASN A 107 4.50 6.06 -11.65
CA ASN A 107 5.61 5.42 -12.40
C ASN A 107 6.96 5.81 -11.80
N GLY A 108 7.27 5.31 -10.63
CA GLY A 108 8.57 5.67 -9.99
C GLY A 108 8.60 5.15 -8.55
N LYS A 109 8.86 6.03 -7.61
CA LYS A 109 8.92 5.60 -6.18
C LYS A 109 8.67 6.81 -5.28
N ILE A 110 7.91 6.63 -4.22
CA ILE A 110 7.63 7.77 -3.32
C ILE A 110 7.78 7.34 -1.85
N ASP A 111 8.16 8.24 -0.99
CA ASP A 111 8.33 7.88 0.45
C ASP A 111 6.96 7.78 1.13
N GLY A 112 6.65 6.65 1.71
CA GLY A 112 5.33 6.49 2.39
C GLY A 112 5.55 6.18 3.87
N LYS A 113 4.50 5.96 4.59
CA LYS A 113 4.65 5.66 6.05
C LYS A 113 3.57 4.66 6.49
N ILE A 114 3.79 3.97 7.57
CA ILE A 114 2.78 2.99 8.05
C ILE A 114 2.96 2.71 9.54
N ASP A 115 1.88 2.52 10.24
CA ASP A 115 1.96 2.25 11.70
C ASP A 115 1.73 0.76 11.96
N VAL A 116 2.23 0.23 13.03
CA VAL A 116 2.04 -1.22 13.30
C VAL A 116 1.53 -1.43 14.73
N TYR A 117 0.71 -2.43 14.93
CA TYR A 117 0.18 -2.70 16.29
C TYR A 117 -0.12 -4.20 16.45
N ILE A 118 0.65 -4.89 17.25
CA ILE A 118 0.40 -6.34 17.44
C ILE A 118 0.58 -6.74 18.91
N ASP A 119 -0.07 -7.79 19.33
CA ASP A 119 0.06 -8.24 20.74
C ASP A 119 -0.36 -9.71 20.83
N GLU A 120 0.60 -10.60 20.78
CA GLU A 120 0.27 -12.05 20.86
C GLU A 120 1.56 -12.87 20.90
N LYS A 121 1.47 -14.15 20.66
CA LYS A 121 2.70 -15.01 20.69
C LYS A 121 2.99 -15.55 19.29
N VAL A 122 4.09 -15.16 18.70
CA VAL A 122 4.43 -15.65 17.33
C VAL A 122 4.95 -17.09 17.40
N ASN A 123 4.10 -18.05 17.22
CA ASN A 123 4.55 -19.47 17.27
C ASN A 123 5.16 -19.79 18.63
N GLY A 124 4.59 -19.27 19.68
CA GLY A 124 5.14 -19.55 21.04
C GLY A 124 6.14 -18.45 21.41
N LYS A 125 5.90 -17.24 21.00
CA LYS A 125 6.83 -16.13 21.33
C LYS A 125 6.06 -14.83 21.55
N PRO A 126 5.69 -14.61 22.78
CA PRO A 126 4.92 -13.40 23.15
C PRO A 126 5.69 -12.14 22.75
N PHE A 127 5.03 -11.19 22.13
CA PHE A 127 5.72 -9.93 21.72
C PHE A 127 4.69 -8.81 21.54
N LYS A 128 4.97 -7.66 22.10
CA LYS A 128 4.00 -6.52 21.97
C LYS A 128 4.50 -5.52 20.93
N TYR A 129 3.97 -5.59 19.73
CA TYR A 129 4.41 -4.63 18.67
C TYR A 129 3.52 -3.38 18.70
N ASP A 130 4.11 -2.22 18.73
CA ASP A 130 3.28 -0.98 18.76
C ASP A 130 4.17 0.24 18.54
N HIS A 131 4.46 0.58 17.32
CA HIS A 131 5.32 1.76 17.05
C HIS A 131 5.02 2.34 15.66
N HIS A 132 5.86 3.20 15.17
CA HIS A 132 5.62 3.79 13.82
C HIS A 132 6.76 3.41 12.87
N TYR A 133 6.49 3.33 11.60
CA TYR A 133 7.57 2.96 10.63
C TYR A 133 7.24 3.50 9.24
N ASN A 134 8.10 3.25 8.29
CA ASN A 134 7.84 3.75 6.91
C ASN A 134 8.51 2.84 5.87
N ILE A 135 8.19 3.04 4.62
CA ILE A 135 8.80 2.19 3.56
C ILE A 135 8.77 2.92 2.21
N THR A 136 9.57 2.49 1.27
CA THR A 136 9.60 3.16 -0.06
C THR A 136 8.61 2.47 -1.02
N TYR A 137 7.72 3.23 -1.60
CA TYR A 137 6.74 2.63 -2.56
C TYR A 137 7.31 2.68 -3.98
N LYS A 138 6.74 1.94 -4.89
CA LYS A 138 7.24 1.95 -6.29
C LYS A 138 6.09 1.72 -7.27
N PHE A 139 5.63 2.76 -7.92
CA PHE A 139 4.51 2.61 -8.90
C PHE A 139 5.04 2.37 -10.31
N ASN A 140 4.42 1.52 -11.06
CA ASN A 140 4.89 1.25 -12.46
C ASN A 140 3.70 1.29 -13.42
N GLY A 141 3.51 2.39 -14.09
CA GLY A 141 2.39 2.51 -15.05
C GLY A 141 2.66 3.67 -16.02
N PRO A 142 1.60 4.29 -16.47
CA PRO A 142 1.74 5.43 -17.41
C PRO A 142 2.50 6.60 -16.77
N THR A 143 2.58 7.70 -17.44
CA THR A 143 3.30 8.88 -16.88
C THR A 143 2.68 10.18 -17.39
N ASP A 144 2.36 10.24 -18.66
CA ASP A 144 1.75 11.46 -19.23
C ASP A 144 0.69 11.10 -20.27
N VAL A 145 1.04 10.24 -21.20
CA VAL A 145 0.06 9.84 -22.25
C VAL A 145 -0.46 11.08 -22.98
N ALA A 146 0.34 12.10 -23.08
CA ALA A 146 -0.11 13.33 -23.79
C ALA A 146 1.10 14.15 -24.23
N GLY A 147 2.22 13.53 -24.40
CA GLY A 147 3.44 14.27 -24.83
C GLY A 147 3.70 15.42 -23.86
ZN ZNH B . 8.17 -5.14 11.26
CHA ZNH B . 10.95 -3.28 11.60
CHB ZNH B . 9.31 -7.17 13.71
CHC ZNH B . 5.60 -6.90 10.92
CHD ZNH B . 7.13 -3.05 8.79
NA ZNH B . 9.71 -5.20 12.36
C1A ZNH B . 10.83 -4.31 12.38
C2A ZNH B . 11.73 -4.73 13.33
C3A ZNH B . 11.26 -5.82 13.93
C4A ZNH B . 10.05 -6.14 13.36
CMA ZNH B . 11.95 -6.58 15.02
CAA ZNH B . 13.03 -4.05 13.66
CBA ZNH B . 14.09 -4.48 12.64
CGA ZNH B . 15.40 -3.80 12.97
O1A ZNH B . 15.59 -2.66 12.63
O2A ZNH B . 16.36 -4.47 13.62
NB ZNH B . 7.57 -6.72 12.17
C1B ZNH B . 8.14 -7.48 13.17
C2B ZNH B . 7.33 -8.54 13.51
C3B ZNH B . 6.25 -8.50 12.74
C4B ZNH B . 6.38 -7.34 11.85
CMB ZNH B . 7.62 -9.57 14.56
CAB ZNH B . 5.14 -9.50 12.79
CBB ZNH B . 3.89 -9.13 12.56
NC ZNH B . 6.67 -4.98 10.09
C1C ZNH B . 5.61 -5.89 10.12
C2C ZNH B . 4.68 -5.50 9.18
C3C ZNH B . 5.11 -4.39 8.55
C4C ZNH B . 6.34 -4.04 9.09
CMC ZNH B . 3.38 -6.21 8.90
CAC ZNH B . 4.41 -3.67 7.48
CBC ZNH B . 4.13 -4.29 6.33
ND ZNH B . 8.87 -3.57 10.42
C1D ZNH B . 8.29 -2.83 9.40
C2D ZNH B . 9.14 -1.72 9.06
C3D ZNH B . 10.20 -1.76 9.83
C4D ZNH B . 10.06 -2.92 10.69
CMD ZNH B . 8.86 -0.68 8.00
CAD ZNH B . 11.36 -0.79 9.82
CBD ZNH B . 12.63 -1.52 9.40
CGD ZNH B . 13.66 -0.52 8.92
O1D ZNH B . 13.49 0.07 7.87
O2D ZNH B . 14.74 -0.26 9.67
HHA ZNH B . 11.85 -2.66 11.70
HHB ZNH B . 9.69 -7.81 14.50
HHC ZNH B . 4.70 -7.50 10.80
HHD ZNH B . 6.83 -2.36 8.01
HMA1 ZNH B . 11.57 -7.59 15.05
HMA2 ZNH B . 11.75 -6.09 15.98
HMA3 ZNH B . 13.02 -6.59 14.84
HAA1 ZNH B . 13.35 -4.34 14.66
HAA2 ZNH B . 12.90 -2.97 13.62
HBA1 ZNH B . 13.77 -4.19 11.64
HBA2 ZNH B . 14.22 -5.56 12.68
HMB1 ZNH B . 7.03 -10.46 14.39
HMB2 ZNH B . 7.38 -9.16 15.55
HMB3 ZNH B . 8.68 -9.83 14.54
HAB ZNH B . 5.33 -10.46 13.24
HBB1 ZNH B . 3.08 -9.80 12.83
HBB2 ZNH B . 3.68 -8.08 12.34
HMC1 ZNH B . 2.91 -6.49 9.84
HMC2 ZNH B . 3.58 -7.10 8.30
HMC3 ZNH B . 2.72 -5.54 8.34
HAC ZNH B . 4.10 -2.64 7.62
HBC1 ZNH B . 3.60 -3.75 5.54
HBC2 ZNH B . 4.42 -5.33 6.19
HMD1 ZNH B . 7.79 -0.60 7.85
HMD2 ZNH B . 9.33 -0.99 7.07
HMD3 ZNH B . 9.26 0.27 8.31
HAD1 ZNH B . 11.14 0.00 9.11
HAD2 ZNH B . 11.48 -0.37 10.82
HBD1 ZNH B . 12.41 -2.23 8.61
HBD2 ZNH B . 13.03 -2.06 10.26
N SER A 22 -21.52 -3.24 -15.73
CA SER A 22 -20.38 -3.61 -16.62
C SER A 22 -20.37 -2.73 -17.87
N ALA A 23 -20.59 -1.45 -17.70
CA ALA A 23 -20.60 -0.54 -18.88
C ALA A 23 -19.75 0.70 -18.59
N ASN A 24 -19.04 1.18 -19.57
CA ASN A 24 -18.19 2.38 -19.35
C ASN A 24 -17.13 2.09 -18.29
N ALA A 25 -16.74 0.85 -18.17
CA ALA A 25 -15.72 0.49 -17.15
C ALA A 25 -14.33 0.97 -17.58
N ALA A 26 -13.76 1.90 -16.88
CA ALA A 26 -12.42 2.43 -17.26
C ALA A 26 -11.82 3.23 -16.09
N ASP A 27 -10.78 3.98 -16.36
CA ASP A 27 -10.14 4.79 -15.28
C ASP A 27 -9.74 3.89 -14.12
N SER A 28 -9.53 2.63 -14.36
CA SER A 28 -9.14 1.72 -13.26
C SER A 28 -8.52 0.43 -13.82
N GLY A 29 -7.60 -0.15 -13.10
CA GLY A 29 -6.94 -1.41 -13.59
C GLY A 29 -5.83 -1.82 -12.64
N THR A 30 -5.26 -2.98 -12.84
CA THR A 30 -4.16 -3.43 -11.95
C THR A 30 -2.81 -2.94 -12.47
N LEU A 31 -2.22 -1.97 -11.81
CA LEU A 31 -0.91 -1.45 -12.28
C LEU A 31 0.23 -2.14 -11.53
N ASN A 32 1.40 -2.17 -12.11
CA ASN A 32 2.55 -2.84 -11.43
C ASN A 32 3.14 -1.90 -10.37
N TYR A 33 3.58 -2.44 -9.27
CA TYR A 33 4.17 -1.58 -8.21
C TYR A 33 4.92 -2.44 -7.19
N GLU A 34 5.83 -1.86 -6.46
CA GLU A 34 6.59 -2.65 -5.45
C GLU A 34 7.09 -1.73 -4.33
N VAL A 35 7.87 -2.26 -3.42
CA VAL A 35 8.39 -1.40 -2.31
C VAL A 35 9.83 -1.78 -1.98
N TYR A 36 10.45 -1.04 -1.10
CA TYR A 36 11.87 -1.35 -0.72
C TYR A 36 12.10 -0.96 0.74
N LYS A 37 13.07 -1.57 1.37
CA LYS A 37 13.36 -1.24 2.80
C LYS A 37 13.91 0.18 2.90
N TYR A 38 13.33 0.99 3.75
CA TYR A 38 13.82 2.39 3.89
C TYR A 38 15.31 2.38 4.20
N ASN A 39 16.02 3.39 3.75
CA ASN A 39 17.50 3.47 3.99
C ASN A 39 18.25 2.42 3.15
N THR A 40 17.55 1.66 2.34
CA THR A 40 18.24 0.64 1.49
C THR A 40 17.68 0.68 0.07
N ASN A 41 17.90 -0.35 -0.69
CA ASN A 41 17.37 -0.38 -2.08
C ASN A 41 16.67 -1.72 -2.36
N ASP A 42 16.43 -2.50 -1.34
CA ASP A 42 15.77 -3.81 -1.56
C ASP A 42 14.70 -4.07 -0.50
N THR A 43 13.61 -4.69 -0.87
CA THR A 43 12.54 -4.97 0.12
C THR A 43 13.05 -6.02 1.11
N SER A 44 12.88 -5.79 2.39
CA SER A 44 13.39 -6.78 3.38
C SER A 44 12.32 -7.17 4.41
N ILE A 45 11.28 -6.40 4.55
CA ILE A 45 10.22 -6.76 5.54
C ILE A 45 8.83 -6.55 4.95
N ALA A 46 8.45 -5.31 4.78
CA ALA A 46 7.10 -5.01 4.22
C ALA A 46 6.84 -5.84 2.95
N ASN A 47 7.87 -6.25 2.27
CA ASN A 47 7.68 -7.06 1.02
C ASN A 47 6.95 -8.37 1.34
N ASP A 48 6.97 -8.81 2.56
CA ASP A 48 6.29 -10.09 2.91
C ASP A 48 4.88 -9.83 3.43
N TYR A 49 4.36 -8.64 3.24
CA TYR A 49 2.99 -8.35 3.73
C TYR A 49 2.23 -7.46 2.72
N PHE A 50 2.78 -7.26 1.55
CA PHE A 50 2.09 -6.41 0.54
C PHE A 50 1.75 -7.24 -0.70
N ASN A 51 0.49 -7.50 -0.94
CA ASN A 51 0.10 -8.31 -2.13
C ASN A 51 0.26 -7.48 -3.42
N LYS A 52 0.44 -8.14 -4.53
CA LYS A 52 0.60 -7.40 -5.82
C LYS A 52 0.00 -8.22 -6.96
N PRO A 53 -0.24 -7.58 -8.08
CA PRO A 53 0.05 -6.12 -8.22
C PRO A 53 -1.04 -5.30 -7.52
N ALA A 54 -0.97 -3.99 -7.63
CA ALA A 54 -2.00 -3.13 -6.98
C ALA A 54 -3.02 -2.66 -8.01
N LYS A 55 -3.91 -1.78 -7.65
CA LYS A 55 -4.93 -1.30 -8.61
C LYS A 55 -4.90 0.22 -8.74
N TYR A 56 -4.63 0.73 -9.90
CA TYR A 56 -4.59 2.21 -10.09
C TYR A 56 -5.93 2.70 -10.66
N ILE A 57 -6.17 3.98 -10.61
CA ILE A 57 -7.46 4.51 -11.14
C ILE A 57 -7.32 5.98 -11.56
N LYS A 58 -7.60 6.30 -12.80
CA LYS A 58 -7.48 7.71 -13.25
C LYS A 58 -8.67 8.11 -14.12
N LYS A 59 -9.27 9.24 -13.84
CA LYS A 59 -10.43 9.68 -14.65
C LYS A 59 -10.05 10.91 -15.50
N ASN A 60 -9.11 10.75 -16.38
CA ASN A 60 -8.70 11.89 -17.26
C ASN A 60 -8.44 13.16 -16.43
N GLY A 61 -7.21 13.44 -16.11
CA GLY A 61 -6.89 14.67 -15.32
C GLY A 61 -6.77 14.33 -13.83
N LYS A 62 -6.71 13.07 -13.49
CA LYS A 62 -6.59 12.70 -12.05
C LYS A 62 -6.29 11.20 -11.91
N LEU A 63 -5.63 10.81 -10.86
CA LEU A 63 -5.33 9.36 -10.68
C LEU A 63 -5.10 9.01 -9.21
N TYR A 64 -5.36 7.79 -8.85
CA TYR A 64 -5.17 7.35 -7.45
C TYR A 64 -4.63 5.91 -7.44
N VAL A 65 -4.81 5.21 -6.35
CA VAL A 65 -4.33 3.81 -6.29
C VAL A 65 -4.85 3.11 -5.05
N GLN A 66 -4.72 1.82 -4.98
CA GLN A 66 -5.20 1.08 -3.79
C GLN A 66 -4.21 -0.05 -3.44
N ILE A 67 -3.87 -0.19 -2.19
CA ILE A 67 -2.91 -1.25 -1.80
C ILE A 67 -3.60 -2.27 -0.89
N THR A 68 -3.41 -3.53 -1.16
CA THR A 68 -4.05 -4.58 -0.31
C THR A 68 -3.13 -4.95 0.85
N VAL A 69 -3.63 -4.95 2.05
CA VAL A 69 -2.78 -5.29 3.22
C VAL A 69 -3.06 -6.72 3.68
N ASN A 70 -2.05 -7.42 4.11
CA ASN A 70 -2.26 -8.83 4.57
C ASN A 70 -2.36 -8.87 6.10
N HIS A 71 -3.25 -9.67 6.62
CA HIS A 71 -3.40 -9.76 8.10
C HIS A 71 -3.60 -8.37 8.71
N SER A 72 -4.82 -8.02 9.01
CA SER A 72 -5.09 -6.68 9.60
C SER A 72 -4.51 -6.61 11.01
N HIS A 73 -4.55 -7.69 11.74
CA HIS A 73 -4.00 -7.68 13.13
C HIS A 73 -2.53 -7.26 13.11
N TRP A 74 -1.80 -7.66 12.11
CA TRP A 74 -0.36 -7.29 12.04
C TRP A 74 -0.21 -5.86 11.53
N ILE A 75 -0.83 -5.53 10.44
CA ILE A 75 -0.72 -4.14 9.90
C ILE A 75 -1.83 -3.27 10.50
N THR A 76 -1.45 -2.22 11.18
CA THR A 76 -2.48 -1.33 11.81
C THR A 76 -2.95 -0.27 10.81
N GLY A 77 -2.09 0.20 9.95
CA GLY A 77 -2.52 1.23 8.97
C GLY A 77 -1.37 1.55 8.01
N MET A 78 -1.59 2.44 7.09
CA MET A 78 -0.52 2.80 6.11
C MET A 78 -0.71 4.24 5.62
N SER A 79 0.29 4.79 4.99
CA SER A 79 0.18 6.19 4.49
C SER A 79 1.13 6.39 3.31
N ILE A 80 0.76 7.22 2.37
CA ILE A 80 1.65 7.46 1.20
C ILE A 80 1.61 8.93 0.77
N GLU A 81 2.72 9.47 0.35
CA GLU A 81 2.78 10.90 -0.10
C GLU A 81 2.67 11.86 1.09
N GLY A 82 2.54 11.37 2.29
CA GLY A 82 2.46 12.30 3.46
C GLY A 82 1.02 12.40 3.99
N HIS A 83 0.18 11.44 3.69
CA HIS A 83 -1.22 11.53 4.22
C HIS A 83 -1.67 10.15 4.72
N LYS A 84 -2.70 10.11 5.54
CA LYS A 84 -3.16 8.80 6.07
C LYS A 84 -3.83 7.96 4.96
N GLU A 85 -4.42 6.86 5.32
CA GLU A 85 -5.08 6.00 4.31
C GLU A 85 -6.60 6.05 4.44
N ASN A 86 -7.32 5.59 3.47
CA ASN A 86 -8.80 5.60 3.54
C ASN A 86 -9.34 4.17 3.56
N ILE A 87 -10.27 3.88 4.43
CA ILE A 87 -10.82 2.50 4.48
C ILE A 87 -11.62 2.21 3.20
N ILE A 88 -11.03 1.50 2.27
CA ILE A 88 -11.75 1.17 1.01
C ILE A 88 -12.39 -0.21 1.10
N SER A 89 -11.82 -1.08 1.87
CA SER A 89 -12.40 -2.45 2.00
C SER A 89 -11.77 -3.17 3.19
N LYS A 90 -12.43 -3.14 4.32
CA LYS A 90 -11.88 -3.81 5.52
C LYS A 90 -12.47 -5.22 5.66
N ASN A 91 -11.73 -6.22 5.29
CA ASN A 91 -12.26 -7.61 5.40
C ASN A 91 -11.77 -8.27 6.70
N THR A 92 -12.57 -8.23 7.72
CA THR A 92 -12.15 -8.86 9.02
C THR A 92 -12.30 -10.38 8.94
N ALA A 93 -13.33 -10.84 8.28
CA ALA A 93 -13.55 -12.31 8.16
C ALA A 93 -12.38 -12.94 7.39
N LYS A 94 -11.90 -12.28 6.38
CA LYS A 94 -10.76 -12.84 5.58
C LYS A 94 -9.43 -12.27 6.08
N ASP A 95 -9.43 -11.60 7.20
CA ASP A 95 -8.15 -11.03 7.72
C ASP A 95 -7.43 -10.23 6.62
N GLU A 96 -8.10 -9.26 6.05
CA GLU A 96 -7.45 -8.46 4.97
C GLU A 96 -7.97 -7.01 5.01
N ARG A 97 -7.34 -6.14 4.26
CA ARG A 97 -7.79 -4.71 4.24
C ARG A 97 -7.14 -3.97 3.07
N THR A 98 -7.72 -2.90 2.63
CA THR A 98 -7.15 -2.13 1.49
C THR A 98 -7.33 -0.64 1.73
N SER A 99 -6.54 0.19 1.10
CA SER A 99 -6.68 1.66 1.31
C SER A 99 -6.39 2.42 0.00
N GLU A 100 -7.11 3.48 -0.24
CA GLU A 100 -6.87 4.28 -1.49
C GLU A 100 -5.89 5.41 -1.20
N PHE A 101 -4.97 5.67 -2.09
CA PHE A 101 -3.99 6.76 -1.84
C PHE A 101 -3.91 7.69 -3.05
N GLU A 102 -3.68 8.96 -2.81
CA GLU A 102 -3.57 9.93 -3.94
C GLU A 102 -2.08 10.20 -4.21
N VAL A 103 -1.64 10.13 -5.43
CA VAL A 103 -0.19 10.35 -5.72
C VAL A 103 0.01 10.97 -7.10
N SER A 104 1.16 11.54 -7.33
CA SER A 104 1.43 12.12 -8.67
C SER A 104 1.57 10.98 -9.67
N LYS A 105 0.65 10.86 -10.59
CA LYS A 105 0.70 9.73 -11.58
C LYS A 105 0.99 8.42 -10.84
N LEU A 106 1.51 7.43 -11.51
CA LEU A 106 1.78 6.15 -10.82
C LEU A 106 2.98 5.43 -11.46
N ASN A 107 4.07 6.12 -11.62
CA ASN A 107 5.28 5.49 -12.23
C ASN A 107 6.55 6.06 -11.61
N GLY A 108 7.00 5.49 -10.52
CA GLY A 108 8.24 6.02 -9.86
C GLY A 108 8.23 5.67 -8.37
N LYS A 109 9.32 5.90 -7.70
CA LYS A 109 9.36 5.59 -6.23
C LYS A 109 8.72 6.72 -5.43
N ILE A 110 8.04 6.39 -4.37
CA ILE A 110 7.40 7.45 -3.54
C ILE A 110 7.59 7.15 -2.05
N ASP A 111 7.86 8.16 -1.27
CA ASP A 111 8.05 7.94 0.19
C ASP A 111 6.70 7.72 0.88
N GLY A 112 6.61 6.75 1.74
CA GLY A 112 5.31 6.50 2.43
C GLY A 112 5.58 6.13 3.89
N LYS A 113 4.53 5.91 4.65
CA LYS A 113 4.71 5.54 6.09
C LYS A 113 3.64 4.53 6.50
N ILE A 114 3.88 3.78 7.54
CA ILE A 114 2.87 2.77 7.98
C ILE A 114 3.06 2.42 9.44
N ASP A 115 1.98 2.21 10.16
CA ASP A 115 2.09 1.86 11.59
C ASP A 115 1.75 0.37 11.79
N VAL A 116 2.10 -0.19 12.92
CA VAL A 116 1.79 -1.63 13.16
C VAL A 116 1.37 -1.86 14.61
N TYR A 117 0.57 -2.85 14.85
CA TYR A 117 0.12 -3.12 16.24
C TYR A 117 -0.20 -4.61 16.42
N ILE A 118 0.66 -5.34 17.09
CA ILE A 118 0.39 -6.79 17.30
C ILE A 118 0.45 -7.11 18.80
N ASP A 119 -0.24 -8.14 19.22
CA ASP A 119 -0.23 -8.50 20.66
C ASP A 119 -0.70 -9.95 20.83
N GLU A 120 0.20 -10.86 21.03
CA GLU A 120 -0.21 -12.29 21.19
C GLU A 120 0.99 -13.15 21.57
N LYS A 121 0.86 -14.45 21.44
CA LYS A 121 1.99 -15.34 21.81
C LYS A 121 2.75 -15.77 20.54
N VAL A 122 3.88 -15.18 20.29
CA VAL A 122 4.66 -15.57 19.07
C VAL A 122 5.37 -16.90 19.30
N ASN A 123 4.86 -17.96 18.74
CA ASN A 123 5.50 -19.29 18.92
C ASN A 123 5.49 -19.70 20.39
N GLY A 124 4.45 -19.34 21.10
CA GLY A 124 4.38 -19.72 22.54
C GLY A 124 5.17 -18.71 23.39
N LYS A 125 5.22 -17.48 22.96
CA LYS A 125 5.97 -16.46 23.74
C LYS A 125 5.27 -15.09 23.63
N PRO A 126 5.18 -14.41 24.74
CA PRO A 126 4.52 -13.08 24.75
C PRO A 126 5.19 -12.17 23.74
N PHE A 127 4.42 -11.54 22.89
CA PHE A 127 5.03 -10.63 21.87
C PHE A 127 4.33 -9.27 21.89
N LYS A 128 5.06 -8.23 22.19
CA LYS A 128 4.45 -6.87 22.20
C LYS A 128 4.88 -6.08 20.97
N TYR A 129 3.98 -5.37 20.36
CA TYR A 129 4.35 -4.58 19.14
C TYR A 129 3.36 -3.44 18.94
N ASP A 130 3.84 -2.23 18.88
CA ASP A 130 2.91 -1.07 18.68
C ASP A 130 3.73 0.21 18.48
N HIS A 131 4.10 0.50 17.27
CA HIS A 131 4.90 1.74 17.01
C HIS A 131 4.65 2.24 15.58
N HIS A 132 5.53 3.06 15.08
CA HIS A 132 5.35 3.58 13.69
C HIS A 132 6.55 3.21 12.82
N TYR A 133 6.36 3.15 11.54
CA TYR A 133 7.49 2.78 10.64
C TYR A 133 7.24 3.35 9.23
N ASN A 134 8.14 3.11 8.31
CA ASN A 134 7.93 3.64 6.94
C ASN A 134 8.61 2.74 5.90
N ILE A 135 8.32 2.96 4.64
CA ILE A 135 8.95 2.12 3.59
C ILE A 135 8.96 2.87 2.25
N THR A 136 9.75 2.42 1.32
CA THR A 136 9.81 3.11 0.00
C THR A 136 8.81 2.48 -0.98
N TYR A 137 7.90 3.26 -1.50
CA TYR A 137 6.91 2.71 -2.47
C TYR A 137 7.43 2.82 -3.90
N LYS A 138 6.93 2.02 -4.80
CA LYS A 138 7.40 2.08 -6.20
C LYS A 138 6.26 1.72 -7.17
N PHE A 139 5.69 2.69 -7.82
CA PHE A 139 4.58 2.40 -8.77
C PHE A 139 5.13 2.16 -10.18
N ASN A 140 4.38 1.48 -11.02
CA ASN A 140 4.86 1.23 -12.41
C ASN A 140 3.70 1.29 -13.39
N GLY A 141 3.54 2.40 -14.07
CA GLY A 141 2.42 2.53 -15.05
C GLY A 141 2.77 3.62 -16.07
N PRO A 142 1.74 4.18 -16.64
CA PRO A 142 1.93 5.26 -17.66
C PRO A 142 2.68 6.44 -17.06
N THR A 143 2.67 7.56 -17.73
CA THR A 143 3.39 8.76 -17.19
C THR A 143 2.70 10.04 -17.65
N ASP A 144 2.39 10.14 -18.92
CA ASP A 144 1.71 11.37 -19.42
C ASP A 144 0.29 11.06 -19.89
N VAL A 145 0.16 10.17 -20.84
CA VAL A 145 -1.20 9.82 -21.34
C VAL A 145 -1.93 11.07 -21.84
N ALA A 146 -1.31 11.80 -22.73
CA ALA A 146 -1.97 13.04 -23.26
C ALA A 146 -2.97 12.67 -24.36
N GLY A 147 -4.11 12.16 -23.99
CA GLY A 147 -5.12 11.79 -25.02
C GLY A 147 -6.41 12.56 -24.76
ZN ZNH B . 7.96 -5.56 11.58
CHA ZNH B . 10.78 -3.78 12.05
CHB ZNH B . 8.89 -7.58 14.13
CHC ZNH B . 5.34 -7.23 11.14
CHD ZNH B . 7.13 -3.48 9.04
NA ZNH B . 9.43 -5.65 12.76
C1A ZNH B . 10.58 -4.80 12.84
C2A ZNH B . 11.41 -5.23 13.85
C3A ZNH B . 10.87 -6.29 14.43
C4A ZNH B . 9.67 -6.59 13.81
CMA ZNH B . 11.47 -7.06 15.57
CAA ZNH B . 12.71 -4.60 14.24
CBA ZNH B . 12.45 -3.43 15.19
CGA ZNH B . 13.73 -2.69 15.44
O1A ZNH B . 13.71 -1.63 16.03
O2A ZNH B . 14.89 -3.20 15.02
NB ZNH B . 7.26 -7.11 12.48
C1B ZNH B . 7.74 -7.86 13.54
C2B ZNH B . 6.87 -8.89 13.84
C3B ZNH B . 5.84 -8.82 13.02
C4B ZNH B . 6.06 -7.69 12.11
CMB ZNH B . 7.07 -9.91 14.92
CAB ZNH B . 4.70 -9.77 13.02
CBB ZNH B . 3.47 -9.35 12.74
NC ZNH B . 6.52 -5.37 10.33
C1C ZNH B . 5.43 -6.25 10.32
C2C ZNH B . 4.58 -5.84 9.33
C3C ZNH B . 5.07 -4.75 8.70
C4C ZNH B . 6.29 -4.43 9.30
CMC ZNH B . 3.26 -6.50 8.98
CAC ZNH B . 4.45 -4.04 7.58
CBC ZNH B . 4.25 -4.65 6.42
ND ZNH B . 8.75 -4.02 10.77
C1D ZNH B . 8.26 -3.28 9.71
C2D ZNH B . 9.16 -2.20 9.39
C3D ZNH B . 10.17 -2.28 10.22
C4D ZNH B . 9.94 -3.41 11.08
CMD ZNH B . 8.97 -1.18 8.30
CAD ZNH B . 11.37 -1.36 10.27
CBD ZNH B . 12.59 -2.07 9.70
CGD ZNH B . 13.80 -1.72 10.52
O1D ZNH B . 14.33 -0.64 10.38
O2D ZNH B . 14.30 -2.60 11.39
HHA ZNH B . 11.68 -3.20 12.19
HHB ZNH B . 9.20 -8.23 14.96
HHC ZNH B . 4.43 -7.81 10.97
HHD ZNH B . 6.89 -2.79 8.23
HMA1 ZNH B . 12.13 -6.41 16.13
HMA2 ZNH B . 12.03 -7.91 15.19
HMA3 ZNH B . 10.68 -7.41 16.23
HAA1 ZNH B . 13.21 -4.22 13.34
HAA2 ZNH B . 13.35 -5.33 14.72
HBA1 ZNH B . 12.06 -3.82 16.14
HBA2 ZNH B . 11.71 -2.76 14.75
HMB1 ZNH B . 7.52 -10.81 14.49
HMB2 ZNH B . 6.12 -10.16 15.37
HMB3 ZNH B . 7.74 -9.51 15.69
HAB ZNH B . 4.83 -10.76 13.46
HBB1 ZNH B . 2.62 -10.01 12.95
HBB2 ZNH B . 3.30 -8.31 12.49
HMC1 ZNH B . 2.76 -6.80 9.91
HMC2 ZNH B . 3.46 -7.39 8.38
HMC3 ZNH B . 2.64 -5.81 8.43
HAC ZNH B . 4.18 -2.98 7.69
HBC1 ZNH B . 3.84 -4.10 5.58
HBC2 ZNH B . 4.55 -5.69 6.30
HMD1 ZNH B . 8.07 -0.60 8.50
HMD2 ZNH B . 8.87 -1.70 7.34
HMD3 ZNH B . 9.84 -0.53 8.26
HAD1 ZNH B . 11.16 -0.47 9.66
HAD2 ZNH B . 11.56 -1.06 11.29
HBD1 ZNH B . 12.75 -1.77 8.66
HBD2 ZNH B . 12.43 -3.15 9.73
N SER A 22 -18.24 3.68 -17.75
CA SER A 22 -18.76 3.77 -19.15
C SER A 22 -17.90 2.92 -20.09
N ALA A 23 -17.87 3.26 -21.35
CA ALA A 23 -17.05 2.48 -22.31
C ALA A 23 -15.73 3.19 -22.60
N ASN A 24 -14.65 2.47 -22.64
CA ASN A 24 -13.32 3.12 -22.90
C ASN A 24 -13.07 4.22 -21.87
N ALA A 25 -13.64 4.09 -20.71
CA ALA A 25 -13.43 5.13 -19.66
C ALA A 25 -13.48 4.50 -18.27
N ALA A 26 -12.79 3.40 -18.07
CA ALA A 26 -12.81 2.74 -16.74
C ALA A 26 -11.96 3.55 -15.75
N ASP A 27 -10.88 4.12 -16.19
CA ASP A 27 -10.01 4.91 -15.28
C ASP A 27 -9.56 4.06 -14.10
N SER A 28 -9.45 2.77 -14.28
CA SER A 28 -9.02 1.90 -13.15
C SER A 28 -8.47 0.57 -13.68
N GLY A 29 -7.51 0.00 -13.00
CA GLY A 29 -6.94 -1.29 -13.46
C GLY A 29 -5.80 -1.72 -12.54
N THR A 30 -5.25 -2.88 -12.74
CA THR A 30 -4.14 -3.35 -11.87
C THR A 30 -2.78 -2.87 -12.42
N LEU A 31 -2.20 -1.88 -11.80
CA LEU A 31 -0.88 -1.37 -12.29
C LEU A 31 0.26 -2.03 -11.52
N ASN A 32 1.45 -2.02 -12.06
CA ASN A 32 2.60 -2.65 -11.36
C ASN A 32 3.11 -1.70 -10.27
N TYR A 33 3.47 -2.23 -9.14
CA TYR A 33 3.98 -1.36 -8.04
C TYR A 33 4.65 -2.22 -6.96
N GLU A 34 5.60 -1.67 -6.26
CA GLU A 34 6.29 -2.46 -5.19
C GLU A 34 6.87 -1.53 -4.14
N VAL A 35 7.62 -2.06 -3.20
CA VAL A 35 8.22 -1.20 -2.15
C VAL A 35 9.65 -1.66 -1.83
N TYR A 36 10.31 -0.98 -0.93
CA TYR A 36 11.69 -1.37 -0.57
C TYR A 36 11.95 -1.03 0.91
N LYS A 37 12.89 -1.68 1.52
CA LYS A 37 13.18 -1.40 2.95
C LYS A 37 13.77 0.01 3.09
N TYR A 38 13.15 0.85 3.87
CA TYR A 38 13.69 2.23 4.04
C TYR A 38 15.17 2.19 4.36
N ASN A 39 15.91 3.19 3.95
CA ASN A 39 17.38 3.22 4.20
C ASN A 39 18.11 2.18 3.33
N THR A 40 17.40 1.47 2.48
CA THR A 40 18.06 0.47 1.61
C THR A 40 17.53 0.60 0.18
N ASN A 41 17.64 -0.44 -0.60
CA ASN A 41 17.14 -0.38 -2.00
C ASN A 41 16.35 -1.66 -2.33
N ASP A 42 16.10 -2.50 -1.36
CA ASP A 42 15.36 -3.75 -1.62
C ASP A 42 14.29 -3.99 -0.55
N THR A 43 13.22 -4.64 -0.90
CA THR A 43 12.14 -4.91 0.10
C THR A 43 12.59 -6.06 1.01
N SER A 44 12.43 -5.92 2.29
CA SER A 44 12.87 -7.01 3.21
C SER A 44 11.76 -7.41 4.19
N ILE A 45 10.76 -6.60 4.37
CA ILE A 45 9.68 -6.96 5.33
C ILE A 45 8.30 -6.64 4.73
N ALA A 46 8.00 -5.37 4.60
CA ALA A 46 6.69 -4.95 4.05
C ALA A 46 6.39 -5.70 2.74
N ASN A 47 7.40 -6.16 2.06
CA ASN A 47 7.17 -6.88 0.77
C ASN A 47 6.43 -8.21 1.01
N ASP A 48 6.35 -8.65 2.24
CA ASP A 48 5.66 -9.94 2.52
C ASP A 48 4.22 -9.69 3.01
N TYR A 49 3.71 -8.51 2.84
CA TYR A 49 2.31 -8.23 3.32
C TYR A 49 1.52 -7.43 2.27
N PHE A 50 2.05 -7.28 1.09
CA PHE A 50 1.31 -6.51 0.04
C PHE A 50 1.06 -7.39 -1.18
N ASN A 51 -0.15 -7.84 -1.36
CA ASN A 51 -0.47 -8.71 -2.54
C ASN A 51 -0.48 -7.86 -3.81
N LYS A 52 0.52 -8.00 -4.63
CA LYS A 52 0.57 -7.20 -5.89
C LYS A 52 -0.04 -8.00 -7.05
N PRO A 53 -0.28 -7.33 -8.15
CA PRO A 53 0.00 -5.88 -8.25
C PRO A 53 -1.08 -5.06 -7.53
N ALA A 54 -1.00 -3.75 -7.62
CA ALA A 54 -2.03 -2.90 -6.95
C ALA A 54 -3.00 -2.35 -7.99
N LYS A 55 -4.06 -1.72 -7.56
CA LYS A 55 -5.05 -1.18 -8.53
C LYS A 55 -4.91 0.34 -8.66
N TYR A 56 -4.57 0.82 -9.82
CA TYR A 56 -4.43 2.29 -10.01
C TYR A 56 -5.72 2.86 -10.59
N ILE A 57 -5.93 4.14 -10.52
CA ILE A 57 -7.19 4.71 -11.08
C ILE A 57 -7.01 6.18 -11.46
N LYS A 58 -7.18 6.50 -12.72
CA LYS A 58 -7.02 7.92 -13.15
C LYS A 58 -8.12 8.27 -14.16
N LYS A 59 -8.79 9.38 -13.97
CA LYS A 59 -9.88 9.75 -14.93
C LYS A 59 -9.52 11.06 -15.66
N ASN A 60 -8.49 11.03 -16.47
CA ASN A 60 -8.10 12.26 -17.23
C ASN A 60 -8.08 13.49 -16.31
N GLY A 61 -6.94 13.85 -15.80
CA GLY A 61 -6.86 15.05 -14.91
C GLY A 61 -6.83 14.60 -13.44
N LYS A 62 -6.62 13.35 -13.19
CA LYS A 62 -6.59 12.87 -11.77
C LYS A 62 -6.16 11.41 -11.73
N LEU A 63 -5.51 10.99 -10.67
CA LEU A 63 -5.06 9.58 -10.58
C LEU A 63 -4.82 9.17 -9.13
N TYR A 64 -5.12 7.95 -8.80
CA TYR A 64 -4.91 7.47 -7.41
C TYR A 64 -4.40 6.02 -7.44
N VAL A 65 -4.50 5.33 -6.35
CA VAL A 65 -4.03 3.91 -6.32
C VAL A 65 -4.47 3.24 -5.03
N GLN A 66 -4.44 1.94 -4.98
CA GLN A 66 -4.87 1.24 -3.73
C GLN A 66 -3.96 0.03 -3.45
N ILE A 67 -3.70 -0.25 -2.21
CA ILE A 67 -2.83 -1.41 -1.88
C ILE A 67 -3.64 -2.43 -1.06
N THR A 68 -3.34 -3.69 -1.22
CA THR A 68 -4.09 -4.73 -0.45
C THR A 68 -3.40 -4.98 0.89
N VAL A 69 -4.15 -5.05 1.95
CA VAL A 69 -3.54 -5.29 3.28
C VAL A 69 -3.73 -6.74 3.71
N ASN A 70 -2.66 -7.46 3.92
CA ASN A 70 -2.79 -8.89 4.33
C ASN A 70 -2.59 -9.02 5.84
N HIS A 71 -3.39 -9.82 6.49
CA HIS A 71 -3.25 -9.99 7.97
C HIS A 71 -3.36 -8.64 8.67
N SER A 72 -4.54 -8.27 9.09
CA SER A 72 -4.71 -6.96 9.78
C SER A 72 -4.21 -7.07 11.23
N HIS A 73 -4.21 -8.25 11.78
CA HIS A 73 -3.73 -8.41 13.18
C HIS A 73 -2.27 -7.98 13.30
N TRP A 74 -1.57 -7.87 12.20
CA TRP A 74 -0.14 -7.45 12.25
C TRP A 74 0.01 -6.01 11.75
N ILE A 75 -0.52 -5.72 10.60
CA ILE A 75 -0.39 -4.33 10.06
C ILE A 75 -1.57 -3.48 10.53
N THR A 76 -1.29 -2.36 11.16
CA THR A 76 -2.39 -1.50 11.66
C THR A 76 -2.86 -0.53 10.57
N GLY A 77 -1.97 -0.08 9.72
CA GLY A 77 -2.39 0.86 8.64
C GLY A 77 -1.18 1.28 7.81
N MET A 78 -1.38 2.18 6.88
CA MET A 78 -0.24 2.64 6.03
C MET A 78 -0.48 4.07 5.55
N SER A 79 0.52 4.68 4.94
CA SER A 79 0.35 6.08 4.45
C SER A 79 1.31 6.34 3.29
N ILE A 80 0.91 7.14 2.34
CA ILE A 80 1.81 7.42 1.18
C ILE A 80 1.71 8.89 0.77
N GLU A 81 2.81 9.46 0.34
CA GLU A 81 2.81 10.90 -0.08
C GLU A 81 2.67 11.84 1.13
N GLY A 82 2.60 11.31 2.32
CA GLY A 82 2.48 12.19 3.52
C GLY A 82 1.04 12.26 4.01
N HIS A 83 0.22 11.29 3.69
CA HIS A 83 -1.19 11.35 4.18
C HIS A 83 -1.64 9.95 4.64
N LYS A 84 -2.66 9.88 5.45
CA LYS A 84 -3.14 8.55 5.93
C LYS A 84 -3.81 7.77 4.80
N GLU A 85 -4.37 6.64 5.10
CA GLU A 85 -5.03 5.83 4.05
C GLU A 85 -6.55 5.84 4.25
N ASN A 86 -7.29 5.34 3.29
CA ASN A 86 -8.78 5.33 3.42
C ASN A 86 -9.30 3.89 3.36
N ILE A 87 -10.13 3.50 4.29
CA ILE A 87 -10.67 2.11 4.26
C ILE A 87 -11.60 1.94 3.05
N ILE A 88 -11.12 1.29 2.03
CA ILE A 88 -11.95 1.09 0.81
C ILE A 88 -12.68 -0.26 0.85
N SER A 89 -12.13 -1.22 1.52
CA SER A 89 -12.79 -2.55 1.58
C SER A 89 -12.12 -3.41 2.66
N LYS A 90 -12.68 -3.40 3.84
CA LYS A 90 -12.08 -4.20 4.95
C LYS A 90 -12.82 -5.54 5.08
N ASN A 91 -12.13 -6.57 5.48
CA ASN A 91 -12.78 -7.90 5.64
C ASN A 91 -12.22 -8.63 6.86
N THR A 92 -12.92 -8.62 7.95
CA THR A 92 -12.41 -9.31 9.17
C THR A 92 -12.54 -10.83 9.02
N ALA A 93 -13.54 -11.28 8.32
CA ALA A 93 -13.73 -12.75 8.13
C ALA A 93 -12.54 -13.33 7.38
N LYS A 94 -12.11 -12.69 6.33
CA LYS A 94 -10.95 -13.21 5.55
C LYS A 94 -9.65 -12.53 6.00
N ASP A 95 -9.72 -11.58 6.90
CA ASP A 95 -8.48 -10.90 7.35
C ASP A 95 -7.78 -10.22 6.17
N GLU A 96 -8.52 -9.45 5.41
CA GLU A 96 -7.89 -8.76 4.24
C GLU A 96 -8.57 -7.41 4.00
N ARG A 97 -7.81 -6.36 3.90
CA ARG A 97 -8.41 -5.02 3.66
C ARG A 97 -7.68 -4.28 2.54
N THR A 98 -8.19 -3.16 2.13
CA THR A 98 -7.53 -2.39 1.04
C THR A 98 -7.62 -0.89 1.35
N SER A 99 -6.75 -0.09 0.80
CA SER A 99 -6.80 1.37 1.08
C SER A 99 -6.39 2.18 -0.15
N GLU A 100 -7.09 3.24 -0.44
CA GLU A 100 -6.74 4.08 -1.62
C GLU A 100 -5.80 5.21 -1.20
N PHE A 101 -4.88 5.58 -2.06
CA PHE A 101 -3.93 6.68 -1.70
C PHE A 101 -3.85 7.71 -2.82
N GLU A 102 -3.67 8.95 -2.48
CA GLU A 102 -3.57 10.02 -3.52
C GLU A 102 -2.10 10.29 -3.81
N VAL A 103 -1.69 10.24 -5.05
CA VAL A 103 -0.25 10.47 -5.37
C VAL A 103 -0.10 11.09 -6.76
N SER A 104 1.11 11.40 -7.15
CA SER A 104 1.35 11.98 -8.49
C SER A 104 1.58 10.85 -9.49
N LYS A 105 0.66 10.65 -10.39
CA LYS A 105 0.81 9.54 -11.38
C LYS A 105 1.17 8.24 -10.66
N LEU A 106 1.75 7.30 -11.34
CA LEU A 106 2.09 6.02 -10.68
C LEU A 106 3.32 5.37 -11.34
N ASN A 107 4.38 6.11 -11.50
CA ASN A 107 5.60 5.53 -12.13
C ASN A 107 6.86 6.12 -11.49
N GLY A 108 7.29 5.58 -10.38
CA GLY A 108 8.51 6.12 -9.71
C GLY A 108 8.44 5.82 -8.21
N LYS A 109 9.51 6.05 -7.50
CA LYS A 109 9.52 5.77 -6.04
C LYS A 109 8.88 6.93 -5.27
N ILE A 110 8.19 6.63 -4.20
CA ILE A 110 7.53 7.70 -3.41
C ILE A 110 7.75 7.45 -1.91
N ASP A 111 8.00 8.48 -1.16
CA ASP A 111 8.23 8.29 0.31
C ASP A 111 6.90 8.07 1.03
N GLY A 112 6.75 6.95 1.69
CA GLY A 112 5.47 6.68 2.40
C GLY A 112 5.75 6.28 3.84
N LYS A 113 4.73 6.04 4.62
CA LYS A 113 4.95 5.64 6.04
C LYS A 113 3.87 4.64 6.46
N ILE A 114 4.04 3.96 7.56
CA ILE A 114 3.01 2.98 7.98
C ILE A 114 3.09 2.71 9.48
N ASP A 115 1.98 2.38 10.08
CA ASP A 115 1.97 2.08 11.54
C ASP A 115 1.76 0.58 11.74
N VAL A 116 2.08 0.07 12.90
CA VAL A 116 1.89 -1.39 13.15
C VAL A 116 1.45 -1.61 14.60
N TYR A 117 0.72 -2.66 14.85
CA TYR A 117 0.26 -2.94 16.24
C TYR A 117 0.06 -4.44 16.46
N ILE A 118 0.79 -5.01 17.38
CA ILE A 118 0.64 -6.47 17.65
C ILE A 118 0.78 -6.75 19.14
N ASP A 119 0.14 -7.77 19.63
CA ASP A 119 0.25 -8.10 21.07
C ASP A 119 -0.14 -9.57 21.31
N GLU A 120 0.81 -10.45 21.35
CA GLU A 120 0.47 -11.88 21.57
C GLU A 120 1.76 -12.71 21.76
N LYS A 121 1.62 -13.92 22.23
CA LYS A 121 2.83 -14.77 22.43
C LYS A 121 3.13 -15.58 21.17
N VAL A 122 4.23 -15.30 20.52
CA VAL A 122 4.58 -16.06 19.28
C VAL A 122 5.10 -17.46 19.64
N ASN A 123 4.23 -18.42 19.73
CA ASN A 123 4.68 -19.80 20.07
C ASN A 123 5.29 -19.83 21.47
N GLY A 124 4.60 -19.29 22.44
CA GLY A 124 5.14 -19.29 23.83
C GLY A 124 6.17 -18.17 23.98
N LYS A 125 6.01 -17.10 23.25
CA LYS A 125 6.99 -15.97 23.35
C LYS A 125 6.27 -14.63 23.17
N PRO A 126 6.01 -13.97 24.27
CA PRO A 126 5.33 -12.66 24.22
C PRO A 126 5.97 -11.76 23.17
N PHE A 127 5.18 -11.08 22.39
CA PHE A 127 5.75 -10.18 21.35
C PHE A 127 4.99 -8.85 21.32
N LYS A 128 5.65 -7.77 21.66
CA LYS A 128 4.97 -6.45 21.64
C LYS A 128 5.39 -5.65 20.41
N TYR A 129 4.45 -5.12 19.70
CA TYR A 129 4.78 -4.33 18.48
C TYR A 129 3.79 -3.18 18.32
N ASP A 130 4.24 -1.96 18.44
CA ASP A 130 3.31 -0.80 18.30
C ASP A 130 4.11 0.48 18.06
N HIS A 131 4.34 0.84 16.82
CA HIS A 131 5.10 2.07 16.53
C HIS A 131 4.72 2.63 15.16
N HIS A 132 5.46 3.60 14.67
CA HIS A 132 5.14 4.18 13.33
C HIS A 132 6.32 3.99 12.38
N TYR A 133 6.38 2.87 11.72
CA TYR A 133 7.52 2.62 10.77
C TYR A 133 7.22 3.23 9.41
N ASN A 134 8.11 3.08 8.47
CA ASN A 134 7.87 3.65 7.12
C ASN A 134 8.57 2.79 6.06
N ILE A 135 8.31 3.04 4.80
CA ILE A 135 8.98 2.23 3.74
C ILE A 135 9.02 2.99 2.41
N THR A 136 9.81 2.54 1.48
CA THR A 136 9.90 3.23 0.17
C THR A 136 8.90 2.62 -0.82
N TYR A 137 7.96 3.39 -1.28
CA TYR A 137 6.96 2.86 -2.26
C TYR A 137 7.47 3.05 -3.68
N LYS A 138 7.07 2.18 -4.59
CA LYS A 138 7.54 2.31 -5.99
C LYS A 138 6.42 1.91 -6.96
N PHE A 139 5.81 2.86 -7.62
CA PHE A 139 4.72 2.53 -8.57
C PHE A 139 5.29 2.33 -9.98
N ASN A 140 4.70 1.49 -10.76
CA ASN A 140 5.21 1.25 -12.14
C ASN A 140 4.08 1.34 -13.16
N GLY A 141 4.02 2.41 -13.90
CA GLY A 141 2.95 2.57 -14.93
C GLY A 141 3.38 3.63 -15.94
N PRO A 142 2.41 4.14 -16.66
CA PRO A 142 2.70 5.19 -17.68
C PRO A 142 3.42 6.37 -17.03
N THR A 143 3.55 7.46 -17.73
CA THR A 143 4.24 8.64 -17.17
C THR A 143 3.65 9.94 -17.73
N ASP A 144 2.45 9.87 -18.23
CA ASP A 144 1.81 11.09 -18.80
C ASP A 144 0.41 10.74 -19.31
N VAL A 145 0.32 9.87 -20.28
CA VAL A 145 -1.01 9.48 -20.82
C VAL A 145 -1.77 10.72 -21.32
N ALA A 146 -1.15 11.49 -22.17
CA ALA A 146 -1.83 12.71 -22.69
C ALA A 146 -2.78 12.33 -23.84
N GLY A 147 -4.06 12.44 -23.63
CA GLY A 147 -5.02 12.09 -24.70
C GLY A 147 -6.26 12.97 -24.59
ZN ZNH B . 8.09 -5.80 11.23
CHA ZNH B . 10.94 -4.04 11.49
CHB ZNH B . 9.24 -7.89 13.63
CHC ZNH B . 5.43 -7.46 10.99
CHD ZNH B . 7.03 -3.64 8.84
NA ZNH B . 9.66 -5.93 12.27
C1A ZNH B . 10.81 -5.09 12.26
C2A ZNH B . 11.73 -5.54 13.17
C3A ZNH B . 11.25 -6.62 13.77
C4A ZNH B . 10.00 -6.89 13.26
CMA ZNH B . 11.95 -7.42 14.83
CAA ZNH B . 13.07 -4.92 13.45
CBA ZNH B . 13.00 -4.13 14.77
CGA ZNH B . 14.17 -3.18 14.85
O1A ZNH B . 14.03 -2.11 15.39
O2A ZNH B . 15.35 -3.53 14.33
NB ZNH B . 7.46 -7.37 12.16
C1B ZNH B . 8.03 -8.16 13.13
C2B ZNH B . 7.20 -9.19 13.49
C3B ZNH B . 6.09 -9.10 12.77
C4B ZNH B . 6.24 -7.94 11.88
CMB ZNH B . 7.50 -10.23 14.54
CAB ZNH B . 4.95 -10.04 12.85
CBB ZNH B . 3.70 -9.62 12.68
NC ZNH B . 6.54 -5.57 10.13
C1C ZNH B . 5.44 -6.44 10.20
C2C ZNH B . 4.51 -6.00 9.30
C3C ZNH B . 4.95 -4.91 8.66
C4C ZNH B . 6.20 -4.60 9.15
CMC ZNH B . 3.17 -6.65 9.07
CAC ZNH B . 4.22 -4.15 7.62
CBC ZNH B . 3.89 -4.76 6.48
ND ZNH B . 8.81 -4.25 10.40
C1D ZNH B . 8.21 -3.47 9.42
C2D ZNH B . 9.09 -2.39 9.04
C3D ZNH B . 10.18 -2.48 9.77
C4D ZNH B . 10.02 -3.64 10.61
CMD ZNH B . 8.80 -1.33 8.01
CAD ZNH B . 11.38 -1.57 9.71
CBD ZNH B . 11.35 -0.64 10.93
CGD ZNH B . 12.67 0.08 11.03
O1D ZNH B . 13.04 0.79 10.12
O2D ZNH B . 13.43 -0.05 12.12
HHA ZNH B . 11.86 -3.47 11.56
HHB ZNH B . 9.63 -8.56 14.40
HHC ZNH B . 4.51 -8.03 10.90
HHD ZNH B . 6.72 -2.93 8.08
HMA1 ZNH B . 13.01 -7.50 14.59
HMA2 ZNH B . 11.51 -8.42 14.88
HMA3 ZNH B . 11.83 -6.92 15.80
HAA1 ZNH B . 13.33 -4.24 12.65
HAA2 ZNH B . 13.83 -5.70 13.54
HBA1 ZNH B . 13.04 -4.82 15.61
HBA2 ZNH B . 12.07 -3.57 14.81
HMB1 ZNH B . 6.63 -10.88 14.67
HMB2 ZNH B . 7.74 -9.75 15.48
HMB3 ZNH B . 8.35 -10.84 14.21
HAB ZNH B . 5.11 -11.04 13.27
HBB1 ZNH B . 2.87 -10.27 12.95
HBB2 ZNH B . 3.52 -8.57 12.48
HMC1 ZNH B . 2.73 -6.93 10.04
HMC2 ZNH B . 3.30 -7.54 8.45
HMC3 ZNH B . 2.50 -5.95 8.56
HAC ZNH B . 4.04 -3.09 7.75
HBC1 ZNH B . 3.42 -4.18 5.69
HBC2 ZNH B . 4.15 -5.80 6.33
HMD1 ZNH B . 7.73 -1.24 7.86
HMD2 ZNH B . 9.28 -1.60 7.07
HMD3 ZNH B . 9.21 -0.37 8.34
HAD1 ZNH B . 12.29 -2.15 9.72
HAD2 ZNH B . 11.34 -0.98 8.80
HBD1 ZNH B . 11.19 -1.23 11.83
HBD2 ZNH B . 10.55 0.08 10.82
N SER A 22 -16.67 -1.02 -20.97
CA SER A 22 -17.99 -1.31 -21.60
C SER A 22 -19.00 -0.23 -21.24
N ALA A 23 -19.38 -0.15 -19.99
CA ALA A 23 -20.36 0.89 -19.58
C ALA A 23 -19.70 1.92 -18.66
N ASN A 24 -18.92 2.80 -19.23
CA ASN A 24 -18.24 3.84 -18.39
C ASN A 24 -17.28 3.17 -17.40
N ALA A 25 -16.84 1.98 -17.71
CA ALA A 25 -15.90 1.26 -16.80
C ALA A 25 -14.46 1.45 -17.28
N ALA A 26 -13.72 2.33 -16.67
CA ALA A 26 -12.30 2.55 -17.09
C ALA A 26 -11.55 3.35 -16.03
N ASP A 27 -10.51 4.03 -16.42
CA ASP A 27 -9.73 4.84 -15.44
C ASP A 27 -9.27 3.96 -14.28
N SER A 28 -9.14 2.68 -14.48
CA SER A 28 -8.71 1.79 -13.37
C SER A 28 -8.15 0.48 -13.91
N GLY A 29 -7.56 -0.32 -13.05
CA GLY A 29 -6.99 -1.61 -13.50
C GLY A 29 -5.87 -2.03 -12.54
N THR A 30 -5.28 -3.18 -12.76
CA THR A 30 -4.17 -3.63 -11.86
C THR A 30 -2.83 -3.10 -12.37
N LEU A 31 -2.27 -2.13 -11.68
CA LEU A 31 -0.96 -1.57 -12.12
C LEU A 31 0.19 -2.27 -11.39
N ASN A 32 1.36 -2.28 -11.96
CA ASN A 32 2.50 -2.94 -11.29
C ASN A 32 3.07 -2.02 -10.21
N TYR A 33 3.43 -2.56 -9.08
CA TYR A 33 3.99 -1.70 -8.00
C TYR A 33 4.63 -2.57 -6.92
N GLU A 34 5.52 -2.01 -6.14
CA GLU A 34 6.17 -2.82 -5.07
C GLU A 34 6.67 -1.89 -3.95
N VAL A 35 7.44 -2.42 -3.04
CA VAL A 35 7.96 -1.58 -1.92
C VAL A 35 9.41 -1.96 -1.62
N TYR A 36 10.06 -1.22 -0.76
CA TYR A 36 11.48 -1.54 -0.42
C TYR A 36 11.80 -1.12 1.01
N LYS A 37 12.84 -1.66 1.58
CA LYS A 37 13.21 -1.29 2.96
C LYS A 37 13.70 0.17 3.02
N TYR A 38 13.12 0.97 3.87
CA TYR A 38 13.56 2.39 3.96
C TYR A 38 15.06 2.45 4.27
N ASN A 39 15.74 3.44 3.74
CA ASN A 39 17.22 3.57 3.98
C ASN A 39 17.99 2.51 3.17
N THR A 40 17.32 1.66 2.44
CA THR A 40 18.02 0.62 1.64
C THR A 40 17.35 0.48 0.27
N ASN A 41 17.70 -0.52 -0.48
CA ASN A 41 17.06 -0.70 -1.82
C ASN A 41 16.66 -2.16 -2.04
N ASP A 42 16.43 -2.89 -0.98
CA ASP A 42 16.05 -4.33 -1.15
C ASP A 42 14.87 -4.69 -0.23
N THR A 43 13.80 -5.18 -0.79
CA THR A 43 12.63 -5.58 0.04
C THR A 43 13.10 -6.51 1.15
N SER A 44 12.86 -6.17 2.39
CA SER A 44 13.32 -7.07 3.49
C SER A 44 12.21 -7.38 4.50
N ILE A 45 11.17 -6.59 4.53
CA ILE A 45 10.08 -6.88 5.50
C ILE A 45 8.71 -6.68 4.86
N ALA A 46 8.31 -5.46 4.69
CA ALA A 46 6.97 -5.16 4.08
C ALA A 46 6.73 -6.02 2.84
N ASN A 47 7.77 -6.45 2.18
CA ASN A 47 7.58 -7.29 0.98
C ASN A 47 6.91 -8.62 1.33
N ASP A 48 6.85 -8.95 2.60
CA ASP A 48 6.21 -10.24 3.00
C ASP A 48 4.76 -10.00 3.47
N TYR A 49 4.23 -8.83 3.26
CA TYR A 49 2.84 -8.54 3.69
C TYR A 49 2.15 -7.60 2.70
N PHE A 50 2.70 -7.45 1.53
CA PHE A 50 2.09 -6.54 0.53
C PHE A 50 1.57 -7.34 -0.68
N ASN A 51 0.28 -7.45 -0.83
CA ASN A 51 -0.27 -8.22 -1.97
C ASN A 51 -0.08 -7.44 -3.27
N LYS A 52 0.11 -8.12 -4.38
CA LYS A 52 0.30 -7.40 -5.67
C LYS A 52 -0.30 -8.22 -6.82
N PRO A 53 -0.51 -7.58 -7.94
CA PRO A 53 -0.17 -6.15 -8.10
C PRO A 53 -1.22 -5.26 -7.40
N ALA A 54 -1.08 -3.96 -7.51
CA ALA A 54 -2.05 -3.05 -6.85
C ALA A 54 -3.05 -2.53 -7.88
N LYS A 55 -4.12 -1.93 -7.43
CA LYS A 55 -5.13 -1.40 -8.40
C LYS A 55 -5.01 0.12 -8.50
N TYR A 56 -4.59 0.61 -9.64
CA TYR A 56 -4.46 2.09 -9.81
C TYR A 56 -5.71 2.64 -10.48
N ILE A 57 -5.92 3.93 -10.41
CA ILE A 57 -7.14 4.51 -11.05
C ILE A 57 -6.92 5.98 -11.41
N LYS A 58 -7.22 6.37 -12.62
CA LYS A 58 -7.05 7.80 -13.05
C LYS A 58 -8.25 8.24 -13.90
N LYS A 59 -9.02 9.17 -13.40
CA LYS A 59 -10.21 9.65 -14.18
C LYS A 59 -9.87 10.93 -14.94
N ASN A 60 -8.92 10.87 -15.85
CA ASN A 60 -8.54 12.07 -16.65
C ASN A 60 -8.38 13.31 -15.76
N GLY A 61 -7.17 13.65 -15.41
CA GLY A 61 -6.93 14.86 -14.57
C GLY A 61 -6.72 14.44 -13.11
N LYS A 62 -7.19 13.28 -12.75
CA LYS A 62 -7.01 12.82 -11.33
C LYS A 62 -6.50 11.38 -11.30
N LEU A 63 -6.04 10.92 -10.17
CA LEU A 63 -5.55 9.52 -10.10
C LEU A 63 -5.25 9.11 -8.66
N TYR A 64 -5.49 7.86 -8.36
CA TYR A 64 -5.24 7.35 -6.99
C TYR A 64 -4.66 5.93 -7.08
N VAL A 65 -4.75 5.18 -6.02
CA VAL A 65 -4.23 3.80 -6.04
C VAL A 65 -4.66 3.05 -4.78
N GLN A 66 -5.24 1.89 -4.93
CA GLN A 66 -5.67 1.12 -3.73
C GLN A 66 -4.62 0.06 -3.40
N ILE A 67 -4.24 -0.04 -2.15
CA ILE A 67 -3.22 -1.05 -1.76
C ILE A 67 -3.85 -2.10 -0.86
N THR A 68 -3.68 -3.35 -1.19
CA THR A 68 -4.27 -4.44 -0.36
C THR A 68 -3.31 -4.83 0.76
N VAL A 69 -3.75 -4.82 1.98
CA VAL A 69 -2.85 -5.20 3.11
C VAL A 69 -3.17 -6.61 3.59
N ASN A 70 -2.17 -7.36 4.00
CA ASN A 70 -2.42 -8.75 4.46
C ASN A 70 -2.48 -8.79 6.00
N HIS A 71 -3.33 -9.61 6.54
CA HIS A 71 -3.44 -9.71 8.03
C HIS A 71 -3.75 -8.32 8.62
N SER A 72 -5.01 -8.01 8.77
CA SER A 72 -5.38 -6.68 9.34
C SER A 72 -4.76 -6.50 10.72
N HIS A 73 -4.54 -7.57 11.42
CA HIS A 73 -3.93 -7.47 12.78
C HIS A 73 -2.48 -7.00 12.67
N TRP A 74 -1.69 -7.67 11.88
CA TRP A 74 -0.26 -7.26 11.73
C TRP A 74 -0.18 -5.81 11.24
N ILE A 75 -0.80 -5.51 10.13
CA ILE A 75 -0.75 -4.11 9.61
C ILE A 75 -1.88 -3.30 10.22
N THR A 76 -1.53 -2.28 10.98
CA THR A 76 -2.58 -1.43 11.63
C THR A 76 -3.03 -0.32 10.68
N GLY A 77 -2.22 0.05 9.73
CA GLY A 77 -2.62 1.13 8.79
C GLY A 77 -1.47 1.43 7.83
N MET A 78 -1.67 2.36 6.94
CA MET A 78 -0.60 2.72 5.96
C MET A 78 -0.76 4.18 5.53
N SER A 79 0.25 4.74 4.91
CA SER A 79 0.16 6.16 4.47
C SER A 79 1.09 6.42 3.29
N ILE A 80 0.72 7.31 2.42
CA ILE A 80 1.58 7.60 1.24
C ILE A 80 1.62 9.11 0.98
N GLU A 81 2.68 9.59 0.37
CA GLU A 81 2.76 11.06 0.09
C GLU A 81 2.74 11.87 1.39
N GLY A 82 2.91 11.24 2.52
CA GLY A 82 2.92 11.99 3.80
C GLY A 82 1.48 12.18 4.32
N HIS A 83 0.56 11.36 3.90
CA HIS A 83 -0.84 11.51 4.40
C HIS A 83 -1.45 10.14 4.74
N LYS A 84 -2.51 10.13 5.51
CA LYS A 84 -3.15 8.84 5.90
C LYS A 84 -3.85 8.18 4.70
N GLU A 85 -4.29 6.97 4.87
CA GLU A 85 -4.99 6.26 3.75
C GLU A 85 -6.51 6.31 3.94
N ASN A 86 -7.25 5.90 2.95
CA ASN A 86 -8.74 5.92 3.06
C ASN A 86 -9.27 4.49 3.19
N ILE A 87 -10.22 4.27 4.05
CA ILE A 87 -10.77 2.89 4.19
C ILE A 87 -11.53 2.50 2.92
N ILE A 88 -10.92 1.73 2.06
CA ILE A 88 -11.59 1.33 0.80
C ILE A 88 -12.30 -0.02 0.95
N SER A 89 -11.77 -0.90 1.76
CA SER A 89 -12.42 -2.22 1.94
C SER A 89 -11.83 -2.93 3.16
N LYS A 90 -12.51 -2.85 4.26
CA LYS A 90 -12.00 -3.52 5.50
C LYS A 90 -12.62 -4.91 5.64
N ASN A 91 -11.84 -5.89 6.01
CA ASN A 91 -12.40 -7.27 6.16
C ASN A 91 -11.76 -7.97 7.36
N THR A 92 -12.34 -7.83 8.52
CA THR A 92 -11.76 -8.50 9.72
C THR A 92 -12.01 -10.01 9.66
N ALA A 93 -13.10 -10.41 9.05
CA ALA A 93 -13.40 -11.86 8.95
C ALA A 93 -12.32 -12.58 8.13
N LYS A 94 -11.93 -12.00 7.02
CA LYS A 94 -10.88 -12.64 6.18
C LYS A 94 -9.49 -12.07 6.51
N ASP A 95 -9.39 -11.30 7.56
CA ASP A 95 -8.07 -10.71 7.93
C ASP A 95 -7.46 -9.98 6.73
N GLU A 96 -8.15 -8.99 6.23
CA GLU A 96 -7.62 -8.24 5.05
C GLU A 96 -8.07 -6.77 5.11
N ARG A 97 -7.42 -5.92 4.39
CA ARG A 97 -7.80 -4.47 4.39
C ARG A 97 -7.16 -3.77 3.20
N THR A 98 -7.80 -2.76 2.68
CA THR A 98 -7.23 -2.02 1.53
C THR A 98 -7.50 -0.52 1.66
N SER A 99 -6.69 0.30 1.06
CA SER A 99 -6.92 1.77 1.17
C SER A 99 -6.49 2.48 -0.12
N GLU A 100 -7.17 3.54 -0.48
CA GLU A 100 -6.80 4.28 -1.72
C GLU A 100 -5.82 5.39 -1.39
N PHE A 101 -4.91 5.70 -2.29
CA PHE A 101 -3.92 6.77 -2.02
C PHE A 101 -3.87 7.77 -3.19
N GLU A 102 -3.75 9.04 -2.90
CA GLU A 102 -3.67 10.06 -3.98
C GLU A 102 -2.20 10.40 -4.23
N VAL A 103 -1.74 10.31 -5.45
CA VAL A 103 -0.31 10.61 -5.71
C VAL A 103 -0.10 11.18 -7.12
N SER A 104 0.85 12.05 -7.30
CA SER A 104 1.11 12.61 -8.66
C SER A 104 1.65 11.48 -9.54
N LYS A 105 0.82 10.91 -10.35
CA LYS A 105 1.27 9.77 -11.21
C LYS A 105 1.88 8.68 -10.34
N LEU A 106 2.16 7.54 -10.89
CA LEU A 106 2.74 6.43 -10.08
C LEU A 106 3.66 5.54 -10.92
N ASN A 107 4.87 5.99 -11.16
CA ASN A 107 5.82 5.18 -11.96
C ASN A 107 7.25 5.38 -11.45
N GLY A 108 7.57 4.85 -10.30
CA GLY A 108 8.95 5.03 -9.76
C GLY A 108 8.97 4.69 -8.26
N LYS A 109 8.97 5.69 -7.42
CA LYS A 109 9.00 5.43 -5.95
C LYS A 109 8.44 6.64 -5.19
N ILE A 110 7.77 6.38 -4.09
CA ILE A 110 7.21 7.51 -3.29
C ILE A 110 7.46 7.28 -1.81
N ASP A 111 7.84 8.30 -1.09
CA ASP A 111 8.10 8.12 0.38
C ASP A 111 6.79 8.02 1.14
N GLY A 112 6.46 6.85 1.62
CA GLY A 112 5.19 6.69 2.37
C GLY A 112 5.49 6.18 3.79
N LYS A 113 4.47 5.92 4.56
CA LYS A 113 4.70 5.44 5.95
C LYS A 113 3.62 4.43 6.33
N ILE A 114 3.80 3.72 7.41
CA ILE A 114 2.78 2.72 7.82
C ILE A 114 2.89 2.41 9.32
N ASP A 115 1.78 2.23 9.98
CA ASP A 115 1.81 1.92 11.43
C ASP A 115 1.51 0.44 11.65
N VAL A 116 1.94 -0.12 12.75
CA VAL A 116 1.68 -1.57 13.00
C VAL A 116 1.23 -1.79 14.44
N TYR A 117 0.48 -2.84 14.68
CA TYR A 117 0.01 -3.10 16.08
C TYR A 117 -0.21 -4.60 16.29
N ILE A 118 0.70 -5.25 16.98
CA ILE A 118 0.55 -6.70 17.24
C ILE A 118 0.81 -7.02 18.71
N ASP A 119 0.20 -8.05 19.22
CA ASP A 119 0.41 -8.41 20.65
C ASP A 119 0.04 -9.88 20.86
N GLU A 120 1.01 -10.76 20.90
CA GLU A 120 0.69 -12.20 21.10
C GLU A 120 1.98 -13.01 21.27
N LYS A 121 1.85 -14.25 21.66
CA LYS A 121 3.07 -15.09 21.85
C LYS A 121 3.53 -15.67 20.51
N VAL A 122 4.40 -14.98 19.82
CA VAL A 122 4.88 -15.49 18.51
C VAL A 122 5.93 -16.59 18.73
N ASN A 123 5.83 -17.67 18.00
CA ASN A 123 6.82 -18.77 18.17
C ASN A 123 6.97 -19.12 19.65
N GLY A 124 5.96 -18.86 20.44
CA GLY A 124 6.07 -19.18 21.90
C GLY A 124 6.81 -18.06 22.62
N LYS A 125 6.69 -16.84 22.14
CA LYS A 125 7.40 -15.71 22.81
C LYS A 125 6.54 -14.44 22.73
N PRO A 126 6.51 -13.70 23.81
CA PRO A 126 5.70 -12.45 23.86
C PRO A 126 6.23 -11.45 22.83
N PHE A 127 5.40 -11.05 21.90
CA PHE A 127 5.84 -10.08 20.86
C PHE A 127 5.01 -8.80 20.95
N LYS A 128 5.63 -7.71 21.33
CA LYS A 128 4.88 -6.42 21.44
C LYS A 128 5.22 -5.52 20.25
N TYR A 129 4.28 -5.30 19.37
CA TYR A 129 4.55 -4.43 18.19
C TYR A 129 3.55 -3.28 18.15
N ASP A 130 4.00 -2.07 18.34
CA ASP A 130 3.05 -0.91 18.32
C ASP A 130 3.82 0.39 18.08
N HIS A 131 4.03 0.73 16.83
CA HIS A 131 4.78 1.99 16.53
C HIS A 131 4.39 2.53 15.15
N HIS A 132 5.06 3.55 14.70
CA HIS A 132 4.74 4.12 13.36
C HIS A 132 5.95 3.98 12.43
N TYR A 133 6.09 2.86 11.78
CA TYR A 133 7.25 2.66 10.87
C TYR A 133 6.94 3.22 9.48
N ASN A 134 7.87 3.10 8.56
CA ASN A 134 7.63 3.64 7.19
C ASN A 134 8.41 2.82 6.16
N ILE A 135 8.12 3.00 4.90
CA ILE A 135 8.85 2.23 3.85
C ILE A 135 8.79 2.96 2.51
N THR A 136 9.42 2.43 1.51
CA THR A 136 9.41 3.09 0.17
C THR A 136 8.25 2.54 -0.67
N TYR A 137 7.36 3.37 -1.10
CA TYR A 137 6.21 2.89 -1.92
C TYR A 137 6.58 2.93 -3.40
N LYS A 138 6.94 1.81 -3.96
CA LYS A 138 7.31 1.77 -5.41
C LYS A 138 6.04 1.69 -6.27
N PHE A 139 6.12 2.15 -7.49
CA PHE A 139 4.93 2.08 -8.39
C PHE A 139 5.39 1.91 -9.84
N ASN A 140 4.61 1.24 -10.64
CA ASN A 140 5.01 1.03 -12.06
C ASN A 140 3.79 1.18 -12.98
N GLY A 141 3.63 2.34 -13.57
CA GLY A 141 2.47 2.56 -14.47
C GLY A 141 2.84 3.57 -15.56
N PRO A 142 1.86 4.31 -16.00
CA PRO A 142 2.10 5.33 -17.05
C PRO A 142 3.01 6.45 -16.53
N THR A 143 3.26 7.44 -17.33
CA THR A 143 4.13 8.56 -16.89
C THR A 143 3.70 9.86 -17.56
N ASP A 144 3.73 9.90 -18.87
CA ASP A 144 3.32 11.14 -19.60
C ASP A 144 1.80 11.13 -19.82
N VAL A 145 1.34 11.72 -20.89
CA VAL A 145 -0.12 11.75 -21.16
C VAL A 145 -0.86 12.39 -19.99
N ALA A 146 -0.60 13.64 -19.73
CA ALA A 146 -1.29 14.33 -18.60
C ALA A 146 -2.68 14.78 -19.03
N GLY A 147 -3.54 13.86 -19.38
CA GLY A 147 -4.91 14.25 -19.80
C GLY A 147 -4.84 15.13 -21.05
ZN ZNH B . 8.05 -5.68 11.03
CHA ZNH B . 10.91 -3.98 11.52
CHB ZNH B . 9.07 -7.92 13.36
CHC ZNH B . 5.39 -7.29 10.57
CHD ZNH B . 7.13 -3.39 8.71
NA ZNH B . 9.57 -5.88 12.14
C1A ZNH B . 10.73 -5.07 12.23
C2A ZNH B . 11.60 -5.58 13.16
C3A ZNH B . 11.07 -6.68 13.67
C4A ZNH B . 9.85 -6.91 13.08
CMA ZNH B . 11.72 -7.54 14.72
CAA ZNH B . 12.93 -4.98 13.53
CBA ZNH B . 14.03 -5.64 12.70
CGA ZNH B . 14.85 -4.57 12.01
O1A ZNH B . 15.14 -3.56 12.60
O2A ZNH B . 15.24 -4.75 10.74
NB ZNH B . 7.37 -7.30 11.83
C1B ZNH B . 7.88 -8.14 12.80
C2B ZNH B . 7.02 -9.17 13.06
C3B ZNH B . 5.95 -9.04 12.29
C4B ZNH B . 6.15 -7.82 11.48
CMB ZNH B . 7.25 -10.28 14.05
CAB ZNH B . 4.80 -9.97 12.27
CBB ZNH B . 3.57 -9.52 12.06
NC ZNH B . 6.56 -5.38 9.87
C1C ZNH B . 5.46 -6.24 9.83
C2C ZNH B . 4.56 -5.74 8.92
C3C ZNH B . 5.06 -4.61 8.36
C4C ZNH B . 6.29 -4.35 8.93
CMC ZNH B . 3.23 -6.36 8.59
CAC ZNH B . 4.40 -3.81 7.33
CBC ZNH B . 4.14 -4.34 6.13
ND ZNH B . 8.83 -4.10 10.31
C1D ZNH B . 8.29 -3.27 9.34
C2D ZNH B . 9.20 -2.17 9.07
C3D ZNH B . 10.25 -2.32 9.84
C4D ZNH B . 10.04 -3.52 10.62
CMD ZNH B . 8.98 -1.06 8.08
CAD ZNH B . 11.45 -1.42 9.89
CBD ZNH B . 11.09 -0.14 10.65
CGD ZNH B . 11.94 1.00 10.14
O1D ZNH B . 11.41 1.99 9.70
O2D ZNH B . 13.28 0.91 10.17
HHA ZNH B . 11.84 -3.41 11.66
HHB ZNH B . 9.40 -8.63 14.12
HHC ZNH B . 4.48 -7.84 10.40
HHD ZNH B . 6.87 -2.63 7.98
HMA1 ZNH B . 12.45 -8.19 14.27
HMA2 ZNH B . 10.95 -8.14 15.21
HMA3 ZNH B . 12.20 -6.91 15.47
HAA1 ZNH B . 13.12 -5.16 14.59
HAA2 ZNH B . 12.91 -3.91 13.33
HBA1 ZNH B . 13.58 -6.30 11.95
HBA2 ZNH B . 14.68 -6.23 13.36
HMB1 ZNH B . 7.76 -11.11 13.56
HMB2 ZNH B . 6.30 -10.61 14.45
HMB3 ZNH B . 7.88 -9.91 14.87
HAB ZNH B . 4.93 -10.99 12.65
HBB1 ZNH B . 2.72 -10.18 12.25
HBB2 ZNH B . 3.41 -8.46 11.89
HMC1 ZNH B . 2.78 -6.75 9.50
HMC2 ZNH B . 3.37 -7.17 7.88
HMC3 ZNH B . 2.58 -5.61 8.16
HAC ZNH B . 4.16 -2.77 7.51
HBC1 ZNH B . 3.70 -3.72 5.34
HBC2 ZNH B . 4.42 -5.37 5.91
HMD1 ZNH B . 8.20 -0.40 8.45
HMD2 ZNH B . 8.67 -1.48 7.13
HMD3 ZNH B . 9.90 -0.50 7.95
HAD1 ZNH B . 12.26 -1.93 10.41
HAD2 ZNH B . 11.77 -1.17 8.88
HBD1 ZNH B . 11.28 -0.29 11.72
HBD2 ZNH B . 10.04 0.09 10.50
N SER A 22 -16.20 -4.76 -13.45
CA SER A 22 -15.41 -5.42 -14.53
C SER A 22 -16.06 -5.14 -15.89
N ALA A 23 -17.36 -5.17 -15.97
CA ALA A 23 -18.03 -4.92 -17.27
C ALA A 23 -18.44 -3.44 -17.38
N ASN A 24 -18.16 -2.82 -18.49
CA ASN A 24 -18.52 -1.38 -18.64
C ASN A 24 -17.76 -0.53 -17.62
N ALA A 25 -16.67 -1.03 -17.12
CA ALA A 25 -15.88 -0.26 -16.12
C ALA A 25 -14.63 0.33 -16.77
N ALA A 26 -14.03 1.32 -16.15
CA ALA A 26 -12.81 1.94 -16.75
C ALA A 26 -12.09 2.79 -15.70
N ASP A 27 -11.09 3.52 -16.11
CA ASP A 27 -10.33 4.36 -15.14
C ASP A 27 -9.84 3.52 -13.98
N SER A 28 -9.67 2.24 -14.18
CA SER A 28 -9.19 1.38 -13.06
C SER A 28 -8.57 0.08 -13.60
N GLY A 29 -7.57 -0.43 -12.94
CA GLY A 29 -6.92 -1.68 -13.40
C GLY A 29 -5.79 -2.06 -12.45
N THR A 30 -5.15 -3.18 -12.69
CA THR A 30 -4.04 -3.60 -11.78
C THR A 30 -2.71 -3.03 -12.27
N LEU A 31 -2.10 -2.16 -11.49
CA LEU A 31 -0.80 -1.56 -11.90
C LEU A 31 0.36 -2.35 -11.31
N ASN A 32 1.47 -2.42 -12.00
CA ASN A 32 2.64 -3.17 -11.46
C ASN A 32 3.39 -2.32 -10.44
N TYR A 33 3.84 -2.90 -9.37
CA TYR A 33 4.58 -2.11 -8.35
C TYR A 33 5.29 -3.02 -7.35
N GLU A 34 6.07 -2.46 -6.48
CA GLU A 34 6.79 -3.28 -5.47
C GLU A 34 7.13 -2.42 -4.25
N VAL A 35 7.99 -2.88 -3.40
CA VAL A 35 8.35 -2.09 -2.19
C VAL A 35 9.85 -2.19 -1.91
N TYR A 36 10.37 -1.32 -1.10
CA TYR A 36 11.82 -1.37 -0.79
C TYR A 36 12.06 -0.89 0.65
N LYS A 37 13.07 -1.41 1.30
CA LYS A 37 13.35 -0.99 2.70
C LYS A 37 13.84 0.46 2.71
N TYR A 38 13.23 1.29 3.52
CA TYR A 38 13.67 2.71 3.58
C TYR A 38 15.19 2.79 3.82
N ASN A 39 15.82 3.78 3.25
CA ASN A 39 17.31 3.94 3.42
C ASN A 39 18.06 2.87 2.61
N THR A 40 17.37 2.02 1.90
CA THR A 40 18.07 0.99 1.10
C THR A 40 17.44 0.91 -0.29
N ASN A 41 17.67 -0.16 -1.01
CA ASN A 41 17.07 -0.29 -2.37
C ASN A 41 16.44 -1.66 -2.53
N ASP A 42 16.27 -2.40 -1.46
CA ASP A 42 15.66 -3.76 -1.58
C ASP A 42 14.65 -3.99 -0.46
N THR A 43 13.52 -4.57 -0.78
CA THR A 43 12.50 -4.84 0.28
C THR A 43 13.06 -5.84 1.28
N SER A 44 12.90 -5.59 2.56
CA SER A 44 13.47 -6.53 3.57
C SER A 44 12.43 -6.94 4.62
N ILE A 45 11.35 -6.22 4.75
CA ILE A 45 10.34 -6.62 5.78
C ILE A 45 8.92 -6.49 5.23
N ALA A 46 8.60 -5.37 4.65
CA ALA A 46 7.22 -5.16 4.11
C ALA A 46 7.04 -5.86 2.75
N ASN A 47 8.02 -6.59 2.30
CA ASN A 47 7.89 -7.27 0.98
C ASN A 47 6.92 -8.47 1.08
N ASP A 48 6.84 -9.08 2.24
CA ASP A 48 5.93 -10.25 2.38
C ASP A 48 4.61 -9.83 3.04
N TYR A 49 4.35 -8.56 3.14
CA TYR A 49 3.07 -8.11 3.78
C TYR A 49 2.23 -7.32 2.77
N PHE A 50 2.84 -6.83 1.73
CA PHE A 50 2.08 -6.04 0.71
C PHE A 50 1.78 -6.93 -0.50
N ASN A 51 0.54 -7.23 -0.75
CA ASN A 51 0.19 -8.09 -1.92
C ASN A 51 0.38 -7.32 -3.22
N LYS A 52 0.60 -8.01 -4.31
CA LYS A 52 0.80 -7.32 -5.61
C LYS A 52 0.22 -8.19 -6.75
N PRO A 53 -0.05 -7.56 -7.87
CA PRO A 53 0.18 -6.11 -8.02
C PRO A 53 -0.95 -5.31 -7.34
N ALA A 54 -0.91 -4.02 -7.46
CA ALA A 54 -1.99 -3.18 -6.82
C ALA A 54 -2.96 -2.68 -7.88
N LYS A 55 -4.06 -2.11 -7.47
CA LYS A 55 -5.05 -1.61 -8.47
C LYS A 55 -4.99 -0.08 -8.59
N TYR A 56 -4.68 0.41 -9.75
CA TYR A 56 -4.61 1.90 -9.94
C TYR A 56 -5.93 2.39 -10.53
N ILE A 57 -6.16 3.67 -10.50
CA ILE A 57 -7.45 4.19 -11.04
C ILE A 57 -7.31 5.65 -11.49
N LYS A 58 -7.61 5.94 -12.74
CA LYS A 58 -7.49 7.35 -13.24
C LYS A 58 -8.71 7.71 -14.10
N LYS A 59 -9.38 8.78 -13.77
CA LYS A 59 -10.56 9.20 -14.58
C LYS A 59 -10.20 10.39 -15.47
N ASN A 60 -9.28 10.21 -16.37
CA ASN A 60 -8.88 11.33 -17.29
C ASN A 60 -8.64 12.62 -16.50
N GLY A 61 -7.40 12.92 -16.22
CA GLY A 61 -7.09 14.19 -15.48
C GLY A 61 -6.85 13.89 -13.99
N LYS A 62 -6.70 12.64 -13.63
CA LYS A 62 -6.48 12.31 -12.20
C LYS A 62 -6.18 10.82 -12.05
N LEU A 63 -5.48 10.43 -11.01
CA LEU A 63 -5.18 8.99 -10.82
C LEU A 63 -4.95 8.66 -9.35
N TYR A 64 -5.25 7.44 -8.97
CA TYR A 64 -5.08 7.02 -7.56
C TYR A 64 -4.57 5.58 -7.52
N VAL A 65 -4.64 4.93 -6.39
CA VAL A 65 -4.16 3.52 -6.32
C VAL A 65 -4.58 2.86 -5.00
N GLN A 66 -5.12 1.69 -5.07
CA GLN A 66 -5.54 0.99 -3.81
C GLN A 66 -4.51 -0.08 -3.46
N ILE A 67 -4.13 -0.16 -2.21
CA ILE A 67 -3.13 -1.19 -1.80
C ILE A 67 -3.77 -2.23 -0.89
N THR A 68 -3.53 -3.49 -1.15
CA THR A 68 -4.14 -4.55 -0.29
C THR A 68 -3.19 -4.91 0.87
N VAL A 69 -3.70 -4.91 2.07
CA VAL A 69 -2.83 -5.25 3.24
C VAL A 69 -3.16 -6.66 3.73
N ASN A 70 -2.17 -7.41 4.15
CA ASN A 70 -2.44 -8.79 4.64
C ASN A 70 -2.46 -8.82 6.17
N HIS A 71 -3.39 -9.54 6.74
CA HIS A 71 -3.46 -9.62 8.23
C HIS A 71 -3.59 -8.22 8.83
N SER A 72 -4.78 -7.85 9.24
CA SER A 72 -4.97 -6.50 9.83
C SER A 72 -4.15 -6.37 11.13
N HIS A 73 -4.17 -7.37 11.95
CA HIS A 73 -3.38 -7.30 13.21
C HIS A 73 -1.94 -6.89 12.93
N TRP A 74 -1.31 -7.52 11.97
CA TRP A 74 0.10 -7.15 11.64
C TRP A 74 0.19 -5.68 11.26
N ILE A 75 -0.39 -5.29 10.16
CA ILE A 75 -0.33 -3.86 9.75
C ILE A 75 -1.50 -3.11 10.38
N THR A 76 -1.22 -2.15 11.21
CA THR A 76 -2.31 -1.38 11.88
C THR A 76 -2.78 -0.24 11.00
N GLY A 77 -1.98 0.21 10.08
CA GLY A 77 -2.41 1.33 9.19
C GLY A 77 -1.35 1.58 8.13
N MET A 78 -1.60 2.50 7.24
CA MET A 78 -0.62 2.80 6.16
C MET A 78 -0.77 4.26 5.72
N SER A 79 0.24 4.81 5.10
CA SER A 79 0.17 6.22 4.65
C SER A 79 1.15 6.45 3.49
N ILE A 80 0.84 7.38 2.62
CA ILE A 80 1.76 7.65 1.48
C ILE A 80 1.72 9.12 1.10
N GLU A 81 2.74 9.61 0.46
CA GLU A 81 2.75 11.05 0.06
C GLU A 81 2.71 11.96 1.30
N GLY A 82 2.96 11.41 2.45
CA GLY A 82 2.95 12.24 3.69
C GLY A 82 1.51 12.42 4.19
N HIS A 83 0.62 11.54 3.81
CA HIS A 83 -0.79 11.68 4.29
C HIS A 83 -1.34 10.31 4.70
N LYS A 84 -2.39 10.31 5.49
CA LYS A 84 -2.98 9.02 5.94
C LYS A 84 -3.72 8.34 4.78
N GLU A 85 -4.01 7.07 4.91
CA GLU A 85 -4.73 6.35 3.82
C GLU A 85 -6.24 6.40 4.06
N ASN A 86 -7.02 5.99 3.10
CA ASN A 86 -8.50 6.00 3.27
C ASN A 86 -9.04 4.58 3.40
N ILE A 87 -9.90 4.33 4.35
CA ILE A 87 -10.46 2.96 4.50
C ILE A 87 -11.33 2.62 3.29
N ILE A 88 -10.80 1.85 2.37
CA ILE A 88 -11.58 1.49 1.15
C ILE A 88 -12.27 0.13 1.33
N SER A 89 -11.70 -0.75 2.09
CA SER A 89 -12.33 -2.09 2.28
C SER A 89 -11.67 -2.82 3.44
N LYS A 90 -12.23 -2.72 4.61
CA LYS A 90 -11.63 -3.41 5.78
C LYS A 90 -12.32 -4.76 6.01
N ASN A 91 -11.57 -5.78 6.33
CA ASN A 91 -12.20 -7.11 6.56
C ASN A 91 -11.48 -7.83 7.71
N THR A 92 -12.05 -7.79 8.89
CA THR A 92 -11.41 -8.48 10.05
C THR A 92 -11.67 -9.98 9.98
N ALA A 93 -12.81 -10.36 9.47
CA ALA A 93 -13.13 -11.82 9.39
C ALA A 93 -12.11 -12.53 8.48
N LYS A 94 -11.78 -11.92 7.36
CA LYS A 94 -10.80 -12.55 6.45
C LYS A 94 -9.39 -12.00 6.69
N ASP A 95 -9.21 -11.26 7.76
CA ASP A 95 -7.86 -10.70 8.04
C ASP A 95 -7.32 -9.98 6.80
N GLU A 96 -8.03 -9.01 6.31
CA GLU A 96 -7.55 -8.27 5.10
C GLU A 96 -7.97 -6.80 5.17
N ARG A 97 -7.39 -5.97 4.35
CA ARG A 97 -7.75 -4.52 4.36
C ARG A 97 -7.14 -3.83 3.15
N THR A 98 -7.73 -2.75 2.72
CA THR A 98 -7.19 -2.03 1.54
C THR A 98 -7.32 -0.52 1.75
N SER A 99 -6.48 0.26 1.11
CA SER A 99 -6.56 1.73 1.28
C SER A 99 -6.23 2.44 -0.03
N GLU A 100 -6.94 3.48 -0.35
CA GLU A 100 -6.67 4.22 -1.61
C GLU A 100 -5.71 5.39 -1.34
N PHE A 101 -4.67 5.50 -2.12
CA PHE A 101 -3.70 6.62 -1.89
C PHE A 101 -3.71 7.58 -3.08
N GLU A 102 -3.47 8.85 -2.82
CA GLU A 102 -3.47 9.83 -3.93
C GLU A 102 -2.02 10.24 -4.27
N VAL A 103 -1.70 10.29 -5.53
CA VAL A 103 -0.32 10.68 -5.92
C VAL A 103 -0.34 11.39 -7.28
N SER A 104 0.68 12.15 -7.59
CA SER A 104 0.70 12.86 -8.90
C SER A 104 0.48 11.85 -10.03
N LYS A 105 0.99 10.66 -9.86
CA LYS A 105 0.81 9.61 -10.90
C LYS A 105 1.17 8.24 -10.31
N LEU A 106 1.64 7.32 -11.10
CA LEU A 106 2.00 5.99 -10.55
C LEU A 106 3.16 5.37 -11.34
N ASN A 107 4.25 6.10 -11.47
CA ASN A 107 5.42 5.55 -12.22
C ASN A 107 6.73 6.04 -11.59
N GLY A 108 6.93 5.75 -10.32
CA GLY A 108 8.19 6.19 -9.65
C GLY A 108 8.13 5.83 -8.17
N LYS A 109 9.18 6.09 -7.44
CA LYS A 109 9.19 5.75 -5.99
C LYS A 109 8.47 6.85 -5.19
N ILE A 110 7.81 6.47 -4.13
CA ILE A 110 7.09 7.47 -3.29
C ILE A 110 7.34 7.19 -1.81
N ASP A 111 7.73 8.19 -1.07
CA ASP A 111 7.99 7.99 0.38
C ASP A 111 6.68 7.91 1.16
N GLY A 112 6.37 6.77 1.70
CA GLY A 112 5.10 6.63 2.47
C GLY A 112 5.42 6.18 3.90
N LYS A 113 4.42 5.92 4.69
CA LYS A 113 4.66 5.49 6.10
C LYS A 113 3.60 4.48 6.52
N ILE A 114 3.83 3.78 7.59
CA ILE A 114 2.83 2.76 8.05
C ILE A 114 3.01 2.47 9.54
N ASP A 115 1.92 2.21 10.23
CA ASP A 115 2.01 1.90 11.68
C ASP A 115 1.75 0.40 11.90
N VAL A 116 2.24 -0.15 12.97
CA VAL A 116 2.02 -1.61 13.22
C VAL A 116 1.47 -1.82 14.64
N TYR A 117 0.63 -2.81 14.81
CA TYR A 117 0.07 -3.08 16.16
C TYR A 117 -0.29 -4.56 16.29
N ILE A 118 0.50 -5.32 16.99
CA ILE A 118 0.20 -6.77 17.15
C ILE A 118 0.22 -7.17 18.63
N ASP A 119 -0.52 -8.17 18.99
CA ASP A 119 -0.55 -8.62 20.41
C ASP A 119 -1.06 -10.06 20.49
N GLU A 120 -0.19 -11.02 20.53
CA GLU A 120 -0.64 -12.43 20.60
C GLU A 120 0.57 -13.36 20.80
N LYS A 121 0.33 -14.64 20.97
CA LYS A 121 1.46 -15.59 21.16
C LYS A 121 2.03 -16.02 19.80
N VAL A 122 3.14 -15.47 19.41
CA VAL A 122 3.74 -15.86 18.10
C VAL A 122 4.43 -17.22 18.21
N ASN A 123 3.80 -18.25 17.70
CA ASN A 123 4.42 -19.60 17.78
C ASN A 123 4.57 -20.02 19.25
N GLY A 124 3.56 -19.79 20.05
CA GLY A 124 3.64 -20.18 21.49
C GLY A 124 4.56 -19.20 22.22
N LYS A 125 4.57 -17.95 21.81
CA LYS A 125 5.44 -16.95 22.49
C LYS A 125 4.75 -15.59 22.53
N PRO A 126 4.34 -15.18 23.70
CA PRO A 126 3.67 -13.86 23.85
C PRO A 126 4.46 -12.78 23.11
N PHE A 127 3.90 -12.23 22.06
CA PHE A 127 4.62 -11.17 21.29
C PHE A 127 3.92 -9.82 21.46
N LYS A 128 4.65 -8.76 21.38
CA LYS A 128 4.03 -7.40 21.53
C LYS A 128 4.57 -6.45 20.45
N TYR A 129 3.70 -5.83 19.69
CA TYR A 129 4.16 -4.91 18.64
C TYR A 129 3.25 -3.68 18.58
N ASP A 130 3.82 -2.50 18.59
CA ASP A 130 2.98 -1.27 18.53
C ASP A 130 3.87 -0.03 18.47
N HIS A 131 4.25 0.39 17.29
CA HIS A 131 5.12 1.58 17.16
C HIS A 131 4.91 2.27 15.80
N HIS A 132 5.81 3.12 15.41
CA HIS A 132 5.66 3.81 14.10
C HIS A 132 6.83 3.45 13.17
N TYR A 133 6.56 3.36 11.90
CA TYR A 133 7.65 3.00 10.94
C TYR A 133 7.32 3.53 9.54
N ASN A 134 8.16 3.29 8.58
CA ASN A 134 7.87 3.78 7.20
C ASN A 134 8.50 2.85 6.16
N ILE A 135 8.17 3.04 4.91
CA ILE A 135 8.74 2.16 3.85
C ILE A 135 8.71 2.87 2.49
N THR A 136 9.29 2.26 1.49
CA THR A 136 9.31 2.88 0.13
C THR A 136 8.10 2.41 -0.69
N TYR A 137 7.79 3.11 -1.74
CA TYR A 137 6.63 2.69 -2.60
C TYR A 137 6.94 2.99 -4.07
N LYS A 138 7.24 1.96 -4.83
CA LYS A 138 7.56 2.19 -6.27
C LYS A 138 6.37 1.79 -7.15
N PHE A 139 5.66 2.76 -7.67
CA PHE A 139 4.50 2.44 -8.55
C PHE A 139 4.96 2.40 -10.01
N ASN A 140 4.53 1.41 -10.75
CA ASN A 140 4.94 1.32 -12.18
C ASN A 140 3.71 1.20 -13.08
N GLY A 141 3.37 2.27 -13.76
CA GLY A 141 2.17 2.23 -14.66
C GLY A 141 2.38 3.23 -15.81
N PRO A 142 1.29 3.77 -16.29
CA PRO A 142 1.35 4.74 -17.42
C PRO A 142 2.38 5.83 -17.13
N THR A 143 2.68 6.64 -18.11
CA THR A 143 3.66 7.74 -17.91
C THR A 143 3.31 8.94 -18.79
N ASP A 144 3.10 8.70 -20.07
CA ASP A 144 2.74 9.82 -20.98
C ASP A 144 1.23 9.94 -21.11
N VAL A 145 0.57 8.90 -21.56
CA VAL A 145 -0.91 8.97 -21.69
C VAL A 145 -1.31 10.15 -22.56
N ALA A 146 -1.78 11.21 -21.98
CA ALA A 146 -2.19 12.40 -22.79
C ALA A 146 -2.19 13.67 -21.92
N GLY A 147 -2.96 13.67 -20.86
CA GLY A 147 -3.00 14.87 -19.98
C GLY A 147 -2.35 14.53 -18.63
ZN ZNH B . 8.21 -5.40 11.52
CHA ZNH B . 10.92 -3.47 12.06
CHB ZNH B . 9.28 -7.48 13.97
CHC ZNH B . 5.71 -7.22 11.00
CHD ZNH B . 7.25 -3.26 9.08
NA ZNH B . 9.70 -5.46 12.69
C1A ZNH B . 10.79 -4.55 12.81
C2A ZNH B . 11.64 -4.97 13.79
C3A ZNH B . 11.18 -6.08 14.31
C4A ZNH B . 10.01 -6.42 13.69
CMA ZNH B . 11.84 -6.86 15.43
CAA ZNH B . 12.92 -4.27 14.20
CBA ZNH B . 12.71 -3.59 15.55
CGA ZNH B . 14.06 -3.21 16.13
O1A ZNH B . 14.22 -2.12 16.61
O2A ZNH B . 15.06 -4.09 16.12
NB ZNH B . 7.62 -7.03 12.34
C1B ZNH B . 8.15 -7.80 13.36
C2B ZNH B . 7.36 -8.89 13.63
C3B ZNH B . 6.31 -8.86 12.80
C4B ZNH B . 6.46 -7.67 11.95
CMB ZNH B . 7.62 -9.94 14.66
CAB ZNH B . 5.23 -9.87 12.77
CBB ZNH B . 3.98 -9.53 12.48
NC ZNH B . 6.76 -5.24 10.29
C1C ZNH B . 5.73 -6.18 10.23
C2C ZNH B . 4.84 -5.78 9.25
C3C ZNH B . 5.27 -4.65 8.68
C4C ZNH B . 6.46 -4.27 9.29
CMC ZNH B . 3.58 -6.51 8.89
CAC ZNH B . 4.61 -3.92 7.59
CBC ZNH B . 4.58 -4.44 6.37
ND ZNH B . 8.90 -3.78 10.77
C1D ZNH B . 8.37 -3.03 9.75
C2D ZNH B . 9.19 -1.88 9.49
C3D ZNH B . 10.21 -1.93 10.30
C4D ZNH B . 10.06 -3.11 11.12
CMD ZNH B . 8.93 -0.82 8.45
CAD ZNH B . 11.34 -0.93 10.39
CBD ZNH B . 12.60 -1.54 9.76
CGD ZNH B . 13.82 -0.83 10.32
O1D ZNH B . 13.68 0.10 11.08
O2D ZNH B . 15.05 -1.23 9.95
HHA ZNH B . 11.79 -2.85 12.22
HHB ZNH B . 9.64 -8.14 14.76
HHC ZNH B . 4.85 -7.84 10.81
HHD ZNH B . 6.96 -2.56 8.30
HMA1 ZNH B . 12.39 -7.69 15.00
HMA2 ZNH B . 11.07 -7.25 16.11
HMA3 ZNH B . 12.51 -6.22 15.98
HAA1 ZNH B . 13.17 -3.52 13.45
HAA2 ZNH B . 13.72 -5.00 14.28
HBA1 ZNH B . 12.20 -4.27 16.23
HBA2 ZNH B . 12.11 -2.69 15.43
HMB1 ZNH B . 6.69 -10.25 15.12
HMB2 ZNH B . 8.29 -9.53 15.43
HMB3 ZNH B . 8.10 -10.80 14.20
HAB ZNH B . 5.42 -10.85 13.21
HBB1 ZNH B . 3.17 -10.23 12.69
HBB2 ZNH B . 3.76 -8.49 12.27
HMC1 ZNH B . 3.02 -6.73 9.80
HMC2 ZNH B . 3.83 -7.45 8.38
HMC3 ZNH B . 2.98 -5.89 8.24
HAC ZNH B . 4.08 -2.99 7.80
HBC1 ZNH B . 4.04 -3.92 5.58
HBC2 ZNH B . 5.07 -5.39 6.17
HMD1 ZNH B . 7.87 -0.59 8.43
HMD2 ZNH B . 9.24 -1.19 7.47
HMD3 ZNH B . 9.50 0.07 8.70
HAD1 ZNH B . 11.06 -0.02 9.85
HAD2 ZNH B . 11.53 -0.69 11.43
HBD1 ZNH B . 12.57 -1.41 8.69
HBD2 ZNH B . 12.65 -2.60 10.01
N SER A 22 -8.75 -0.52 -22.53
CA SER A 22 -9.68 0.55 -22.96
C SER A 22 -9.05 1.92 -22.73
N ALA A 23 -8.96 2.73 -23.76
CA ALA A 23 -8.35 4.08 -23.59
C ALA A 23 -9.43 5.11 -23.26
N ASN A 24 -9.22 5.90 -22.24
CA ASN A 24 -10.23 6.92 -21.85
C ASN A 24 -11.57 6.24 -21.55
N ALA A 25 -11.53 4.98 -21.21
CA ALA A 25 -12.79 4.25 -20.91
C ALA A 25 -12.57 3.27 -19.76
N ALA A 26 -11.75 3.63 -18.82
CA ALA A 26 -11.47 2.73 -17.67
C ALA A 26 -10.77 3.49 -16.54
N ASP A 27 -9.61 4.02 -16.80
CA ASP A 27 -8.88 4.77 -15.74
C ASP A 27 -8.76 3.91 -14.49
N SER A 28 -8.74 2.62 -14.65
CA SER A 28 -8.63 1.73 -13.46
C SER A 28 -8.16 0.33 -13.89
N GLY A 29 -7.38 -0.33 -13.07
CA GLY A 29 -6.89 -1.68 -13.44
C GLY A 29 -5.76 -2.11 -12.49
N THR A 30 -5.17 -3.25 -12.74
CA THR A 30 -4.06 -3.72 -11.86
C THR A 30 -2.72 -3.19 -12.37
N LEU A 31 -2.16 -2.22 -11.69
CA LEU A 31 -0.86 -1.65 -12.14
C LEU A 31 0.30 -2.33 -11.38
N ASN A 32 1.47 -2.36 -11.98
CA ASN A 32 2.62 -3.00 -11.29
C ASN A 32 3.21 -2.04 -10.25
N TYR A 33 3.56 -2.54 -9.09
CA TYR A 33 4.14 -1.65 -8.05
C TYR A 33 4.77 -2.49 -6.93
N GLU A 34 5.63 -1.90 -6.15
CA GLU A 34 6.28 -2.66 -5.04
C GLU A 34 6.73 -1.69 -3.95
N VAL A 35 7.38 -2.20 -2.93
CA VAL A 35 7.85 -1.30 -1.83
C VAL A 35 9.24 -1.73 -1.37
N TYR A 36 10.22 -0.89 -1.53
CA TYR A 36 11.60 -1.26 -1.10
C TYR A 36 11.84 -0.83 0.35
N LYS A 37 12.85 -1.37 0.97
CA LYS A 37 13.14 -1.01 2.39
C LYS A 37 13.59 0.45 2.46
N TYR A 38 12.97 1.24 3.30
CA TYR A 38 13.37 2.67 3.41
C TYR A 38 14.89 2.78 3.63
N ASN A 39 15.50 3.75 3.02
CA ASN A 39 16.99 3.93 3.16
C ASN A 39 17.74 2.86 2.35
N THR A 40 17.05 1.98 1.69
CA THR A 40 17.74 0.93 0.88
C THR A 40 17.05 0.78 -0.48
N ASN A 41 17.38 -0.24 -1.22
CA ASN A 41 16.74 -0.43 -2.55
C ASN A 41 16.33 -1.90 -2.75
N ASP A 42 16.13 -2.62 -1.68
CA ASP A 42 15.74 -4.05 -1.82
C ASP A 42 14.61 -4.41 -0.87
N THR A 43 13.50 -4.85 -1.41
CA THR A 43 12.35 -5.25 -0.55
C THR A 43 12.83 -6.20 0.55
N SER A 44 12.72 -5.83 1.79
CA SER A 44 13.20 -6.74 2.87
C SER A 44 12.16 -6.96 3.96
N ILE A 45 11.18 -6.11 4.07
CA ILE A 45 10.14 -6.31 5.13
C ILE A 45 8.75 -6.01 4.60
N ALA A 46 8.40 -4.76 4.52
CA ALA A 46 7.04 -4.36 4.03
C ALA A 46 6.66 -5.15 2.76
N ASN A 47 7.63 -5.58 2.00
CA ASN A 47 7.32 -6.35 0.76
C ASN A 47 6.71 -7.71 1.11
N ASP A 48 6.87 -8.15 2.33
CA ASP A 48 6.31 -9.48 2.71
C ASP A 48 4.95 -9.32 3.39
N TYR A 49 4.35 -8.16 3.29
CA TYR A 49 3.02 -7.96 3.94
C TYR A 49 2.04 -7.25 2.98
N PHE A 50 2.45 -6.99 1.77
CA PHE A 50 1.54 -6.30 0.80
C PHE A 50 1.37 -7.15 -0.46
N ASN A 51 0.17 -7.55 -0.77
CA ASN A 51 -0.07 -8.37 -1.98
C ASN A 51 0.09 -7.52 -3.25
N LYS A 52 0.31 -8.16 -4.37
CA LYS A 52 0.47 -7.40 -5.64
C LYS A 52 -0.09 -8.20 -6.81
N PRO A 53 -0.30 -7.55 -7.93
CA PRO A 53 -0.03 -6.09 -8.04
C PRO A 53 -1.13 -5.28 -7.34
N ALA A 54 -1.06 -3.98 -7.43
CA ALA A 54 -2.10 -3.14 -6.77
C ALA A 54 -3.07 -2.61 -7.82
N LYS A 55 -4.17 -2.03 -7.40
CA LYS A 55 -5.15 -1.50 -8.38
C LYS A 55 -4.99 0.02 -8.50
N TYR A 56 -4.51 0.50 -9.60
CA TYR A 56 -4.34 1.97 -9.77
C TYR A 56 -5.54 2.55 -10.52
N ILE A 57 -5.75 3.83 -10.44
CA ILE A 57 -6.91 4.44 -11.13
C ILE A 57 -6.67 5.92 -11.45
N LYS A 58 -7.26 6.42 -12.50
CA LYS A 58 -7.07 7.86 -12.85
C LYS A 58 -8.41 8.51 -13.20
N LYS A 59 -8.41 9.81 -13.41
CA LYS A 59 -9.67 10.51 -13.75
C LYS A 59 -9.37 11.83 -14.45
N ASN A 60 -8.78 11.77 -15.61
CA ASN A 60 -8.46 13.00 -16.38
C ASN A 60 -7.77 14.04 -15.48
N GLY A 61 -6.47 13.94 -15.33
CA GLY A 61 -5.74 14.94 -14.49
C GLY A 61 -5.66 14.46 -13.04
N LYS A 62 -5.87 13.20 -12.80
CA LYS A 62 -5.79 12.70 -11.39
C LYS A 62 -5.71 11.17 -11.35
N LEU A 63 -5.30 10.64 -10.23
CA LEU A 63 -5.21 9.16 -10.12
C LEU A 63 -4.87 8.73 -8.70
N TYR A 64 -5.24 7.54 -8.35
CA TYR A 64 -4.97 7.03 -6.98
C TYR A 64 -4.52 5.57 -7.08
N VAL A 65 -4.63 4.84 -6.01
CA VAL A 65 -4.22 3.41 -6.06
C VAL A 65 -4.67 2.69 -4.79
N GLN A 66 -5.27 1.54 -4.93
CA GLN A 66 -5.72 0.81 -3.72
C GLN A 66 -4.69 -0.24 -3.32
N ILE A 67 -4.39 -0.34 -2.05
CA ILE A 67 -3.38 -1.34 -1.60
C ILE A 67 -4.04 -2.42 -0.74
N THR A 68 -3.77 -3.66 -1.04
CA THR A 68 -4.38 -4.76 -0.23
C THR A 68 -3.47 -5.08 0.96
N VAL A 69 -3.98 -5.02 2.15
CA VAL A 69 -3.14 -5.31 3.34
C VAL A 69 -3.45 -6.72 3.88
N ASN A 70 -2.43 -7.46 4.23
CA ASN A 70 -2.66 -8.83 4.77
C ASN A 70 -2.54 -8.82 6.29
N HIS A 71 -3.33 -9.61 6.97
CA HIS A 71 -3.26 -9.65 8.46
C HIS A 71 -3.54 -8.25 9.03
N SER A 72 -4.78 -7.94 9.29
CA SER A 72 -5.11 -6.59 9.84
C SER A 72 -4.32 -6.33 11.12
N HIS A 73 -3.90 -7.36 11.80
CA HIS A 73 -3.12 -7.17 13.06
C HIS A 73 -1.71 -6.69 12.75
N TRP A 74 -0.98 -7.43 11.95
CA TRP A 74 0.41 -7.02 11.60
C TRP A 74 0.44 -5.55 11.17
N ILE A 75 -0.24 -5.21 10.10
CA ILE A 75 -0.23 -3.80 9.63
C ILE A 75 -1.35 -3.01 10.32
N THR A 76 -1.00 -2.04 11.11
CA THR A 76 -2.03 -1.23 11.82
C THR A 76 -2.51 -0.06 10.96
N GLY A 77 -1.68 0.41 10.06
CA GLY A 77 -2.11 1.55 9.20
C GLY A 77 -1.05 1.80 8.12
N MET A 78 -1.31 2.73 7.24
CA MET A 78 -0.34 3.04 6.15
C MET A 78 -0.47 4.50 5.72
N SER A 79 0.55 5.04 5.09
CA SER A 79 0.47 6.46 4.65
C SER A 79 1.39 6.69 3.45
N ILE A 80 0.91 7.34 2.42
CA ILE A 80 1.74 7.59 1.22
C ILE A 80 1.68 9.08 0.84
N GLU A 81 2.79 9.64 0.41
CA GLU A 81 2.82 11.08 0.00
C GLU A 81 2.67 12.00 1.23
N GLY A 82 2.60 11.45 2.42
CA GLY A 82 2.48 12.32 3.61
C GLY A 82 1.03 12.40 4.10
N HIS A 83 0.21 11.43 3.79
CA HIS A 83 -1.20 11.50 4.28
C HIS A 83 -1.65 10.11 4.77
N LYS A 84 -2.67 10.07 5.58
CA LYS A 84 -3.16 8.75 6.10
C LYS A 84 -3.83 7.96 4.98
N GLU A 85 -4.33 6.80 5.28
CA GLU A 85 -4.99 5.97 4.24
C GLU A 85 -6.51 6.02 4.41
N ASN A 86 -7.24 5.55 3.44
CA ASN A 86 -8.73 5.56 3.55
C ASN A 86 -9.27 4.13 3.60
N ILE A 87 -10.11 3.83 4.56
CA ILE A 87 -10.67 2.46 4.65
C ILE A 87 -11.60 2.20 3.47
N ILE A 88 -11.14 1.51 2.47
CA ILE A 88 -11.97 1.24 1.28
C ILE A 88 -12.70 -0.09 1.42
N SER A 89 -12.15 -1.00 2.18
CA SER A 89 -12.80 -2.32 2.36
C SER A 89 -12.15 -3.05 3.51
N LYS A 90 -12.89 -3.86 4.21
CA LYS A 90 -12.28 -4.59 5.36
C LYS A 90 -12.86 -6.01 5.43
N ASN A 91 -12.09 -6.95 5.91
CA ASN A 91 -12.59 -8.35 6.01
C ASN A 91 -12.08 -9.02 7.29
N THR A 92 -12.81 -8.94 8.35
CA THR A 92 -12.37 -9.58 9.62
C THR A 92 -12.53 -11.10 9.52
N ALA A 93 -13.32 -11.56 8.59
CA ALA A 93 -13.51 -13.04 8.46
C ALA A 93 -12.19 -13.71 8.09
N LYS A 94 -11.31 -13.02 7.42
CA LYS A 94 -10.01 -13.62 7.04
C LYS A 94 -8.86 -12.63 7.29
N ASP A 95 -9.07 -11.69 8.18
CA ASP A 95 -8.00 -10.70 8.47
C ASP A 95 -7.50 -10.06 7.17
N GLU A 96 -8.22 -9.10 6.65
CA GLU A 96 -7.78 -8.43 5.40
C GLU A 96 -8.22 -6.97 5.39
N ARG A 97 -7.70 -6.18 4.49
CA ARG A 97 -8.10 -4.74 4.44
C ARG A 97 -7.51 -4.07 3.20
N THR A 98 -8.09 -2.99 2.77
CA THR A 98 -7.57 -2.28 1.56
C THR A 98 -7.68 -0.77 1.77
N SER A 99 -6.83 -0.01 1.14
CA SER A 99 -6.90 1.47 1.32
C SER A 99 -6.54 2.18 0.02
N GLU A 100 -7.16 3.31 -0.24
CA GLU A 100 -6.85 4.07 -1.48
C GLU A 100 -5.78 5.12 -1.20
N PHE A 101 -4.89 5.36 -2.13
CA PHE A 101 -3.83 6.37 -1.90
C PHE A 101 -3.80 7.39 -3.04
N GLU A 102 -3.85 8.66 -2.72
CA GLU A 102 -3.80 9.70 -3.78
C GLU A 102 -2.36 10.16 -4.00
N VAL A 103 -1.87 10.10 -5.21
CA VAL A 103 -0.47 10.53 -5.46
C VAL A 103 -0.31 11.09 -6.88
N SER A 104 0.76 11.78 -7.13
CA SER A 104 0.99 12.35 -8.49
C SER A 104 1.53 11.26 -9.41
N LYS A 105 0.71 10.74 -10.29
CA LYS A 105 1.16 9.66 -11.20
C LYS A 105 1.76 8.51 -10.38
N LEU A 106 2.11 7.42 -11.02
CA LEU A 106 2.68 6.28 -10.25
C LEU A 106 3.66 5.48 -11.12
N ASN A 107 4.83 6.01 -11.35
CA ASN A 107 5.84 5.29 -12.17
C ASN A 107 7.25 5.56 -11.64
N GLY A 108 7.55 5.09 -10.46
CA GLY A 108 8.91 5.31 -9.89
C GLY A 108 8.91 4.95 -8.41
N LYS A 109 8.99 5.92 -7.54
CA LYS A 109 9.00 5.62 -6.08
C LYS A 109 8.56 6.85 -5.28
N ILE A 110 7.89 6.64 -4.19
CA ILE A 110 7.42 7.79 -3.36
C ILE A 110 7.65 7.50 -1.87
N ASP A 111 8.01 8.49 -1.12
CA ASP A 111 8.25 8.28 0.34
C ASP A 111 6.92 8.16 1.08
N GLY A 112 6.73 7.10 1.82
CA GLY A 112 5.45 6.93 2.55
C GLY A 112 5.73 6.54 4.00
N LYS A 113 4.71 6.29 4.78
CA LYS A 113 4.92 5.91 6.20
C LYS A 113 3.89 4.85 6.61
N ILE A 114 4.13 4.13 7.66
CA ILE A 114 3.16 3.09 8.08
C ILE A 114 3.33 2.75 9.56
N ASP A 115 2.26 2.42 10.22
CA ASP A 115 2.36 2.06 11.66
C ASP A 115 2.07 0.57 11.82
N VAL A 116 2.49 -0.02 12.91
CA VAL A 116 2.24 -1.47 13.10
C VAL A 116 1.71 -1.73 14.52
N TYR A 117 0.86 -2.71 14.67
CA TYR A 117 0.31 -2.99 16.03
C TYR A 117 -0.06 -4.47 16.16
N ILE A 118 0.64 -5.20 16.98
CA ILE A 118 0.31 -6.65 17.16
C ILE A 118 0.41 -7.02 18.65
N ASP A 119 -0.33 -8.00 19.06
CA ASP A 119 -0.28 -8.41 20.49
C ASP A 119 -0.82 -9.83 20.65
N GLU A 120 0.06 -10.81 20.72
CA GLU A 120 -0.40 -12.21 20.87
C GLU A 120 0.80 -13.14 21.08
N LYS A 121 0.55 -14.41 21.26
CA LYS A 121 1.67 -15.36 21.47
C LYS A 121 2.10 -15.97 20.12
N VAL A 122 3.24 -15.58 19.63
CA VAL A 122 3.71 -16.14 18.32
C VAL A 122 4.24 -17.56 18.54
N ASN A 123 3.38 -18.54 18.40
CA ASN A 123 3.84 -19.95 18.60
C ASN A 123 4.29 -20.16 20.04
N GLY A 124 3.46 -19.81 20.99
CA GLY A 124 3.85 -19.98 22.41
C GLY A 124 4.87 -18.91 22.79
N LYS A 125 4.70 -17.72 22.28
CA LYS A 125 5.66 -16.63 22.62
C LYS A 125 4.94 -15.28 22.69
N PRO A 126 4.60 -14.89 23.89
CA PRO A 126 3.89 -13.60 24.08
C PRO A 126 4.68 -12.46 23.43
N PHE A 127 4.16 -11.90 22.38
CA PHE A 127 4.89 -10.79 21.69
C PHE A 127 4.06 -9.50 21.76
N LYS A 128 4.71 -8.36 21.72
CA LYS A 128 3.96 -7.08 21.77
C LYS A 128 4.53 -6.10 20.75
N TYR A 129 3.78 -5.78 19.73
CA TYR A 129 4.28 -4.82 18.70
C TYR A 129 3.42 -3.55 18.71
N ASP A 130 4.04 -2.41 18.79
CA ASP A 130 3.26 -1.13 18.81
C ASP A 130 4.20 0.06 18.60
N HIS A 131 4.48 0.40 17.38
CA HIS A 131 5.39 1.55 17.13
C HIS A 131 5.09 2.19 15.77
N HIS A 132 5.93 3.07 15.32
CA HIS A 132 5.70 3.73 14.00
C HIS A 132 6.85 3.42 13.04
N TYR A 133 6.58 3.34 11.77
CA TYR A 133 7.66 3.04 10.80
C TYR A 133 7.30 3.59 9.41
N ASN A 134 8.16 3.40 8.44
CA ASN A 134 7.85 3.91 7.08
C ASN A 134 8.53 3.04 6.02
N ILE A 135 8.22 3.26 4.77
CA ILE A 135 8.85 2.44 3.70
C ILE A 135 8.78 3.18 2.36
N THR A 136 9.48 2.69 1.37
CA THR A 136 9.45 3.36 0.04
C THR A 136 8.35 2.73 -0.83
N TYR A 137 7.38 3.50 -1.21
CA TYR A 137 6.28 2.94 -2.05
C TYR A 137 6.63 3.06 -3.54
N LYS A 138 6.97 1.97 -4.16
CA LYS A 138 7.33 2.01 -5.61
C LYS A 138 6.07 1.89 -6.47
N PHE A 139 6.14 2.30 -7.71
CA PHE A 139 4.96 2.22 -8.60
C PHE A 139 5.40 2.01 -10.05
N ASN A 140 4.60 1.35 -10.85
CA ASN A 140 4.98 1.12 -12.26
C ASN A 140 3.73 1.19 -13.16
N GLY A 141 3.49 2.33 -13.75
CA GLY A 141 2.30 2.48 -14.64
C GLY A 141 2.70 3.21 -15.92
N PRO A 142 1.84 4.10 -16.36
CA PRO A 142 2.13 4.88 -17.60
C PRO A 142 3.52 5.50 -17.53
N THR A 143 4.28 5.39 -18.58
CA THR A 143 5.65 5.98 -18.57
C THR A 143 6.06 6.43 -19.98
N ASP A 144 5.74 5.65 -20.97
CA ASP A 144 6.12 6.04 -22.37
C ASP A 144 4.86 6.15 -23.24
N VAL A 145 4.27 5.03 -23.58
CA VAL A 145 3.04 5.07 -24.44
C VAL A 145 3.33 5.81 -25.74
N ALA A 146 4.33 5.41 -26.46
CA ALA A 146 4.66 6.10 -27.75
C ALA A 146 3.75 5.59 -28.87
N GLY A 147 3.16 4.43 -28.69
CA GLY A 147 2.27 3.89 -29.75
C GLY A 147 0.95 4.67 -29.75
ZN ZNH B . 8.14 -5.13 11.47
CHA ZNH B . 11.10 -3.59 11.85
CHB ZNH B . 8.97 -7.22 14.01
CHC ZNH B . 5.37 -6.57 11.13
CHD ZNH B . 7.40 -3.00 8.95
NA ZNH B . 9.63 -5.34 12.61
C1A ZNH B . 10.84 -4.60 12.66
C2A ZNH B . 11.65 -5.09 13.63
C3A ZNH B . 11.06 -6.10 14.24
C4A ZNH B . 9.82 -6.29 13.65
CMA ZNH B . 11.63 -6.91 15.37
CAA ZNH B . 13.03 -4.56 13.98
CBA ZNH B . 14.01 -4.93 12.88
CGA ZNH B . 15.26 -5.51 13.50
O1A ZNH B . 15.76 -4.98 14.47
O2A ZNH B . 15.81 -6.62 12.98
NB ZNH B . 7.33 -6.61 12.39
C1B ZNH B . 7.78 -7.40 13.43
C2B ZNH B . 6.84 -8.36 13.76
C3B ZNH B . 5.79 -8.20 12.96
C4B ZNH B . 6.09 -7.08 12.06
CMB ZNH B . 6.97 -9.40 14.84
CAB ZNH B . 4.57 -9.02 12.96
CBB ZNH B . 3.73 -8.94 13.98
NC ZNH B . 6.67 -4.82 10.26
C1C ZNH B . 5.51 -5.61 10.29
C2C ZNH B . 4.68 -5.14 9.31
C3C ZNH B . 5.25 -4.11 8.67
C4C ZNH B . 6.48 -3.88 9.23
CMC ZNH B . 3.31 -5.70 9.01
CAC ZNH B . 4.65 -3.34 7.56
CBC ZNH B . 4.32 -3.96 6.43
ND ZNH B . 9.03 -3.67 10.63
C1D ZNH B . 8.57 -2.89 9.59
C2D ZNH B . 9.54 -1.89 9.23
C3D ZNH B . 10.57 -2.05 10.03
C4D ZNH B . 10.27 -3.15 10.91
CMD ZNH B . 9.40 -0.86 8.16
CAD ZNH B . 11.83 -1.23 10.03
CBD ZNH B . 13.00 -2.10 9.59
CGD ZNH B . 14.31 -1.41 9.95
O1D ZNH B . 14.51 -1.05 11.09
O2D ZNH B . 15.24 -1.19 9.01
HHA ZNH B . 12.05 -3.08 11.96
HHB ZNH B . 9.25 -7.89 14.82
HHC ZNH B . 4.41 -7.08 11.01
HHD ZNH B . 7.20 -2.29 8.13
HMA1 ZNH B . 12.71 -6.97 15.27
HMA2 ZNH B . 11.21 -7.92 15.34
HMA3 ZNH B . 11.37 -6.44 16.32
HAA1 ZNH B . 13.35 -4.99 14.93
HAA2 ZNH B . 12.98 -3.47 14.08
HBA1 ZNH B . 14.27 -4.04 12.31
HBA2 ZNH B . 13.56 -5.67 12.22
HMB1 ZNH B . 5.98 -9.74 15.15
HMB2 ZNH B . 7.48 -8.96 15.71
HMB3 ZNH B . 7.55 -10.24 14.47
HAB ZNH B . 4.25 -9.50 12.04
HBB1 ZNH B . 2.72 -9.37 13.89
HBB2 ZNH B . 3.95 -8.27 14.81
HMC1 ZNH B . 2.78 -5.91 9.94
HMC2 ZNH B . 3.42 -6.63 8.44
HMC3 ZNH B . 2.74 -4.98 8.42
HAC ZNH B . 4.46 -2.28 7.67
HBC1 ZNH B . 3.88 -3.40 5.61
HBC2 ZNH B . 4.50 -5.03 6.32
HMD1 ZNH B . 8.35 -0.73 7.90
HMD2 ZNH B . 9.95 -1.17 7.28
HMD3 ZNH B . 9.80 0.09 8.52
HAD1 ZNH B . 11.72 -0.39 9.34
HAD2 ZNH B . 12.02 -0.84 11.04
HBD1 ZNH B . 12.96 -2.25 8.52
HBD2 ZNH B . 12.96 -3.06 10.09
N SER A 22 -14.52 9.41 -22.49
CA SER A 22 -15.09 8.13 -22.98
C SER A 22 -14.07 7.40 -23.86
N ALA A 23 -14.51 6.44 -24.63
CA ALA A 23 -13.57 5.70 -25.51
C ALA A 23 -12.45 5.08 -24.67
N ASN A 24 -12.70 3.96 -24.04
CA ASN A 24 -11.65 3.31 -23.21
C ASN A 24 -11.25 4.23 -22.06
N ALA A 25 -12.10 5.16 -21.70
CA ALA A 25 -11.78 6.07 -20.58
C ALA A 25 -12.11 5.41 -19.24
N ALA A 26 -11.55 4.26 -18.97
CA ALA A 26 -11.84 3.56 -17.70
C ALA A 26 -11.13 4.25 -16.53
N ASP A 27 -9.95 4.78 -16.77
CA ASP A 27 -9.21 5.46 -15.67
C ASP A 27 -8.99 4.51 -14.50
N SER A 28 -8.90 3.23 -14.77
CA SER A 28 -8.70 2.25 -13.67
C SER A 28 -8.15 0.93 -14.22
N GLY A 29 -7.28 0.28 -13.50
CA GLY A 29 -6.71 -1.00 -13.99
C GLY A 29 -5.61 -1.48 -13.04
N THR A 30 -4.98 -2.58 -13.36
CA THR A 30 -3.89 -3.10 -12.47
C THR A 30 -2.55 -2.48 -12.86
N LEU A 31 -2.04 -1.60 -12.04
CA LEU A 31 -0.72 -0.95 -12.34
C LEU A 31 0.41 -1.71 -11.64
N ASN A 32 1.58 -1.72 -12.21
CA ASN A 32 2.71 -2.44 -11.56
C ASN A 32 3.28 -1.59 -10.42
N TYR A 33 3.64 -2.20 -9.32
CA TYR A 33 4.20 -1.42 -8.19
C TYR A 33 4.89 -2.34 -7.18
N GLU A 34 5.80 -1.81 -6.41
CA GLU A 34 6.51 -2.65 -5.40
C GLU A 34 7.04 -1.77 -4.27
N VAL A 35 7.76 -2.34 -3.35
CA VAL A 35 8.30 -1.52 -2.22
C VAL A 35 9.71 -1.98 -1.85
N TYR A 36 10.36 -1.27 -0.97
CA TYR A 36 11.75 -1.66 -0.56
C TYR A 36 12.00 -1.27 0.89
N LYS A 37 12.98 -1.86 1.51
CA LYS A 37 13.27 -1.53 2.93
C LYS A 37 13.78 -0.09 3.04
N TYR A 38 13.25 0.68 3.94
CA TYR A 38 13.71 2.09 4.08
C TYR A 38 15.23 2.12 4.34
N ASN A 39 15.90 3.13 3.82
CA ASN A 39 17.38 3.24 4.01
C ASN A 39 18.12 2.18 3.18
N THR A 40 17.41 1.39 2.41
CA THR A 40 18.10 0.36 1.57
C THR A 40 17.49 0.36 0.16
N ASN A 41 17.74 -0.66 -0.60
CA ASN A 41 17.18 -0.72 -1.98
C ASN A 41 16.53 -2.08 -2.23
N ASP A 42 16.29 -2.86 -1.20
CA ASP A 42 15.65 -4.18 -1.39
C ASP A 42 14.55 -4.40 -0.36
N THR A 43 13.42 -4.90 -0.77
CA THR A 43 12.31 -5.15 0.18
C THR A 43 12.70 -6.27 1.14
N SER A 44 12.49 -6.09 2.41
CA SER A 44 12.89 -7.16 3.38
C SER A 44 11.75 -7.53 4.34
N ILE A 45 10.75 -6.71 4.47
CA ILE A 45 9.64 -7.05 5.42
C ILE A 45 8.28 -6.73 4.79
N ALA A 46 8.07 -5.50 4.43
CA ALA A 46 6.76 -5.10 3.83
C ALA A 46 6.52 -5.80 2.48
N ASN A 47 7.51 -6.44 1.94
CA ASN A 47 7.33 -7.12 0.62
C ASN A 47 6.53 -8.42 0.78
N ASP A 48 6.45 -8.93 1.98
CA ASP A 48 5.69 -10.19 2.19
C ASP A 48 4.30 -9.91 2.80
N TYR A 49 3.86 -8.68 2.76
CA TYR A 49 2.53 -8.36 3.35
C TYR A 49 1.66 -7.58 2.35
N PHE A 50 2.15 -7.37 1.14
CA PHE A 50 1.35 -6.62 0.14
C PHE A 50 1.27 -7.41 -1.17
N ASN A 51 0.09 -7.80 -1.58
CA ASN A 51 -0.05 -8.57 -2.85
C ASN A 51 0.17 -7.66 -4.06
N LYS A 52 0.33 -8.23 -5.22
CA LYS A 52 0.55 -7.40 -6.45
C LYS A 52 -0.07 -8.11 -7.66
N PRO A 53 -0.31 -7.35 -8.70
CA PRO A 53 -0.02 -5.90 -8.70
C PRO A 53 -1.10 -5.12 -7.95
N ALA A 54 -1.01 -3.82 -7.95
CA ALA A 54 -2.04 -3.00 -7.24
C ALA A 54 -3.03 -2.41 -8.25
N LYS A 55 -4.11 -1.84 -7.78
CA LYS A 55 -5.11 -1.25 -8.72
C LYS A 55 -5.06 0.28 -8.69
N TYR A 56 -4.61 0.90 -9.76
CA TYR A 56 -4.55 2.38 -9.79
C TYR A 56 -5.78 2.94 -10.52
N ILE A 57 -6.03 4.21 -10.38
CA ILE A 57 -7.21 4.81 -11.06
C ILE A 57 -7.00 6.31 -11.29
N LYS A 58 -7.64 6.87 -12.28
CA LYS A 58 -7.48 8.33 -12.55
C LYS A 58 -8.85 8.99 -12.77
N LYS A 59 -8.88 10.29 -12.84
CA LYS A 59 -10.18 11.00 -13.04
C LYS A 59 -9.94 12.34 -13.74
N ASN A 60 -9.42 12.32 -14.94
CA ASN A 60 -9.17 13.59 -15.67
C ASN A 60 -8.40 14.58 -14.80
N GLY A 61 -7.10 14.46 -14.74
CA GLY A 61 -6.29 15.42 -13.93
C GLY A 61 -6.12 14.89 -12.49
N LYS A 62 -6.27 13.62 -12.30
CA LYS A 62 -6.12 13.07 -10.91
C LYS A 62 -6.02 11.54 -10.94
N LEU A 63 -5.56 10.95 -9.87
CA LEU A 63 -5.46 9.48 -9.84
C LEU A 63 -5.05 8.98 -8.46
N TYR A 64 -5.42 7.78 -8.14
CA TYR A 64 -5.10 7.20 -6.81
C TYR A 64 -4.69 5.74 -6.97
N VAL A 65 -4.84 4.95 -5.94
CA VAL A 65 -4.46 3.52 -6.05
C VAL A 65 -4.92 2.75 -4.82
N GLN A 66 -5.48 1.60 -5.02
CA GLN A 66 -5.93 0.78 -3.86
C GLN A 66 -4.90 -0.28 -3.53
N ILE A 67 -4.56 -0.43 -2.28
CA ILE A 67 -3.54 -1.45 -1.89
C ILE A 67 -4.19 -2.56 -1.05
N THR A 68 -3.80 -3.78 -1.27
CA THR A 68 -4.39 -4.90 -0.49
C THR A 68 -3.59 -5.12 0.79
N VAL A 69 -4.24 -5.19 1.92
CA VAL A 69 -3.51 -5.39 3.19
C VAL A 69 -3.64 -6.84 3.67
N ASN A 70 -2.56 -7.49 3.96
CA ASN A 70 -2.63 -8.91 4.44
C ASN A 70 -2.49 -8.97 5.97
N HIS A 71 -3.32 -9.73 6.62
CA HIS A 71 -3.22 -9.83 8.10
C HIS A 71 -3.29 -8.44 8.73
N SER A 72 -4.46 -8.01 9.13
CA SER A 72 -4.59 -6.66 9.75
C SER A 72 -4.03 -6.67 11.18
N HIS A 73 -4.07 -7.81 11.83
CA HIS A 73 -3.54 -7.89 13.22
C HIS A 73 -2.07 -7.43 13.26
N TRP A 74 -1.37 -7.58 12.17
CA TRP A 74 0.06 -7.16 12.15
C TRP A 74 0.18 -5.72 11.64
N ILE A 75 -0.41 -5.43 10.51
CA ILE A 75 -0.34 -4.04 9.97
C ILE A 75 -1.51 -3.23 10.52
N THR A 76 -1.21 -2.18 11.24
CA THR A 76 -2.30 -1.35 11.84
C THR A 76 -2.79 -0.27 10.85
N GLY A 77 -1.98 0.12 9.92
CA GLY A 77 -2.42 1.17 8.95
C GLY A 77 -1.32 1.44 7.92
N MET A 78 -1.57 2.35 7.02
CA MET A 78 -0.54 2.67 5.98
C MET A 78 -0.69 4.11 5.52
N SER A 79 0.32 4.65 4.89
CA SER A 79 0.23 6.06 4.42
C SER A 79 1.19 6.26 3.23
N ILE A 80 0.77 7.03 2.25
CA ILE A 80 1.66 7.27 1.07
C ILE A 80 1.65 8.75 0.68
N GLU A 81 2.79 9.27 0.30
CA GLU A 81 2.88 10.71 -0.10
C GLU A 81 2.73 11.64 1.11
N GLY A 82 2.59 11.11 2.30
CA GLY A 82 2.47 11.99 3.49
C GLY A 82 1.00 12.11 3.95
N HIS A 83 0.17 11.17 3.60
CA HIS A 83 -1.25 11.27 4.05
C HIS A 83 -1.75 9.90 4.52
N LYS A 84 -2.78 9.86 5.33
CA LYS A 84 -3.29 8.56 5.82
C LYS A 84 -3.99 7.79 4.68
N GLU A 85 -4.54 6.65 4.98
CA GLU A 85 -5.24 5.87 3.91
C GLU A 85 -6.75 5.87 4.16
N ASN A 86 -7.51 5.39 3.22
CA ASN A 86 -9.00 5.37 3.40
C ASN A 86 -9.50 3.93 3.44
N ILE A 87 -10.36 3.61 4.36
CA ILE A 87 -10.89 2.21 4.44
C ILE A 87 -11.79 1.94 3.23
N ILE A 88 -11.29 1.23 2.26
CA ILE A 88 -12.11 0.94 1.04
C ILE A 88 -12.79 -0.42 1.14
N SER A 89 -12.21 -1.33 1.89
CA SER A 89 -12.84 -2.67 2.01
C SER A 89 -12.18 -3.45 3.15
N LYS A 90 -12.83 -3.54 4.27
CA LYS A 90 -12.23 -4.28 5.42
C LYS A 90 -12.74 -5.72 5.45
N ASN A 91 -11.94 -6.63 5.92
CA ASN A 91 -12.39 -8.06 5.99
C ASN A 91 -11.86 -8.73 7.26
N THR A 92 -12.25 -8.24 8.40
CA THR A 92 -11.77 -8.84 9.68
C THR A 92 -12.07 -10.35 9.69
N ALA A 93 -13.13 -10.75 9.04
CA ALA A 93 -13.48 -12.20 9.02
C ALA A 93 -12.37 -13.00 8.33
N LYS A 94 -11.95 -12.57 7.17
CA LYS A 94 -10.86 -13.30 6.45
C LYS A 94 -9.50 -12.66 6.72
N ASP A 95 -9.43 -11.75 7.66
CA ASP A 95 -8.13 -11.10 7.97
C ASP A 95 -7.57 -10.40 6.73
N GLU A 96 -8.33 -9.51 6.15
CA GLU A 96 -7.86 -8.79 4.94
C GLU A 96 -8.42 -7.36 4.90
N ARG A 97 -7.80 -6.48 4.16
CA ARG A 97 -8.30 -5.08 4.08
C ARG A 97 -7.68 -4.37 2.87
N THR A 98 -8.26 -3.28 2.46
CA THR A 98 -7.70 -2.54 1.29
C THR A 98 -7.79 -1.03 1.54
N SER A 99 -6.92 -0.25 0.96
CA SER A 99 -6.99 1.22 1.18
C SER A 99 -6.57 1.98 -0.08
N GLU A 100 -7.20 3.09 -0.34
CA GLU A 100 -6.85 3.89 -1.56
C GLU A 100 -5.80 4.95 -1.19
N PHE A 101 -4.88 5.23 -2.07
CA PHE A 101 -3.84 6.26 -1.76
C PHE A 101 -3.80 7.33 -2.84
N GLU A 102 -3.53 8.55 -2.47
CA GLU A 102 -3.47 9.66 -3.47
C GLU A 102 -2.02 9.98 -3.80
N VAL A 103 -1.68 10.05 -5.07
CA VAL A 103 -0.28 10.37 -5.45
C VAL A 103 -0.26 11.12 -6.79
N SER A 104 0.73 11.97 -6.99
CA SER A 104 0.81 12.72 -8.27
C SER A 104 0.67 11.75 -9.45
N LYS A 105 1.27 10.59 -9.34
CA LYS A 105 1.16 9.59 -10.43
C LYS A 105 1.64 8.23 -9.92
N LEU A 106 2.04 7.35 -10.79
CA LEU A 106 2.51 6.01 -10.33
C LEU A 106 3.60 5.47 -11.26
N ASN A 107 4.72 6.15 -11.34
CA ASN A 107 5.82 5.68 -12.21
C ASN A 107 7.18 6.02 -11.59
N GLY A 108 7.46 5.46 -10.44
CA GLY A 108 8.77 5.76 -9.78
C GLY A 108 8.66 5.48 -8.28
N LYS A 109 9.73 5.68 -7.55
CA LYS A 109 9.68 5.42 -6.08
C LYS A 109 9.06 6.61 -5.34
N ILE A 110 8.34 6.35 -4.29
CA ILE A 110 7.71 7.45 -3.52
C ILE A 110 7.84 7.19 -2.02
N ASP A 111 7.93 8.23 -1.23
CA ASP A 111 8.07 8.04 0.24
C ASP A 111 6.73 7.63 0.85
N GLY A 112 6.69 6.49 1.49
CA GLY A 112 5.41 6.04 2.11
C GLY A 112 5.64 5.75 3.60
N LYS A 113 4.59 5.51 4.33
CA LYS A 113 4.74 5.22 5.79
C LYS A 113 3.67 4.23 6.24
N ILE A 114 3.88 3.57 7.34
CA ILE A 114 2.87 2.59 7.83
C ILE A 114 3.05 2.35 9.33
N ASP A 115 1.97 2.15 10.03
CA ASP A 115 2.07 1.91 11.49
C ASP A 115 1.78 0.44 11.78
N VAL A 116 2.24 -0.06 12.91
CA VAL A 116 1.99 -1.49 13.23
C VAL A 116 1.47 -1.60 14.67
N TYR A 117 0.69 -2.60 14.95
CA TYR A 117 0.16 -2.74 16.34
C TYR A 117 -0.11 -4.22 16.65
N ILE A 118 0.78 -4.86 17.36
CA ILE A 118 0.56 -6.29 17.71
C ILE A 118 0.76 -6.51 19.21
N ASP A 119 0.10 -7.49 19.76
CA ASP A 119 0.26 -7.75 21.22
C ASP A 119 -0.18 -9.18 21.54
N GLU A 120 0.75 -10.09 21.63
CA GLU A 120 0.38 -11.51 21.93
C GLU A 120 1.64 -12.35 22.13
N LYS A 121 1.48 -13.63 22.32
CA LYS A 121 2.65 -14.51 22.52
C LYS A 121 3.13 -15.07 21.17
N VAL A 122 4.21 -14.54 20.65
CA VAL A 122 4.73 -15.05 19.35
C VAL A 122 5.45 -16.38 19.54
N ASN A 123 4.76 -17.48 19.33
CA ASN A 123 5.41 -18.81 19.50
C ASN A 123 5.88 -18.98 20.95
N GLY A 124 5.05 -18.62 21.90
CA GLY A 124 5.44 -18.76 23.33
C GLY A 124 6.36 -17.60 23.73
N LYS A 125 6.18 -16.46 23.12
CA LYS A 125 7.03 -15.28 23.45
C LYS A 125 6.22 -13.99 23.35
N PRO A 126 5.91 -13.41 24.48
CA PRO A 126 5.13 -12.15 24.50
C PRO A 126 5.77 -11.12 23.58
N PHE A 127 5.17 -10.83 22.46
CA PHE A 127 5.75 -9.83 21.53
C PHE A 127 4.89 -8.56 21.49
N LYS A 128 5.46 -7.44 21.85
CA LYS A 128 4.68 -6.18 21.83
C LYS A 128 5.11 -5.30 20.67
N TYR A 129 4.23 -5.03 19.74
CA TYR A 129 4.61 -4.18 18.58
C TYR A 129 3.62 -3.00 18.44
N ASP A 130 4.11 -1.80 18.49
CA ASP A 130 3.19 -0.63 18.36
C ASP A 130 4.00 0.65 18.12
N HIS A 131 4.24 1.00 16.89
CA HIS A 131 5.03 2.23 16.59
C HIS A 131 4.66 2.77 15.21
N HIS A 132 5.45 3.67 14.69
CA HIS A 132 5.16 4.25 13.34
C HIS A 132 6.33 3.97 12.40
N TYR A 133 6.34 2.83 11.76
CA TYR A 133 7.44 2.50 10.82
C TYR A 133 7.15 3.07 9.43
N ASN A 134 8.03 2.85 8.49
CA ASN A 134 7.81 3.38 7.11
C ASN A 134 8.48 2.47 6.08
N ILE A 135 8.22 2.71 4.82
CA ILE A 135 8.85 1.86 3.76
C ILE A 135 8.90 2.63 2.43
N THR A 136 9.72 2.19 1.51
CA THR A 136 9.81 2.90 0.21
C THR A 136 8.84 2.29 -0.81
N TYR A 137 7.94 3.08 -1.33
CA TYR A 137 6.97 2.54 -2.33
C TYR A 137 7.54 2.70 -3.75
N LYS A 138 7.12 1.88 -4.67
CA LYS A 138 7.64 1.99 -6.05
C LYS A 138 6.54 1.67 -7.07
N PHE A 139 5.95 2.68 -7.65
CA PHE A 139 4.87 2.43 -8.66
C PHE A 139 5.48 2.37 -10.05
N ASN A 140 4.97 1.54 -10.91
CA ASN A 140 5.51 1.43 -12.29
C ASN A 140 4.38 1.44 -13.33
N GLY A 141 4.17 2.57 -13.95
CA GLY A 141 3.08 2.66 -14.98
C GLY A 141 3.30 3.90 -15.84
N PRO A 142 2.21 4.52 -16.21
CA PRO A 142 2.28 5.74 -17.06
C PRO A 142 3.00 6.88 -16.30
N THR A 143 3.85 7.61 -16.96
CA THR A 143 4.57 8.72 -16.28
C THR A 143 3.79 10.03 -16.45
N ASP A 144 3.45 10.37 -17.66
CA ASP A 144 2.68 11.63 -17.89
C ASP A 144 1.75 11.47 -19.10
N VAL A 145 2.27 10.97 -20.20
CA VAL A 145 1.41 10.80 -21.40
C VAL A 145 0.73 12.14 -21.77
N ALA A 146 -0.51 12.29 -21.46
CA ALA A 146 -1.21 13.57 -21.79
C ALA A 146 -2.44 13.75 -20.89
N GLY A 147 -3.17 12.69 -20.65
CA GLY A 147 -4.38 12.80 -19.79
C GLY A 147 -4.92 11.40 -19.47
ZN ZNH B . 8.33 -5.21 11.38
CHA ZNH B . 11.09 -3.31 11.64
CHB ZNH B . 9.50 -7.13 13.91
CHC ZNH B . 5.78 -7.01 11.12
CHD ZNH B . 7.25 -3.23 8.85
NA ZNH B . 9.87 -5.21 12.48
C1A ZNH B . 10.98 -4.32 12.47
C2A ZNH B . 11.89 -4.69 13.43
C3A ZNH B . 11.44 -5.75 14.06
C4A ZNH B . 10.23 -6.12 13.52
CMA ZNH B . 12.14 -6.47 15.19
CAA ZNH B . 13.19 -3.98 13.72
CBA ZNH B . 13.03 -3.09 14.95
CGA ZNH B . 14.11 -2.05 14.96
O1A ZNH B . 14.19 -1.26 14.04
O2A ZNH B . 14.98 -1.98 15.98
NB ZNH B . 7.76 -6.77 12.36
C1B ZNH B . 8.33 -7.48 13.39
C2B ZNH B . 7.54 -8.53 13.77
C3B ZNH B . 6.45 -8.53 13.01
C4B ZNH B . 6.57 -7.41 12.07
CMB ZNH B . 7.85 -9.52 14.87
CAB ZNH B . 5.36 -9.54 13.10
CBB ZNH B . 4.10 -9.18 12.86
NC ZNH B . 6.81 -5.11 10.22
C1C ZNH B . 5.77 -6.04 10.29
C2C ZNH B . 4.84 -5.69 9.35
C3C ZNH B . 5.25 -4.60 8.67
C4C ZNH B . 6.48 -4.22 9.18
CMC ZNH B . 3.54 -6.42 9.12
CAC ZNH B . 4.53 -3.93 7.58
CBC ZNH B . 4.26 -4.61 6.46
ND ZNH B . 9.00 -3.66 10.49
C1D ZNH B . 8.41 -2.97 9.45
C2D ZNH B . 9.25 -1.86 9.06
C3D ZNH B . 10.32 -1.86 9.82
C4D ZNH B . 10.18 -2.99 10.72
CMD ZNH B . 8.94 -0.87 7.97
CAD ZNH B . 11.46 -0.89 9.78
CBD ZNH B . 12.74 -1.63 9.35
CGD ZNH B . 13.88 -1.21 10.24
O1D ZNH B . 13.98 -0.06 10.59
O2D ZNH B . 14.79 -2.12 10.64
HHA ZNH B . 11.98 -2.68 11.71
HHB ZNH B . 9.90 -7.75 14.73
HHC ZNH B . 4.89 -7.63 11.03
HHD ZNH B . 6.95 -2.57 8.04
HMA1 ZNH B . 11.92 -5.96 16.13
HMA2 ZNH B . 13.21 -6.45 15.01
HMA3 ZNH B . 11.79 -7.50 15.23
HAA1 ZNH B . 13.47 -3.37 12.86
HAA2 ZNH B . 13.97 -4.72 13.91
HBA1 ZNH B . 13.10 -3.70 15.86
HBA2 ZNH B . 12.05 -2.60 14.92
HMB1 ZNH B . 6.93 -9.79 15.38
HMB2 ZNH B . 8.54 -9.07 15.57
HMB3 ZNH B . 8.29 -10.41 14.43
HAB ZNH B . 5.55 -10.49 13.58
HBB1 ZNH B . 3.29 -9.86 13.15
HBB2 ZNH B . 3.87 -8.15 12.60
HMC1 ZNH B . 3.11 -6.70 10.07
HMC2 ZNH B . 3.73 -7.31 8.52
HMC3 ZNH B . 2.85 -5.76 8.58
HAC ZNH B . 4.20 -2.91 7.69
HBC1 ZNH B . 3.71 -4.12 5.66
HBC2 ZNH B . 4.56 -5.65 6.36
HMD1 ZNH B . 7.90 -0.54 8.06
HMD2 ZNH B . 9.10 -1.34 7.00
HMD3 ZNH B . 9.60 0.00 8.07
HAD1 ZNH B . 11.24 -0.10 9.06
HAD2 ZNH B . 11.61 -0.45 10.76
HBD1 ZNH B . 12.97 -1.38 8.31
HBD2 ZNH B . 12.59 -2.70 9.44
N SER A 22 -20.30 -3.80 -19.83
CA SER A 22 -19.46 -2.68 -19.30
C SER A 22 -20.15 -1.33 -19.54
N ALA A 23 -19.72 -0.31 -18.86
CA ALA A 23 -20.35 1.03 -19.05
C ALA A 23 -19.28 2.12 -19.01
N ASN A 24 -18.52 2.27 -20.06
CA ASN A 24 -17.47 3.32 -20.07
C ASN A 24 -16.43 3.03 -18.99
N ALA A 25 -16.10 1.78 -18.80
CA ALA A 25 -15.10 1.42 -17.76
C ALA A 25 -13.68 1.76 -18.24
N ALA A 26 -13.00 2.63 -17.55
CA ALA A 26 -11.61 3.01 -17.98
C ALA A 26 -10.90 3.75 -16.84
N ASP A 27 -9.79 4.37 -17.13
CA ASP A 27 -9.06 5.11 -16.07
C ASP A 27 -8.82 4.21 -14.85
N SER A 28 -8.73 2.93 -15.05
CA SER A 28 -8.52 2.02 -13.90
C SER A 28 -7.95 0.67 -14.37
N GLY A 29 -7.04 0.11 -13.63
CA GLY A 29 -6.44 -1.19 -14.04
C GLY A 29 -5.35 -1.59 -13.04
N THR A 30 -4.75 -2.74 -13.24
CA THR A 30 -3.68 -3.18 -12.30
C THR A 30 -2.32 -2.64 -12.74
N LEU A 31 -1.76 -1.73 -12.00
CA LEU A 31 -0.43 -1.16 -12.36
C LEU A 31 0.68 -1.94 -11.65
N ASN A 32 1.86 -2.01 -12.23
CA ASN A 32 2.97 -2.75 -11.59
C ASN A 32 3.62 -1.92 -10.48
N TYR A 33 3.80 -2.49 -9.33
CA TYR A 33 4.43 -1.72 -8.21
C TYR A 33 4.87 -2.65 -7.08
N GLU A 34 5.79 -2.19 -6.28
CA GLU A 34 6.28 -3.01 -5.14
C GLU A 34 6.84 -2.08 -4.06
N VAL A 35 7.57 -2.61 -3.12
CA VAL A 35 8.14 -1.75 -2.05
C VAL A 35 9.55 -2.20 -1.69
N TYR A 36 10.22 -1.48 -0.84
CA TYR A 36 11.60 -1.87 -0.44
C TYR A 36 11.85 -1.43 1.00
N LYS A 37 12.87 -1.96 1.61
CA LYS A 37 13.17 -1.57 3.02
C LYS A 37 13.64 -0.11 3.07
N TYR A 38 13.05 0.70 3.91
CA TYR A 38 13.47 2.12 3.99
C TYR A 38 14.97 2.21 4.25
N ASN A 39 15.62 3.22 3.71
CA ASN A 39 17.08 3.39 3.90
C ASN A 39 17.87 2.33 3.11
N THR A 40 17.20 1.49 2.36
CA THR A 40 17.92 0.46 1.55
C THR A 40 17.33 0.40 0.14
N ASN A 41 17.58 -0.66 -0.58
CA ASN A 41 17.01 -0.77 -1.96
C ASN A 41 16.39 -2.16 -2.16
N ASP A 42 16.15 -2.88 -1.10
CA ASP A 42 15.54 -4.24 -1.24
C ASP A 42 14.42 -4.44 -0.21
N THR A 43 13.34 -5.04 -0.60
CA THR A 43 12.23 -5.27 0.36
C THR A 43 12.61 -6.39 1.33
N SER A 44 12.41 -6.20 2.61
CA SER A 44 12.81 -7.26 3.57
C SER A 44 11.66 -7.61 4.54
N ILE A 45 10.67 -6.76 4.63
CA ILE A 45 9.54 -7.08 5.57
C ILE A 45 8.20 -6.75 4.91
N ALA A 46 7.96 -5.50 4.62
CA ALA A 46 6.67 -5.08 4.00
C ALA A 46 6.42 -5.86 2.70
N ASN A 47 7.43 -6.46 2.13
CA ASN A 47 7.23 -7.22 0.86
C ASN A 47 6.39 -8.47 1.11
N ASP A 48 6.17 -8.84 2.35
CA ASP A 48 5.36 -10.05 2.63
C ASP A 48 3.93 -9.69 3.04
N TYR A 49 3.54 -8.45 2.85
CA TYR A 49 2.16 -8.05 3.24
C TYR A 49 1.52 -7.18 2.14
N PHE A 50 2.18 -7.03 1.02
CA PHE A 50 1.60 -6.20 -0.08
C PHE A 50 1.29 -7.08 -1.29
N ASN A 51 0.06 -7.48 -1.43
CA ASN A 51 -0.31 -8.34 -2.59
C ASN A 51 -0.29 -7.54 -3.89
N LYS A 52 0.74 -7.72 -4.69
CA LYS A 52 0.81 -6.97 -5.98
C LYS A 52 0.21 -7.81 -7.11
N PRO A 53 -0.07 -7.17 -8.22
CA PRO A 53 0.19 -5.72 -8.35
C PRO A 53 -0.91 -4.92 -7.66
N ALA A 54 -0.85 -3.61 -7.76
CA ALA A 54 -1.90 -2.77 -7.11
C ALA A 54 -2.89 -2.25 -8.15
N LYS A 55 -4.02 -1.76 -7.72
CA LYS A 55 -5.02 -1.25 -8.70
C LYS A 55 -4.97 0.28 -8.76
N TYR A 56 -4.49 0.82 -9.84
CA TYR A 56 -4.41 2.30 -9.97
C TYR A 56 -5.62 2.82 -10.74
N ILE A 57 -5.92 4.08 -10.63
CA ILE A 57 -7.11 4.63 -11.36
C ILE A 57 -6.91 6.13 -11.64
N LYS A 58 -7.53 6.63 -12.68
CA LYS A 58 -7.40 8.09 -13.00
C LYS A 58 -8.75 8.69 -13.35
N LYS A 59 -8.80 9.98 -13.54
CA LYS A 59 -10.09 10.64 -13.88
C LYS A 59 -9.82 11.99 -14.55
N ASN A 60 -9.18 12.00 -15.68
CA ASN A 60 -8.90 13.27 -16.39
C ASN A 60 -8.28 14.31 -15.44
N GLY A 61 -6.98 14.29 -15.30
CA GLY A 61 -6.31 15.28 -14.41
C GLY A 61 -6.26 14.77 -12.97
N LYS A 62 -6.28 13.48 -12.78
CA LYS A 62 -6.23 12.93 -11.39
C LYS A 62 -6.07 11.41 -11.41
N LEU A 63 -5.59 10.84 -10.33
CA LEU A 63 -5.45 9.37 -10.27
C LEU A 63 -5.03 8.90 -8.88
N TYR A 64 -5.43 7.72 -8.54
CA TYR A 64 -5.10 7.16 -7.20
C TYR A 64 -4.75 5.68 -7.33
N VAL A 65 -4.81 4.95 -6.26
CA VAL A 65 -4.50 3.49 -6.33
C VAL A 65 -4.92 2.78 -5.06
N GLN A 66 -5.41 1.58 -5.18
CA GLN A 66 -5.83 0.84 -3.97
C GLN A 66 -4.75 -0.19 -3.58
N ILE A 67 -4.43 -0.26 -2.32
CA ILE A 67 -3.38 -1.23 -1.87
C ILE A 67 -4.02 -2.30 -0.98
N THR A 68 -3.63 -3.53 -1.15
CA THR A 68 -4.22 -4.62 -0.31
C THR A 68 -3.42 -4.80 0.98
N VAL A 69 -4.08 -4.93 2.09
CA VAL A 69 -3.36 -5.12 3.38
C VAL A 69 -3.50 -6.56 3.87
N ASN A 70 -2.41 -7.24 4.09
CA ASN A 70 -2.49 -8.65 4.56
C ASN A 70 -2.25 -8.73 6.07
N HIS A 71 -2.94 -9.59 6.75
CA HIS A 71 -2.76 -9.71 8.23
C HIS A 71 -3.13 -8.38 8.90
N SER A 72 -4.39 -8.11 9.01
CA SER A 72 -4.83 -6.83 9.66
C SER A 72 -4.43 -6.81 11.14
N HIS A 73 -4.16 -7.96 11.70
CA HIS A 73 -3.76 -8.00 13.14
C HIS A 73 -2.34 -7.47 13.31
N TRP A 74 -1.43 -7.89 12.49
CA TRP A 74 -0.03 -7.40 12.61
C TRP A 74 0.09 -5.99 12.05
N ILE A 75 -0.53 -5.72 10.93
CA ILE A 75 -0.45 -4.35 10.35
C ILE A 75 -1.58 -3.49 10.93
N THR A 76 -1.22 -2.43 11.60
CA THR A 76 -2.26 -1.56 12.24
C THR A 76 -2.78 -0.53 11.23
N GLY A 77 -2.00 -0.20 10.23
CA GLY A 77 -2.48 0.81 9.24
C GLY A 77 -1.36 1.11 8.24
N MET A 78 -1.62 1.99 7.32
CA MET A 78 -0.59 2.34 6.29
C MET A 78 -0.80 3.78 5.82
N SER A 79 0.22 4.40 5.28
CA SER A 79 0.06 5.80 4.80
C SER A 79 1.07 6.10 3.69
N ILE A 80 0.76 7.04 2.84
CA ILE A 80 1.70 7.37 1.73
C ILE A 80 1.71 8.88 1.49
N GLU A 81 2.78 9.40 0.94
CA GLU A 81 2.83 10.86 0.68
C GLU A 81 2.66 11.66 1.98
N GLY A 82 2.82 11.03 3.11
CA GLY A 82 2.68 11.76 4.40
C GLY A 82 1.19 11.88 4.78
N HIS A 83 0.35 11.03 4.27
CA HIS A 83 -1.09 11.11 4.63
C HIS A 83 -1.65 9.71 4.93
N LYS A 84 -2.72 9.65 5.69
CA LYS A 84 -3.31 8.32 6.04
C LYS A 84 -4.00 7.70 4.82
N GLU A 85 -4.54 6.52 4.99
CA GLU A 85 -5.22 5.85 3.85
C GLU A 85 -6.74 5.85 4.07
N ASN A 86 -7.50 5.54 3.06
CA ASN A 86 -8.99 5.52 3.21
C ASN A 86 -9.49 4.08 3.27
N ILE A 87 -10.31 3.76 4.23
CA ILE A 87 -10.84 2.37 4.32
C ILE A 87 -11.78 2.08 3.16
N ILE A 88 -11.31 1.37 2.17
CA ILE A 88 -12.18 1.06 0.99
C ILE A 88 -12.85 -0.31 1.15
N SER A 89 -12.24 -1.20 1.88
CA SER A 89 -12.85 -2.55 2.06
C SER A 89 -12.14 -3.29 3.18
N LYS A 90 -12.70 -3.30 4.35
CA LYS A 90 -12.05 -4.01 5.49
C LYS A 90 -12.63 -5.42 5.63
N ASN A 91 -11.90 -6.41 5.21
CA ASN A 91 -12.41 -7.81 5.32
C ASN A 91 -11.86 -8.47 6.59
N THR A 92 -12.61 -8.44 7.65
CA THR A 92 -12.13 -9.07 8.92
C THR A 92 -12.22 -10.60 8.81
N ALA A 93 -13.16 -11.09 8.05
CA ALA A 93 -13.31 -12.57 7.91
C ALA A 93 -12.06 -13.17 7.26
N LYS A 94 -11.55 -12.56 6.22
CA LYS A 94 -10.33 -13.09 5.55
C LYS A 94 -9.08 -12.39 6.08
N ASP A 95 -9.18 -11.69 7.17
CA ASP A 95 -7.98 -11.00 7.73
C ASP A 95 -7.29 -10.18 6.63
N GLU A 96 -8.00 -9.28 6.01
CA GLU A 96 -7.38 -8.45 4.94
C GLU A 96 -7.98 -7.04 4.93
N ARG A 97 -7.59 -6.22 4.01
CA ARG A 97 -8.12 -4.84 3.94
C ARG A 97 -7.57 -4.11 2.72
N THR A 98 -8.19 -3.04 2.32
CA THR A 98 -7.68 -2.28 1.14
C THR A 98 -7.85 -0.78 1.37
N SER A 99 -7.01 0.03 0.80
CA SER A 99 -7.15 1.50 1.00
C SER A 99 -6.72 2.26 -0.26
N GLU A 100 -7.32 3.40 -0.51
CA GLU A 100 -6.96 4.18 -1.72
C GLU A 100 -5.88 5.21 -1.36
N PHE A 101 -4.99 5.51 -2.28
CA PHE A 101 -3.93 6.50 -1.97
C PHE A 101 -3.82 7.55 -3.09
N GLU A 102 -3.53 8.78 -2.75
CA GLU A 102 -3.40 9.84 -3.78
C GLU A 102 -1.91 10.07 -4.09
N VAL A 103 -1.54 10.03 -5.34
CA VAL A 103 -0.11 10.23 -5.68
C VAL A 103 0.04 10.89 -7.05
N SER A 104 1.01 11.76 -7.21
CA SER A 104 1.22 12.41 -8.53
C SER A 104 1.54 11.33 -9.57
N LYS A 105 0.65 11.13 -10.52
CA LYS A 105 0.88 10.07 -11.54
C LYS A 105 1.33 8.77 -10.86
N LEU A 106 1.89 7.85 -11.59
CA LEU A 106 2.34 6.57 -10.95
C LEU A 106 3.52 5.97 -11.71
N ASN A 107 4.64 6.65 -11.73
CA ASN A 107 5.83 6.11 -12.45
C ASN A 107 7.11 6.51 -11.72
N GLY A 108 7.25 6.12 -10.47
CA GLY A 108 8.48 6.49 -9.71
C GLY A 108 8.35 6.04 -8.26
N LYS A 109 9.41 6.12 -7.50
CA LYS A 109 9.35 5.70 -6.07
C LYS A 109 8.76 6.82 -5.21
N ILE A 110 8.05 6.46 -4.17
CA ILE A 110 7.44 7.51 -3.29
C ILE A 110 7.65 7.13 -1.82
N ASP A 111 7.93 8.10 -0.98
CA ASP A 111 8.15 7.80 0.45
C ASP A 111 6.80 7.54 1.15
N GLY A 112 6.56 6.33 1.57
CA GLY A 112 5.27 6.03 2.25
C GLY A 112 5.53 5.74 3.73
N LYS A 113 4.50 5.48 4.48
CA LYS A 113 4.69 5.19 5.93
C LYS A 113 3.66 4.15 6.39
N ILE A 114 3.90 3.51 7.50
CA ILE A 114 2.92 2.49 7.98
C ILE A 114 3.08 2.29 9.49
N ASP A 115 1.98 2.13 10.18
CA ASP A 115 2.05 1.92 11.65
C ASP A 115 1.77 0.44 11.97
N VAL A 116 2.31 -0.05 13.05
CA VAL A 116 2.07 -1.48 13.41
C VAL A 116 1.57 -1.60 14.85
N TYR A 117 0.81 -2.62 15.13
CA TYR A 117 0.31 -2.79 16.52
C TYR A 117 0.08 -4.27 16.85
N ILE A 118 0.99 -4.88 17.54
CA ILE A 118 0.83 -6.33 17.89
C ILE A 118 1.00 -6.52 19.40
N ASP A 119 0.39 -7.52 19.94
CA ASP A 119 0.50 -7.77 21.41
C ASP A 119 0.15 -9.22 21.73
N GLU A 120 1.14 -10.06 21.89
CA GLU A 120 0.85 -11.49 22.20
C GLU A 120 2.16 -12.23 22.49
N LYS A 121 2.18 -13.52 22.25
CA LYS A 121 3.41 -14.32 22.51
C LYS A 121 4.16 -14.59 21.20
N VAL A 122 5.37 -15.04 21.30
CA VAL A 122 6.18 -15.35 20.09
C VAL A 122 7.29 -16.34 20.47
N ASN A 123 7.23 -17.53 19.94
CA ASN A 123 8.27 -18.54 20.29
C ASN A 123 8.31 -18.75 21.80
N GLY A 124 7.22 -18.49 22.48
CA GLY A 124 7.19 -18.67 23.96
C GLY A 124 7.70 -17.41 24.65
N LYS A 125 7.39 -16.26 24.12
CA LYS A 125 7.87 -15.00 24.76
C LYS A 125 6.85 -13.88 24.53
N PRO A 126 6.74 -13.01 25.50
CA PRO A 126 5.80 -11.86 25.39
C PRO A 126 6.27 -10.90 24.30
N PHE A 127 5.40 -10.52 23.41
CA PHE A 127 5.81 -9.60 22.31
C PHE A 127 5.04 -8.27 22.42
N LYS A 128 5.71 -7.17 22.17
CA LYS A 128 5.02 -5.85 22.25
C LYS A 128 5.42 -4.98 21.06
N TYR A 129 4.54 -4.83 20.10
CA TYR A 129 4.88 -3.99 18.91
C TYR A 129 3.88 -2.84 18.78
N ASP A 130 4.37 -1.64 18.65
CA ASP A 130 3.45 -0.47 18.52
C ASP A 130 4.24 0.79 18.15
N HIS A 131 4.43 1.02 16.88
CA HIS A 131 5.20 2.23 16.45
C HIS A 131 4.76 2.68 15.06
N HIS A 132 5.42 3.67 14.51
CA HIS A 132 5.04 4.14 13.15
C HIS A 132 6.22 3.98 12.18
N TYR A 133 6.38 2.82 11.61
CA TYR A 133 7.51 2.60 10.66
C TYR A 133 7.09 3.04 9.25
N ASN A 134 7.97 2.88 8.29
CA ASN A 134 7.62 3.29 6.90
C ASN A 134 8.38 2.43 5.88
N ILE A 135 8.15 2.65 4.61
CA ILE A 135 8.86 1.84 3.58
C ILE A 135 8.92 2.60 2.25
N THR A 136 9.69 2.12 1.32
CA THR A 136 9.80 2.81 0.00
C THR A 136 8.79 2.24 -1.00
N TYR A 137 7.89 3.07 -1.49
CA TYR A 137 6.89 2.58 -2.47
C TYR A 137 7.43 2.76 -3.90
N LYS A 138 6.84 2.09 -4.86
CA LYS A 138 7.34 2.23 -6.27
C LYS A 138 6.21 1.91 -7.26
N PHE A 139 5.58 2.91 -7.80
CA PHE A 139 4.48 2.65 -8.79
C PHE A 139 5.03 2.64 -10.21
N ASN A 140 4.41 1.89 -11.09
CA ASN A 140 4.90 1.84 -12.49
C ASN A 140 3.72 1.79 -13.47
N GLY A 141 3.44 2.89 -14.13
CA GLY A 141 2.31 2.92 -15.10
C GLY A 141 2.53 4.05 -16.11
N PRO A 142 1.45 4.64 -16.56
CA PRO A 142 1.54 5.75 -17.53
C PRO A 142 2.38 6.90 -16.97
N THR A 143 2.42 8.01 -17.65
CA THR A 143 3.21 9.17 -17.17
C THR A 143 2.57 10.48 -17.63
N ASP A 144 2.42 10.66 -18.92
CA ASP A 144 1.80 11.91 -19.43
C ASP A 144 1.49 11.77 -20.93
N VAL A 145 2.50 11.59 -21.74
CA VAL A 145 2.27 11.45 -23.21
C VAL A 145 1.49 12.66 -23.74
N ALA A 146 1.90 13.85 -23.37
CA ALA A 146 1.19 15.06 -23.87
C ALA A 146 1.69 15.43 -25.27
N GLY A 147 0.84 15.34 -26.25
CA GLY A 147 1.25 15.68 -27.64
C GLY A 147 2.31 14.67 -28.11
ZN ZNH B . 8.37 -4.98 11.41
CHA ZNH B . 11.16 -3.10 11.43
CHB ZNH B . 9.64 -6.76 14.01
CHC ZNH B . 5.78 -6.76 11.38
CHD ZNH B . 7.21 -3.15 8.81
NA ZNH B . 9.96 -4.94 12.44
C1A ZNH B . 11.09 -4.06 12.32
C2A ZNH B . 12.04 -4.38 13.27
C3A ZNH B . 11.60 -5.40 13.98
C4A ZNH B . 10.35 -5.78 13.52
CMA ZNH B . 12.34 -6.04 15.12
CAA ZNH B . 13.35 -3.68 13.45
CBA ZNH B . 13.25 -2.70 14.62
CGA ZNH B . 13.90 -1.39 14.23
O1A ZNH B . 13.22 -0.42 14.02
O2A ZNH B . 15.24 -1.32 14.12
NB ZNH B . 7.82 -6.46 12.51
C1B ZNH B . 8.44 -7.12 13.56
C2B ZNH B . 7.65 -8.13 14.04
C3B ZNH B . 6.53 -8.17 13.33
C4B ZNH B . 6.62 -7.10 12.32
CMB ZNH B . 8.00 -9.06 15.18
CAB ZNH B . 5.42 -9.13 13.53
CBB ZNH B . 4.16 -8.78 13.34
NC ZNH B . 6.81 -4.93 10.31
C1C ZNH B . 5.75 -5.84 10.49
C2C ZNH B . 4.78 -5.52 9.56
C3C ZNH B . 5.18 -4.50 8.81
C4C ZNH B . 6.44 -4.09 9.23
CMC ZNH B . 3.47 -6.24 9.43
CAC ZNH B . 4.43 -3.89 7.69
CBC ZNH B . 4.18 -4.61 6.60
ND ZNH B . 9.03 -3.51 10.40
C1D ZNH B . 8.40 -2.86 9.34
C2D ZNH B . 9.23 -1.79 8.85
C3D ZNH B . 10.33 -1.77 9.56
C4D ZNH B . 10.23 -2.83 10.53
CMD ZNH B . 8.90 -0.86 7.71
CAD ZNH B . 11.49 -0.82 9.40
CBD ZNH B . 11.41 0.26 10.48
CGD ZNH B . 12.06 1.52 9.99
O1D ZNH B . 11.75 1.99 8.92
O2D ZNH B . 13.00 2.12 10.73
HHA ZNH B . 12.07 -2.49 11.42
HHB ZNH B . 10.06 -7.32 14.84
HHC ZNH B . 4.89 -7.37 11.37
HHD ZNH B . 6.88 -2.53 7.98
HMA1 ZNH B . 13.11 -6.71 14.73
HMA2 ZNH B . 11.64 -6.62 15.72
HMA3 ZNH B . 12.80 -5.28 15.74
HAA1 ZNH B . 13.61 -3.15 12.53
HAA2 ZNH B . 14.12 -4.42 13.66
HBA1 ZNH B . 13.76 -3.12 15.48
HBA2 ZNH B . 12.21 -2.53 14.85
HMB1 ZNH B . 7.09 -9.53 15.55
HMB2 ZNH B . 8.47 -8.49 15.97
HMB3 ZNH B . 8.68 -9.82 14.82
HAB ZNH B . 5.63 -10.07 14.06
HBB1 ZNH B . 3.36 -9.42 13.70
HBB2 ZNH B . 3.93 -7.76 13.01
HMC1 ZNH B . 3.06 -6.45 10.42
HMC2 ZNH B . 3.62 -7.18 8.89
HMC3 ZNH B . 2.77 -5.63 8.87
HAC ZNH B . 4.13 -2.84 7.74
HBC1 ZNH B . 3.68 -4.14 5.74
HBC2 ZNH B . 4.53 -5.63 6.52
HMD1 ZNH B . 8.55 0.09 8.11
HMD2 ZNH B . 8.11 -1.31 7.09
HMD3 ZNH B . 9.78 -0.71 7.10
HAD1 ZNH B . 12.42 -1.36 9.50
HAD2 ZNH B . 11.43 -0.35 8.41
HBD1 ZNH B . 11.92 -0.10 11.38
HBD2 ZNH B . 10.36 0.46 10.71
N SER A 22 -18.62 6.16 -20.15
CA SER A 22 -18.72 7.52 -19.54
C SER A 22 -19.54 7.47 -18.26
N ALA A 23 -19.45 6.40 -17.51
CA ALA A 23 -20.23 6.29 -16.25
C ALA A 23 -19.54 5.33 -15.28
N ASN A 24 -18.63 5.85 -14.49
CA ASN A 24 -17.92 4.96 -13.52
C ASN A 24 -17.15 3.88 -14.26
N ALA A 25 -16.75 4.16 -15.48
CA ALA A 25 -16.00 3.14 -16.27
C ALA A 25 -14.58 3.63 -16.54
N ALA A 26 -13.77 2.83 -17.19
CA ALA A 26 -12.37 3.23 -17.50
C ALA A 26 -11.71 3.91 -16.29
N ASP A 27 -10.62 4.59 -16.51
CA ASP A 27 -9.93 5.27 -15.37
C ASP A 27 -9.60 4.27 -14.27
N SER A 28 -9.35 3.04 -14.60
CA SER A 28 -9.03 2.06 -13.54
C SER A 28 -8.32 0.83 -14.13
N GLY A 29 -7.56 0.13 -13.33
CA GLY A 29 -6.85 -1.07 -13.84
C GLY A 29 -5.75 -1.49 -12.85
N THR A 30 -5.14 -2.62 -13.07
CA THR A 30 -4.06 -3.08 -12.14
C THR A 30 -2.68 -2.59 -12.61
N LEU A 31 -2.10 -1.64 -11.94
CA LEU A 31 -0.76 -1.14 -12.37
C LEU A 31 0.34 -1.84 -11.59
N ASN A 32 1.54 -1.87 -12.12
CA ASN A 32 2.66 -2.53 -11.40
C ASN A 32 3.23 -1.60 -10.32
N TYR A 33 3.63 -2.14 -9.20
CA TYR A 33 4.19 -1.28 -8.12
C TYR A 33 4.89 -2.14 -7.07
N GLU A 34 5.81 -1.57 -6.34
CA GLU A 34 6.54 -2.38 -5.31
C GLU A 34 7.09 -1.46 -4.21
N VAL A 35 7.76 -2.02 -3.24
CA VAL A 35 8.34 -1.20 -2.15
C VAL A 35 9.73 -1.69 -1.77
N TYR A 36 10.45 -0.96 -0.97
CA TYR A 36 11.82 -1.40 -0.57
C TYR A 36 12.12 -0.95 0.86
N LYS A 37 13.07 -1.57 1.50
CA LYS A 37 13.42 -1.17 2.90
C LYS A 37 14.06 0.22 2.88
N TYR A 38 13.82 0.99 3.91
CA TYR A 38 14.42 2.37 3.95
C TYR A 38 15.93 2.28 4.16
N ASN A 39 16.68 3.13 3.51
CA ASN A 39 18.16 3.10 3.66
C ASN A 39 18.71 1.74 3.20
N THR A 40 18.01 1.08 2.31
CA THR A 40 18.49 -0.24 1.81
C THR A 40 18.41 -0.29 0.29
N ASN A 41 18.28 -1.46 -0.26
CA ASN A 41 18.20 -1.57 -1.74
C ASN A 41 16.96 -2.37 -2.16
N ASP A 42 16.50 -3.28 -1.34
CA ASP A 42 15.30 -4.08 -1.69
C ASP A 42 14.33 -4.16 -0.52
N THR A 43 13.17 -4.72 -0.75
CA THR A 43 12.17 -4.85 0.34
C THR A 43 12.59 -5.99 1.28
N SER A 44 12.39 -5.83 2.55
CA SER A 44 12.81 -6.91 3.49
C SER A 44 11.67 -7.30 4.45
N ILE A 45 10.67 -6.48 4.62
CA ILE A 45 9.57 -6.85 5.55
C ILE A 45 8.21 -6.51 4.94
N ALA A 46 7.91 -5.24 4.85
CA ALA A 46 6.59 -4.81 4.29
C ALA A 46 6.28 -5.55 2.98
N ASN A 47 7.28 -6.01 2.28
CA ASN A 47 7.03 -6.73 1.00
C ASN A 47 6.30 -8.07 1.24
N ASP A 48 6.28 -8.52 2.48
CA ASP A 48 5.60 -9.82 2.76
C ASP A 48 4.12 -9.60 3.08
N TYR A 49 3.70 -8.38 3.27
CA TYR A 49 2.26 -8.12 3.57
C TYR A 49 1.63 -7.23 2.49
N PHE A 50 2.34 -6.97 1.42
CA PHE A 50 1.76 -6.11 0.35
C PHE A 50 1.47 -6.94 -0.90
N ASN A 51 0.22 -7.20 -1.18
CA ASN A 51 -0.13 -8.00 -2.38
C ASN A 51 0.09 -7.18 -3.65
N LYS A 52 0.35 -7.82 -4.75
CA LYS A 52 0.57 -7.06 -6.02
C LYS A 52 0.05 -7.87 -7.22
N PRO A 53 -0.21 -7.20 -8.30
CA PRO A 53 -0.01 -5.73 -8.37
C PRO A 53 -1.17 -4.99 -7.70
N ALA A 54 -1.17 -3.68 -7.75
CA ALA A 54 -2.27 -2.91 -7.11
C ALA A 54 -3.24 -2.38 -8.18
N LYS A 55 -4.32 -1.79 -7.77
CA LYS A 55 -5.30 -1.25 -8.76
C LYS A 55 -5.18 0.26 -8.86
N TYR A 56 -4.88 0.77 -10.02
CA TYR A 56 -4.76 2.25 -10.19
C TYR A 56 -6.06 2.83 -10.74
N ILE A 57 -6.29 4.09 -10.56
CA ILE A 57 -7.55 4.70 -11.10
C ILE A 57 -7.36 6.21 -11.32
N LYS A 58 -7.41 6.66 -12.55
CA LYS A 58 -7.23 8.13 -12.82
C LYS A 58 -8.38 8.66 -13.69
N LYS A 59 -9.01 9.71 -13.25
CA LYS A 59 -10.14 10.29 -14.05
C LYS A 59 -9.67 11.58 -14.75
N ASN A 60 -8.71 11.48 -15.62
CA ASN A 60 -8.21 12.69 -16.34
C ASN A 60 -7.97 13.86 -15.37
N GLY A 61 -6.74 14.06 -14.96
CA GLY A 61 -6.45 15.20 -14.03
C GLY A 61 -6.31 14.67 -12.60
N LYS A 62 -6.69 13.44 -12.34
CA LYS A 62 -6.56 12.89 -10.96
C LYS A 62 -6.22 11.41 -11.01
N LEU A 63 -5.74 10.85 -9.93
CA LEU A 63 -5.40 9.41 -9.93
C LEU A 63 -5.13 8.90 -8.52
N TYR A 64 -5.51 7.68 -8.27
CA TYR A 64 -5.30 7.09 -6.91
C TYR A 64 -4.86 5.63 -7.07
N VAL A 65 -4.99 4.85 -6.04
CA VAL A 65 -4.57 3.43 -6.15
C VAL A 65 -5.03 2.64 -4.91
N GLN A 66 -5.68 1.54 -5.11
CA GLN A 66 -6.14 0.73 -3.96
C GLN A 66 -5.13 -0.36 -3.65
N ILE A 67 -4.66 -0.44 -2.44
CA ILE A 67 -3.65 -1.48 -2.09
C ILE A 67 -4.28 -2.56 -1.22
N THR A 68 -3.95 -3.80 -1.46
CA THR A 68 -4.52 -4.89 -0.64
C THR A 68 -3.63 -5.13 0.58
N VAL A 69 -4.22 -5.40 1.72
CA VAL A 69 -3.40 -5.62 2.95
C VAL A 69 -3.63 -7.03 3.50
N ASN A 70 -2.57 -7.70 3.88
CA ASN A 70 -2.73 -9.08 4.44
C ASN A 70 -2.61 -9.03 5.96
N HIS A 71 -3.53 -9.65 6.65
CA HIS A 71 -3.47 -9.63 8.14
C HIS A 71 -3.43 -8.20 8.66
N SER A 72 -4.54 -7.70 9.13
CA SER A 72 -4.58 -6.29 9.65
C SER A 72 -3.85 -6.20 10.98
N HIS A 73 -3.87 -7.24 11.77
CA HIS A 73 -3.17 -7.20 13.08
C HIS A 73 -1.71 -6.79 12.89
N TRP A 74 -0.95 -7.55 12.13
CA TRP A 74 0.48 -7.20 11.90
C TRP A 74 0.60 -5.75 11.41
N ILE A 75 0.11 -5.47 10.22
CA ILE A 75 0.20 -4.08 9.69
C ILE A 75 -1.02 -3.28 10.14
N THR A 76 -0.82 -2.23 10.88
CA THR A 76 -1.97 -1.41 11.37
C THR A 76 -2.37 -0.34 10.35
N GLY A 77 -1.47 0.10 9.50
CA GLY A 77 -1.85 1.16 8.51
C GLY A 77 -0.70 1.41 7.53
N MET A 78 -0.93 2.24 6.56
CA MET A 78 0.14 2.56 5.55
C MET A 78 -0.05 3.98 5.01
N SER A 79 0.85 4.88 5.33
CA SER A 79 0.72 6.27 4.81
C SER A 79 1.38 6.36 3.44
N ILE A 80 1.03 7.36 2.66
CA ILE A 80 1.63 7.49 1.31
C ILE A 80 1.68 8.97 0.89
N GLU A 81 2.84 9.48 0.58
CA GLU A 81 2.97 10.90 0.15
C GLU A 81 2.73 11.87 1.33
N GLY A 82 2.51 11.36 2.51
CA GLY A 82 2.30 12.28 3.68
C GLY A 82 0.82 12.30 4.10
N HIS A 83 0.06 11.30 3.73
CA HIS A 83 -1.38 11.30 4.15
C HIS A 83 -1.78 9.90 4.64
N LYS A 84 -2.81 9.81 5.44
CA LYS A 84 -3.24 8.48 5.95
C LYS A 84 -3.88 7.66 4.82
N GLU A 85 -4.47 6.54 5.17
CA GLU A 85 -5.11 5.70 4.12
C GLU A 85 -6.64 5.72 4.28
N ASN A 86 -7.34 5.19 3.34
CA ASN A 86 -8.84 5.18 3.43
C ASN A 86 -9.37 3.75 3.46
N ILE A 87 -10.07 3.38 4.49
CA ILE A 87 -10.61 1.99 4.55
C ILE A 87 -11.68 1.81 3.47
N ILE A 88 -11.33 1.14 2.40
CA ILE A 88 -12.31 0.94 1.29
C ILE A 88 -13.04 -0.38 1.45
N SER A 89 -12.42 -1.35 2.07
CA SER A 89 -13.08 -2.67 2.24
C SER A 89 -12.32 -3.51 3.26
N LYS A 90 -12.78 -3.54 4.48
CA LYS A 90 -12.09 -4.32 5.53
C LYS A 90 -12.74 -5.69 5.68
N ASN A 91 -12.10 -6.73 5.21
CA ASN A 91 -12.69 -8.09 5.33
C ASN A 91 -12.10 -8.80 6.55
N THR A 92 -12.78 -8.74 7.67
CA THR A 92 -12.26 -9.42 8.89
C THR A 92 -12.46 -10.93 8.79
N ALA A 93 -13.42 -11.36 8.03
CA ALA A 93 -13.66 -12.83 7.89
C ALA A 93 -12.44 -13.50 7.25
N LYS A 94 -11.94 -12.97 6.18
CA LYS A 94 -10.75 -13.58 5.52
C LYS A 94 -9.47 -12.87 5.97
N ASP A 95 -9.54 -12.09 7.02
CA ASP A 95 -8.32 -11.38 7.50
C ASP A 95 -7.68 -10.60 6.35
N GLU A 96 -8.37 -9.63 5.81
CA GLU A 96 -7.79 -8.84 4.69
C GLU A 96 -8.31 -7.40 4.72
N ARG A 97 -7.80 -6.56 3.88
CA ARG A 97 -8.25 -5.14 3.87
C ARG A 97 -7.71 -4.41 2.64
N THR A 98 -8.25 -3.26 2.33
CA THR A 98 -7.77 -2.50 1.15
C THR A 98 -7.82 -1.00 1.43
N SER A 99 -6.97 -0.23 0.81
CA SER A 99 -6.98 1.24 1.07
C SER A 99 -6.64 2.02 -0.21
N GLU A 100 -7.31 3.12 -0.44
CA GLU A 100 -7.03 3.93 -1.65
C GLU A 100 -6.03 5.05 -1.32
N PHE A 101 -5.12 5.34 -2.21
CA PHE A 101 -4.12 6.41 -1.93
C PHE A 101 -4.01 7.38 -3.12
N GLU A 102 -3.79 8.63 -2.85
CA GLU A 102 -3.66 9.63 -3.96
C GLU A 102 -2.18 9.99 -4.14
N VAL A 103 -1.70 9.96 -5.35
CA VAL A 103 -0.26 10.28 -5.58
C VAL A 103 -0.05 10.89 -6.97
N SER A 104 0.93 11.73 -7.12
CA SER A 104 1.19 12.33 -8.46
C SER A 104 1.64 11.22 -9.43
N LYS A 105 0.84 10.92 -10.41
CA LYS A 105 1.22 9.83 -11.36
C LYS A 105 1.57 8.57 -10.57
N LEU A 106 1.95 7.52 -11.23
CA LEU A 106 2.28 6.26 -10.50
C LEU A 106 3.35 5.44 -11.25
N ASN A 107 4.48 6.04 -11.49
CA ASN A 107 5.57 5.29 -12.21
C ASN A 107 6.93 5.72 -11.66
N GLY A 108 7.16 5.56 -10.38
CA GLY A 108 8.47 5.96 -9.80
C GLY A 108 8.47 5.69 -8.29
N LYS A 109 9.59 5.89 -7.64
CA LYS A 109 9.64 5.64 -6.18
C LYS A 109 9.10 6.85 -5.40
N ILE A 110 8.38 6.61 -4.33
CA ILE A 110 7.83 7.73 -3.53
C ILE A 110 7.99 7.43 -2.03
N ASP A 111 8.12 8.45 -1.23
CA ASP A 111 8.29 8.22 0.24
C ASP A 111 6.97 7.83 0.88
N GLY A 112 6.94 6.73 1.60
CA GLY A 112 5.67 6.30 2.25
C GLY A 112 5.97 5.93 3.70
N LYS A 113 4.95 5.67 4.48
CA LYS A 113 5.18 5.29 5.90
C LYS A 113 4.14 4.26 6.33
N ILE A 114 4.32 3.63 7.45
CA ILE A 114 3.33 2.61 7.89
C ILE A 114 3.43 2.38 9.40
N ASP A 115 2.31 2.13 10.03
CA ASP A 115 2.33 1.89 11.50
C ASP A 115 2.08 0.40 11.76
N VAL A 116 2.43 -0.08 12.93
CA VAL A 116 2.20 -1.52 13.22
C VAL A 116 1.59 -1.69 14.61
N TYR A 117 0.78 -2.70 14.79
CA TYR A 117 0.15 -2.92 16.13
C TYR A 117 -0.14 -4.41 16.34
N ILE A 118 0.57 -5.05 17.22
CA ILE A 118 0.34 -6.49 17.50
C ILE A 118 0.47 -6.77 19.00
N ASP A 119 -0.20 -7.78 19.48
CA ASP A 119 -0.11 -8.11 20.94
C ASP A 119 -0.56 -9.55 21.18
N GLU A 120 0.38 -10.44 21.38
CA GLU A 120 0.00 -11.86 21.62
C GLU A 120 1.24 -12.69 21.97
N LYS A 121 1.10 -13.99 22.02
CA LYS A 121 2.27 -14.86 22.35
C LYS A 121 2.78 -15.55 21.09
N VAL A 122 3.93 -15.15 20.61
CA VAL A 122 4.50 -15.79 19.39
C VAL A 122 5.07 -17.17 19.71
N ASN A 123 4.41 -18.22 19.32
CA ASN A 123 4.92 -19.59 19.60
C ASN A 123 5.28 -19.72 21.08
N GLY A 124 4.45 -19.21 21.96
CA GLY A 124 4.75 -19.32 23.41
C GLY A 124 5.69 -18.20 23.84
N LYS A 125 5.52 -17.03 23.28
CA LYS A 125 6.40 -15.89 23.66
C LYS A 125 5.61 -14.58 23.62
N PRO A 126 5.19 -14.14 24.79
CA PRO A 126 4.41 -12.89 24.88
C PRO A 126 5.22 -11.72 24.32
N PHE A 127 4.62 -10.94 23.45
CA PHE A 127 5.36 -9.78 22.87
C PHE A 127 4.36 -8.75 22.32
N LYS A 128 4.50 -7.52 22.70
CA LYS A 128 3.56 -6.47 22.20
C LYS A 128 4.24 -5.58 21.15
N TYR A 129 3.49 -5.18 20.15
CA TYR A 129 4.07 -4.31 19.08
C TYR A 129 3.19 -3.08 18.90
N ASP A 130 3.74 -1.91 19.07
CA ASP A 130 2.93 -0.67 18.91
C ASP A 130 3.84 0.53 18.63
N HIS A 131 4.22 0.74 17.40
CA HIS A 131 5.11 1.89 17.09
C HIS A 131 4.91 2.32 15.63
N HIS A 132 5.77 3.18 15.14
CA HIS A 132 5.63 3.65 13.74
C HIS A 132 6.90 3.31 12.94
N TYR A 133 6.78 3.26 11.64
CA TYR A 133 7.98 2.93 10.80
C TYR A 133 7.81 3.52 9.40
N ASN A 134 8.76 3.30 8.53
CA ASN A 134 8.64 3.86 7.16
C ASN A 134 9.37 2.96 6.14
N ILE A 135 9.03 3.11 4.88
CA ILE A 135 9.70 2.29 3.83
C ILE A 135 9.61 3.03 2.49
N THR A 136 10.26 2.51 1.48
CA THR A 136 10.24 3.18 0.15
C THR A 136 9.10 2.65 -0.72
N TYR A 137 8.16 3.49 -1.06
CA TYR A 137 7.03 3.04 -1.92
C TYR A 137 7.40 3.24 -3.39
N LYS A 138 6.88 2.43 -4.27
CA LYS A 138 7.22 2.60 -5.71
C LYS A 138 6.02 2.26 -6.60
N PHE A 139 6.05 2.68 -7.83
CA PHE A 139 4.92 2.38 -8.76
C PHE A 139 5.45 2.26 -10.19
N ASN A 140 4.71 1.60 -11.05
CA ASN A 140 5.17 1.44 -12.45
C ASN A 140 3.99 1.54 -13.43
N GLY A 141 3.93 2.59 -14.19
CA GLY A 141 2.81 2.76 -15.15
C GLY A 141 3.13 3.92 -16.11
N PRO A 142 2.11 4.63 -16.51
CA PRO A 142 2.31 5.77 -17.43
C PRO A 142 3.19 6.83 -16.77
N THR A 143 3.41 7.93 -17.43
CA THR A 143 4.27 9.00 -16.84
C THR A 143 3.81 10.38 -17.31
N ASP A 144 3.78 10.59 -18.60
CA ASP A 144 3.35 11.91 -19.13
C ASP A 144 2.56 11.73 -20.42
N VAL A 145 3.19 11.27 -21.46
CA VAL A 145 2.48 11.06 -22.76
C VAL A 145 1.80 12.36 -23.21
N ALA A 146 2.56 13.42 -23.31
CA ALA A 146 1.96 14.72 -23.75
C ALA A 146 3.05 15.65 -24.31
N GLY A 147 3.94 15.11 -25.10
CA GLY A 147 5.02 15.95 -25.68
C GLY A 147 5.05 15.77 -27.20
ZN ZNH B . 8.15 -5.17 12.03
CHA ZNH B . 11.03 -3.50 12.48
CHB ZNH B . 8.86 -7.01 14.78
CHC ZNH B . 5.47 -6.73 11.60
CHD ZNH B . 7.55 -3.27 9.28
NA ZNH B . 9.56 -5.23 13.29
C1A ZNH B . 10.74 -4.44 13.36
C2A ZNH B . 11.50 -4.82 14.43
C3A ZNH B . 10.88 -5.79 15.08
C4A ZNH B . 9.71 -6.08 14.42
CMA ZNH B . 11.39 -6.49 16.31
CAA ZNH B . 12.82 -4.21 14.84
CBA ZNH B . 13.96 -5.05 14.25
CGA ZNH B . 15.28 -4.39 14.57
O1A ZNH B . 15.48 -3.95 15.68
O2A ZNH B . 16.23 -4.29 13.63
NB ZNH B . 7.33 -6.59 13.02
C1B ZNH B . 7.72 -7.28 14.15
C2B ZNH B . 6.78 -8.23 14.49
C3B ZNH B . 5.81 -8.18 13.60
C4B ZNH B . 6.12 -7.14 12.64
CMB ZNH B . 6.86 -9.17 15.66
CAB ZNH B . 4.61 -9.04 13.57
CBB ZNH B . 3.70 -8.94 14.54
NC ZNH B . 6.79 -5.02 10.70
C1C ZNH B . 5.65 -5.83 10.70
C2C ZNH B . 4.87 -5.48 9.63
C3C ZNH B . 5.46 -4.48 8.94
C4C ZNH B . 6.65 -4.16 9.57
CMC ZNH B . 3.56 -6.13 9.28
CAC ZNH B . 4.93 -3.85 7.72
CBC ZNH B . 3.78 -3.16 7.78
ND ZNH B . 9.07 -3.75 11.12
C1D ZNH B . 8.66 -3.07 9.99
C2D ZNH B . 9.64 -2.08 9.62
C3D ZNH B . 10.59 -2.13 10.51
C4D ZNH B . 10.27 -3.17 11.46
CMD ZNH B . 9.56 -1.15 8.44
CAD ZNH B . 11.83 -1.25 10.53
CBD ZNH B . 12.99 -2.00 9.87
CGD ZNH B . 14.30 -1.36 10.29
O1D ZNH B . 14.35 -0.17 10.47
O2D ZNH B . 15.39 -2.12 10.45
HHA ZNH B . 11.97 -2.95 12.62
HHB ZNH B . 9.09 -7.59 15.67
HHC ZNH B . 4.54 -7.28 11.47
HHD ZNH B . 7.39 -2.65 8.40
HMA1 ZNH B . 11.03 -7.51 16.32
HMA2 ZNH B . 11.01 -5.97 17.19
HMA3 ZNH B . 12.47 -6.48 16.32
HAA1 ZNH B . 12.90 -4.20 15.92
HAA2 ZNH B . 12.89 -3.20 14.45
HBA1 ZNH B . 13.85 -5.11 13.17
HBA2 ZNH B . 13.93 -6.04 14.69
HMB1 ZNH B . 5.88 -9.28 16.11
HMB2 ZNH B . 7.55 -8.77 16.41
HMB3 ZNH B . 7.21 -10.15 15.32
HAB ZNH B . 4.38 -9.62 12.68
HBB1 ZNH B . 2.74 -9.44 14.42
HBB2 ZNH B . 3.84 -8.23 15.34
HMC1 ZNH B . 2.94 -6.18 10.18
HMC2 ZNH B . 3.73 -7.13 8.90
HMC3 ZNH B . 3.05 -5.53 8.53
HAC ZNH B . 5.48 -3.93 6.79
HBC1 ZNH B . 3.39 -2.69 6.87
HBC2 ZNH B . 3.24 -3.09 8.71
HMD1 ZNH B . 8.56 -0.74 8.37
HMD2 ZNH B . 9.80 -1.70 7.54
HMD3 ZNH B . 10.27 -0.34 8.57
HAD1 ZNH B . 11.63 -0.34 10.00
HAD2 ZNH B . 12.09 -1.02 11.57
HBD1 ZNH B . 12.89 -1.94 8.79
HBD2 ZNH B . 12.98 -3.05 10.19
N SER A 22 -12.47 -4.99 -15.69
CA SER A 22 -12.81 -3.74 -16.42
C SER A 22 -14.15 -3.89 -17.13
N ALA A 23 -15.11 -3.07 -16.81
CA ALA A 23 -16.43 -3.16 -17.47
C ALA A 23 -17.13 -1.80 -17.46
N ASN A 24 -17.03 -1.07 -18.54
CA ASN A 24 -17.69 0.27 -18.59
C ASN A 24 -17.09 1.20 -17.52
N ALA A 25 -15.89 0.92 -17.11
CA ALA A 25 -15.23 1.77 -16.08
C ALA A 25 -13.74 1.90 -16.36
N ALA A 26 -13.36 2.80 -17.24
CA ALA A 26 -11.92 2.97 -17.57
C ALA A 26 -11.21 3.69 -16.42
N ASP A 27 -10.05 4.26 -16.68
CA ASP A 27 -9.31 4.97 -15.60
C ASP A 27 -9.07 4.04 -14.42
N SER A 28 -8.97 2.76 -14.66
CA SER A 28 -8.74 1.82 -13.53
C SER A 28 -8.18 0.49 -14.07
N GLY A 29 -7.38 -0.19 -13.28
CA GLY A 29 -6.80 -1.48 -13.74
C GLY A 29 -5.69 -1.93 -12.78
N THR A 30 -5.12 -3.08 -13.01
CA THR A 30 -4.04 -3.57 -12.11
C THR A 30 -2.67 -3.06 -12.58
N LEU A 31 -2.14 -2.07 -11.92
CA LEU A 31 -0.82 -1.52 -12.31
C LEU A 31 0.29 -2.20 -11.52
N ASN A 32 1.47 -2.29 -12.06
CA ASN A 32 2.59 -2.93 -11.33
C ASN A 32 3.16 -1.97 -10.28
N TYR A 33 3.58 -2.47 -9.15
CA TYR A 33 4.14 -1.58 -8.10
C TYR A 33 4.89 -2.42 -7.06
N GLU A 34 5.81 -1.81 -6.35
CA GLU A 34 6.57 -2.57 -5.33
C GLU A 34 7.09 -1.62 -4.25
N VAL A 35 7.81 -2.12 -3.29
CA VAL A 35 8.35 -1.24 -2.22
C VAL A 35 9.78 -1.66 -1.86
N TYR A 36 10.41 -0.93 -0.98
CA TYR A 36 11.81 -1.29 -0.59
C TYR A 36 12.05 -0.88 0.86
N LYS A 37 13.07 -1.43 1.47
CA LYS A 37 13.37 -1.07 2.89
C LYS A 37 13.84 0.38 2.96
N TYR A 38 13.35 1.13 3.92
CA TYR A 38 13.78 2.56 4.02
C TYR A 38 15.28 2.64 4.26
N ASN A 39 15.92 3.66 3.74
CA ASN A 39 17.39 3.82 3.92
C ASN A 39 18.16 2.76 3.11
N THR A 40 17.46 1.96 2.33
CA THR A 40 18.16 0.93 1.51
C THR A 40 17.57 0.93 0.09
N ASN A 41 17.83 -0.10 -0.67
CA ASN A 41 17.29 -0.15 -2.06
C ASN A 41 16.62 -1.51 -2.32
N ASP A 42 16.35 -2.26 -1.29
CA ASP A 42 15.71 -3.59 -1.49
C ASP A 42 14.60 -3.82 -0.45
N THR A 43 13.51 -4.44 -0.84
CA THR A 43 12.42 -4.69 0.14
C THR A 43 12.81 -5.86 1.03
N SER A 44 12.57 -5.75 2.31
CA SER A 44 12.97 -6.87 3.21
C SER A 44 11.80 -7.30 4.12
N ILE A 45 10.80 -6.50 4.28
CA ILE A 45 9.67 -6.90 5.17
C ILE A 45 8.32 -6.53 4.54
N ALA A 46 8.04 -5.26 4.45
CA ALA A 46 6.74 -4.82 3.87
C ALA A 46 6.47 -5.52 2.53
N ASN A 47 7.48 -5.97 1.85
CA ASN A 47 7.26 -6.66 0.56
C ASN A 47 6.53 -8.00 0.76
N ASP A 48 6.47 -8.49 1.96
CA ASP A 48 5.78 -9.79 2.20
C ASP A 48 4.39 -9.58 2.79
N TYR A 49 3.87 -8.38 2.72
CA TYR A 49 2.51 -8.12 3.29
C TYR A 49 1.60 -7.45 2.26
N PHE A 50 2.11 -7.10 1.11
CA PHE A 50 1.24 -6.45 0.09
C PHE A 50 1.02 -7.39 -1.10
N ASN A 51 -0.20 -7.84 -1.28
CA ASN A 51 -0.50 -8.76 -2.42
C ASN A 51 -0.47 -7.99 -3.75
N LYS A 52 0.52 -8.22 -4.56
CA LYS A 52 0.60 -7.49 -5.87
C LYS A 52 -0.07 -8.32 -6.97
N PRO A 53 -0.35 -7.67 -8.07
CA PRO A 53 -0.05 -6.22 -8.22
C PRO A 53 -1.12 -5.38 -7.52
N ALA A 54 -1.02 -4.09 -7.63
CA ALA A 54 -2.03 -3.20 -6.98
C ALA A 54 -3.02 -2.65 -8.02
N LYS A 55 -4.11 -2.11 -7.59
CA LYS A 55 -5.11 -1.57 -8.55
C LYS A 55 -5.03 -0.04 -8.60
N TYR A 56 -4.61 0.52 -9.70
CA TYR A 56 -4.53 2.01 -9.79
C TYR A 56 -5.77 2.56 -10.50
N ILE A 57 -5.97 3.85 -10.42
CA ILE A 57 -7.16 4.44 -11.09
C ILE A 57 -6.92 5.93 -11.40
N LYS A 58 -7.65 6.48 -12.34
CA LYS A 58 -7.47 7.92 -12.67
C LYS A 58 -8.80 8.61 -12.90
N LYS A 59 -8.78 9.91 -13.07
CA LYS A 59 -10.04 10.66 -13.29
C LYS A 59 -9.73 11.97 -14.04
N ASN A 60 -9.21 11.85 -15.24
CA ASN A 60 -8.87 13.06 -16.04
C ASN A 60 -8.09 14.09 -15.20
N GLY A 61 -6.80 13.92 -15.10
CA GLY A 61 -5.98 14.90 -14.32
C GLY A 61 -5.80 14.42 -12.88
N LYS A 62 -5.99 13.15 -12.62
CA LYS A 62 -5.82 12.66 -11.22
C LYS A 62 -5.73 11.13 -11.19
N LEU A 63 -5.15 10.60 -10.15
CA LEU A 63 -5.06 9.11 -10.05
C LEU A 63 -4.80 8.66 -8.61
N TYR A 64 -5.17 7.45 -8.31
CA TYR A 64 -4.98 6.90 -6.95
C TYR A 64 -4.58 5.43 -7.06
N VAL A 65 -4.70 4.68 -6.00
CA VAL A 65 -4.33 3.23 -6.08
C VAL A 65 -4.76 2.49 -4.81
N GLN A 66 -5.27 1.31 -4.97
CA GLN A 66 -5.69 0.54 -3.77
C GLN A 66 -4.62 -0.48 -3.41
N ILE A 67 -4.29 -0.58 -2.16
CA ILE A 67 -3.24 -1.56 -1.74
C ILE A 67 -3.86 -2.65 -0.87
N THR A 68 -3.63 -3.90 -1.20
CA THR A 68 -4.21 -5.01 -0.39
C THR A 68 -3.26 -5.36 0.75
N VAL A 69 -3.73 -5.29 1.97
CA VAL A 69 -2.86 -5.61 3.13
C VAL A 69 -3.19 -7.01 3.69
N ASN A 70 -2.22 -7.67 4.25
CA ASN A 70 -2.49 -9.03 4.81
C ASN A 70 -2.61 -8.95 6.34
N HIS A 71 -3.60 -9.58 6.90
CA HIS A 71 -3.77 -9.52 8.38
C HIS A 71 -3.88 -8.07 8.85
N SER A 72 -5.08 -7.61 9.09
CA SER A 72 -5.26 -6.20 9.56
C SER A 72 -4.57 -6.00 10.91
N HIS A 73 -4.74 -6.91 11.82
CA HIS A 73 -4.09 -6.77 13.16
C HIS A 73 -2.60 -6.50 13.00
N TRP A 74 -1.96 -7.13 12.05
CA TRP A 74 -0.50 -6.91 11.86
C TRP A 74 -0.24 -5.49 11.34
N ILE A 75 -0.80 -5.15 10.21
CA ILE A 75 -0.59 -3.78 9.67
C ILE A 75 -1.66 -2.82 10.22
N THR A 76 -1.24 -1.82 10.95
CA THR A 76 -2.23 -0.88 11.53
C THR A 76 -2.57 0.26 10.55
N GLY A 77 -1.68 0.56 9.63
CA GLY A 77 -1.98 1.65 8.66
C GLY A 77 -0.78 1.91 7.76
N MET A 78 -0.94 2.78 6.79
CA MET A 78 0.18 3.10 5.87
C MET A 78 0.02 4.52 5.30
N SER A 79 0.92 5.40 5.63
CA SER A 79 0.80 6.80 5.11
C SER A 79 1.45 6.89 3.72
N ILE A 80 1.28 8.00 3.04
CA ILE A 80 1.90 8.13 1.69
C ILE A 80 1.76 9.55 1.17
N GLU A 81 2.83 10.11 0.68
CA GLU A 81 2.80 11.51 0.13
C GLU A 81 2.42 12.53 1.21
N GLY A 82 2.37 12.15 2.46
CA GLY A 82 2.04 13.15 3.52
C GLY A 82 0.65 12.90 4.12
N HIS A 83 -0.05 11.88 3.69
CA HIS A 83 -1.40 11.63 4.28
C HIS A 83 -1.59 10.15 4.58
N LYS A 84 -2.44 9.84 5.53
CA LYS A 84 -2.69 8.41 5.90
C LYS A 84 -3.47 7.71 4.79
N GLU A 85 -3.97 6.55 5.06
CA GLU A 85 -4.75 5.79 4.01
C GLU A 85 -6.24 5.81 4.36
N ASN A 86 -7.07 5.37 3.44
CA ASN A 86 -8.54 5.36 3.71
C ASN A 86 -9.06 3.92 3.74
N ILE A 87 -9.87 3.60 4.72
CA ILE A 87 -10.42 2.21 4.79
C ILE A 87 -11.39 1.99 3.62
N ILE A 88 -10.95 1.28 2.61
CA ILE A 88 -11.82 1.05 1.43
C ILE A 88 -12.56 -0.29 1.55
N SER A 89 -11.99 -1.25 2.22
CA SER A 89 -12.67 -2.56 2.36
C SER A 89 -11.98 -3.40 3.43
N LYS A 90 -12.60 -3.52 4.58
CA LYS A 90 -11.98 -4.33 5.67
C LYS A 90 -12.56 -5.75 5.67
N ASN A 91 -11.78 -6.71 5.26
CA ASN A 91 -12.27 -8.11 5.24
C ASN A 91 -11.85 -8.85 6.52
N THR A 92 -12.64 -8.74 7.56
CA THR A 92 -12.29 -9.42 8.84
C THR A 92 -12.46 -10.93 8.69
N ALA A 93 -13.29 -11.37 7.79
CA ALA A 93 -13.49 -12.85 7.61
C ALA A 93 -12.19 -13.50 7.18
N LYS A 94 -11.57 -13.02 6.13
CA LYS A 94 -10.29 -13.61 5.67
C LYS A 94 -9.11 -12.81 6.20
N ASP A 95 -9.32 -12.03 7.23
CA ASP A 95 -8.20 -11.22 7.80
C ASP A 95 -7.50 -10.44 6.67
N GLU A 96 -8.19 -9.51 6.07
CA GLU A 96 -7.56 -8.72 4.97
C GLU A 96 -8.12 -7.30 4.96
N ARG A 97 -7.41 -6.37 4.38
CA ARG A 97 -7.89 -4.96 4.32
C ARG A 97 -7.29 -4.25 3.12
N THR A 98 -7.88 -3.16 2.70
CA THR A 98 -7.34 -2.42 1.53
C THR A 98 -7.46 -0.91 1.78
N SER A 99 -6.66 -0.12 1.11
CA SER A 99 -6.74 1.36 1.32
C SER A 99 -6.44 2.11 0.03
N GLU A 100 -7.12 3.19 -0.21
CA GLU A 100 -6.88 3.98 -1.46
C GLU A 100 -5.84 5.08 -1.19
N PHE A 101 -4.90 5.25 -2.08
CA PHE A 101 -3.86 6.30 -1.86
C PHE A 101 -3.86 7.30 -3.02
N GLU A 102 -3.53 8.53 -2.74
CA GLU A 102 -3.50 9.58 -3.80
C GLU A 102 -2.06 10.07 -4.00
N VAL A 103 -1.58 10.07 -5.21
CA VAL A 103 -0.18 10.53 -5.45
C VAL A 103 -0.05 11.15 -6.85
N SER A 104 1.15 11.52 -7.23
CA SER A 104 1.36 12.10 -8.58
C SER A 104 1.56 10.97 -9.59
N LYS A 105 0.63 10.79 -10.49
CA LYS A 105 0.75 9.67 -11.48
C LYS A 105 1.11 8.37 -10.73
N LEU A 106 1.66 7.41 -11.41
CA LEU A 106 2.01 6.13 -10.71
C LEU A 106 3.22 5.46 -11.37
N ASN A 107 4.30 6.18 -11.53
CA ASN A 107 5.50 5.59 -12.16
C ASN A 107 6.77 6.16 -11.53
N GLY A 108 7.20 5.63 -10.43
CA GLY A 108 8.43 6.16 -9.77
C GLY A 108 8.38 5.84 -8.27
N LYS A 109 9.49 6.00 -7.60
CA LYS A 109 9.53 5.71 -6.14
C LYS A 109 8.99 6.90 -5.34
N ILE A 110 8.29 6.65 -4.26
CA ILE A 110 7.74 7.76 -3.44
C ILE A 110 7.96 7.47 -1.95
N ASP A 111 8.18 8.49 -1.17
CA ASP A 111 8.38 8.28 0.29
C ASP A 111 7.05 8.01 0.99
N GLY A 112 6.99 6.97 1.79
CA GLY A 112 5.71 6.66 2.49
C GLY A 112 6.02 6.23 3.94
N LYS A 113 5.00 5.99 4.72
CA LYS A 113 5.24 5.57 6.13
C LYS A 113 4.19 4.53 6.53
N ILE A 114 4.40 3.83 7.61
CA ILE A 114 3.39 2.80 8.02
C ILE A 114 3.54 2.48 9.50
N ASP A 115 2.44 2.26 10.16
CA ASP A 115 2.49 1.91 11.60
C ASP A 115 2.01 0.47 11.79
N VAL A 116 2.31 -0.12 12.91
CA VAL A 116 1.88 -1.54 13.13
C VAL A 116 1.41 -1.73 14.58
N TYR A 117 0.55 -2.68 14.81
CA TYR A 117 0.06 -2.91 16.20
C TYR A 117 -0.33 -4.38 16.39
N ILE A 118 0.45 -5.13 17.11
CA ILE A 118 0.12 -6.57 17.34
C ILE A 118 0.22 -6.89 18.82
N ASP A 119 -0.54 -7.85 19.29
CA ASP A 119 -0.49 -8.21 20.74
C ASP A 119 -1.04 -9.63 20.93
N GLU A 120 -0.17 -10.58 21.15
CA GLU A 120 -0.64 -11.97 21.35
C GLU A 120 0.54 -12.87 21.77
N LYS A 121 0.42 -14.15 21.57
CA LYS A 121 1.53 -15.08 21.96
C LYS A 121 2.05 -15.84 20.74
N VAL A 122 3.22 -15.50 20.27
CA VAL A 122 3.78 -16.21 19.08
C VAL A 122 4.31 -17.58 19.49
N ASN A 123 3.75 -18.63 18.94
CA ASN A 123 4.22 -20.01 19.29
C ASN A 123 4.30 -20.16 20.82
N GLY A 124 3.48 -19.45 21.54
CA GLY A 124 3.52 -19.57 23.03
C GLY A 124 4.48 -18.53 23.60
N LYS A 125 4.54 -17.37 23.01
CA LYS A 125 5.46 -16.31 23.52
C LYS A 125 4.82 -14.93 23.34
N PRO A 126 4.57 -14.27 24.45
CA PRO A 126 3.95 -12.92 24.39
C PRO A 126 4.70 -12.04 23.39
N PHE A 127 3.99 -11.33 22.57
CA PHE A 127 4.66 -10.45 21.57
C PHE A 127 3.98 -9.08 21.51
N LYS A 128 4.66 -8.05 21.92
CA LYS A 128 4.05 -6.68 21.89
C LYS A 128 4.61 -5.88 20.71
N TYR A 129 3.76 -5.41 19.84
CA TYR A 129 4.25 -4.63 18.68
C TYR A 129 3.43 -3.34 18.53
N ASP A 130 4.08 -2.21 18.44
CA ASP A 130 3.33 -0.93 18.30
C ASP A 130 4.29 0.23 18.04
N HIS A 131 4.51 0.56 16.81
CA HIS A 131 5.44 1.69 16.48
C HIS A 131 5.07 2.31 15.13
N HIS A 132 5.85 3.25 14.67
CA HIS A 132 5.55 3.89 13.36
C HIS A 132 6.71 3.69 12.39
N TYR A 133 6.72 2.58 11.69
CA TYR A 133 7.83 2.32 10.73
C TYR A 133 7.54 3.00 9.39
N ASN A 134 8.41 2.84 8.43
CA ASN A 134 8.18 3.49 7.11
C ASN A 134 8.79 2.65 5.99
N ILE A 135 8.46 2.93 4.76
CA ILE A 135 9.04 2.13 3.64
C ILE A 135 9.02 2.95 2.33
N THR A 136 9.78 2.51 1.36
CA THR A 136 9.82 3.24 0.07
C THR A 136 8.78 2.66 -0.91
N TYR A 137 7.92 3.48 -1.44
CA TYR A 137 6.89 2.97 -2.40
C TYR A 137 7.42 3.04 -3.83
N LYS A 138 6.77 2.37 -4.74
CA LYS A 138 7.23 2.39 -6.16
C LYS A 138 6.11 1.93 -7.09
N PHE A 139 5.44 2.84 -7.74
CA PHE A 139 4.34 2.45 -8.66
C PHE A 139 4.88 2.27 -10.09
N ASN A 140 4.18 1.53 -10.91
CA ASN A 140 4.66 1.31 -12.31
C ASN A 140 3.48 1.29 -13.28
N GLY A 141 3.20 2.39 -13.92
CA GLY A 141 2.06 2.42 -14.89
C GLY A 141 2.30 3.52 -15.93
N PRO A 142 1.23 4.10 -16.41
CA PRO A 142 1.33 5.17 -17.42
C PRO A 142 2.15 6.36 -16.88
N THR A 143 2.44 7.31 -17.72
CA THR A 143 3.23 8.49 -17.27
C THR A 143 2.85 9.74 -18.06
N ASP A 144 3.02 9.69 -19.35
CA ASP A 144 2.67 10.88 -20.19
C ASP A 144 1.42 10.58 -21.03
N VAL A 145 1.19 9.34 -21.35
CA VAL A 145 -0.01 8.98 -22.16
C VAL A 145 -0.02 9.78 -23.47
N ALA A 146 1.09 9.85 -24.15
CA ALA A 146 1.14 10.61 -25.42
C ALA A 146 0.59 9.76 -26.57
N GLY A 147 -0.61 10.04 -27.01
CA GLY A 147 -1.20 9.25 -28.12
C GLY A 147 -1.56 10.18 -29.28
ZN ZNH B . 7.88 -5.88 11.21
CHA ZNH B . 10.90 -4.45 11.62
CHB ZNH B . 8.71 -8.16 13.59
CHC ZNH B . 5.09 -7.25 10.80
CHD ZNH B . 7.17 -3.57 8.84
NA ZNH B . 9.39 -6.20 12.31
C1A ZNH B . 10.63 -5.49 12.37
C2A ZNH B . 11.46 -6.07 13.31
C3A ZNH B . 10.83 -7.10 13.84
C4A ZNH B . 9.59 -7.23 13.27
CMA ZNH B . 11.40 -7.99 14.92
CAA ZNH B . 12.84 -5.60 13.66
CBA ZNH B . 13.76 -5.83 12.46
CGA ZNH B . 15.15 -5.35 12.80
O1A ZNH B . 16.12 -5.86 12.30
O2A ZNH B . 15.31 -4.33 13.66
NB ZNH B . 7.06 -7.41 12.05
C1B ZNH B . 7.51 -8.27 13.04
C2B ZNH B . 6.56 -9.22 13.33
C3B ZNH B . 5.49 -9.00 12.56
C4B ZNH B . 5.79 -7.83 11.72
CMB ZNH B . 6.70 -10.32 14.34
CAB ZNH B . 4.26 -9.81 12.57
CBB ZNH B . 3.06 -9.25 12.37
NC ZNH B . 6.42 -5.46 10.05
C1C ZNH B . 5.24 -6.22 10.04
C2C ZNH B . 4.39 -5.66 9.13
C3C ZNH B . 4.98 -4.60 8.54
C4C ZNH B . 6.24 -4.44 9.08
CMC ZNH B . 3.00 -6.16 8.83
CAC ZNH B . 4.38 -3.76 7.49
CBC ZNH B . 4.05 -4.29 6.31
ND ZNH B . 8.81 -4.40 10.44
C1D ZNH B . 8.34 -3.55 9.46
C2D ZNH B . 9.34 -2.55 9.16
C3D ZNH B . 10.38 -2.78 9.92
C4D ZNH B . 10.07 -3.93 10.73
CMD ZNH B . 9.21 -1.43 8.15
CAD ZNH B . 11.66 -1.99 9.95
CBD ZNH B . 11.74 -1.18 11.23
CGD ZNH B . 13.13 -0.64 11.41
O1D ZNH B . 13.93 -1.25 12.09
O2D ZNH B . 13.48 0.52 10.83
HHA ZNH B . 11.87 -3.98 11.75
HHB ZNH B . 8.99 -8.88 14.35
HHC ZNH B . 4.11 -7.71 10.66
HHD ZNH B . 6.97 -2.81 8.08
HMA1 ZNH B . 11.01 -9.00 14.79
HMA2 ZNH B . 11.11 -7.62 15.90
HMA3 ZNH B . 12.48 -8.01 14.84
HAA1 ZNH B . 13.20 -6.16 14.51
HAA2 ZNH B . 12.81 -4.54 13.89
HBA1 ZNH B . 13.40 -5.28 11.60
HBA2 ZNH B . 13.80 -6.89 12.22
HMB1 ZNH B . 5.75 -10.44 14.87
HMB2 ZNH B . 7.48 -10.06 15.05
HMB3 ZNH B . 6.95 -11.25 13.83
HAB ZNH B . 4.30 -10.83 12.96
HBB1 ZNH B . 2.16 -9.81 12.59
HBB2 ZNH B . 3.01 -8.18 12.18
HMC1 ZNH B . 2.50 -6.43 9.77
HMC2 ZNH B . 3.06 -7.04 8.18
HMC3 ZNH B . 2.43 -5.38 8.33
HAC ZNH B . 4.25 -2.69 7.66
HBC1 ZNH B . 3.65 -3.65 5.52
HBC2 ZNH B . 4.23 -5.34 6.13
HMD1 ZNH B . 8.24 -0.94 8.28
HMD2 ZNH B . 9.27 -1.84 7.15
HMD3 ZNH B . 10.02 -0.71 8.30
HAD1 ZNH B . 12.51 -2.67 9.90
HAD2 ZNH B . 11.69 -1.31 9.09
HBD1 ZNH B . 11.48 -1.82 12.08
HBD2 ZNH B . 11.03 -0.35 11.18
N SER A 22 -19.94 9.03 -13.20
CA SER A 22 -19.45 8.05 -14.21
C SER A 22 -19.68 6.62 -13.72
N ALA A 23 -18.98 5.67 -14.29
CA ALA A 23 -19.16 4.25 -13.86
C ALA A 23 -17.80 3.56 -13.80
N ASN A 24 -16.78 4.25 -13.35
CA ASN A 24 -15.43 3.63 -13.28
C ASN A 24 -14.98 3.20 -14.68
N ALA A 25 -15.52 3.80 -15.70
CA ALA A 25 -15.12 3.43 -17.08
C ALA A 25 -13.63 3.70 -17.28
N ALA A 26 -12.89 2.71 -17.75
CA ALA A 26 -11.42 2.89 -17.97
C ALA A 26 -10.78 3.63 -16.80
N ASP A 27 -9.60 4.14 -16.98
CA ASP A 27 -8.92 4.88 -15.87
C ASP A 27 -8.83 3.99 -14.63
N SER A 28 -8.79 2.70 -14.81
CA SER A 28 -8.70 1.79 -13.63
C SER A 28 -8.20 0.41 -14.06
N GLY A 29 -7.37 -0.21 -13.26
CA GLY A 29 -6.84 -1.55 -13.63
C GLY A 29 -5.74 -1.96 -12.66
N THR A 30 -5.15 -3.11 -12.87
CA THR A 30 -4.06 -3.56 -11.95
C THR A 30 -2.71 -3.01 -12.42
N LEU A 31 -2.17 -2.06 -11.73
CA LEU A 31 -0.86 -1.48 -12.14
C LEU A 31 0.29 -2.17 -11.38
N ASN A 32 1.48 -2.14 -11.93
CA ASN A 32 2.62 -2.79 -11.23
C ASN A 32 3.16 -1.89 -10.13
N TYR A 33 3.49 -2.46 -9.00
CA TYR A 33 4.03 -1.64 -7.87
C TYR A 33 4.68 -2.54 -6.84
N GLU A 34 5.66 -2.04 -6.14
CA GLU A 34 6.34 -2.87 -5.10
C GLU A 34 6.96 -1.96 -4.03
N VAL A 35 7.18 -2.46 -2.85
CA VAL A 35 7.78 -1.62 -1.79
C VAL A 35 9.27 -1.92 -1.63
N TYR A 36 9.95 -1.17 -0.81
CA TYR A 36 11.41 -1.42 -0.60
C TYR A 36 11.79 -1.06 0.84
N LYS A 37 12.84 -1.62 1.34
CA LYS A 37 13.26 -1.30 2.73
C LYS A 37 13.73 0.16 2.82
N TYR A 38 13.29 0.89 3.80
CA TYR A 38 13.72 2.31 3.90
C TYR A 38 15.23 2.38 4.13
N ASN A 39 15.87 3.40 3.62
CA ASN A 39 17.36 3.54 3.79
C ASN A 39 18.10 2.48 2.96
N THR A 40 17.39 1.69 2.18
CA THR A 40 18.07 0.65 1.35
C THR A 40 17.45 0.63 -0.06
N ASN A 41 17.75 -0.37 -0.84
CA ASN A 41 17.16 -0.45 -2.21
C ASN A 41 16.55 -1.83 -2.46
N ASP A 42 16.35 -2.60 -1.43
CA ASP A 42 15.74 -3.96 -1.62
C ASP A 42 14.65 -4.21 -0.57
N THR A 43 13.43 -4.38 -0.99
CA THR A 43 12.34 -4.64 0.00
C THR A 43 12.73 -5.84 0.86
N SER A 44 12.56 -5.75 2.15
CA SER A 44 12.96 -6.91 3.01
C SER A 44 11.85 -7.32 3.98
N ILE A 45 10.87 -6.48 4.21
CA ILE A 45 9.79 -6.88 5.17
C ILE A 45 8.41 -6.47 4.64
N ALA A 46 8.19 -5.19 4.51
CA ALA A 46 6.87 -4.70 4.01
C ALA A 46 6.38 -5.49 2.80
N ASN A 47 7.28 -6.04 2.03
CA ASN A 47 6.85 -6.81 0.83
C ASN A 47 6.22 -8.16 1.24
N ASP A 48 6.39 -8.57 2.47
CA ASP A 48 5.81 -9.86 2.91
C ASP A 48 4.39 -9.67 3.46
N TYR A 49 3.78 -8.54 3.20
CA TYR A 49 2.40 -8.31 3.72
C TYR A 49 1.56 -7.53 2.69
N PHE A 50 2.05 -7.38 1.49
CA PHE A 50 1.27 -6.63 0.46
C PHE A 50 1.18 -7.45 -0.82
N ASN A 51 -0.01 -7.88 -1.18
CA ASN A 51 -0.16 -8.69 -2.42
C ASN A 51 0.01 -7.79 -3.65
N LYS A 52 0.21 -8.38 -4.80
CA LYS A 52 0.38 -7.57 -6.03
C LYS A 52 -0.21 -8.31 -7.24
N PRO A 53 -0.41 -7.59 -8.31
CA PRO A 53 -0.08 -6.14 -8.33
C PRO A 53 -1.18 -5.33 -7.64
N ALA A 54 -1.07 -4.03 -7.66
CA ALA A 54 -2.12 -3.18 -7.01
C ALA A 54 -3.07 -2.61 -8.06
N LYS A 55 -4.17 -2.06 -7.66
CA LYS A 55 -5.14 -1.49 -8.65
C LYS A 55 -5.04 0.03 -8.70
N TYR A 56 -4.55 0.57 -9.77
CA TYR A 56 -4.43 2.06 -9.90
C TYR A 56 -5.65 2.61 -10.65
N ILE A 57 -5.89 3.89 -10.55
CA ILE A 57 -7.05 4.48 -11.26
C ILE A 57 -6.82 5.97 -11.55
N LYS A 58 -7.48 6.51 -12.55
CA LYS A 58 -7.29 7.95 -12.87
C LYS A 58 -8.64 8.61 -13.22
N LYS A 59 -8.66 9.90 -13.36
CA LYS A 59 -9.92 10.60 -13.70
C LYS A 59 -9.64 12.01 -14.25
N ASN A 60 -8.95 12.08 -15.36
CA ASN A 60 -8.64 13.41 -15.97
C ASN A 60 -7.82 14.29 -15.02
N GLY A 61 -6.52 14.23 -15.12
CA GLY A 61 -5.66 15.08 -14.25
C GLY A 61 -5.61 14.54 -12.81
N LYS A 62 -5.77 13.26 -12.63
CA LYS A 62 -5.72 12.70 -11.24
C LYS A 62 -5.69 11.18 -11.26
N LEU A 63 -5.30 10.58 -10.17
CA LEU A 63 -5.27 9.10 -10.11
C LEU A 63 -4.97 8.60 -8.71
N TYR A 64 -5.50 7.45 -8.39
CA TYR A 64 -5.29 6.87 -7.04
C TYR A 64 -5.02 5.37 -7.18
N VAL A 65 -4.66 4.70 -6.12
CA VAL A 65 -4.40 3.24 -6.22
C VAL A 65 -4.88 2.52 -4.97
N GLN A 66 -5.43 1.35 -5.12
CA GLN A 66 -5.92 0.60 -3.94
C GLN A 66 -4.86 -0.42 -3.51
N ILE A 67 -4.57 -0.49 -2.24
CA ILE A 67 -3.55 -1.44 -1.76
C ILE A 67 -4.20 -2.54 -0.92
N THR A 68 -3.78 -3.77 -1.09
CA THR A 68 -4.37 -4.88 -0.30
C THR A 68 -3.62 -5.04 1.02
N VAL A 69 -4.32 -5.07 2.12
CA VAL A 69 -3.63 -5.22 3.44
C VAL A 69 -3.76 -6.66 3.95
N ASN A 70 -2.67 -7.28 4.29
CA ASN A 70 -2.74 -8.67 4.81
C ASN A 70 -2.66 -8.68 6.33
N HIS A 71 -3.52 -9.41 6.98
CA HIS A 71 -3.50 -9.45 8.48
C HIS A 71 -3.60 -8.04 9.04
N SER A 72 -4.77 -7.62 9.44
CA SER A 72 -4.93 -6.25 10.00
C SER A 72 -4.14 -6.11 11.30
N HIS A 73 -3.90 -7.19 11.98
CA HIS A 73 -3.13 -7.11 13.26
C HIS A 73 -1.69 -6.67 12.98
N TRP A 74 -0.99 -7.38 12.15
CA TRP A 74 0.42 -6.99 11.83
C TRP A 74 0.48 -5.52 11.43
N ILE A 75 -0.12 -5.17 10.33
CA ILE A 75 -0.09 -3.75 9.88
C ILE A 75 -1.28 -2.99 10.49
N THR A 76 -1.01 -1.97 11.24
CA THR A 76 -2.12 -1.19 11.88
C THR A 76 -2.63 -0.10 10.93
N GLY A 77 -1.83 0.33 9.99
CA GLY A 77 -2.30 1.38 9.05
C GLY A 77 -1.19 1.72 8.05
N MET A 78 -1.44 2.65 7.16
CA MET A 78 -0.41 3.03 6.16
C MET A 78 -0.61 4.48 5.71
N SER A 79 0.32 5.02 4.97
CA SER A 79 0.19 6.43 4.50
C SER A 79 1.01 6.63 3.22
N ILE A 80 0.87 7.76 2.59
CA ILE A 80 1.64 8.01 1.33
C ILE A 80 1.58 9.48 0.93
N GLU A 81 2.67 10.02 0.46
CA GLU A 81 2.71 11.45 0.03
C GLU A 81 2.39 12.40 1.19
N GLY A 82 2.35 11.92 2.40
CA GLY A 82 2.07 12.83 3.55
C GLY A 82 0.69 12.58 4.14
N HIS A 83 -0.06 11.63 3.62
CA HIS A 83 -1.40 11.37 4.20
C HIS A 83 -1.61 9.87 4.42
N LYS A 84 -2.46 9.52 5.35
CA LYS A 84 -2.72 8.08 5.62
C LYS A 84 -3.47 7.44 4.46
N GLU A 85 -4.07 6.31 4.68
CA GLU A 85 -4.82 5.64 3.58
C GLU A 85 -6.33 5.75 3.83
N ASN A 86 -7.13 5.41 2.86
CA ASN A 86 -8.61 5.50 3.05
C ASN A 86 -9.20 4.10 3.23
N ILE A 87 -9.96 3.88 4.27
CA ILE A 87 -10.57 2.54 4.48
C ILE A 87 -11.62 2.27 3.39
N ILE A 88 -11.27 1.48 2.41
CA ILE A 88 -12.24 1.19 1.31
C ILE A 88 -13.01 -0.10 1.58
N SER A 89 -12.41 -1.03 2.26
CA SER A 89 -13.12 -2.31 2.55
C SER A 89 -12.36 -3.11 3.62
N LYS A 90 -12.84 -3.11 4.82
CA LYS A 90 -12.15 -3.86 5.90
C LYS A 90 -12.76 -5.25 6.05
N ASN A 91 -12.03 -6.28 5.72
CA ASN A 91 -12.58 -7.66 5.85
C ASN A 91 -12.13 -8.29 7.17
N THR A 92 -12.63 -7.79 8.27
CA THR A 92 -12.24 -8.36 9.59
C THR A 92 -12.51 -9.87 9.62
N ALA A 93 -13.49 -10.32 8.88
CA ALA A 93 -13.81 -11.78 8.86
C ALA A 93 -12.63 -12.58 8.29
N LYS A 94 -12.14 -12.21 7.14
CA LYS A 94 -11.01 -12.96 6.54
C LYS A 94 -9.67 -12.27 6.88
N ASP A 95 -9.66 -11.44 7.88
CA ASP A 95 -8.39 -10.75 8.26
C ASP A 95 -7.76 -10.10 7.03
N GLU A 96 -8.46 -9.17 6.43
CA GLU A 96 -7.90 -8.49 5.23
C GLU A 96 -8.38 -7.04 5.17
N ARG A 97 -7.82 -6.25 4.30
CA ARG A 97 -8.24 -4.82 4.21
C ARG A 97 -7.73 -4.19 2.91
N THR A 98 -8.33 -3.11 2.50
CA THR A 98 -7.89 -2.44 1.25
C THR A 98 -7.94 -0.92 1.44
N SER A 99 -7.06 -0.19 0.82
CA SER A 99 -7.08 1.30 0.99
C SER A 99 -6.66 1.99 -0.31
N GLU A 100 -7.29 3.10 -0.62
CA GLU A 100 -6.94 3.84 -1.85
C GLU A 100 -5.89 4.92 -1.53
N PHE A 101 -4.98 5.18 -2.43
CA PHE A 101 -3.94 6.20 -2.15
C PHE A 101 -3.90 7.27 -3.26
N GLU A 102 -3.70 8.50 -2.89
CA GLU A 102 -3.62 9.58 -3.92
C GLU A 102 -2.17 9.97 -4.15
N VAL A 103 -1.71 9.92 -5.37
CA VAL A 103 -0.28 10.27 -5.64
C VAL A 103 -0.12 10.87 -7.05
N SER A 104 0.67 11.90 -7.17
CA SER A 104 0.89 12.51 -8.51
C SER A 104 1.43 11.44 -9.47
N LYS A 105 0.58 10.90 -10.30
CA LYS A 105 1.05 9.83 -11.23
C LYS A 105 1.73 8.71 -10.43
N LEU A 106 2.13 7.65 -11.06
CA LEU A 106 2.78 6.54 -10.32
C LEU A 106 3.80 5.80 -11.20
N ASN A 107 4.99 6.31 -11.29
CA ASN A 107 6.03 5.64 -12.11
C ASN A 107 7.41 5.80 -11.47
N GLY A 108 7.68 5.08 -10.42
CA GLY A 108 9.00 5.20 -9.75
C GLY A 108 8.87 4.84 -8.27
N LYS A 109 8.97 5.81 -7.40
CA LYS A 109 8.84 5.52 -5.95
C LYS A 109 8.44 6.78 -5.17
N ILE A 110 7.75 6.61 -4.08
CA ILE A 110 7.32 7.79 -3.28
C ILE A 110 7.55 7.52 -1.79
N ASP A 111 7.87 8.53 -1.03
CA ASP A 111 8.12 8.32 0.42
C ASP A 111 6.78 8.14 1.15
N GLY A 112 6.55 6.97 1.69
CA GLY A 112 5.27 6.74 2.41
C GLY A 112 5.55 6.37 3.87
N LYS A 113 4.52 6.14 4.64
CA LYS A 113 4.74 5.78 6.07
C LYS A 113 3.68 4.77 6.51
N ILE A 114 3.92 4.05 7.57
CA ILE A 114 2.91 3.05 8.04
C ILE A 114 3.12 2.76 9.53
N ASP A 115 2.04 2.50 10.22
CA ASP A 115 2.15 2.19 11.68
C ASP A 115 1.94 0.70 11.90
N VAL A 116 2.45 0.16 12.97
CA VAL A 116 2.28 -1.30 13.22
C VAL A 116 1.81 -1.55 14.66
N TYR A 117 0.99 -2.55 14.86
CA TYR A 117 0.50 -2.85 16.23
C TYR A 117 0.19 -4.34 16.38
N ILE A 118 0.99 -5.04 17.14
CA ILE A 118 0.74 -6.50 17.32
C ILE A 118 0.85 -6.88 18.80
N ASP A 119 0.17 -7.91 19.20
CA ASP A 119 0.23 -8.35 20.62
C ASP A 119 -0.23 -9.80 20.75
N GLU A 120 0.69 -10.73 20.75
CA GLU A 120 0.31 -12.15 20.86
C GLU A 120 1.56 -13.03 20.98
N LYS A 121 1.38 -14.33 21.01
CA LYS A 121 2.56 -15.23 21.12
C LYS A 121 2.99 -15.71 19.73
N VAL A 122 4.05 -15.15 19.21
CA VAL A 122 4.52 -15.57 17.86
C VAL A 122 5.23 -16.91 17.94
N ASN A 123 4.62 -17.96 17.48
CA ASN A 123 5.27 -19.30 17.53
C ASN A 123 5.51 -19.71 18.99
N GLY A 124 4.68 -19.25 19.88
CA GLY A 124 4.86 -19.62 21.32
C GLY A 124 5.79 -18.60 21.99
N LYS A 125 5.73 -17.37 21.56
CA LYS A 125 6.61 -16.32 22.17
C LYS A 125 5.88 -14.97 22.21
N PRO A 126 5.62 -14.50 23.40
CA PRO A 126 4.92 -13.19 23.55
C PRO A 126 5.63 -12.11 22.74
N PHE A 127 4.97 -11.56 21.76
CA PHE A 127 5.62 -10.50 20.92
C PHE A 127 4.89 -9.18 21.08
N LYS A 128 5.58 -8.15 21.49
CA LYS A 128 4.94 -6.82 21.67
C LYS A 128 5.34 -5.89 20.52
N TYR A 129 4.40 -5.38 19.78
CA TYR A 129 4.73 -4.48 18.64
C TYR A 129 3.75 -3.29 18.60
N ASP A 130 4.24 -2.10 18.73
CA ASP A 130 3.34 -0.92 18.69
C ASP A 130 4.15 0.37 18.57
N HIS A 131 4.50 0.75 17.38
CA HIS A 131 5.30 2.00 17.20
C HIS A 131 5.05 2.61 15.82
N HIS A 132 5.93 3.45 15.36
CA HIS A 132 5.74 4.08 14.01
C HIS A 132 6.91 3.73 13.09
N TYR A 133 6.65 3.60 11.83
CA TYR A 133 7.75 3.27 10.87
C TYR A 133 7.39 3.75 9.46
N ASN A 134 8.23 3.50 8.50
CA ASN A 134 7.93 3.97 7.11
C ASN A 134 8.55 3.02 6.08
N ILE A 135 8.19 3.18 4.84
CA ILE A 135 8.76 2.29 3.78
C ILE A 135 8.69 2.97 2.41
N THR A 136 9.44 2.49 1.46
CA THR A 136 9.44 3.12 0.11
C THR A 136 8.40 2.45 -0.81
N TYR A 137 7.43 3.19 -1.25
CA TYR A 137 6.40 2.59 -2.16
C TYR A 137 6.82 2.76 -3.62
N LYS A 138 7.34 1.72 -4.23
CA LYS A 138 7.77 1.83 -5.65
C LYS A 138 6.60 1.53 -6.60
N PHE A 139 6.03 2.54 -7.18
CA PHE A 139 4.89 2.31 -8.11
C PHE A 139 5.39 2.19 -9.55
N ASN A 140 4.68 1.50 -10.39
CA ASN A 140 5.12 1.34 -11.81
C ASN A 140 3.92 1.39 -12.76
N GLY A 141 3.72 2.50 -13.42
CA GLY A 141 2.57 2.62 -14.36
C GLY A 141 2.86 3.69 -15.41
N PRO A 142 1.81 4.33 -15.87
CA PRO A 142 1.96 5.40 -16.89
C PRO A 142 2.77 6.56 -16.33
N THR A 143 2.83 7.65 -17.05
CA THR A 143 3.61 8.83 -16.55
C THR A 143 2.97 10.14 -17.04
N ASP A 144 2.56 10.18 -18.28
CA ASP A 144 1.92 11.41 -18.81
C ASP A 144 0.82 11.04 -19.80
N VAL A 145 1.13 10.24 -20.78
CA VAL A 145 0.10 9.84 -21.78
C VAL A 145 -0.52 11.08 -22.43
N ALA A 146 0.29 11.96 -22.94
CA ALA A 146 -0.26 13.19 -23.58
C ALA A 146 -0.68 12.88 -25.01
N GLY A 147 -1.96 12.84 -25.27
CA GLY A 147 -2.44 12.54 -26.66
C GLY A 147 -3.94 12.30 -26.63
ZN ZNH B . 8.53 -4.92 11.18
CHA ZNH B . 11.18 -2.90 11.56
CHB ZNH B . 9.79 -6.91 13.62
CHC ZNH B . 6.07 -6.83 10.82
CHD ZNH B . 7.37 -2.88 8.75
NA ZNH B . 10.07 -4.90 12.29
C1A ZNH B . 11.13 -3.96 12.33
C2A ZNH B . 12.05 -4.32 13.28
C3A ZNH B . 11.65 -5.44 13.85
C4A ZNH B . 10.45 -5.83 13.29
CMA ZNH B . 12.38 -6.18 14.94
CAA ZNH B . 13.30 -3.57 13.62
CBA ZNH B . 14.50 -4.22 12.91
CGA ZNH B . 15.75 -3.45 13.24
O1A ZNH B . 16.83 -3.90 12.95
O2A ZNH B . 15.67 -2.25 13.84
NB ZNH B . 8.03 -6.56 12.07
C1B ZNH B . 8.63 -7.29 13.08
C2B ZNH B . 7.89 -8.39 13.39
C3B ZNH B . 6.81 -8.42 12.62
C4B ZNH B . 6.88 -7.24 11.74
CMB ZNH B . 8.24 -9.42 14.44
CAB ZNH B . 5.76 -9.46 12.67
CBB ZNH B . 4.49 -9.15 12.44
NC ZNH B . 7.02 -4.85 10.01
C1C ZNH B . 6.02 -5.82 10.03
C2C ZNH B . 5.07 -5.46 9.09
C3C ZNH B . 5.44 -4.33 8.47
C4C ZNH B . 6.64 -3.91 9.02
CMC ZNH B . 3.82 -6.25 8.81
CAC ZNH B . 4.69 -3.66 7.40
CBC ZNH B . 3.53 -3.06 7.67
ND ZNH B . 9.14 -3.30 10.37
C1D ZNH B . 8.51 -2.59 9.37
C2D ZNH B . 9.30 -1.42 9.04
C3D ZNH B . 10.35 -1.41 9.81
C4D ZNH B . 10.28 -2.58 10.65
CMD ZNH B . 8.95 -0.39 7.99
CAD ZNH B . 11.45 -0.38 9.80
CBD ZNH B . 12.56 -0.81 8.86
CGD ZNH B . 12.62 0.12 7.68
O1D ZNH B . 11.61 0.35 7.05
O2D ZNH B . 13.76 0.70 7.32
HHA ZNH B . 12.05 -2.23 11.66
HHB ZNH B . 10.19 -7.54 14.40
HHC ZNH B . 5.21 -7.49 10.69
HHD ZNH B . 7.03 -2.19 7.97
HMA1 ZNH B . 11.92 -5.94 15.90
HMA2 ZNH B . 13.42 -5.87 14.95
HMA3 ZNH B . 12.32 -7.24 14.77
HAA1 ZNH B . 13.46 -3.60 14.70
HAA2 ZNH B . 13.21 -2.54 13.29
HBA1 ZNH B . 14.33 -4.21 11.84
HBA2 ZNH B . 14.61 -5.25 13.27
HMB1 ZNH B . 7.35 -10.01 14.68
HMB2 ZNH B . 8.61 -8.91 15.33
HMB3 ZNH B . 9.02 -10.08 14.05
HAB ZNH B . 5.99 -10.44 13.09
HBB1 ZNH B . 3.71 -9.87 12.70
HBB2 ZNH B . 4.22 -8.12 12.23
HMC1 ZNH B . 3.37 -6.58 9.75
HMC2 ZNH B . 4.06 -7.12 8.20
HMC3 ZNH B . 3.11 -5.61 8.27
HAC ZNH B . 5.06 -3.67 6.38
HBC1 ZNH B . 2.95 -2.60 6.86
HBC2 ZNH B . 3.13 -3.08 8.68
HMD1 ZNH B . 7.85 -0.30 7.92
HMD2 ZNH B . 9.35 -0.69 7.03
HMD3 ZNH B . 9.37 0.57 8.28
HAD1 ZNH B . 11.04 0.58 9.48
HAD2 ZNH B . 11.85 -0.28 10.82
HBD1 ZNH B . 12.37 -1.82 8.51
HBD2 ZNH B . 13.52 -0.78 9.38
N SER A 22 -17.77 10.60 -23.62
CA SER A 22 -17.46 9.16 -23.37
C SER A 22 -16.52 8.63 -24.45
N ALA A 23 -15.53 7.88 -24.07
CA ALA A 23 -14.58 7.32 -25.08
C ALA A 23 -13.63 6.32 -24.42
N ASN A 24 -14.17 5.24 -23.89
CA ASN A 24 -13.30 4.23 -23.23
C ASN A 24 -12.55 4.86 -22.06
N ALA A 25 -13.13 5.86 -21.46
CA ALA A 25 -12.45 6.52 -20.30
C ALA A 25 -12.45 5.58 -19.09
N ALA A 26 -11.64 4.55 -19.13
CA ALA A 26 -11.59 3.60 -17.99
C ALA A 26 -10.85 4.23 -16.81
N ASP A 27 -9.63 4.66 -17.01
CA ASP A 27 -8.86 5.29 -15.90
C ASP A 27 -8.79 4.35 -14.70
N SER A 28 -8.73 3.06 -14.94
CA SER A 28 -8.66 2.11 -13.79
C SER A 28 -8.12 0.75 -14.26
N GLY A 29 -7.28 0.14 -13.46
CA GLY A 29 -6.72 -1.18 -13.87
C GLY A 29 -5.67 -1.63 -12.86
N THR A 30 -5.10 -2.79 -13.04
CA THR A 30 -4.06 -3.28 -12.09
C THR A 30 -2.67 -2.80 -12.53
N LEU A 31 -2.09 -1.88 -11.80
CA LEU A 31 -0.74 -1.37 -12.19
C LEU A 31 0.36 -2.12 -11.42
N ASN A 32 1.53 -2.20 -11.98
CA ASN A 32 2.65 -2.91 -11.30
C ASN A 32 3.29 -1.99 -10.25
N TYR A 33 3.56 -2.49 -9.08
CA TYR A 33 4.20 -1.66 -8.03
C TYR A 33 4.71 -2.54 -6.89
N GLU A 34 5.59 -2.02 -6.08
CA GLU A 34 6.13 -2.84 -4.96
C GLU A 34 6.63 -1.93 -3.83
N VAL A 35 7.38 -2.47 -2.91
CA VAL A 35 7.91 -1.64 -1.79
C VAL A 35 9.35 -2.01 -1.49
N TYR A 36 10.02 -1.23 -0.68
CA TYR A 36 11.44 -1.53 -0.34
C TYR A 36 11.74 -1.06 1.08
N LYS A 37 12.77 -1.59 1.68
CA LYS A 37 13.12 -1.18 3.07
C LYS A 37 13.60 0.27 3.07
N TYR A 38 13.15 1.07 4.00
CA TYR A 38 13.59 2.49 4.03
C TYR A 38 15.09 2.55 4.31
N ASN A 39 15.75 3.54 3.74
CA ASN A 39 17.24 3.68 3.93
C ASN A 39 17.99 2.58 3.17
N THR A 40 17.28 1.75 2.43
CA THR A 40 17.97 0.67 1.66
C THR A 40 17.34 0.56 0.27
N ASN A 41 17.62 -0.48 -0.47
CA ASN A 41 17.03 -0.62 -1.82
C ASN A 41 16.48 -2.05 -2.02
N ASP A 42 16.25 -2.76 -0.95
CA ASP A 42 15.72 -4.15 -1.08
C ASP A 42 14.60 -4.39 -0.06
N THR A 43 13.40 -4.66 -0.51
CA THR A 43 12.29 -4.92 0.46
C THR A 43 12.73 -6.01 1.44
N SER A 44 12.49 -5.83 2.71
CA SER A 44 12.93 -6.87 3.68
C SER A 44 11.79 -7.28 4.63
N ILE A 45 10.75 -6.49 4.75
CA ILE A 45 9.65 -6.89 5.67
C ILE A 45 8.28 -6.60 5.04
N ALA A 46 8.09 -5.41 4.54
CA ALA A 46 6.77 -5.06 3.94
C ALA A 46 6.64 -5.58 2.50
N ASN A 47 7.58 -6.37 2.06
CA ASN A 47 7.49 -6.90 0.66
C ASN A 47 6.34 -7.91 0.54
N ASP A 48 6.10 -8.67 1.57
CA ASP A 48 4.99 -9.68 1.51
C ASP A 48 3.77 -9.19 2.29
N TYR A 49 3.72 -7.94 2.63
CA TYR A 49 2.55 -7.42 3.40
C TYR A 49 1.46 -6.86 2.46
N PHE A 50 1.75 -6.75 1.19
CA PHE A 50 0.73 -6.21 0.26
C PHE A 50 0.51 -7.16 -0.93
N ASN A 51 -0.71 -7.56 -1.17
CA ASN A 51 -0.98 -8.47 -2.31
C ASN A 51 -0.86 -7.70 -3.63
N LYS A 52 0.21 -7.90 -4.36
CA LYS A 52 0.36 -7.17 -5.65
C LYS A 52 -0.18 -8.02 -6.81
N PRO A 53 -0.38 -7.39 -7.93
CA PRO A 53 -0.10 -5.94 -8.08
C PRO A 53 -1.23 -5.11 -7.44
N ALA A 54 -1.14 -3.81 -7.53
CA ALA A 54 -2.21 -2.96 -6.93
C ALA A 54 -3.14 -2.43 -8.03
N LYS A 55 -4.26 -1.87 -7.65
CA LYS A 55 -5.20 -1.33 -8.68
C LYS A 55 -5.10 0.18 -8.73
N TYR A 56 -4.63 0.72 -9.84
CA TYR A 56 -4.51 2.20 -9.96
C TYR A 56 -5.72 2.77 -10.67
N ILE A 57 -5.95 4.06 -10.56
CA ILE A 57 -7.12 4.67 -11.25
C ILE A 57 -6.87 6.16 -11.50
N LYS A 58 -7.51 6.73 -12.49
CA LYS A 58 -7.30 8.17 -12.79
C LYS A 58 -8.63 8.86 -13.10
N LYS A 59 -8.61 10.17 -13.20
CA LYS A 59 -9.87 10.92 -13.51
C LYS A 59 -9.51 12.27 -14.15
N ASN A 60 -8.88 12.24 -15.28
CA ASN A 60 -8.52 13.52 -15.96
C ASN A 60 -7.75 14.45 -15.00
N GLY A 61 -6.44 14.38 -15.02
CA GLY A 61 -5.64 15.28 -14.14
C GLY A 61 -5.60 14.73 -12.70
N LYS A 62 -5.74 13.45 -12.52
CA LYS A 62 -5.70 12.88 -11.14
C LYS A 62 -5.68 11.36 -11.18
N LEU A 63 -5.22 10.74 -10.11
CA LEU A 63 -5.21 9.26 -10.08
C LEU A 63 -4.86 8.73 -8.70
N TYR A 64 -5.42 7.61 -8.36
CA TYR A 64 -5.18 7.00 -7.04
C TYR A 64 -5.00 5.49 -7.21
N VAL A 65 -4.61 4.80 -6.18
CA VAL A 65 -4.44 3.32 -6.30
C VAL A 65 -4.86 2.63 -5.01
N GLN A 66 -5.46 1.49 -5.11
CA GLN A 66 -5.89 0.77 -3.88
C GLN A 66 -4.85 -0.28 -3.48
N ILE A 67 -4.53 -0.36 -2.23
CA ILE A 67 -3.52 -1.37 -1.78
C ILE A 67 -4.21 -2.43 -0.94
N THR A 68 -3.83 -3.67 -1.10
CA THR A 68 -4.49 -4.75 -0.32
C THR A 68 -3.75 -4.94 1.02
N VAL A 69 -4.49 -5.12 2.07
CA VAL A 69 -3.86 -5.30 3.41
C VAL A 69 -3.90 -6.78 3.81
N ASN A 70 -2.76 -7.36 4.07
CA ASN A 70 -2.72 -8.80 4.46
C ASN A 70 -2.58 -8.93 5.97
N HIS A 71 -3.42 -9.73 6.58
CA HIS A 71 -3.34 -9.91 8.06
C HIS A 71 -3.50 -8.57 8.77
N SER A 72 -4.70 -8.24 9.17
CA SER A 72 -4.92 -6.94 9.86
C SER A 72 -4.32 -6.97 11.28
N HIS A 73 -3.95 -8.13 11.76
CA HIS A 73 -3.36 -8.21 13.13
C HIS A 73 -1.92 -7.67 13.12
N TRP A 74 -1.25 -7.73 12.01
CA TRP A 74 0.15 -7.23 11.95
C TRP A 74 0.17 -5.78 11.47
N ILE A 75 -0.54 -5.48 10.41
CA ILE A 75 -0.56 -4.08 9.89
C ILE A 75 -1.66 -3.28 10.59
N THR A 76 -1.29 -2.27 11.32
CA THR A 76 -2.31 -1.45 12.03
C THR A 76 -2.80 -0.31 11.12
N GLY A 77 -2.03 0.06 10.14
CA GLY A 77 -2.46 1.15 9.23
C GLY A 77 -1.39 1.40 8.17
N MET A 78 -1.63 2.30 7.26
CA MET A 78 -0.62 2.60 6.19
C MET A 78 -0.77 4.04 5.71
N SER A 79 0.23 4.58 5.07
CA SER A 79 0.15 5.97 4.56
C SER A 79 1.10 6.17 3.39
N ILE A 80 0.77 7.04 2.47
CA ILE A 80 1.66 7.27 1.30
C ILE A 80 1.67 8.77 0.93
N GLU A 81 2.80 9.26 0.49
CA GLU A 81 2.90 10.70 0.11
C GLU A 81 2.81 11.62 1.35
N GLY A 82 2.74 11.05 2.53
CA GLY A 82 2.68 11.91 3.74
C GLY A 82 1.23 12.07 4.23
N HIS A 83 0.34 11.20 3.85
CA HIS A 83 -1.07 11.34 4.32
C HIS A 83 -1.64 9.99 4.74
N LYS A 84 -2.71 9.97 5.47
CA LYS A 84 -3.29 8.67 5.91
C LYS A 84 -3.93 7.95 4.72
N GLU A 85 -4.53 6.82 4.96
CA GLU A 85 -5.18 6.06 3.84
C GLU A 85 -6.70 6.10 4.00
N ASN A 86 -7.42 5.67 2.99
CA ASN A 86 -8.91 5.68 3.08
C ASN A 86 -9.44 4.24 3.14
N ILE A 87 -10.22 3.93 4.14
CA ILE A 87 -10.77 2.55 4.24
C ILE A 87 -11.76 2.30 3.11
N ILE A 88 -11.35 1.58 2.11
CA ILE A 88 -12.26 1.32 0.95
C ILE A 88 -12.96 -0.04 1.12
N SER A 89 -12.34 -0.96 1.81
CA SER A 89 -12.99 -2.29 2.00
C SER A 89 -12.25 -3.06 3.09
N LYS A 90 -12.79 -3.09 4.28
CA LYS A 90 -12.11 -3.82 5.38
C LYS A 90 -12.67 -5.24 5.50
N ASN A 91 -11.88 -6.16 5.98
CA ASN A 91 -12.36 -7.56 6.12
C ASN A 91 -11.76 -8.20 7.38
N THR A 92 -12.36 -7.97 8.52
CA THR A 92 -11.82 -8.56 9.77
C THR A 92 -12.06 -10.07 9.79
N ALA A 93 -13.07 -10.54 9.10
CA ALA A 93 -13.34 -12.00 9.08
C ALA A 93 -12.17 -12.75 8.45
N LYS A 94 -11.76 -12.35 7.28
CA LYS A 94 -10.62 -13.04 6.60
C LYS A 94 -9.31 -12.27 6.86
N ASP A 95 -9.30 -11.41 7.85
CA ASP A 95 -8.06 -10.64 8.15
C ASP A 95 -7.55 -9.95 6.88
N GLU A 96 -8.34 -9.09 6.30
CA GLU A 96 -7.90 -8.38 5.07
C GLU A 96 -8.51 -6.98 5.00
N ARG A 97 -8.02 -6.16 4.12
CA ARG A 97 -8.56 -4.78 3.99
C ARG A 97 -7.92 -4.07 2.79
N THR A 98 -8.44 -2.95 2.39
CA THR A 98 -7.85 -2.23 1.22
C THR A 98 -7.89 -0.72 1.48
N SER A 99 -7.01 0.02 0.88
CA SER A 99 -7.01 1.50 1.10
C SER A 99 -6.59 2.24 -0.18
N GLU A 100 -7.22 3.35 -0.46
CA GLU A 100 -6.87 4.12 -1.69
C GLU A 100 -5.83 5.20 -1.33
N PHE A 101 -4.94 5.50 -2.25
CA PHE A 101 -3.91 6.54 -1.95
C PHE A 101 -3.86 7.58 -3.08
N GLU A 102 -3.55 8.80 -2.74
CA GLU A 102 -3.48 9.87 -3.78
C GLU A 102 -2.01 10.21 -4.08
N VAL A 103 -1.62 10.16 -5.32
CA VAL A 103 -0.19 10.47 -5.65
C VAL A 103 -0.07 11.06 -7.06
N SER A 104 0.93 11.86 -7.30
CA SER A 104 1.11 12.44 -8.65
C SER A 104 1.58 11.35 -9.62
N LYS A 105 0.71 10.89 -10.48
CA LYS A 105 1.09 9.81 -11.43
C LYS A 105 1.74 8.66 -10.66
N LEU A 106 2.15 7.62 -11.35
CA LEU A 106 2.78 6.47 -10.64
C LEU A 106 3.78 5.75 -11.55
N ASN A 107 4.98 6.26 -11.64
CA ASN A 107 6.01 5.61 -12.50
C ASN A 107 7.40 5.78 -11.87
N GLY A 108 7.64 5.14 -10.75
CA GLY A 108 8.98 5.26 -10.09
C GLY A 108 8.88 4.81 -8.63
N LYS A 109 8.98 5.74 -7.71
CA LYS A 109 8.90 5.37 -6.26
C LYS A 109 8.48 6.60 -5.44
N ILE A 110 7.76 6.39 -4.37
CA ILE A 110 7.33 7.55 -3.54
C ILE A 110 7.52 7.24 -2.05
N ASP A 111 7.76 8.24 -1.26
CA ASP A 111 7.95 8.00 0.21
C ASP A 111 6.59 7.75 0.88
N GLY A 112 6.50 6.72 1.68
CA GLY A 112 5.21 6.44 2.37
C GLY A 112 5.49 6.03 3.82
N LYS A 113 4.45 5.76 4.58
CA LYS A 113 4.66 5.36 6.00
C LYS A 113 3.61 4.33 6.41
N ILE A 114 3.83 3.65 7.50
CA ILE A 114 2.83 2.63 7.95
C ILE A 114 2.97 2.35 9.44
N ASP A 115 1.87 2.17 10.12
CA ASP A 115 1.93 1.89 11.58
C ASP A 115 1.68 0.40 11.83
N VAL A 116 2.20 -0.15 12.90
CA VAL A 116 1.99 -1.59 13.18
C VAL A 116 1.48 -1.78 14.62
N TYR A 117 0.77 -2.85 14.88
CA TYR A 117 0.26 -3.07 16.25
C TYR A 117 0.11 -4.57 16.54
N ILE A 118 1.03 -5.14 17.28
CA ILE A 118 0.92 -6.60 17.59
C ILE A 118 1.18 -6.83 19.09
N ASP A 119 0.63 -7.87 19.64
CA ASP A 119 0.85 -8.14 21.09
C ASP A 119 0.54 -9.60 21.40
N GLU A 120 1.55 -10.44 21.40
CA GLU A 120 1.31 -11.89 21.70
C GLU A 120 2.64 -12.64 21.77
N LYS A 121 2.62 -13.92 21.55
CA LYS A 121 3.87 -14.71 21.61
C LYS A 121 4.12 -15.44 20.28
N VAL A 122 5.22 -15.17 19.64
CA VAL A 122 5.51 -15.84 18.33
C VAL A 122 5.98 -17.28 18.57
N ASN A 123 5.06 -18.22 18.56
CA ASN A 123 5.46 -19.64 18.78
C ASN A 123 6.28 -19.77 20.07
N GLY A 124 6.00 -18.95 21.04
CA GLY A 124 6.76 -19.04 22.32
C GLY A 124 7.69 -17.83 22.45
N LYS A 125 7.25 -16.69 21.99
CA LYS A 125 8.11 -15.47 22.08
C LYS A 125 7.24 -14.23 22.31
N PRO A 126 6.94 -13.98 23.55
CA PRO A 126 6.10 -12.81 23.91
C PRO A 126 6.78 -11.52 23.45
N PHE A 127 6.05 -10.68 22.75
CA PHE A 127 6.66 -9.40 22.27
C PHE A 127 5.57 -8.35 22.02
N LYS A 128 5.83 -7.12 22.38
CA LYS A 128 4.81 -6.06 22.16
C LYS A 128 5.23 -5.18 20.99
N TYR A 129 4.32 -4.91 20.08
CA TYR A 129 4.67 -4.05 18.91
C TYR A 129 3.60 -2.97 18.72
N ASP A 130 4.01 -1.74 18.59
CA ASP A 130 3.03 -0.65 18.39
C ASP A 130 3.75 0.68 18.13
N HIS A 131 4.03 0.97 16.88
CA HIS A 131 4.72 2.24 16.55
C HIS A 131 4.36 2.70 15.14
N HIS A 132 5.07 3.67 14.61
CA HIS A 132 4.75 4.16 13.24
C HIS A 132 5.97 4.02 12.33
N TYR A 133 6.16 2.88 11.73
CA TYR A 133 7.32 2.69 10.83
C TYR A 133 6.97 3.20 9.42
N ASN A 134 7.87 3.08 8.49
CA ASN A 134 7.57 3.56 7.11
C ASN A 134 8.35 2.75 6.07
N ILE A 135 8.02 2.91 4.82
CA ILE A 135 8.74 2.12 3.76
C ILE A 135 8.62 2.83 2.40
N THR A 136 9.31 2.31 1.42
CA THR A 136 9.25 2.92 0.06
C THR A 136 8.15 2.24 -0.78
N TYR A 137 7.76 2.86 -1.86
CA TYR A 137 6.70 2.25 -2.72
C TYR A 137 7.02 2.50 -4.19
N LYS A 138 7.56 1.52 -4.86
CA LYS A 138 7.91 1.69 -6.29
C LYS A 138 6.69 1.49 -7.18
N PHE A 139 6.18 2.54 -7.77
CA PHE A 139 4.99 2.39 -8.66
C PHE A 139 5.45 2.20 -10.11
N ASN A 140 4.79 1.34 -10.84
CA ASN A 140 5.20 1.12 -12.26
C ASN A 140 3.98 1.23 -13.19
N GLY A 141 3.79 2.39 -13.77
CA GLY A 141 2.63 2.59 -14.69
C GLY A 141 2.99 3.61 -15.76
N PRO A 142 1.99 4.29 -16.26
CA PRO A 142 2.20 5.30 -17.32
C PRO A 142 3.09 6.43 -16.79
N THR A 143 4.01 6.91 -17.58
CA THR A 143 4.90 8.01 -17.14
C THR A 143 4.30 9.37 -17.49
N ASP A 144 3.65 9.48 -18.62
CA ASP A 144 3.06 10.77 -19.02
C ASP A 144 1.62 10.57 -19.53
N VAL A 145 1.14 11.45 -20.36
CA VAL A 145 -0.24 11.32 -20.89
C VAL A 145 -1.24 11.25 -19.73
N ALA A 146 -1.69 12.38 -19.26
CA ALA A 146 -2.67 12.39 -18.13
C ALA A 146 -4.08 12.15 -18.65
N GLY A 147 -4.31 12.40 -19.91
CA GLY A 147 -5.68 12.19 -20.48
C GLY A 147 -5.62 12.35 -22.00
ZN ZNH B . 8.46 -4.90 11.82
CHA ZNH B . 11.07 -2.79 12.18
CHB ZNH B . 9.46 -6.49 14.64
CHC ZNH B . 6.06 -6.89 11.48
CHD ZNH B . 7.57 -3.24 9.02
NA ZNH B . 9.87 -4.69 13.07
C1A ZNH B . 10.92 -3.73 13.09
C2A ZNH B . 11.73 -3.94 14.17
C3A ZNH B . 11.28 -4.97 14.86
C4A ZNH B . 10.16 -5.47 14.23
CMA ZNH B . 11.89 -5.52 16.12
CAA ZNH B . 12.95 -3.12 14.53
CBA ZNH B . 14.17 -3.69 13.82
CGA ZNH B . 15.01 -4.48 14.81
O1A ZNH B . 15.86 -3.92 15.45
O2A ZNH B . 14.81 -5.80 14.95
NB ZNH B . 7.87 -6.40 12.88
C1B ZNH B . 8.37 -6.96 14.04
C2B ZNH B . 7.61 -8.03 14.44
C3B ZNH B . 6.61 -8.18 13.57
C4B ZNH B . 6.76 -7.14 12.54
CMB ZNH B . 7.84 -8.88 15.66
CAB ZNH B . 5.57 -9.23 13.66
CBB ZNH B . 4.33 -8.98 13.26
NC ZNH B . 7.08 -5.02 10.50
C1C ZNH B . 6.09 -6.00 10.55
C2C ZNH B . 5.26 -5.80 9.48
C3C ZNH B . 5.68 -4.75 8.75
C4C ZNH B . 6.81 -4.24 9.35
CMC ZNH B . 4.04 -6.64 9.16
CAC ZNH B . 5.05 -4.26 7.51
CBC ZNH B . 3.86 -3.67 7.58
ND ZNH B . 9.15 -3.41 10.85
C1D ZNH B . 8.63 -2.86 9.69
C2D ZNH B . 9.44 -1.73 9.29
C3D ZNH B . 10.42 -1.60 10.15
C4D ZNH B . 10.25 -2.63 11.14
CMD ZNH B . 9.21 -0.86 8.07
CAD ZNH B . 11.50 -0.55 10.12
CBD ZNH B . 12.83 -1.21 9.73
CGD ZNH B . 13.72 -0.19 9.08
O1D ZNH B . 14.93 -0.34 9.11
O2D ZNH B . 13.19 0.88 8.48
HHA ZNH B . 11.90 -2.11 12.28
HHB ZNH B . 9.79 -6.99 15.56
HHC ZNH B . 5.22 -7.58 11.36
HHD ZNH B . 7.30 -2.68 8.11
HMA1 ZNH B . 11.28 -5.24 16.97
HMA2 ZNH B . 12.89 -5.11 16.24
HMA3 ZNH B . 11.94 -6.61 16.06
HAA1 ZNH B . 13.11 -3.16 15.61
HAA2 ZNH B . 12.80 -2.09 14.22
HBA1 ZNH B . 14.77 -2.89 13.40
HBA2 ZNH B . 13.85 -4.35 13.01
HMB1 ZNH B . 6.90 -9.32 15.99
HMB2 ZNH B . 8.25 -8.26 16.46
HMB3 ZNH B . 8.55 -9.67 15.41
HAB ZNH B . 5.76 -10.10 14.27
HBB1 ZNH B . 3.52 -9.66 13.55
HBB2 ZNH B . 4.08 -8.00 12.87
HMC1 ZNH B . 3.52 -6.88 10.08
HMC2 ZNH B . 4.36 -7.57 8.68
HMC3 ZNH B . 3.38 -6.09 8.49
HAC ZNH B . 5.54 -4.39 6.55
HBC1 ZNH B . 3.38 -3.32 6.66
HBC2 ZNH B . 3.35 -3.56 8.53
HMD1 ZNH B . 8.37 -0.20 8.26
HMD2 ZNH B . 8.99 -1.50 7.22
HMD3 ZNH B . 10.11 -0.28 7.87
HAD1 ZNH B . 11.26 0.21 9.39
HAD2 ZNH B . 11.59 -0.09 11.10
HBD1 ZNH B . 12.64 -2.03 9.04
HBD2 ZNH B . 13.31 -1.60 10.63
N SER A 22 -18.71 3.59 -21.87
CA SER A 22 -18.68 4.87 -22.63
C SER A 22 -17.31 5.08 -23.27
N ALA A 23 -16.93 4.22 -24.18
CA ALA A 23 -15.60 4.36 -24.84
C ALA A 23 -14.48 4.30 -23.80
N ASN A 24 -13.79 3.19 -23.73
CA ASN A 24 -12.68 3.08 -22.74
C ASN A 24 -13.23 3.19 -21.32
N ALA A 25 -14.46 2.79 -21.12
CA ALA A 25 -15.05 2.88 -19.75
C ALA A 25 -14.32 1.94 -18.79
N ALA A 26 -13.43 2.48 -17.99
CA ALA A 26 -12.69 1.62 -17.02
C ALA A 26 -11.98 2.50 -15.99
N ASP A 27 -10.94 3.18 -16.38
CA ASP A 27 -10.20 4.05 -15.41
C ASP A 27 -9.73 3.23 -14.22
N SER A 28 -9.54 1.95 -14.38
CA SER A 28 -9.08 1.12 -13.24
C SER A 28 -8.42 -0.17 -13.73
N GLY A 29 -7.53 -0.72 -12.95
CA GLY A 29 -6.85 -1.97 -13.37
C GLY A 29 -5.73 -2.29 -12.38
N THR A 30 -5.15 -3.46 -12.48
CA THR A 30 -4.05 -3.83 -11.54
C THR A 30 -2.70 -3.37 -12.09
N LEU A 31 -2.09 -2.40 -11.46
CA LEU A 31 -0.78 -1.90 -11.96
C LEU A 31 0.37 -2.60 -11.22
N ASN A 32 1.53 -2.65 -11.84
CA ASN A 32 2.69 -3.31 -11.18
C ASN A 32 3.35 -2.33 -10.21
N TYR A 33 3.72 -2.78 -9.05
CA TYR A 33 4.37 -1.85 -8.09
C TYR A 33 5.00 -2.63 -6.93
N GLU A 34 5.87 -2.00 -6.19
CA GLU A 34 6.53 -2.70 -5.05
C GLU A 34 6.97 -1.67 -4.01
N VAL A 35 7.77 -2.08 -3.07
CA VAL A 35 8.25 -1.12 -2.02
C VAL A 35 9.72 -1.39 -1.71
N TYR A 36 10.28 -0.65 -0.80
CA TYR A 36 11.71 -0.86 -0.44
C TYR A 36 11.94 -0.52 1.03
N LYS A 37 12.89 -1.15 1.64
CA LYS A 37 13.17 -0.87 3.08
C LYS A 37 13.73 0.55 3.24
N TYR A 38 13.16 1.34 4.09
CA TYR A 38 13.68 2.73 4.27
C TYR A 38 15.16 2.69 4.62
N ASN A 39 15.90 3.68 4.18
CA ASN A 39 17.37 3.73 4.46
C ASN A 39 18.11 2.68 3.62
N THR A 40 17.42 1.94 2.80
CA THR A 40 18.11 0.92 1.94
C THR A 40 17.52 0.97 0.52
N ASN A 41 17.81 -0.02 -0.27
CA ASN A 41 17.26 -0.04 -1.67
C ASN A 41 16.68 -1.42 -1.99
N ASP A 42 16.44 -2.23 -0.99
CA ASP A 42 15.87 -3.58 -1.25
C ASP A 42 14.76 -3.90 -0.24
N THR A 43 13.57 -4.17 -0.71
CA THR A 43 12.46 -4.51 0.23
C THR A 43 12.92 -5.60 1.19
N SER A 44 12.70 -5.43 2.47
CA SER A 44 13.18 -6.47 3.43
C SER A 44 12.05 -6.92 4.38
N ILE A 45 11.01 -6.16 4.50
CA ILE A 45 9.90 -6.57 5.42
C ILE A 45 8.54 -6.32 4.76
N ALA A 46 8.13 -5.09 4.71
CA ALA A 46 6.82 -4.75 4.11
C ALA A 46 6.64 -5.44 2.75
N ASN A 47 7.73 -5.76 2.10
CA ASN A 47 7.64 -6.43 0.76
C ASN A 47 6.62 -7.59 0.79
N ASP A 48 6.51 -8.27 1.89
CA ASP A 48 5.54 -9.42 1.97
C ASP A 48 4.28 -9.01 2.73
N TYR A 49 4.05 -7.74 2.91
CA TYR A 49 2.83 -7.30 3.65
C TYR A 49 1.72 -6.88 2.69
N PHE A 50 2.05 -6.63 1.45
CA PHE A 50 1.00 -6.21 0.47
C PHE A 50 0.87 -7.22 -0.67
N ASN A 51 -0.33 -7.66 -0.94
CA ASN A 51 -0.53 -8.63 -2.05
C ASN A 51 -0.42 -7.92 -3.40
N LYS A 52 0.57 -8.23 -4.18
CA LYS A 52 0.72 -7.55 -5.51
C LYS A 52 0.01 -8.39 -6.60
N PRO A 53 -0.30 -7.74 -7.69
CA PRO A 53 0.00 -6.30 -7.86
C PRO A 53 -1.06 -5.44 -7.17
N ALA A 54 -0.98 -4.14 -7.31
CA ALA A 54 -2.00 -3.25 -6.67
C ALA A 54 -3.02 -2.79 -7.71
N LYS A 55 -4.06 -2.12 -7.28
CA LYS A 55 -5.09 -1.66 -8.25
C LYS A 55 -5.00 -0.14 -8.48
N TYR A 56 -4.70 0.27 -9.68
CA TYR A 56 -4.61 1.73 -9.97
C TYR A 56 -5.92 2.22 -10.60
N ILE A 57 -6.17 3.49 -10.59
CA ILE A 57 -7.45 3.99 -11.20
C ILE A 57 -7.31 5.45 -11.64
N LYS A 58 -7.53 5.73 -12.89
CA LYS A 58 -7.43 7.13 -13.38
C LYS A 58 -8.56 7.44 -14.37
N LYS A 59 -9.22 8.55 -14.19
CA LYS A 59 -10.35 8.90 -15.11
C LYS A 59 -9.95 10.10 -15.98
N ASN A 60 -8.93 9.94 -16.80
CA ASN A 60 -8.50 11.05 -17.70
C ASN A 60 -8.33 12.36 -16.91
N GLY A 61 -7.12 12.72 -16.57
CA GLY A 61 -6.90 13.99 -15.82
C GLY A 61 -6.70 13.67 -14.33
N LYS A 62 -7.09 12.51 -13.89
CA LYS A 62 -6.91 12.15 -12.46
C LYS A 62 -6.48 10.70 -12.32
N LEU A 63 -5.79 10.36 -11.27
CA LEU A 63 -5.35 8.95 -11.08
C LEU A 63 -5.11 8.64 -9.60
N TYR A 64 -5.46 7.45 -9.19
CA TYR A 64 -5.27 7.06 -7.78
C TYR A 64 -4.77 5.61 -7.72
N VAL A 65 -4.73 5.03 -6.55
CA VAL A 65 -4.27 3.62 -6.45
C VAL A 65 -4.72 3.03 -5.10
N GLN A 66 -4.65 1.73 -4.96
CA GLN A 66 -5.08 1.12 -3.68
C GLN A 66 -4.14 -0.03 -3.29
N ILE A 67 -3.88 -0.18 -2.03
CA ILE A 67 -2.97 -1.28 -1.58
C ILE A 67 -3.73 -2.29 -0.72
N THR A 68 -3.64 -3.54 -1.05
CA THR A 68 -4.35 -4.58 -0.24
C THR A 68 -3.46 -5.04 0.92
N VAL A 69 -3.94 -4.94 2.12
CA VAL A 69 -3.11 -5.37 3.28
C VAL A 69 -3.57 -6.74 3.80
N ASN A 70 -2.64 -7.59 4.14
CA ASN A 70 -3.01 -8.94 4.64
C ASN A 70 -2.92 -8.99 6.17
N HIS A 71 -3.90 -9.55 6.82
CA HIS A 71 -3.87 -9.62 8.31
C HIS A 71 -3.83 -8.22 8.91
N SER A 72 -4.93 -7.73 9.38
CA SER A 72 -4.95 -6.35 9.98
C SER A 72 -4.06 -6.30 11.23
N HIS A 73 -4.00 -7.38 11.96
CA HIS A 73 -3.15 -7.39 13.19
C HIS A 73 -1.73 -6.93 12.86
N TRP A 74 -1.08 -7.61 11.95
CA TRP A 74 0.32 -7.20 11.59
C TRP A 74 0.35 -5.74 11.16
N ILE A 75 -0.32 -5.41 10.10
CA ILE A 75 -0.33 -3.98 9.63
C ILE A 75 -1.46 -3.21 10.31
N THR A 76 -1.11 -2.26 11.13
CA THR A 76 -2.16 -1.47 11.85
C THR A 76 -2.62 -0.29 10.98
N GLY A 77 -1.79 0.19 10.10
CA GLY A 77 -2.21 1.35 9.24
C GLY A 77 -1.15 1.62 8.17
N MET A 78 -1.42 2.53 7.29
CA MET A 78 -0.44 2.84 6.21
C MET A 78 -0.62 4.30 5.76
N SER A 79 0.35 4.84 5.09
CA SER A 79 0.25 6.26 4.61
C SER A 79 1.15 6.46 3.39
N ILE A 80 1.01 7.56 2.71
CA ILE A 80 1.86 7.82 1.52
C ILE A 80 1.77 9.28 1.11
N GLU A 81 2.78 9.80 0.47
CA GLU A 81 2.75 11.23 0.06
C GLU A 81 2.61 12.16 1.27
N GLY A 82 2.83 11.65 2.45
CA GLY A 82 2.71 12.51 3.66
C GLY A 82 1.25 12.63 4.13
N HIS A 83 0.42 11.68 3.78
CA HIS A 83 -1.00 11.77 4.24
C HIS A 83 -1.51 10.40 4.69
N LYS A 84 -2.58 10.38 5.44
CA LYS A 84 -3.13 9.08 5.94
C LYS A 84 -3.76 8.28 4.80
N GLU A 85 -4.27 7.11 5.10
CA GLU A 85 -4.90 6.28 4.05
C GLU A 85 -6.42 6.42 4.09
N ASN A 86 -7.10 5.90 3.11
CA ASN A 86 -8.60 5.98 3.09
C ASN A 86 -9.19 4.58 3.15
N ILE A 87 -10.17 4.35 3.98
CA ILE A 87 -10.76 2.98 4.07
C ILE A 87 -11.49 2.65 2.77
N ILE A 88 -10.89 1.87 1.93
CA ILE A 88 -11.53 1.52 0.63
C ILE A 88 -12.27 0.17 0.74
N SER A 89 -11.78 -0.72 1.56
CA SER A 89 -12.45 -2.04 1.69
C SER A 89 -11.91 -2.77 2.92
N LYS A 90 -12.58 -2.66 4.02
CA LYS A 90 -12.11 -3.35 5.26
C LYS A 90 -12.83 -4.69 5.43
N ASN A 91 -12.23 -5.75 4.98
CA ASN A 91 -12.88 -7.08 5.11
C ASN A 91 -12.34 -7.82 6.34
N THR A 92 -12.97 -7.66 7.47
CA THR A 92 -12.50 -8.34 8.70
C THR A 92 -12.85 -9.83 8.65
N ALA A 93 -13.89 -10.18 7.95
CA ALA A 93 -14.28 -11.61 7.86
C ALA A 93 -13.17 -12.42 7.18
N LYS A 94 -12.63 -11.92 6.10
CA LYS A 94 -11.55 -12.66 5.39
C LYS A 94 -10.18 -12.13 5.83
N ASP A 95 -10.12 -11.46 6.95
CA ASP A 95 -8.81 -10.92 7.43
C ASP A 95 -8.12 -10.14 6.31
N GLU A 96 -8.73 -9.09 5.83
CA GLU A 96 -8.11 -8.30 4.74
C GLU A 96 -8.47 -6.82 4.87
N ARG A 97 -7.80 -5.98 4.14
CA ARG A 97 -8.10 -4.51 4.21
C ARG A 97 -7.36 -3.79 3.08
N THR A 98 -7.94 -2.75 2.56
CA THR A 98 -7.27 -2.01 1.45
C THR A 98 -7.48 -0.50 1.63
N SER A 99 -6.64 0.31 1.05
CA SER A 99 -6.82 1.77 1.20
C SER A 99 -6.41 2.49 -0.10
N GLU A 100 -7.11 3.54 -0.45
CA GLU A 100 -6.75 4.27 -1.70
C GLU A 100 -5.78 5.42 -1.38
N PHE A 101 -4.83 5.65 -2.24
CA PHE A 101 -3.86 6.75 -1.99
C PHE A 101 -3.84 7.72 -3.17
N GLU A 102 -3.58 8.98 -2.91
CA GLU A 102 -3.55 9.97 -4.02
C GLU A 102 -2.11 10.23 -4.46
N VAL A 103 -1.85 10.21 -5.74
CA VAL A 103 -0.47 10.44 -6.23
C VAL A 103 -0.50 11.12 -7.61
N SER A 104 0.62 11.63 -8.06
CA SER A 104 0.65 12.29 -9.40
C SER A 104 0.48 11.24 -10.50
N LYS A 105 1.03 10.07 -10.29
CA LYS A 105 0.90 8.99 -11.31
C LYS A 105 1.28 7.64 -10.67
N LEU A 106 1.82 6.73 -11.42
CA LEU A 106 2.19 5.41 -10.83
C LEU A 106 3.40 4.79 -11.55
N ASN A 107 4.46 5.54 -11.67
CA ASN A 107 5.68 4.99 -12.35
C ASN A 107 6.95 5.57 -11.72
N GLY A 108 7.26 5.18 -10.52
CA GLY A 108 8.49 5.71 -9.86
C GLY A 108 8.53 5.26 -8.39
N LYS A 109 8.74 6.18 -7.48
CA LYS A 109 8.79 5.82 -6.05
C LYS A 109 8.46 7.04 -5.18
N ILE A 110 7.73 6.86 -4.12
CA ILE A 110 7.37 8.01 -3.26
C ILE A 110 7.56 7.64 -1.78
N ASP A 111 7.80 8.60 -0.94
CA ASP A 111 8.00 8.31 0.51
C ASP A 111 6.65 8.02 1.17
N GLY A 112 6.58 7.01 2.00
CA GLY A 112 5.30 6.69 2.67
C GLY A 112 5.55 6.36 4.15
N LYS A 113 4.51 6.12 4.89
CA LYS A 113 4.69 5.78 6.34
C LYS A 113 3.65 4.73 6.75
N ILE A 114 3.92 4.00 7.79
CA ILE A 114 2.95 2.96 8.24
C ILE A 114 3.16 2.60 9.70
N ASP A 115 2.12 2.21 10.38
CA ASP A 115 2.25 1.83 11.81
C ASP A 115 2.02 0.32 11.96
N VAL A 116 2.50 -0.26 13.03
CA VAL A 116 2.31 -1.73 13.22
C VAL A 116 1.75 -2.01 14.62
N TYR A 117 0.96 -3.04 14.76
CA TYR A 117 0.39 -3.34 16.11
C TYR A 117 0.10 -4.84 16.25
N ILE A 118 0.95 -5.55 16.94
CA ILE A 118 0.72 -7.02 17.12
C ILE A 118 0.92 -7.40 18.58
N ASP A 119 0.25 -8.43 19.03
CA ASP A 119 0.40 -8.87 20.45
C ASP A 119 -0.08 -10.31 20.59
N GLU A 120 0.83 -11.25 20.59
CA GLU A 120 0.43 -12.67 20.72
C GLU A 120 1.65 -13.58 20.85
N LYS A 121 1.51 -14.83 20.52
CA LYS A 121 2.67 -15.77 20.63
C LYS A 121 3.44 -15.81 19.31
N VAL A 122 4.63 -16.35 19.34
CA VAL A 122 5.46 -16.46 18.12
C VAL A 122 6.50 -17.58 18.32
N ASN A 123 6.24 -18.73 17.79
CA ASN A 123 7.18 -19.87 17.96
C ASN A 123 7.22 -20.30 19.43
N GLY A 124 6.15 -20.05 20.14
CA GLY A 124 6.10 -20.45 21.58
C GLY A 124 6.72 -19.33 22.44
N LYS A 125 6.54 -18.10 22.04
CA LYS A 125 7.11 -16.97 22.84
C LYS A 125 6.20 -15.74 22.73
N PRO A 126 5.95 -15.11 23.86
CA PRO A 126 5.09 -13.90 23.87
C PRO A 126 5.73 -12.81 23.02
N PHE A 127 4.97 -12.22 22.11
CA PHE A 127 5.54 -11.15 21.25
C PHE A 127 4.74 -9.85 21.42
N LYS A 128 5.40 -8.73 21.35
CA LYS A 128 4.69 -7.42 21.51
C LYS A 128 5.16 -6.44 20.44
N TYR A 129 4.27 -5.99 19.59
CA TYR A 129 4.66 -5.02 18.53
C TYR A 129 3.71 -3.83 18.54
N ASP A 130 4.22 -2.63 18.53
CA ASP A 130 3.33 -1.44 18.53
C ASP A 130 4.16 -0.15 18.46
N HIS A 131 4.48 0.28 17.27
CA HIS A 131 5.30 1.52 17.14
C HIS A 131 5.02 2.21 15.80
N HIS A 132 5.87 3.11 15.39
CA HIS A 132 5.66 3.81 14.10
C HIS A 132 6.83 3.54 13.15
N TYR A 133 6.56 3.40 11.88
CA TYR A 133 7.66 3.12 10.90
C TYR A 133 7.26 3.62 9.51
N ASN A 134 8.10 3.44 8.54
CA ASN A 134 7.77 3.90 7.16
C ASN A 134 8.48 3.05 6.11
N ILE A 135 8.16 3.24 4.86
CA ILE A 135 8.81 2.44 3.79
C ILE A 135 8.73 3.19 2.45
N THR A 136 9.54 2.79 1.50
CA THR A 136 9.51 3.48 0.17
C THR A 136 8.54 2.77 -0.78
N TYR A 137 7.62 3.49 -1.36
CA TYR A 137 6.66 2.85 -2.31
C TYR A 137 7.24 2.90 -3.72
N LYS A 138 6.84 1.99 -4.57
CA LYS A 138 7.37 1.99 -5.97
C LYS A 138 6.25 1.71 -6.97
N PHE A 139 5.81 2.72 -7.67
CA PHE A 139 4.73 2.51 -8.66
C PHE A 139 5.31 2.20 -10.04
N ASN A 140 4.79 1.22 -10.72
CA ASN A 140 5.32 0.88 -12.07
C ASN A 140 4.17 0.72 -13.07
N GLY A 141 3.97 1.70 -13.91
CA GLY A 141 2.88 1.64 -14.91
C GLY A 141 3.12 2.71 -15.98
N PRO A 142 2.04 3.21 -16.55
CA PRO A 142 2.15 4.25 -17.59
C PRO A 142 2.89 5.48 -17.05
N THR A 143 2.82 6.59 -17.73
CA THR A 143 3.51 7.82 -17.25
C THR A 143 2.74 9.07 -17.68
N ASP A 144 2.46 9.18 -18.95
CA ASP A 144 1.71 10.36 -19.45
C ASP A 144 0.33 9.95 -19.96
N VAL A 145 0.29 9.09 -20.95
CA VAL A 145 -1.02 8.64 -21.49
C VAL A 145 -1.85 9.84 -21.95
N ALA A 146 -1.28 10.68 -22.76
CA ALA A 146 -2.04 11.87 -23.25
C ALA A 146 -2.95 11.49 -24.43
N GLY A 147 -2.87 10.27 -24.90
CA GLY A 147 -3.73 9.85 -26.05
C GLY A 147 -2.86 9.24 -27.14
ZN ZNH B . 8.04 -5.29 11.16
CHA ZNH B . 11.00 -3.75 11.55
CHB ZNH B . 9.00 -7.61 13.43
CHC ZNH B . 5.27 -6.73 10.79
CHD ZNH B . 7.17 -2.91 8.90
NA ZNH B . 9.58 -5.59 12.20
C1A ZNH B . 10.79 -4.85 12.26
C2A ZNH B . 11.66 -5.41 13.16
C3A ZNH B . 11.09 -6.49 13.68
C4A ZNH B . 9.84 -6.65 13.13
CMA ZNH B . 11.71 -7.40 14.70
CAA ZNH B . 13.04 -4.91 13.49
CBA ZNH B . 13.00 -4.13 14.80
CGA ZNH B . 14.40 -3.82 15.24
O1A ZNH B . 15.34 -4.09 14.54
O2A ZNH B . 14.62 -3.22 16.43
NB ZNH B . 7.30 -6.86 11.96
C1B ZNH B . 7.80 -7.75 12.90
C2B ZNH B . 6.87 -8.75 13.16
C3B ZNH B . 5.80 -8.52 12.42
C4B ZNH B . 6.04 -7.32 11.64
CMB ZNH B . 7.07 -9.88 14.13
CAB ZNH B . 4.58 -9.35 12.39
CBB ZNH B . 3.78 -9.40 13.44
NC ZNH B . 6.53 -4.88 10.05
C1C ZNH B . 5.37 -5.67 10.05
C2C ZNH B . 4.48 -5.12 9.16
C3C ZNH B . 5.02 -4.02 8.60
C4C ZNH B . 6.28 -3.84 9.12
CMC ZNH B . 3.11 -5.66 8.86
CAC ZNH B . 4.36 -3.17 7.60
CBC ZNH B . 4.23 -3.59 6.34
ND ZNH B . 8.88 -3.74 10.42
C1D ZNH B . 8.36 -2.87 9.49
C2D ZNH B . 9.31 -1.82 9.19
C3D ZNH B . 10.38 -2.04 9.93
C4D ZNH B . 10.13 -3.23 10.70
CMD ZNH B . 9.11 -0.69 8.23
CAD ZNH B . 11.63 -1.20 9.95
CBD ZNH B . 11.67 -0.41 11.26
CGD ZNH B . 13.05 -0.52 11.87
O1D ZNH B . 13.19 -1.11 12.92
O2D ZNH B . 14.10 0.03 11.26
HHA ZNH B . 11.96 -3.25 11.67
HHB ZNH B . 9.33 -8.35 14.15
HHC ZNH B . 4.32 -7.23 10.67
HHD ZNH B . 6.92 -2.14 8.17
HMA1 ZNH B . 11.52 -7.01 15.70
HMA2 ZNH B . 12.79 -7.45 14.53
HMA3 ZNH B . 11.30 -8.39 14.61
HAA1 ZNH B . 13.39 -4.25 12.69
HAA2 ZNH B . 13.72 -5.75 13.58
HBA1 ZNH B . 12.50 -4.74 15.57
HBA2 ZNH B . 12.44 -3.20 14.66
HMB1 ZNH B . 6.10 -10.14 14.58
HMB2 ZNH B . 7.76 -9.58 14.91
HMB3 ZNH B . 7.47 -10.75 13.60
HAB ZNH B . 4.23 -9.75 11.44
HBB1 ZNH B . 2.79 -9.84 13.36
HBB2 ZNH B . 4.04 -8.82 14.34
HMC1 ZNH B . 2.73 -6.18 9.74
HMC2 ZNH B . 3.17 -6.37 8.04
HMC3 ZNH B . 2.44 -4.85 8.59
HAC ZNH B . 3.96 -2.20 7.89
HBC1 ZNH B . 3.72 -2.97 5.60
HBC2 ZNH B . 4.62 -4.57 6.05
HMD1 ZNH B . 8.04 -0.50 8.11
HMD2 ZNH B . 9.55 -0.95 7.27
HMD3 ZNH B . 9.59 0.21 8.62
HAD1 ZNH B . 12.50 -1.85 9.89
HAD2 ZNH B . 11.62 -0.51 9.11
HBD1 ZNH B . 10.93 -0.79 11.95
HBD2 ZNH B . 11.46 0.65 11.05
N SER A 22 -20.84 6.51 -15.27
CA SER A 22 -20.34 7.18 -14.03
C SER A 22 -20.31 6.20 -12.86
N ALA A 23 -19.40 5.28 -12.88
CA ALA A 23 -19.32 4.28 -11.77
C ALA A 23 -18.01 3.50 -11.85
N ASN A 24 -16.90 4.16 -11.65
CA ASN A 24 -15.59 3.47 -11.73
C ASN A 24 -15.38 2.88 -13.13
N ALA A 25 -16.07 3.41 -14.11
CA ALA A 25 -15.91 2.89 -15.49
C ALA A 25 -14.52 3.27 -16.03
N ALA A 26 -13.85 2.35 -16.67
CA ALA A 26 -12.49 2.64 -17.21
C ALA A 26 -11.67 3.43 -16.19
N ASP A 27 -10.62 4.09 -16.63
CA ASP A 27 -9.79 4.87 -15.68
C ASP A 27 -9.31 3.97 -14.54
N SER A 28 -9.11 2.71 -14.80
CA SER A 28 -8.65 1.80 -13.71
C SER A 28 -8.01 0.53 -14.29
N GLY A 29 -7.39 -0.25 -13.45
CA GLY A 29 -6.74 -1.50 -13.94
C GLY A 29 -5.67 -1.95 -12.94
N THR A 30 -5.12 -3.12 -13.13
CA THR A 30 -4.07 -3.61 -12.20
C THR A 30 -2.68 -3.12 -12.65
N LEU A 31 -2.14 -2.15 -11.98
CA LEU A 31 -0.80 -1.63 -12.37
C LEU A 31 0.30 -2.33 -11.56
N ASN A 32 1.49 -2.36 -12.08
CA ASN A 32 2.60 -3.02 -11.33
C ASN A 32 3.14 -2.07 -10.25
N TYR A 33 3.47 -2.59 -9.11
CA TYR A 33 3.99 -1.71 -8.02
C TYR A 33 4.63 -2.55 -6.91
N GLU A 34 5.50 -1.97 -6.14
CA GLU A 34 6.14 -2.74 -5.04
C GLU A 34 6.61 -1.79 -3.94
N VAL A 35 7.40 -2.29 -3.02
CA VAL A 35 7.89 -1.42 -1.91
C VAL A 35 9.36 -1.75 -1.60
N TYR A 36 9.97 -1.01 -0.74
CA TYR A 36 11.41 -1.28 -0.42
C TYR A 36 11.71 -0.91 1.03
N LYS A 37 12.71 -1.49 1.60
CA LYS A 37 13.08 -1.18 3.01
C LYS A 37 13.61 0.26 3.10
N TYR A 38 13.07 1.05 3.99
CA TYR A 38 13.56 2.45 4.10
C TYR A 38 15.06 2.47 4.39
N ASN A 39 15.76 3.47 3.92
CA ASN A 39 17.24 3.57 4.13
C ASN A 39 17.98 2.51 3.29
N THR A 40 17.28 1.74 2.50
CA THR A 40 17.96 0.70 1.66
C THR A 40 17.36 0.71 0.26
N ASN A 41 17.62 -0.31 -0.52
CA ASN A 41 17.05 -0.36 -1.90
C ASN A 41 16.47 -1.75 -2.18
N ASP A 42 16.26 -2.53 -1.15
CA ASP A 42 15.70 -3.89 -1.36
C ASP A 42 14.60 -4.20 -0.34
N THR A 43 13.39 -4.43 -0.79
CA THR A 43 12.29 -4.74 0.17
C THR A 43 12.73 -5.87 1.10
N SER A 44 12.61 -5.68 2.38
CA SER A 44 13.08 -6.75 3.32
C SER A 44 12.00 -7.11 4.36
N ILE A 45 11.00 -6.29 4.53
CA ILE A 45 9.95 -6.62 5.54
C ILE A 45 8.56 -6.36 4.98
N ALA A 46 8.25 -5.13 4.69
CA ALA A 46 6.90 -4.79 4.17
C ALA A 46 6.54 -5.66 2.95
N ASN A 47 7.53 -6.21 2.28
CA ASN A 47 7.24 -7.06 1.09
C ASN A 47 6.55 -8.37 1.51
N ASP A 48 6.46 -8.65 2.78
CA ASP A 48 5.80 -9.91 3.23
C ASP A 48 4.35 -9.65 3.65
N TYR A 49 3.85 -8.47 3.41
CA TYR A 49 2.43 -8.17 3.80
C TYR A 49 1.77 -7.28 2.75
N PHE A 50 2.33 -7.20 1.57
CA PHE A 50 1.73 -6.35 0.50
C PHE A 50 1.35 -7.21 -0.71
N ASN A 51 0.08 -7.43 -0.91
CA ASN A 51 -0.35 -8.25 -2.08
C ASN A 51 -0.18 -7.45 -3.38
N LYS A 52 -0.02 -8.13 -4.49
CA LYS A 52 0.14 -7.40 -5.79
C LYS A 52 -0.49 -8.21 -6.93
N PRO A 53 -0.64 -7.57 -8.07
CA PRO A 53 -0.22 -6.15 -8.23
C PRO A 53 -1.23 -5.21 -7.58
N ALA A 54 -1.05 -3.93 -7.73
CA ALA A 54 -2.00 -2.96 -7.12
C ALA A 54 -2.97 -2.45 -8.19
N LYS A 55 -4.08 -1.88 -7.78
CA LYS A 55 -5.05 -1.36 -8.77
C LYS A 55 -4.93 0.16 -8.90
N TYR A 56 -4.57 0.64 -10.05
CA TYR A 56 -4.44 2.12 -10.23
C TYR A 56 -5.71 2.68 -10.88
N ILE A 57 -5.93 3.95 -10.78
CA ILE A 57 -7.16 4.53 -11.38
C ILE A 57 -6.96 6.02 -11.70
N LYS A 58 -7.22 6.43 -12.91
CA LYS A 58 -7.04 7.87 -13.26
C LYS A 58 -8.21 8.38 -14.10
N LYS A 59 -8.93 9.36 -13.61
CA LYS A 59 -10.08 9.91 -14.39
C LYS A 59 -9.65 11.14 -15.19
N ASN A 60 -8.73 10.98 -16.09
CA ASN A 60 -8.27 12.13 -16.93
C ASN A 60 -7.98 13.37 -16.06
N GLY A 61 -6.74 13.61 -15.74
CA GLY A 61 -6.40 14.80 -14.91
C GLY A 61 -6.17 14.39 -13.45
N LYS A 62 -6.19 13.12 -13.15
CA LYS A 62 -5.97 12.68 -11.75
C LYS A 62 -5.70 11.17 -11.71
N LEU A 63 -5.07 10.70 -10.66
CA LEU A 63 -4.81 9.25 -10.57
C LEU A 63 -4.66 8.79 -9.12
N TYR A 64 -5.03 7.57 -8.86
CA TYR A 64 -4.94 7.04 -7.47
C TYR A 64 -4.51 5.58 -7.51
N VAL A 65 -4.67 4.86 -6.45
CA VAL A 65 -4.27 3.42 -6.45
C VAL A 65 -4.76 2.73 -5.18
N GLN A 66 -5.34 1.57 -5.30
CA GLN A 66 -5.82 0.86 -4.09
C GLN A 66 -4.78 -0.17 -3.66
N ILE A 67 -4.47 -0.23 -2.40
CA ILE A 67 -3.45 -1.20 -1.91
C ILE A 67 -4.12 -2.25 -1.03
N THR A 68 -3.76 -3.50 -1.19
CA THR A 68 -4.39 -4.55 -0.35
C THR A 68 -3.60 -4.74 0.95
N VAL A 69 -4.27 -4.83 2.05
CA VAL A 69 -3.57 -5.00 3.35
C VAL A 69 -3.65 -6.47 3.79
N ASN A 70 -2.53 -7.09 4.03
CA ASN A 70 -2.55 -8.52 4.46
C ASN A 70 -2.40 -8.61 5.98
N HIS A 71 -3.30 -9.30 6.62
CA HIS A 71 -3.22 -9.44 8.11
C HIS A 71 -3.36 -8.06 8.77
N SER A 72 -4.52 -7.73 9.26
CA SER A 72 -4.71 -6.41 9.92
C SER A 72 -4.01 -6.40 11.28
N HIS A 73 -3.97 -7.52 11.95
CA HIS A 73 -3.30 -7.58 13.28
C HIS A 73 -1.83 -7.15 13.15
N TRP A 74 -1.18 -7.60 12.13
CA TRP A 74 0.26 -7.23 11.94
C TRP A 74 0.37 -5.75 11.52
N ILE A 75 -0.19 -5.39 10.40
CA ILE A 75 -0.12 -3.97 9.97
C ILE A 75 -1.32 -3.19 10.52
N THR A 76 -1.06 -2.16 11.27
CA THR A 76 -2.18 -1.37 11.86
C THR A 76 -2.67 -0.29 10.91
N GLY A 77 -1.84 0.14 9.98
CA GLY A 77 -2.29 1.19 9.03
C GLY A 77 -1.18 1.49 8.02
N MET A 78 -1.42 2.40 7.12
CA MET A 78 -0.38 2.74 6.10
C MET A 78 -0.57 4.20 5.63
N SER A 79 0.36 4.71 4.87
CA SER A 79 0.23 6.11 4.38
C SER A 79 1.03 6.31 3.09
N ILE A 80 0.79 7.37 2.38
CA ILE A 80 1.53 7.61 1.11
C ILE A 80 1.55 9.10 0.77
N GLU A 81 2.68 9.61 0.38
CA GLU A 81 2.79 11.06 0.02
C GLU A 81 2.65 11.96 1.26
N GLY A 82 2.54 11.38 2.43
CA GLY A 82 2.43 12.23 3.66
C GLY A 82 0.97 12.34 4.13
N HIS A 83 0.13 11.41 3.75
CA HIS A 83 -1.29 11.49 4.21
C HIS A 83 -1.78 10.11 4.63
N LYS A 84 -2.81 10.05 5.44
CA LYS A 84 -3.33 8.73 5.88
C LYS A 84 -4.02 8.00 4.72
N GLU A 85 -4.54 6.84 4.97
CA GLU A 85 -5.23 6.08 3.89
C GLU A 85 -6.74 6.12 4.10
N ASN A 86 -7.51 5.72 3.12
CA ASN A 86 -8.99 5.73 3.28
C ASN A 86 -9.53 4.31 3.34
N ILE A 87 -10.34 4.02 4.32
CA ILE A 87 -10.89 2.64 4.44
C ILE A 87 -11.87 2.38 3.28
N ILE A 88 -11.43 1.66 2.27
CA ILE A 88 -12.32 1.39 1.12
C ILE A 88 -13.01 0.03 1.27
N SER A 89 -12.39 -0.89 1.96
CA SER A 89 -13.03 -2.23 2.14
C SER A 89 -12.30 -3.02 3.21
N LYS A 90 -12.90 -3.18 4.36
CA LYS A 90 -12.22 -3.94 5.45
C LYS A 90 -12.69 -5.39 5.44
N ASN A 91 -11.82 -6.30 5.08
CA ASN A 91 -12.22 -7.73 5.05
C ASN A 91 -11.78 -8.43 6.34
N THR A 92 -12.55 -8.28 7.39
CA THR A 92 -12.17 -8.94 8.68
C THR A 92 -12.34 -10.45 8.57
N ALA A 93 -13.20 -10.91 7.71
CA ALA A 93 -13.39 -12.38 7.55
C ALA A 93 -12.10 -13.04 7.06
N LYS A 94 -11.53 -12.53 6.00
CA LYS A 94 -10.27 -13.13 5.48
C LYS A 94 -9.05 -12.35 6.01
N ASP A 95 -9.23 -11.62 7.07
CA ASP A 95 -8.09 -10.83 7.64
C ASP A 95 -7.42 -10.02 6.52
N GLU A 96 -8.13 -9.09 5.95
CA GLU A 96 -7.54 -8.26 4.86
C GLU A 96 -8.12 -6.85 4.88
N ARG A 97 -7.73 -6.02 3.96
CA ARG A 97 -8.25 -4.62 3.92
C ARG A 97 -7.69 -3.91 2.69
N THR A 98 -8.27 -2.79 2.33
CA THR A 98 -7.77 -2.04 1.14
C THR A 98 -7.86 -0.54 1.41
N SER A 99 -7.05 0.24 0.75
CA SER A 99 -7.09 1.72 0.98
C SER A 99 -6.80 2.48 -0.32
N GLU A 100 -7.44 3.60 -0.52
CA GLU A 100 -7.19 4.39 -1.75
C GLU A 100 -6.10 5.44 -1.48
N PHE A 101 -5.22 5.65 -2.42
CA PHE A 101 -4.14 6.66 -2.21
C PHE A 101 -4.10 7.69 -3.34
N GLU A 102 -3.69 8.89 -3.05
CA GLU A 102 -3.61 9.94 -4.10
C GLU A 102 -2.17 10.43 -4.23
N VAL A 103 -1.62 10.41 -5.41
CA VAL A 103 -0.21 10.85 -5.58
C VAL A 103 0.01 11.45 -6.97
N SER A 104 1.25 11.60 -7.38
CA SER A 104 1.54 12.14 -8.73
C SER A 104 1.84 10.97 -9.67
N LYS A 105 0.98 10.74 -10.62
CA LYS A 105 1.18 9.58 -11.55
C LYS A 105 1.56 8.33 -10.75
N LEU A 106 2.05 7.32 -11.40
CA LEU A 106 2.42 6.08 -10.64
C LEU A 106 3.55 5.32 -11.34
N ASN A 107 4.69 5.94 -11.51
CA ASN A 107 5.83 5.25 -12.18
C ASN A 107 7.16 5.70 -11.58
N GLY A 108 7.54 5.16 -10.45
CA GLY A 108 8.82 5.57 -9.83
C GLY A 108 8.87 5.12 -8.36
N LYS A 109 8.94 6.07 -7.45
CA LYS A 109 8.99 5.71 -6.01
C LYS A 109 8.53 6.89 -5.15
N ILE A 110 7.86 6.62 -4.06
CA ILE A 110 7.37 7.74 -3.20
C ILE A 110 7.61 7.39 -1.72
N ASP A 111 7.89 8.39 -0.92
CA ASP A 111 8.13 8.12 0.53
C ASP A 111 6.80 7.90 1.26
N GLY A 112 6.52 6.69 1.66
CA GLY A 112 5.24 6.40 2.37
C GLY A 112 5.54 6.05 3.82
N LYS A 113 4.52 5.81 4.59
CA LYS A 113 4.74 5.47 6.04
C LYS A 113 3.67 4.46 6.50
N ILE A 114 3.91 3.77 7.58
CA ILE A 114 2.91 2.78 8.06
C ILE A 114 3.10 2.50 9.55
N ASP A 115 2.03 2.24 10.25
CA ASP A 115 2.15 1.94 11.70
C ASP A 115 1.91 0.44 11.92
N VAL A 116 2.37 -0.10 13.03
CA VAL A 116 2.18 -1.56 13.27
C VAL A 116 1.84 -1.82 14.74
N TYR A 117 1.04 -2.82 15.00
CA TYR A 117 0.67 -3.13 16.41
C TYR A 117 0.33 -4.62 16.57
N ILE A 118 1.12 -5.35 17.31
CA ILE A 118 0.82 -6.80 17.51
C ILE A 118 1.05 -7.20 18.96
N ASP A 119 0.36 -8.21 19.42
CA ASP A 119 0.54 -8.65 20.83
C ASP A 119 0.03 -10.09 20.98
N GLU A 120 0.91 -11.05 20.90
CA GLU A 120 0.48 -12.47 21.02
C GLU A 120 1.70 -13.40 21.04
N LYS A 121 1.48 -14.68 21.04
CA LYS A 121 2.63 -15.64 21.05
C LYS A 121 2.82 -16.25 19.65
N VAL A 122 3.98 -16.08 19.08
CA VAL A 122 4.23 -16.65 17.72
C VAL A 122 4.47 -18.16 17.82
N ASN A 123 3.45 -18.94 17.63
CA ASN A 123 3.62 -20.42 17.71
C ASN A 123 4.26 -20.81 19.05
N GLY A 124 3.88 -20.16 20.12
CA GLY A 124 4.47 -20.49 21.44
C GLY A 124 5.62 -19.53 21.75
N LYS A 125 5.53 -18.32 21.27
CA LYS A 125 6.63 -17.34 21.53
C LYS A 125 6.04 -15.93 21.68
N PRO A 126 5.90 -15.50 22.91
CA PRO A 126 5.35 -14.15 23.19
C PRO A 126 6.08 -13.10 22.36
N PHE A 127 5.36 -12.23 21.71
CA PHE A 127 6.01 -11.17 20.89
C PHE A 127 5.29 -9.83 21.06
N LYS A 128 6.03 -8.80 21.38
CA LYS A 128 5.40 -7.46 21.57
C LYS A 128 5.70 -6.56 20.37
N TYR A 129 4.71 -5.84 19.89
CA TYR A 129 4.94 -4.95 18.72
C TYR A 129 3.96 -3.77 18.74
N ASP A 130 4.46 -2.57 18.72
CA ASP A 130 3.54 -1.39 18.74
C ASP A 130 4.35 -0.10 18.65
N HIS A 131 4.66 0.33 17.45
CA HIS A 131 5.45 1.58 17.29
C HIS A 131 5.13 2.24 15.94
N HIS A 132 5.93 3.16 15.51
CA HIS A 132 5.68 3.84 14.21
C HIS A 132 6.86 3.61 13.25
N TYR A 133 6.58 3.38 12.00
CA TYR A 133 7.68 3.15 11.03
C TYR A 133 7.22 3.52 9.62
N ASN A 134 8.06 3.36 8.64
CA ASN A 134 7.64 3.71 7.25
C ASN A 134 8.38 2.86 6.22
N ILE A 135 8.07 3.02 4.97
CA ILE A 135 8.73 2.22 3.90
C ILE A 135 8.65 2.97 2.57
N THR A 136 9.33 2.49 1.57
CA THR A 136 9.28 3.18 0.24
C THR A 136 8.17 2.60 -0.63
N TYR A 137 7.20 3.39 -0.99
CA TYR A 137 6.09 2.88 -1.85
C TYR A 137 6.47 3.07 -3.33
N LYS A 138 6.77 2.01 -4.01
CA LYS A 138 7.14 2.13 -5.46
C LYS A 138 5.93 1.85 -6.36
N PHE A 139 6.00 2.27 -7.59
CA PHE A 139 4.87 2.04 -8.53
C PHE A 139 5.40 1.87 -9.96
N ASN A 140 4.69 1.16 -10.79
CA ASN A 140 5.16 0.95 -12.18
C ASN A 140 3.99 1.06 -13.17
N GLY A 141 3.86 2.18 -13.83
CA GLY A 141 2.75 2.36 -14.80
C GLY A 141 3.09 3.47 -15.78
N PRO A 142 2.06 4.07 -16.33
CA PRO A 142 2.26 5.17 -17.30
C PRO A 142 2.93 6.37 -16.64
N THR A 143 3.07 7.46 -17.36
CA THR A 143 3.72 8.67 -16.78
C THR A 143 3.14 9.93 -17.42
N ASP A 144 3.29 10.08 -18.70
CA ASP A 144 2.74 11.30 -19.39
C ASP A 144 1.40 10.99 -20.04
N VAL A 145 1.40 10.23 -21.10
CA VAL A 145 0.11 9.89 -21.79
C VAL A 145 -0.62 11.17 -22.18
N ALA A 146 0.08 12.14 -22.69
CA ALA A 146 -0.58 13.41 -23.08
C ALA A 146 -1.21 13.27 -24.47
N GLY A 147 -2.43 12.79 -24.53
CA GLY A 147 -3.11 12.63 -25.84
C GLY A 147 -2.57 11.38 -26.54
ZN ZNH B . 8.53 -5.58 11.18
CHA ZNH B . 11.33 -3.75 11.55
CHB ZNH B . 9.69 -7.72 13.53
CHC ZNH B . 5.93 -7.30 10.82
CHD ZNH B . 7.47 -3.37 8.84
NA ZNH B . 10.09 -5.71 12.25
C1A ZNH B . 11.21 -4.84 12.30
C2A ZNH B . 12.12 -5.30 13.21
C3A ZNH B . 11.66 -6.40 13.76
C4A ZNH B . 10.42 -6.70 13.21
CMA ZNH B . 12.35 -7.22 14.82
CAA ZNH B . 13.44 -4.64 13.54
CBA ZNH B . 13.31 -3.86 14.84
CGA ZNH B . 14.15 -2.61 14.77
O1A ZNH B . 15.14 -2.59 14.07
O2A ZNH B . 13.80 -1.53 15.47
NB ZNH B . 7.93 -7.20 12.03
C1B ZNH B . 8.50 -8.00 13.00
C2B ZNH B . 7.69 -9.07 13.30
C3B ZNH B . 6.59 -8.99 12.56
C4B ZNH B . 6.72 -7.78 11.71
CMB ZNH B . 8.00 -10.15 14.30
CAB ZNH B . 5.47 -9.95 12.59
CBB ZNH B . 4.21 -9.55 12.41
NC ZNH B . 7.00 -5.35 10.06
C1C ZNH B . 5.94 -6.26 10.06
C2C ZNH B . 5.00 -5.81 9.16
C3C ZNH B . 5.43 -4.68 8.58
C4C ZNH B . 6.66 -4.36 9.10
CMC ZNH B . 3.68 -6.49 8.88
CAC ZNH B . 4.70 -3.91 7.55
CBC ZNH B . 3.58 -3.28 7.87
ND ZNH B . 9.23 -3.98 10.41
C1D ZNH B . 8.63 -3.18 9.44
C2D ZNH B . 9.48 -2.07 9.13
C3D ZNH B . 10.56 -2.17 9.87
C4D ZNH B . 10.42 -3.35 10.68
CMD ZNH B . 9.20 -0.98 8.12
CAD ZNH B . 11.73 -1.21 9.89
CBD ZNH B . 11.62 -0.29 11.10
CGD ZNH B . 12.56 0.88 10.93
O1D ZNH B . 13.59 0.92 11.55
O2D ZNH B . 12.23 1.88 10.09
HHA ZNH B . 12.24 -3.16 11.67
HHB ZNH B . 10.08 -8.41 14.28
HHC ZNH B . 5.03 -7.89 10.69
HHD ZNH B . 7.15 -2.64 8.09
HMA1 ZNH B . 13.36 -6.82 14.98
HMA2 ZNH B . 12.43 -8.26 14.49
HMA3 ZNH B . 11.79 -7.17 15.74
HAA1 ZNH B . 13.72 -3.97 12.73
HAA2 ZNH B . 14.21 -5.42 13.65
HBA1 ZNH B . 13.66 -4.48 15.68
HBA2 ZNH B . 12.27 -3.59 15.00
HMB1 ZNH B . 7.14 -10.82 14.40
HMB2 ZNH B . 8.21 -9.69 15.27
HMB3 ZNH B . 8.86 -10.72 13.97
HAB ZNH B . 5.64 -10.95 13.00
HBB1 ZNH B . 3.39 -10.21 12.67
HBB2 ZNH B . 4.02 -8.49 12.23
HMC1 ZNH B . 3.18 -6.71 9.83
HMC2 ZNH B . 3.87 -7.43 8.34
HMC3 ZNH B . 3.06 -5.84 8.27
HAC ZNH B . 5.12 -3.80 6.54
HBC1 ZNH B . 3.08 -2.65 7.13
HBC2 ZNH B . 3.20 -3.33 8.89
HMD1 ZNH B . 8.13 -0.73 8.15
HMD2 ZNH B . 9.46 -1.33 7.12
HMD3 ZNH B . 9.77 -0.10 8.37
HAD1 ZNH B . 12.66 -1.77 9.94
HAD2 ZNH B . 11.71 -0.61 8.97
HBD1 ZNH B . 11.89 -0.84 12.00
HBD2 ZNH B . 10.60 0.08 11.19
N SER A 22 -20.25 -1.37 -19.16
CA SER A 22 -20.03 -0.60 -20.41
C SER A 22 -20.24 0.90 -20.17
N ALA A 23 -20.91 1.25 -19.09
CA ALA A 23 -21.14 2.69 -18.81
C ALA A 23 -20.25 3.14 -17.64
N ASN A 24 -19.35 4.05 -17.88
CA ASN A 24 -18.45 4.53 -16.80
C ASN A 24 -17.57 3.39 -16.30
N ALA A 25 -17.40 2.37 -17.10
CA ALA A 25 -16.54 1.22 -16.68
C ALA A 25 -15.11 1.41 -17.17
N ALA A 26 -14.37 2.30 -16.56
CA ALA A 26 -12.97 2.53 -17.01
C ALA A 26 -12.20 3.32 -15.94
N ASP A 27 -11.19 4.04 -16.33
CA ASP A 27 -10.41 4.83 -15.33
C ASP A 27 -9.90 3.92 -14.22
N SER A 28 -9.65 2.67 -14.51
CA SER A 28 -9.18 1.76 -13.45
C SER A 28 -8.47 0.53 -14.05
N GLY A 29 -7.49 0.01 -13.38
CA GLY A 29 -6.76 -1.18 -13.92
C GLY A 29 -5.75 -1.68 -12.89
N THR A 30 -5.02 -2.70 -13.21
CA THR A 30 -4.02 -3.24 -12.25
C THR A 30 -2.67 -2.52 -12.42
N LEU A 31 -2.22 -1.86 -11.39
CA LEU A 31 -0.92 -1.13 -11.49
C LEU A 31 0.25 -1.99 -11.00
N ASN A 32 1.30 -2.06 -11.75
CA ASN A 32 2.48 -2.86 -11.30
C ASN A 32 3.25 -2.05 -10.26
N TYR A 33 3.55 -2.61 -9.13
CA TYR A 33 4.29 -1.82 -8.10
C TYR A 33 4.87 -2.72 -7.02
N GLU A 34 5.78 -2.18 -6.26
CA GLU A 34 6.42 -2.98 -5.16
C GLU A 34 6.95 -2.01 -4.11
N VAL A 35 7.76 -2.47 -3.19
CA VAL A 35 8.30 -1.56 -2.15
C VAL A 35 9.75 -1.90 -1.86
N TYR A 36 10.40 -1.10 -1.06
CA TYR A 36 11.83 -1.36 -0.72
C TYR A 36 12.12 -0.88 0.70
N LYS A 37 13.09 -1.44 1.34
CA LYS A 37 13.42 -1.01 2.73
C LYS A 37 13.97 0.42 2.70
N TYR A 38 13.61 1.23 3.66
CA TYR A 38 14.10 2.63 3.67
C TYR A 38 15.62 2.65 3.83
N ASN A 39 16.27 3.62 3.23
CA ASN A 39 17.77 3.71 3.33
C ASN A 39 18.43 2.56 2.55
N THR A 40 17.65 1.78 1.84
CA THR A 40 18.24 0.66 1.04
C THR A 40 17.58 0.60 -0.33
N ASN A 41 17.78 -0.45 -1.06
CA ASN A 41 17.16 -0.56 -2.41
C ASN A 41 16.49 -1.93 -2.56
N ASP A 42 16.31 -2.65 -1.49
CA ASP A 42 15.66 -3.99 -1.58
C ASP A 42 14.64 -4.19 -0.47
N THR A 43 13.47 -4.67 -0.79
CA THR A 43 12.44 -4.90 0.26
C THR A 43 12.96 -5.93 1.26
N SER A 44 12.78 -5.70 2.52
CA SER A 44 13.30 -6.69 3.53
C SER A 44 12.21 -7.15 4.50
N ILE A 45 11.12 -6.44 4.59
CA ILE A 45 10.04 -6.86 5.51
C ILE A 45 8.66 -6.67 4.86
N ALA A 46 8.22 -5.46 4.77
CA ALA A 46 6.89 -5.16 4.16
C ALA A 46 6.69 -5.95 2.85
N ASN A 47 7.75 -6.30 2.18
CA ASN A 47 7.62 -7.06 0.90
C ASN A 47 6.75 -8.31 1.09
N ASP A 48 6.65 -8.81 2.29
CA ASP A 48 5.84 -10.04 2.51
C ASP A 48 4.48 -9.68 3.15
N TYR A 49 4.10 -8.44 3.12
CA TYR A 49 2.80 -8.05 3.73
C TYR A 49 1.89 -7.36 2.70
N PHE A 50 2.42 -7.01 1.56
CA PHE A 50 1.57 -6.33 0.53
C PHE A 50 1.52 -7.17 -0.75
N ASN A 51 0.36 -7.66 -1.10
CA ASN A 51 0.24 -8.49 -2.33
C ASN A 51 0.37 -7.61 -3.58
N LYS A 52 0.49 -8.23 -4.72
CA LYS A 52 0.62 -7.45 -5.99
C LYS A 52 -0.02 -8.22 -7.14
N PRO A 53 -0.32 -7.52 -8.21
CA PRO A 53 -0.03 -6.07 -8.28
C PRO A 53 -1.15 -5.26 -7.63
N ALA A 54 -1.09 -3.96 -7.70
CA ALA A 54 -2.14 -3.11 -7.10
C ALA A 54 -3.12 -2.66 -8.19
N LYS A 55 -4.02 -1.77 -7.86
CA LYS A 55 -4.99 -1.30 -8.89
C LYS A 55 -5.00 0.23 -8.96
N TYR A 56 -4.70 0.77 -10.11
CA TYR A 56 -4.69 2.25 -10.26
C TYR A 56 -6.02 2.74 -10.83
N ILE A 57 -6.33 3.99 -10.67
CA ILE A 57 -7.62 4.50 -11.20
C ILE A 57 -7.54 6.01 -11.48
N LYS A 58 -7.76 6.42 -12.70
CA LYS A 58 -7.69 7.89 -13.02
C LYS A 58 -8.93 8.32 -13.80
N LYS A 59 -9.70 9.23 -13.25
CA LYS A 59 -10.92 9.70 -13.96
C LYS A 59 -10.59 10.97 -14.76
N ASN A 60 -9.71 10.87 -15.71
CA ASN A 60 -9.34 12.06 -16.54
C ASN A 60 -9.03 13.28 -15.67
N GLY A 61 -7.77 13.58 -15.48
CA GLY A 61 -7.41 14.78 -14.66
C GLY A 61 -6.99 14.34 -13.25
N LYS A 62 -7.34 13.14 -12.86
CA LYS A 62 -6.95 12.67 -11.50
C LYS A 62 -6.58 11.20 -11.55
N LEU A 63 -5.82 10.73 -10.57
CA LEU A 63 -5.43 9.28 -10.57
C LEU A 63 -5.03 8.83 -9.16
N TYR A 64 -5.46 7.66 -8.79
CA TYR A 64 -5.13 7.12 -7.44
C TYR A 64 -4.86 5.62 -7.55
N VAL A 65 -4.53 4.98 -6.47
CA VAL A 65 -4.26 3.51 -6.53
C VAL A 65 -4.69 2.84 -5.23
N GLN A 66 -5.25 1.66 -5.33
CA GLN A 66 -5.68 0.95 -4.10
C GLN A 66 -4.62 -0.08 -3.70
N ILE A 67 -4.42 -0.27 -2.41
CA ILE A 67 -3.39 -1.26 -1.96
C ILE A 67 -4.05 -2.37 -1.15
N THR A 68 -3.70 -3.59 -1.41
CA THR A 68 -4.31 -4.73 -0.66
C THR A 68 -3.48 -5.02 0.59
N VAL A 69 -4.10 -4.99 1.74
CA VAL A 69 -3.34 -5.25 2.99
C VAL A 69 -3.63 -6.67 3.51
N ASN A 70 -2.60 -7.41 3.84
CA ASN A 70 -2.83 -8.80 4.34
C ASN A 70 -2.72 -8.83 5.87
N HIS A 71 -3.64 -9.48 6.53
CA HIS A 71 -3.59 -9.53 8.03
C HIS A 71 -3.71 -8.13 8.60
N SER A 72 -4.75 -7.86 9.35
CA SER A 72 -4.93 -6.50 9.94
C SER A 72 -4.19 -6.40 11.28
N HIS A 73 -3.99 -7.50 11.95
CA HIS A 73 -3.28 -7.45 13.26
C HIS A 73 -1.83 -6.98 13.07
N TRP A 74 -1.07 -7.69 12.30
CA TRP A 74 0.36 -7.28 12.08
C TRP A 74 0.42 -5.83 11.60
N ILE A 75 -0.15 -5.53 10.47
CA ILE A 75 -0.12 -4.13 9.95
C ILE A 75 -1.31 -3.35 10.50
N THR A 76 -1.06 -2.29 11.21
CA THR A 76 -2.18 -1.49 11.79
C THR A 76 -2.66 -0.44 10.77
N GLY A 77 -1.83 -0.06 9.85
CA GLY A 77 -2.26 0.97 8.85
C GLY A 77 -1.07 1.34 7.94
N MET A 78 -1.28 2.27 7.06
CA MET A 78 -0.17 2.68 6.15
C MET A 78 -0.34 4.14 5.73
N SER A 79 0.66 4.72 5.13
CA SER A 79 0.55 6.15 4.71
C SER A 79 1.50 6.41 3.53
N ILE A 80 1.05 7.14 2.56
CA ILE A 80 1.92 7.43 1.37
C ILE A 80 1.89 8.92 1.04
N GLU A 81 3.02 9.48 0.69
CA GLU A 81 3.09 10.94 0.35
C GLU A 81 2.98 11.81 1.61
N GLY A 82 2.82 11.22 2.77
CA GLY A 82 2.73 12.05 4.00
C GLY A 82 1.29 12.12 4.52
N HIS A 83 0.44 11.18 4.17
CA HIS A 83 -0.96 11.23 4.68
C HIS A 83 -1.42 9.84 5.10
N LYS A 84 -2.46 9.75 5.87
CA LYS A 84 -2.96 8.42 6.32
C LYS A 84 -3.58 7.65 5.15
N GLU A 85 -4.20 6.54 5.42
CA GLU A 85 -4.83 5.74 4.34
C GLU A 85 -6.36 5.82 4.43
N ASN A 86 -7.05 5.34 3.43
CA ASN A 86 -8.54 5.39 3.45
C ASN A 86 -9.12 3.97 3.49
N ILE A 87 -9.90 3.66 4.49
CA ILE A 87 -10.49 2.30 4.57
C ILE A 87 -11.49 2.10 3.43
N ILE A 88 -11.11 1.37 2.41
CA ILE A 88 -12.04 1.14 1.27
C ILE A 88 -12.79 -0.17 1.42
N SER A 89 -12.21 -1.14 2.09
CA SER A 89 -12.92 -2.44 2.25
C SER A 89 -12.21 -3.29 3.31
N LYS A 90 -12.78 -3.40 4.47
CA LYS A 90 -12.15 -4.21 5.54
C LYS A 90 -12.73 -5.63 5.54
N ASN A 91 -11.97 -6.59 5.10
CA ASN A 91 -12.49 -7.99 5.08
C ASN A 91 -12.03 -8.75 6.33
N THR A 92 -12.86 -8.80 7.34
CA THR A 92 -12.47 -9.54 8.58
C THR A 92 -12.59 -11.05 8.37
N ALA A 93 -13.49 -11.46 7.52
CA ALA A 93 -13.66 -12.92 7.26
C ALA A 93 -12.38 -13.50 6.66
N LYS A 94 -11.83 -12.85 5.67
CA LYS A 94 -10.58 -13.37 5.04
C LYS A 94 -9.36 -12.67 5.65
N ASP A 95 -9.53 -11.97 6.74
CA ASP A 95 -8.37 -11.27 7.36
C ASP A 95 -7.63 -10.43 6.33
N GLU A 96 -8.31 -9.53 5.67
CA GLU A 96 -7.63 -8.69 4.64
C GLU A 96 -8.27 -7.30 4.59
N ARG A 97 -7.53 -6.32 4.14
CA ARG A 97 -8.08 -4.94 4.06
C ARG A 97 -7.53 -4.24 2.82
N THR A 98 -8.10 -3.13 2.44
CA THR A 98 -7.61 -2.39 1.24
C THR A 98 -7.68 -0.89 1.50
N SER A 99 -6.81 -0.12 0.89
CA SER A 99 -6.84 1.34 1.13
C SER A 99 -6.46 2.10 -0.15
N GLU A 100 -7.10 3.21 -0.40
CA GLU A 100 -6.77 4.00 -1.62
C GLU A 100 -5.74 5.07 -1.28
N PHE A 101 -4.84 5.36 -2.19
CA PHE A 101 -3.81 6.40 -1.90
C PHE A 101 -3.77 7.45 -3.02
N GLU A 102 -3.66 8.69 -2.67
CA GLU A 102 -3.60 9.77 -3.70
C GLU A 102 -2.14 10.08 -4.03
N VAL A 103 -1.76 10.05 -5.27
CA VAL A 103 -0.34 10.33 -5.62
C VAL A 103 -0.24 10.97 -7.01
N SER A 104 0.94 11.42 -7.36
CA SER A 104 1.13 12.03 -8.70
C SER A 104 1.38 10.92 -9.72
N LYS A 105 0.45 10.67 -10.60
CA LYS A 105 0.63 9.57 -11.59
C LYS A 105 1.04 8.29 -10.86
N LEU A 106 1.68 7.39 -11.54
CA LEU A 106 2.08 6.11 -10.88
C LEU A 106 3.36 5.53 -11.52
N ASN A 107 4.43 6.27 -11.48
CA ASN A 107 5.70 5.76 -12.09
C ASN A 107 6.90 6.27 -11.29
N GLY A 108 7.51 5.43 -10.49
CA GLY A 108 8.69 5.87 -9.69
C GLY A 108 8.54 5.38 -8.24
N LYS A 109 8.75 6.25 -7.29
CA LYS A 109 8.63 5.84 -5.86
C LYS A 109 8.36 7.07 -4.99
N ILE A 110 7.70 6.89 -3.88
CA ILE A 110 7.39 8.05 -2.99
C ILE A 110 7.68 7.68 -1.53
N ASP A 111 8.14 8.62 -0.75
CA ASP A 111 8.43 8.33 0.68
C ASP A 111 7.12 8.25 1.47
N GLY A 112 6.77 7.09 1.97
CA GLY A 112 5.52 6.97 2.75
C GLY A 112 5.83 6.43 4.15
N LYS A 113 4.82 6.06 4.90
CA LYS A 113 5.07 5.52 6.27
C LYS A 113 4.00 4.49 6.62
N ILE A 114 4.15 3.82 7.72
CA ILE A 114 3.13 2.80 8.11
C ILE A 114 3.20 2.53 9.61
N ASP A 115 2.07 2.28 10.22
CA ASP A 115 2.05 2.00 11.67
C ASP A 115 1.82 0.51 11.91
N VAL A 116 2.25 -0.01 13.02
CA VAL A 116 2.05 -1.45 13.30
C VAL A 116 1.49 -1.66 14.71
N TYR A 117 0.67 -2.65 14.90
CA TYR A 117 0.10 -2.89 16.25
C TYR A 117 -0.23 -4.38 16.45
N ILE A 118 0.44 -5.02 17.37
CA ILE A 118 0.17 -6.47 17.60
C ILE A 118 0.24 -6.78 19.10
N ASP A 119 -0.47 -7.79 19.54
CA ASP A 119 -0.44 -8.15 20.98
C ASP A 119 -0.91 -9.59 21.16
N GLU A 120 0.01 -10.51 21.34
CA GLU A 120 -0.39 -11.93 21.52
C GLU A 120 0.83 -12.79 21.86
N LYS A 121 0.65 -14.07 21.98
CA LYS A 121 1.80 -14.95 22.33
C LYS A 121 2.38 -15.59 21.06
N VAL A 122 3.50 -15.13 20.61
CA VAL A 122 4.12 -15.71 19.39
C VAL A 122 4.77 -17.07 19.72
N ASN A 123 4.09 -18.15 19.44
CA ASN A 123 4.67 -19.48 19.75
C ASN A 123 5.04 -19.58 21.23
N GLY A 124 4.13 -19.24 22.11
CA GLY A 124 4.43 -19.31 23.56
C GLY A 124 5.31 -18.12 23.98
N LYS A 125 5.12 -16.99 23.35
CA LYS A 125 5.94 -15.79 23.72
C LYS A 125 5.11 -14.52 23.58
N PRO A 126 4.72 -13.95 24.70
CA PRO A 126 3.91 -12.71 24.67
C PRO A 126 4.65 -11.61 23.91
N PHE A 127 4.01 -11.00 22.96
CA PHE A 127 4.69 -9.92 22.19
C PHE A 127 3.83 -8.65 22.18
N LYS A 128 4.45 -7.50 22.14
CA LYS A 128 3.67 -6.23 22.13
C LYS A 128 4.23 -5.29 21.07
N TYR A 129 3.62 -5.24 19.92
CA TYR A 129 4.13 -4.34 18.83
C TYR A 129 3.27 -3.06 18.77
N ASP A 130 3.89 -1.92 18.74
CA ASP A 130 3.10 -0.65 18.66
C ASP A 130 4.01 0.52 18.30
N HIS A 131 4.37 0.64 17.05
CA HIS A 131 5.25 1.77 16.63
C HIS A 131 5.03 2.11 15.16
N HIS A 132 5.83 3.00 14.62
CA HIS A 132 5.66 3.36 13.19
C HIS A 132 6.94 3.04 12.41
N TYR A 133 6.85 2.98 11.11
CA TYR A 133 8.07 2.67 10.31
C TYR A 133 7.93 3.23 8.89
N ASN A 134 8.97 3.81 8.37
CA ASN A 134 8.90 4.38 6.99
C ASN A 134 9.29 3.31 5.96
N ILE A 135 8.89 3.50 4.73
CA ILE A 135 9.23 2.50 3.67
C ILE A 135 9.19 3.16 2.29
N THR A 136 9.90 2.62 1.34
CA THR A 136 9.91 3.22 -0.02
C THR A 136 8.82 2.61 -0.91
N TYR A 137 7.94 3.41 -1.44
CA TYR A 137 6.88 2.87 -2.33
C TYR A 137 7.37 2.90 -3.78
N LYS A 138 6.85 2.05 -4.62
CA LYS A 138 7.31 2.04 -6.04
C LYS A 138 6.13 1.83 -6.99
N PHE A 139 5.57 2.89 -7.51
CA PHE A 139 4.41 2.75 -8.45
C PHE A 139 4.92 2.67 -9.89
N ASN A 140 4.42 1.73 -10.65
CA ASN A 140 4.87 1.59 -12.07
C ASN A 140 3.68 1.33 -12.99
N GLY A 141 3.22 2.34 -13.69
CA GLY A 141 2.06 2.15 -14.61
C GLY A 141 2.23 3.04 -15.84
N PRO A 142 1.14 3.59 -16.31
CA PRO A 142 1.19 4.48 -17.51
C PRO A 142 2.29 5.53 -17.36
N THR A 143 2.98 5.82 -18.42
CA THR A 143 4.07 6.85 -18.35
C THR A 143 4.22 7.55 -19.70
N ASP A 144 3.16 7.68 -20.44
CA ASP A 144 3.25 8.33 -21.77
C ASP A 144 2.29 9.53 -21.83
N VAL A 145 1.04 9.33 -21.51
CA VAL A 145 0.06 10.43 -21.56
C VAL A 145 0.01 11.04 -22.96
N ALA A 146 0.15 10.23 -23.97
CA ALA A 146 0.10 10.76 -25.36
C ALA A 146 -1.35 10.92 -25.82
N GLY A 147 -1.99 12.00 -25.46
CA GLY A 147 -3.41 12.21 -25.86
C GLY A 147 -3.77 13.69 -25.72
ZN ZNH B . 8.08 -5.30 11.67
CHA ZNH B . 11.12 -3.87 11.84
CHB ZNH B . 8.92 -7.26 14.29
CHC ZNH B . 5.25 -6.63 11.51
CHD ZNH B . 7.34 -3.28 9.04
NA ZNH B . 9.61 -5.50 12.76
C1A ZNH B . 10.84 -4.81 12.71
C2A ZNH B . 11.68 -5.27 13.69
C3A ZNH B . 11.07 -6.22 14.38
C4A ZNH B . 9.81 -6.40 13.86
CMA ZNH B . 11.65 -6.99 15.54
CAA ZNH B . 13.09 -4.78 13.96
CBA ZNH B . 14.07 -5.58 13.11
CGA ZNH B . 15.27 -4.72 12.76
O1A ZNH B . 15.43 -3.66 13.33
O2A ZNH B . 16.14 -5.12 11.82
NB ZNH B . 7.26 -6.68 12.71
C1B ZNH B . 7.71 -7.43 13.78
C2B ZNH B . 6.74 -8.32 14.20
C3B ZNH B . 5.69 -8.17 13.42
C4B ZNH B . 5.98 -7.13 12.45
CMB ZNH B . 6.87 -9.29 15.34
CAB ZNH B . 4.42 -8.93 13.51
CBB ZNH B . 3.64 -8.78 14.57
NC ZNH B . 6.60 -5.00 10.50
C1C ZNH B . 5.41 -5.73 10.61
C2C ZNH B . 4.54 -5.29 9.64
C3C ZNH B . 5.14 -4.32 8.90
C4C ZNH B . 6.40 -4.11 9.40
CMC ZNH B . 3.15 -5.80 9.41
CAC ZNH B . 4.53 -3.60 7.77
CBC ZNH B . 4.39 -4.22 6.60
ND ZNH B . 9.00 -3.94 10.70
C1D ZNH B . 8.53 -3.19 9.62
C2D ZNH B . 9.53 -2.27 9.18
C3D ZNH B . 10.58 -2.41 9.95
C4D ZNH B . 10.28 -3.46 10.91
CMD ZNH B . 9.40 -1.29 8.03
CAD ZNH B . 11.88 -1.65 9.84
CBD ZNH B . 12.96 -2.57 9.25
CGD ZNH B . 14.20 -1.75 8.96
O1D ZNH B . 15.26 -2.31 8.79
O2D ZNH B . 14.13 -0.41 8.90
HHA ZNH B . 12.10 -3.40 11.89
HHB ZNH B . 9.21 -7.89 15.13
HHC ZNH B . 4.27 -7.11 11.46
HHD ZNH B . 7.13 -2.63 8.19
HMA1 ZNH B . 11.40 -8.05 15.44
HMA2 ZNH B . 11.24 -6.60 16.47
HMA3 ZNH B . 12.73 -6.87 15.55
HAA1 ZNH B . 13.32 -4.90 15.01
HAA2 ZNH B . 13.15 -3.72 13.69
HBA1 ZNH B . 13.59 -5.91 12.19
HBA2 ZNH B . 14.41 -6.46 13.67
HMB1 ZNH B . 5.90 -9.42 15.83
HMB2 ZNH B . 7.59 -8.91 16.07
HMB3 ZNH B . 7.22 -10.25 14.97
HAB ZNH B . 4.06 -9.47 12.64
HBB1 ZNH B . 2.63 -9.21 14.57
HBB2 ZNH B . 3.93 -8.10 15.37
HMC1 ZNH B . 2.61 -5.81 10.36
HMC2 ZNH B . 3.19 -6.81 9.02
HMC3 ZNH B . 2.63 -5.16 8.70
HAC ZNH B . 4.23 -2.56 7.88
HBC1 ZNH B . 3.96 -3.69 5.76
HBC2 ZNH B . 4.72 -5.25 6.49
HMD1 ZNH B . 8.36 -0.94 7.98
HMD2 ZNH B . 9.66 -1.79 7.11
HMD3 ZNH B . 10.06 -0.44 8.21
HAD1 ZNH B . 11.74 -0.79 9.19
HAD2 ZNH B . 12.19 -1.32 10.83
HBD1 ZNH B . 12.60 -3.00 8.32
HBD2 ZNH B . 13.20 -3.35 9.96
N SER A 22 -13.99 3.41 -10.39
CA SER A 22 -13.66 2.36 -11.40
C SER A 22 -14.92 1.62 -11.82
N ALA A 23 -15.86 2.29 -12.44
CA ALA A 23 -17.11 1.62 -12.86
C ALA A 23 -17.03 1.25 -14.34
N ASN A 24 -16.02 0.51 -14.73
CA ASN A 24 -15.89 0.11 -16.16
C ASN A 24 -15.70 1.36 -17.04
N ALA A 25 -15.25 2.44 -16.46
CA ALA A 25 -15.04 3.67 -17.26
C ALA A 25 -13.55 3.98 -17.40
N ALA A 26 -12.80 3.03 -17.92
CA ALA A 26 -11.33 3.25 -18.09
C ALA A 26 -10.71 3.94 -16.87
N ASP A 27 -9.54 4.49 -17.01
CA ASP A 27 -8.89 5.18 -15.86
C ASP A 27 -8.79 4.23 -14.66
N SER A 28 -8.68 2.95 -14.90
CA SER A 28 -8.60 1.99 -13.76
C SER A 28 -8.04 0.65 -14.25
N GLY A 29 -7.35 -0.07 -13.40
CA GLY A 29 -6.79 -1.38 -13.82
C GLY A 29 -5.68 -1.80 -12.86
N THR A 30 -5.11 -2.96 -13.07
CA THR A 30 -4.02 -3.44 -12.16
C THR A 30 -2.66 -2.94 -12.66
N LEU A 31 -2.10 -1.96 -12.00
CA LEU A 31 -0.78 -1.42 -12.44
C LEU A 31 0.35 -2.09 -11.66
N ASN A 32 1.54 -2.06 -12.19
CA ASN A 32 2.69 -2.70 -11.46
C ASN A 32 3.17 -1.77 -10.35
N TYR A 33 3.53 -2.31 -9.22
CA TYR A 33 4.01 -1.45 -8.10
C TYR A 33 4.69 -2.32 -7.03
N GLU A 34 5.59 -1.75 -6.29
CA GLU A 34 6.28 -2.54 -5.24
C GLU A 34 6.81 -1.61 -4.13
N VAL A 35 7.50 -2.16 -3.16
CA VAL A 35 8.04 -1.32 -2.06
C VAL A 35 9.44 -1.80 -1.69
N TYR A 36 10.07 -1.13 -0.75
CA TYR A 36 11.45 -1.56 -0.36
C TYR A 36 11.70 -1.23 1.12
N LYS A 37 12.69 -1.84 1.70
CA LYS A 37 13.00 -1.56 3.13
C LYS A 37 13.51 -0.14 3.29
N TYR A 38 12.87 0.65 4.11
CA TYR A 38 13.33 2.06 4.30
C TYR A 38 14.81 2.08 4.65
N ASN A 39 15.52 3.08 4.18
CA ASN A 39 16.99 3.19 4.45
C ASN A 39 17.79 2.14 3.67
N THR A 40 17.12 1.33 2.87
CA THR A 40 17.85 0.30 2.07
C THR A 40 17.30 0.26 0.65
N ASN A 41 17.64 -0.76 -0.10
CA ASN A 41 17.12 -0.85 -1.49
C ASN A 41 16.68 -2.28 -1.80
N ASP A 42 16.39 -3.06 -0.80
CA ASP A 42 15.95 -4.47 -1.04
C ASP A 42 14.72 -4.82 -0.21
N THR A 43 13.69 -5.29 -0.86
CA THR A 43 12.46 -5.67 -0.13
C THR A 43 12.80 -6.67 0.98
N SER A 44 12.55 -6.34 2.21
CA SER A 44 12.90 -7.30 3.30
C SER A 44 11.72 -7.53 4.26
N ILE A 45 10.76 -6.65 4.29
CA ILE A 45 9.61 -6.85 5.22
C ILE A 45 8.28 -6.50 4.54
N ALA A 46 8.00 -5.24 4.42
CA ALA A 46 6.72 -4.80 3.78
C ALA A 46 6.44 -5.57 2.49
N ASN A 47 7.46 -6.06 1.84
CA ASN A 47 7.24 -6.81 0.57
C ASN A 47 6.56 -8.16 0.86
N ASP A 48 6.51 -8.57 2.09
CA ASP A 48 5.86 -9.88 2.42
C ASP A 48 4.47 -9.68 3.00
N TYR A 49 3.91 -8.50 2.87
CA TYR A 49 2.55 -8.26 3.44
C TYR A 49 1.68 -7.48 2.45
N PHE A 50 2.12 -7.34 1.23
CA PHE A 50 1.31 -6.59 0.22
C PHE A 50 1.19 -7.41 -1.07
N ASN A 51 0.01 -7.81 -1.42
CA ASN A 51 -0.17 -8.60 -2.68
C ASN A 51 0.01 -7.71 -3.90
N LYS A 52 0.19 -8.29 -5.06
CA LYS A 52 0.36 -7.47 -6.29
C LYS A 52 -0.24 -8.20 -7.49
N PRO A 53 -0.44 -7.47 -8.56
CA PRO A 53 -0.11 -6.02 -8.58
C PRO A 53 -1.20 -5.21 -7.87
N ALA A 54 -1.09 -3.91 -7.89
CA ALA A 54 -2.13 -3.08 -7.21
C ALA A 54 -3.10 -2.50 -8.26
N LYS A 55 -4.19 -1.94 -7.81
CA LYS A 55 -5.17 -1.36 -8.78
C LYS A 55 -5.02 0.16 -8.84
N TYR A 56 -4.59 0.68 -9.96
CA TYR A 56 -4.43 2.16 -10.08
C TYR A 56 -5.65 2.76 -10.76
N ILE A 57 -5.85 4.04 -10.63
CA ILE A 57 -7.03 4.68 -11.29
C ILE A 57 -6.76 6.16 -11.56
N LYS A 58 -7.46 6.75 -12.50
CA LYS A 58 -7.24 8.20 -12.80
C LYS A 58 -8.56 8.91 -13.09
N LYS A 59 -8.53 10.20 -13.18
CA LYS A 59 -9.78 10.97 -13.46
C LYS A 59 -9.44 12.34 -14.07
N ASN A 60 -8.81 12.34 -15.21
CA ASN A 60 -8.44 13.62 -15.87
C ASN A 60 -7.70 14.56 -14.90
N GLY A 61 -6.41 14.42 -14.82
CA GLY A 61 -5.62 15.32 -13.93
C GLY A 61 -5.59 14.75 -12.50
N LYS A 62 -5.75 13.47 -12.34
CA LYS A 62 -5.72 12.88 -10.96
C LYS A 62 -5.61 11.37 -11.02
N LEU A 63 -5.05 10.76 -10.01
CA LEU A 63 -4.97 9.28 -10.01
C LEU A 63 -4.79 8.72 -8.59
N TYR A 64 -5.26 7.52 -8.38
CA TYR A 64 -5.15 6.89 -7.04
C TYR A 64 -4.91 5.39 -7.22
N VAL A 65 -4.60 4.69 -6.16
CA VAL A 65 -4.37 3.23 -6.31
C VAL A 65 -4.85 2.49 -5.06
N GLN A 66 -5.37 1.31 -5.24
CA GLN A 66 -5.85 0.54 -4.06
C GLN A 66 -4.79 -0.46 -3.64
N ILE A 67 -4.49 -0.53 -2.36
CA ILE A 67 -3.46 -1.48 -1.89
C ILE A 67 -4.10 -2.57 -1.04
N THR A 68 -3.70 -3.80 -1.22
CA THR A 68 -4.30 -4.90 -0.42
C THR A 68 -3.51 -5.09 0.88
N VAL A 69 -4.19 -5.10 2.00
CA VAL A 69 -3.48 -5.28 3.29
C VAL A 69 -3.64 -6.72 3.77
N ASN A 70 -2.55 -7.38 4.07
CA ASN A 70 -2.66 -8.78 4.55
C ASN A 70 -2.55 -8.84 6.08
N HIS A 71 -3.47 -9.49 6.72
CA HIS A 71 -3.43 -9.58 8.21
C HIS A 71 -3.59 -8.19 8.83
N SER A 72 -4.67 -7.96 9.52
CA SER A 72 -4.88 -6.62 10.16
C SER A 72 -4.14 -6.55 11.49
N HIS A 73 -4.12 -7.60 12.24
CA HIS A 73 -3.42 -7.59 13.55
C HIS A 73 -1.96 -7.17 13.36
N TRP A 74 -1.32 -7.69 12.34
CA TRP A 74 0.11 -7.32 12.10
C TRP A 74 0.22 -5.85 11.69
N ILE A 75 -0.34 -5.48 10.57
CA ILE A 75 -0.28 -4.06 10.12
C ILE A 75 -1.46 -3.28 10.69
N THR A 76 -1.17 -2.18 11.36
CA THR A 76 -2.26 -1.37 11.97
C THR A 76 -2.79 -0.34 10.95
N GLY A 77 -2.00 0.05 9.99
CA GLY A 77 -2.48 1.05 9.00
C GLY A 77 -1.37 1.38 8.01
N MET A 78 -1.62 2.25 7.07
CA MET A 78 -0.58 2.62 6.07
C MET A 78 -0.80 4.05 5.57
N SER A 79 0.21 4.64 4.99
CA SER A 79 0.07 6.04 4.48
C SER A 79 1.07 6.28 3.35
N ILE A 80 0.71 7.08 2.38
CA ILE A 80 1.63 7.35 1.25
C ILE A 80 1.59 8.83 0.85
N GLU A 81 2.72 9.38 0.48
CA GLU A 81 2.78 10.82 0.08
C GLU A 81 2.62 11.76 1.29
N GLY A 82 2.45 11.22 2.47
CA GLY A 82 2.32 12.11 3.67
C GLY A 82 0.86 12.16 4.15
N HIS A 83 0.05 11.19 3.80
CA HIS A 83 -1.37 11.23 4.28
C HIS A 83 -1.82 9.83 4.69
N LYS A 84 -2.84 9.74 5.50
CA LYS A 84 -3.33 8.40 5.94
C LYS A 84 -4.00 7.68 4.77
N GLU A 85 -4.47 6.48 5.00
CA GLU A 85 -5.14 5.71 3.91
C GLU A 85 -6.66 5.78 4.09
N ASN A 86 -7.40 5.33 3.11
CA ASN A 86 -8.89 5.36 3.21
C ASN A 86 -9.44 3.93 3.23
N ILE A 87 -10.29 3.62 4.17
CA ILE A 87 -10.86 2.25 4.22
C ILE A 87 -11.78 2.03 3.02
N ILE A 88 -11.32 1.33 2.03
CA ILE A 88 -12.15 1.09 0.82
C ILE A 88 -12.88 -0.25 0.92
N SER A 89 -12.34 -1.19 1.67
CA SER A 89 -13.02 -2.51 1.79
C SER A 89 -12.38 -3.29 2.94
N LYS A 90 -13.06 -3.38 4.05
CA LYS A 90 -12.50 -4.12 5.20
C LYS A 90 -13.04 -5.56 5.23
N ASN A 91 -12.24 -6.49 5.66
CA ASN A 91 -12.71 -7.90 5.72
C ASN A 91 -12.14 -8.60 6.96
N THR A 92 -12.72 -8.37 8.10
CA THR A 92 -12.22 -9.01 9.35
C THR A 92 -12.43 -10.53 9.28
N ALA A 93 -13.40 -10.97 8.53
CA ALA A 93 -13.66 -12.44 8.43
C ALA A 93 -12.45 -13.14 7.81
N LYS A 94 -11.99 -12.68 6.68
CA LYS A 94 -10.81 -13.32 6.04
C LYS A 94 -9.53 -12.57 6.39
N ASP A 95 -9.56 -11.76 7.41
CA ASP A 95 -8.34 -11.00 7.81
C ASP A 95 -7.76 -10.29 6.58
N GLU A 96 -8.49 -9.37 6.01
CA GLU A 96 -7.98 -8.64 4.82
C GLU A 96 -8.51 -7.20 4.80
N ARG A 97 -7.89 -6.34 4.04
CA ARG A 97 -8.34 -4.93 3.98
C ARG A 97 -7.74 -4.24 2.75
N THR A 98 -8.30 -3.13 2.34
CA THR A 98 -7.76 -2.42 1.15
C THR A 98 -7.85 -0.91 1.37
N SER A 99 -6.96 -0.15 0.80
CA SER A 99 -7.01 1.32 1.00
C SER A 99 -6.57 2.06 -0.27
N GLU A 100 -7.17 3.18 -0.56
CA GLU A 100 -6.79 3.95 -1.78
C GLU A 100 -5.74 5.01 -1.41
N PHE A 101 -4.84 5.32 -2.30
CA PHE A 101 -3.80 6.34 -1.98
C PHE A 101 -3.73 7.41 -3.07
N GLU A 102 -3.75 8.66 -2.68
CA GLU A 102 -3.67 9.75 -3.69
C GLU A 102 -2.21 10.22 -3.84
N VAL A 103 -1.69 10.20 -5.03
CA VAL A 103 -0.27 10.62 -5.22
C VAL A 103 -0.08 11.25 -6.60
N SER A 104 1.15 11.52 -6.97
CA SER A 104 1.42 12.11 -8.31
C SER A 104 1.67 10.98 -9.32
N LYS A 105 0.78 10.80 -10.25
CA LYS A 105 0.95 9.70 -11.25
C LYS A 105 1.34 8.40 -10.54
N LEU A 106 1.87 7.45 -11.25
CA LEU A 106 2.24 6.17 -10.60
C LEU A 106 3.44 5.53 -11.33
N ASN A 107 4.52 6.24 -11.43
CA ASN A 107 5.72 5.68 -12.11
C ASN A 107 7.00 6.21 -11.43
N GLY A 108 7.37 5.63 -10.33
CA GLY A 108 8.60 6.09 -9.62
C GLY A 108 8.48 5.79 -8.13
N LYS A 109 9.54 5.97 -7.38
CA LYS A 109 9.48 5.71 -5.92
C LYS A 109 8.89 6.91 -5.19
N ILE A 110 8.14 6.66 -4.14
CA ILE A 110 7.53 7.78 -3.36
C ILE A 110 7.68 7.51 -1.86
N ASP A 111 7.85 8.53 -1.08
CA ASP A 111 8.01 8.33 0.39
C ASP A 111 6.65 8.02 1.03
N GLY A 112 6.52 6.86 1.60
CA GLY A 112 5.22 6.50 2.26
C GLY A 112 5.48 6.15 3.73
N LYS A 113 4.43 5.89 4.46
CA LYS A 113 4.62 5.56 5.90
C LYS A 113 3.59 4.51 6.33
N ILE A 114 3.79 3.86 7.45
CA ILE A 114 2.82 2.83 7.90
C ILE A 114 2.95 2.60 9.40
N ASP A 115 1.84 2.43 10.07
CA ASP A 115 1.90 2.19 11.54
C ASP A 115 1.70 0.70 11.82
N VAL A 116 2.21 0.21 12.91
CA VAL A 116 2.05 -1.24 13.20
C VAL A 116 1.60 -1.45 14.65
N TYR A 117 0.88 -2.52 14.89
CA TYR A 117 0.40 -2.81 16.27
C TYR A 117 0.27 -4.31 16.46
N ILE A 118 1.24 -4.93 17.08
CA ILE A 118 1.19 -6.40 17.27
C ILE A 118 1.57 -6.78 18.70
N ASP A 119 1.08 -7.88 19.18
CA ASP A 119 1.41 -8.32 20.55
C ASP A 119 1.14 -9.82 20.68
N GLU A 120 2.17 -10.62 20.71
CA GLU A 120 1.98 -12.08 20.83
C GLU A 120 3.31 -12.79 21.07
N LYS A 121 3.29 -14.01 21.54
CA LYS A 121 4.56 -14.73 21.79
C LYS A 121 5.01 -15.50 20.56
N VAL A 122 6.11 -15.11 19.97
CA VAL A 122 6.60 -15.82 18.76
C VAL A 122 7.26 -17.15 19.15
N ASN A 123 6.52 -18.23 19.07
CA ASN A 123 7.10 -19.55 19.44
C ASN A 123 7.48 -19.58 20.92
N GLY A 124 6.79 -18.84 21.74
CA GLY A 124 7.10 -18.85 23.20
C GLY A 124 7.96 -17.62 23.53
N LYS A 125 7.74 -16.53 22.85
CA LYS A 125 8.55 -15.30 23.12
C LYS A 125 7.67 -14.05 22.95
N PRO A 126 7.21 -13.52 24.04
CA PRO A 126 6.36 -12.31 24.00
C PRO A 126 7.01 -11.23 23.13
N PHE A 127 6.37 -10.89 22.03
CA PHE A 127 6.95 -9.85 21.13
C PHE A 127 6.08 -8.59 21.16
N LYS A 128 6.66 -7.46 21.44
CA LYS A 128 5.86 -6.20 21.48
C LYS A 128 6.10 -5.39 20.20
N TYR A 129 5.06 -4.80 19.67
CA TYR A 129 5.22 -4.01 18.41
C TYR A 129 4.13 -2.94 18.34
N ASP A 130 4.49 -1.69 18.42
CA ASP A 130 3.47 -0.60 18.35
C ASP A 130 4.14 0.75 18.12
N HIS A 131 4.34 1.10 16.88
CA HIS A 131 5.00 2.41 16.58
C HIS A 131 4.58 2.92 15.20
N HIS A 132 5.24 3.93 14.70
CA HIS A 132 4.87 4.46 13.35
C HIS A 132 6.05 4.29 12.40
N TYR A 133 6.17 3.14 11.79
CA TYR A 133 7.29 2.90 10.84
C TYR A 133 6.94 3.41 9.44
N ASN A 134 7.81 3.24 8.50
CA ASN A 134 7.54 3.71 7.11
C ASN A 134 8.26 2.82 6.10
N ILE A 135 8.02 3.03 4.84
CA ILE A 135 8.70 2.19 3.81
C ILE A 135 8.78 2.93 2.46
N THR A 136 9.59 2.46 1.57
CA THR A 136 9.72 3.11 0.24
C THR A 136 8.75 2.50 -0.76
N TYR A 137 7.78 3.26 -1.21
CA TYR A 137 6.80 2.71 -2.19
C TYR A 137 7.31 2.96 -3.62
N LYS A 138 6.88 2.16 -4.56
CA LYS A 138 7.34 2.37 -5.97
C LYS A 138 6.24 1.98 -6.95
N PHE A 139 5.70 2.94 -7.66
CA PHE A 139 4.62 2.64 -8.65
C PHE A 139 5.23 2.37 -10.03
N ASN A 140 4.54 1.64 -10.86
CA ASN A 140 5.07 1.35 -12.23
C ASN A 140 3.95 1.42 -13.27
N GLY A 141 3.82 2.53 -13.93
CA GLY A 141 2.75 2.68 -14.96
C GLY A 141 3.09 3.86 -15.88
N PRO A 142 2.06 4.46 -16.43
CA PRO A 142 2.26 5.61 -17.34
C PRO A 142 2.91 6.78 -16.60
N THR A 143 3.00 7.92 -17.23
CA THR A 143 3.62 9.10 -16.56
C THR A 143 2.98 10.40 -17.08
N ASP A 144 2.82 10.52 -18.37
CA ASP A 144 2.21 11.75 -18.93
C ASP A 144 1.12 11.39 -19.95
N VAL A 145 1.43 10.51 -20.87
CA VAL A 145 0.41 10.10 -21.87
C VAL A 145 -0.10 11.34 -22.63
N ALA A 146 0.79 12.11 -23.20
CA ALA A 146 0.35 13.33 -23.94
C ALA A 146 1.43 13.75 -24.94
N GLY A 147 2.25 12.83 -25.37
CA GLY A 147 3.32 13.17 -26.34
C GLY A 147 4.58 13.60 -25.58
ZN ZNH B . 8.03 -5.55 11.05
CHA ZNH B . 10.88 -3.80 11.40
CHB ZNH B . 9.08 -7.63 13.50
CHC ZNH B . 5.37 -7.18 10.73
CHD ZNH B . 7.08 -3.41 8.60
NA ZNH B . 9.56 -5.67 12.15
C1A ZNH B . 10.72 -4.84 12.19
C2A ZNH B . 11.59 -5.30 13.14
C3A ZNH B . 11.08 -6.37 13.72
C4A ZNH B . 9.86 -6.64 13.16
CMA ZNH B . 11.74 -7.16 14.82
CAA ZNH B . 12.93 -4.68 13.46
CBA ZNH B . 14.04 -5.42 12.73
CGA ZNH B . 14.72 -4.50 11.76
O1A ZNH B . 14.68 -4.73 10.58
O2A ZNH B . 15.37 -3.41 12.21
NB ZNH B . 7.35 -7.11 11.95
C1B ZNH B . 7.89 -7.89 12.96
C2B ZNH B . 7.03 -8.91 13.29
C3B ZNH B . 5.96 -8.83 12.51
C4B ZNH B . 6.14 -7.66 11.65
CMB ZNH B . 7.26 -9.96 14.34
CAB ZNH B . 4.80 -9.73 12.50
CBB ZNH B . 3.96 -9.75 13.54
NC ZNH B . 6.53 -5.32 9.88
C1C ZNH B . 5.42 -6.18 9.92
C2C ZNH B . 4.53 -5.76 8.96
C3C ZNH B . 5.01 -4.66 8.34
C4C ZNH B . 6.24 -4.36 8.88
CMC ZNH B . 3.20 -6.41 8.67
CAC ZNH B . 4.33 -3.92 7.28
CBC ZNH B . 3.25 -3.20 7.55
ND ZNH B . 8.80 -4.01 10.22
C1D ZNH B . 8.25 -3.23 9.22
C2D ZNH B . 9.14 -2.16 8.87
C3D ZNH B . 10.20 -2.26 9.63
C4D ZNH B . 10.00 -3.40 10.50
CMD ZNH B . 8.89 -1.11 7.82
CAD ZNH B . 11.40 -1.35 9.62
CBD ZNH B . 11.22 -0.24 10.65
CGD ZNH B . 11.87 1.03 10.16
O1D ZNH B . 11.20 1.85 9.58
O2D ZNH B . 13.18 1.23 10.36
HHA ZNH B . 11.80 -3.23 11.50
HHB ZNH B . 9.42 -8.30 14.30
HHC ZNH B . 4.44 -7.75 10.63
HHD ZNH B . 6.80 -2.70 7.82
HMA1 ZNH B . 11.60 -8.22 14.63
HMA2 ZNH B . 11.28 -6.90 15.77
HMA3 ZNH B . 12.80 -6.92 14.85
HAA1 ZNH B . 13.09 -4.73 14.54
HAA2 ZNH B . 12.93 -3.63 13.16
HBA1 ZNH B . 13.61 -6.27 12.20
HBA2 ZNH B . 14.77 -5.79 13.46
HMB1 ZNH B . 6.30 -10.30 14.75
HMB2 ZNH B . 7.87 -9.55 15.14
HMB3 ZNH B . 7.77 -10.81 13.90
HAB ZNH B . 4.54 -10.28 11.60
HBB1 ZNH B . 3.02 -10.31 13.45
HBB2 ZNH B . 4.12 -9.09 14.38
HMC1 ZNH B . 2.72 -6.68 9.60
HMC2 ZNH B . 3.36 -7.30 8.07
HMC3 ZNH B . 2.57 -5.71 8.12
HAC ZNH B . 4.71 -3.95 6.26
HBC1 ZNH B . 2.74 -2.65 6.75
HBC2 ZNH B . 2.86 -3.17 8.56
HMD1 ZNH B . 8.40 -0.25 8.27
HMD2 ZNH B . 8.28 -1.52 7.04
HMD3 ZNH B . 9.86 -0.79 7.40
HAD1 ZNH B . 12.29 -1.92 9.86
HAD2 ZNH B . 11.50 -0.91 8.63
HBD1 ZNH B . 11.69 -0.55 11.60
HBD2 ZNH B . 10.15 -0.07 10.82
N SER A 22 -17.68 2.45 -19.29
CA SER A 22 -18.39 1.45 -20.15
C SER A 22 -18.15 1.74 -21.63
N ALA A 23 -18.07 3.00 -21.98
CA ALA A 23 -17.83 3.35 -23.42
C ALA A 23 -16.58 4.21 -23.56
N ASN A 24 -15.45 3.60 -23.83
CA ASN A 24 -14.19 4.39 -23.98
C ASN A 24 -13.84 5.05 -22.65
N ALA A 25 -14.02 4.36 -21.56
CA ALA A 25 -13.70 4.96 -20.23
C ALA A 25 -13.14 3.88 -19.29
N ALA A 26 -12.29 4.26 -18.37
CA ALA A 26 -11.72 3.27 -17.42
C ALA A 26 -11.03 3.99 -16.25
N ASP A 27 -9.91 4.59 -16.49
CA ASP A 27 -9.19 5.31 -15.39
C ASP A 27 -8.95 4.38 -14.20
N SER A 28 -8.83 3.10 -14.45
CA SER A 28 -8.61 2.15 -13.32
C SER A 28 -8.04 0.83 -13.86
N GLY A 29 -6.97 0.36 -13.27
CA GLY A 29 -6.38 -0.93 -13.75
C GLY A 29 -5.29 -1.39 -12.77
N THR A 30 -4.68 -2.52 -13.04
CA THR A 30 -3.61 -3.04 -12.14
C THR A 30 -2.25 -2.48 -12.56
N LEU A 31 -1.68 -1.62 -11.76
CA LEU A 31 -0.34 -1.04 -12.11
C LEU A 31 0.77 -1.84 -11.42
N ASN A 32 1.92 -1.93 -12.03
CA ASN A 32 3.04 -2.71 -11.40
C ASN A 32 3.71 -1.86 -10.32
N TYR A 33 3.96 -2.43 -9.17
CA TYR A 33 4.63 -1.66 -8.08
C TYR A 33 5.13 -2.60 -6.98
N GLU A 34 5.94 -2.08 -6.08
CA GLU A 34 6.47 -2.92 -4.98
C GLU A 34 6.86 -2.03 -3.80
N VAL A 35 7.47 -2.60 -2.79
CA VAL A 35 7.89 -1.78 -1.61
C VAL A 35 9.26 -2.24 -1.13
N TYR A 36 10.27 -1.44 -1.36
CA TYR A 36 11.63 -1.84 -0.92
C TYR A 36 11.92 -1.32 0.49
N LYS A 37 12.89 -1.87 1.14
CA LYS A 37 13.23 -1.43 2.52
C LYS A 37 13.80 0.00 2.48
N TYR A 38 13.40 0.84 3.40
CA TYR A 38 13.92 2.23 3.40
C TYR A 38 15.43 2.23 3.63
N ASN A 39 16.13 3.16 3.02
CA ASN A 39 17.62 3.22 3.18
C ASN A 39 18.30 2.04 2.46
N THR A 40 17.54 1.22 1.79
CA THR A 40 18.14 0.07 1.05
C THR A 40 17.46 -0.09 -0.31
N ASN A 41 17.75 -1.16 -1.00
CA ASN A 41 17.10 -1.37 -2.33
C ASN A 41 16.61 -2.81 -2.46
N ASP A 42 16.37 -3.46 -1.35
CA ASP A 42 15.88 -4.87 -1.41
C ASP A 42 14.73 -5.10 -0.44
N THR A 43 13.60 -5.53 -0.95
CA THR A 43 12.44 -5.80 -0.06
C THR A 43 12.88 -6.69 1.10
N SER A 44 12.63 -6.30 2.32
CA SER A 44 13.09 -7.16 3.45
C SER A 44 11.96 -7.45 4.46
N ILE A 45 10.91 -6.67 4.46
CA ILE A 45 9.81 -6.93 5.44
C ILE A 45 8.44 -6.74 4.80
N ALA A 46 8.04 -5.50 4.67
CA ALA A 46 6.70 -5.20 4.08
C ALA A 46 6.44 -6.03 2.82
N ASN A 47 7.47 -6.45 2.14
CA ASN A 47 7.27 -7.26 0.90
C ASN A 47 6.54 -8.57 1.22
N ASP A 48 6.47 -8.94 2.47
CA ASP A 48 5.78 -10.22 2.83
C ASP A 48 4.38 -9.94 3.39
N TYR A 49 3.87 -8.75 3.20
CA TYR A 49 2.52 -8.43 3.71
C TYR A 49 1.74 -7.58 2.71
N PHE A 50 2.25 -7.43 1.52
CA PHE A 50 1.53 -6.60 0.49
C PHE A 50 1.46 -7.37 -0.83
N ASN A 51 0.28 -7.75 -1.25
CA ASN A 51 0.13 -8.50 -2.52
C ASN A 51 0.36 -7.57 -3.73
N LYS A 52 0.58 -8.14 -4.89
CA LYS A 52 0.80 -7.30 -6.11
C LYS A 52 0.21 -8.01 -7.32
N PRO A 53 0.00 -7.26 -8.37
CA PRO A 53 0.31 -5.81 -8.36
C PRO A 53 -0.81 -5.04 -7.65
N ALA A 54 -0.74 -3.74 -7.65
CA ALA A 54 -1.80 -2.93 -6.99
C ALA A 54 -2.76 -2.36 -8.04
N LYS A 55 -3.89 -1.86 -7.63
CA LYS A 55 -4.85 -1.30 -8.60
C LYS A 55 -4.80 0.23 -8.60
N TYR A 56 -4.40 0.83 -9.70
CA TYR A 56 -4.34 2.32 -9.74
C TYR A 56 -5.60 2.87 -10.40
N ILE A 57 -5.86 4.14 -10.24
CA ILE A 57 -7.09 4.72 -10.85
C ILE A 57 -6.90 6.21 -11.09
N LYS A 58 -7.56 6.77 -12.09
CA LYS A 58 -7.42 8.23 -12.37
C LYS A 58 -8.78 8.88 -12.62
N LYS A 59 -8.81 10.17 -12.76
CA LYS A 59 -10.09 10.88 -13.00
C LYS A 59 -9.84 12.21 -13.70
N ASN A 60 -9.29 12.17 -14.89
CA ASN A 60 -9.01 13.43 -15.63
C ASN A 60 -8.19 14.41 -14.79
N GLY A 61 -6.88 14.26 -14.82
CA GLY A 61 -6.01 15.20 -14.04
C GLY A 61 -5.87 14.72 -12.59
N LYS A 62 -6.07 13.46 -12.34
CA LYS A 62 -5.94 12.96 -10.93
C LYS A 62 -5.87 11.44 -10.89
N LEU A 63 -5.39 10.89 -9.82
CA LEU A 63 -5.33 9.41 -9.72
C LEU A 63 -4.89 8.96 -8.34
N TYR A 64 -5.22 7.74 -8.00
CA TYR A 64 -4.87 7.20 -6.68
C TYR A 64 -4.40 5.75 -6.85
N VAL A 65 -4.55 4.94 -5.83
CA VAL A 65 -4.12 3.52 -5.97
C VAL A 65 -4.60 2.72 -4.77
N GLN A 66 -5.15 1.56 -4.99
CA GLN A 66 -5.62 0.73 -3.84
C GLN A 66 -4.56 -0.30 -3.48
N ILE A 67 -4.27 -0.44 -2.22
CA ILE A 67 -3.23 -1.43 -1.79
C ILE A 67 -3.87 -2.54 -0.97
N THR A 68 -3.42 -3.75 -1.13
CA THR A 68 -4.00 -4.88 -0.36
C THR A 68 -3.27 -5.04 0.98
N VAL A 69 -4.01 -5.11 2.06
CA VAL A 69 -3.36 -5.26 3.40
C VAL A 69 -3.53 -6.71 3.89
N ASN A 70 -2.45 -7.34 4.26
CA ASN A 70 -2.55 -8.74 4.75
C ASN A 70 -2.51 -8.78 6.28
N HIS A 71 -3.35 -9.59 6.88
CA HIS A 71 -3.37 -9.68 8.36
C HIS A 71 -3.52 -8.28 8.98
N SER A 72 -4.72 -7.90 9.32
CA SER A 72 -4.93 -6.56 9.92
C SER A 72 -4.42 -6.54 11.36
N HIS A 73 -4.50 -7.64 12.04
CA HIS A 73 -4.01 -7.69 13.45
C HIS A 73 -2.56 -7.23 13.53
N TRP A 74 -1.76 -7.57 12.55
CA TRP A 74 -0.33 -7.15 12.58
C TRP A 74 -0.19 -5.72 12.02
N ILE A 75 -0.75 -5.46 10.87
CA ILE A 75 -0.66 -4.09 10.29
C ILE A 75 -1.83 -3.24 10.77
N THR A 76 -1.54 -2.10 11.35
CA THR A 76 -2.64 -1.22 11.84
C THR A 76 -3.13 -0.29 10.72
N GLY A 77 -2.27 0.07 9.81
CA GLY A 77 -2.72 0.98 8.70
C GLY A 77 -1.51 1.37 7.84
N MET A 78 -1.68 2.33 6.97
CA MET A 78 -0.55 2.76 6.10
C MET A 78 -0.70 4.23 5.71
N SER A 79 0.32 4.81 5.13
CA SER A 79 0.24 6.25 4.74
C SER A 79 1.20 6.52 3.58
N ILE A 80 0.73 7.17 2.55
CA ILE A 80 1.62 7.45 1.39
C ILE A 80 1.50 8.93 0.99
N GLU A 81 2.56 9.51 0.51
CA GLU A 81 2.53 10.94 0.10
C GLU A 81 2.33 11.86 1.31
N GLY A 82 2.36 11.32 2.51
CA GLY A 82 2.20 12.17 3.72
C GLY A 82 0.72 12.23 4.16
N HIS A 83 -0.07 11.24 3.85
CA HIS A 83 -1.50 11.28 4.28
C HIS A 83 -1.95 9.91 4.76
N LYS A 84 -3.03 9.85 5.52
CA LYS A 84 -3.51 8.53 6.01
C LYS A 84 -4.12 7.71 4.87
N GLU A 85 -4.70 6.58 5.18
CA GLU A 85 -5.31 5.73 4.11
C GLU A 85 -6.84 5.75 4.23
N ASN A 86 -7.52 5.21 3.27
CA ASN A 86 -9.01 5.20 3.31
C ASN A 86 -9.52 3.75 3.35
N ILE A 87 -10.35 3.42 4.31
CA ILE A 87 -10.88 2.03 4.37
C ILE A 87 -11.82 1.78 3.19
N ILE A 88 -11.36 1.05 2.21
CA ILE A 88 -12.21 0.79 1.01
C ILE A 88 -12.92 -0.57 1.14
N SER A 89 -12.33 -1.51 1.81
CA SER A 89 -12.98 -2.84 1.95
C SER A 89 -12.28 -3.66 3.03
N LYS A 90 -12.87 -3.79 4.18
CA LYS A 90 -12.23 -4.58 5.27
C LYS A 90 -12.77 -6.02 5.26
N ASN A 91 -11.96 -6.96 4.85
CA ASN A 91 -12.42 -8.38 4.83
C ASN A 91 -11.99 -9.10 6.10
N THR A 92 -12.46 -8.65 7.24
CA THR A 92 -12.08 -9.31 8.53
C THR A 92 -12.43 -10.80 8.48
N ALA A 93 -13.35 -11.17 7.63
CA ALA A 93 -13.74 -12.61 7.55
C ALA A 93 -12.54 -13.47 7.10
N LYS A 94 -11.54 -12.85 6.52
CA LYS A 94 -10.35 -13.63 6.07
C LYS A 94 -9.06 -12.89 6.43
N ASP A 95 -9.13 -12.02 7.41
CA ASP A 95 -7.91 -11.28 7.83
C ASP A 95 -7.30 -10.53 6.64
N GLU A 96 -8.01 -9.58 6.10
CA GLU A 96 -7.48 -8.82 4.93
C GLU A 96 -8.00 -7.38 4.96
N ARG A 97 -7.62 -6.59 3.99
CA ARG A 97 -8.09 -5.17 3.96
C ARG A 97 -7.49 -4.44 2.75
N THR A 98 -8.06 -3.33 2.38
CA THR A 98 -7.53 -2.57 1.21
C THR A 98 -7.61 -1.06 1.50
N SER A 99 -6.74 -0.29 0.91
CA SER A 99 -6.79 1.19 1.17
C SER A 99 -6.42 1.96 -0.10
N GLU A 100 -7.10 3.04 -0.36
CA GLU A 100 -6.80 3.84 -1.57
C GLU A 100 -5.80 4.96 -1.23
N PHE A 101 -4.88 5.24 -2.10
CA PHE A 101 -3.89 6.31 -1.81
C PHE A 101 -3.80 7.31 -2.98
N GLU A 102 -3.72 8.58 -2.68
CA GLU A 102 -3.62 9.59 -3.76
C GLU A 102 -2.17 10.01 -3.95
N VAL A 103 -1.68 10.01 -5.16
CA VAL A 103 -0.26 10.40 -5.39
C VAL A 103 -0.08 11.05 -6.76
N SER A 104 0.89 11.91 -6.90
CA SER A 104 1.13 12.57 -8.22
C SER A 104 1.51 11.49 -9.24
N LYS A 105 0.62 11.16 -10.13
CA LYS A 105 0.92 10.10 -11.14
C LYS A 105 1.52 8.87 -10.46
N LEU A 106 1.95 7.90 -11.21
CA LEU A 106 2.53 6.67 -10.58
C LEU A 106 3.58 6.05 -11.49
N ASN A 107 4.74 6.63 -11.57
CA ASN A 107 5.82 6.07 -12.43
C ASN A 107 7.19 6.31 -11.79
N GLY A 108 7.32 6.10 -10.51
CA GLY A 108 8.63 6.32 -9.84
C GLY A 108 8.53 5.92 -8.35
N LYS A 109 9.53 6.25 -7.58
CA LYS A 109 9.50 5.89 -6.14
C LYS A 109 8.67 6.91 -5.35
N ILE A 110 8.07 6.50 -4.26
CA ILE A 110 7.26 7.44 -3.45
C ILE A 110 7.56 7.24 -1.96
N ASP A 111 7.79 8.32 -1.25
CA ASP A 111 8.09 8.18 0.21
C ASP A 111 6.81 7.92 0.98
N GLY A 112 6.58 6.70 1.39
CA GLY A 112 5.36 6.39 2.16
C GLY A 112 5.73 5.84 3.53
N LYS A 113 4.77 5.59 4.37
CA LYS A 113 5.07 5.05 5.73
C LYS A 113 3.93 4.13 6.18
N ILE A 114 4.06 3.54 7.33
CA ILE A 114 2.97 2.64 7.81
C ILE A 114 3.02 2.49 9.33
N ASP A 115 1.88 2.29 9.92
CA ASP A 115 1.84 2.11 11.40
C ASP A 115 1.57 0.63 11.71
N VAL A 116 1.94 0.18 12.87
CA VAL A 116 1.70 -1.25 13.22
C VAL A 116 1.27 -1.36 14.69
N TYR A 117 0.48 -2.34 15.01
CA TYR A 117 0.03 -2.50 16.43
C TYR A 117 -0.26 -3.97 16.73
N ILE A 118 0.49 -4.55 17.64
CA ILE A 118 0.26 -5.99 17.98
C ILE A 118 0.28 -6.16 19.50
N ASP A 119 -0.38 -7.17 20.01
CA ASP A 119 -0.39 -7.38 21.48
C ASP A 119 -0.75 -8.84 21.79
N GLU A 120 0.24 -9.64 22.11
CA GLU A 120 -0.03 -11.07 22.42
C GLU A 120 1.25 -11.73 22.94
N LYS A 121 1.17 -12.97 23.36
CA LYS A 121 2.38 -13.66 23.87
C LYS A 121 3.07 -14.45 22.75
N VAL A 122 4.12 -13.90 22.19
CA VAL A 122 4.83 -14.62 21.09
C VAL A 122 5.69 -15.74 21.67
N ASN A 123 5.34 -16.98 21.41
CA ASN A 123 6.13 -18.12 21.95
C ASN A 123 6.27 -17.99 23.47
N GLY A 124 5.21 -17.65 24.15
CA GLY A 124 5.29 -17.52 25.63
C GLY A 124 6.11 -16.28 25.99
N LYS A 125 5.98 -15.22 25.25
CA LYS A 125 6.75 -13.98 25.55
C LYS A 125 5.91 -12.74 25.22
N PRO A 126 5.47 -12.06 26.25
CA PRO A 126 4.65 -10.84 26.06
C PRO A 126 5.29 -9.93 25.01
N PHE A 127 4.54 -9.50 24.03
CA PHE A 127 5.12 -8.61 22.99
C PHE A 127 4.15 -7.46 22.69
N LYS A 128 4.67 -6.28 22.50
CA LYS A 128 3.77 -5.12 22.21
C LYS A 128 4.34 -4.28 21.06
N TYR A 129 3.59 -4.13 20.00
CA TYR A 129 4.07 -3.33 18.85
C TYR A 129 3.23 -2.07 18.69
N ASP A 130 3.83 -0.96 18.35
CA ASP A 130 3.03 0.30 18.20
C ASP A 130 3.93 1.43 17.70
N HIS A 131 4.20 1.48 16.42
CA HIS A 131 5.07 2.57 15.90
C HIS A 131 4.75 2.84 14.43
N HIS A 132 5.43 3.79 13.83
CA HIS A 132 5.19 4.11 12.40
C HIS A 132 6.47 3.88 11.59
N TYR A 133 6.60 2.73 10.98
CA TYR A 133 7.83 2.45 10.18
C TYR A 133 7.70 3.01 8.77
N ASN A 134 8.74 3.59 8.25
CA ASN A 134 8.68 4.15 6.87
C ASN A 134 9.05 3.08 5.84
N ILE A 135 8.66 3.28 4.61
CA ILE A 135 9.00 2.27 3.56
C ILE A 135 8.99 2.93 2.18
N THR A 136 9.52 2.25 1.19
CA THR A 136 9.55 2.84 -0.18
C THR A 136 8.31 2.43 -0.97
N TYR A 137 8.00 3.13 -2.02
CA TYR A 137 6.81 2.79 -2.84
C TYR A 137 7.07 3.14 -4.30
N LYS A 138 7.45 2.17 -5.10
CA LYS A 138 7.74 2.45 -6.53
C LYS A 138 6.56 2.01 -7.43
N PHE A 139 5.81 2.96 -7.92
CA PHE A 139 4.66 2.61 -8.80
C PHE A 139 5.10 2.63 -10.26
N ASN A 140 4.64 1.70 -11.05
CA ASN A 140 5.04 1.67 -12.48
C ASN A 140 3.80 1.71 -13.39
N GLY A 141 3.47 2.86 -13.90
CA GLY A 141 2.28 2.98 -14.79
C GLY A 141 2.50 4.14 -15.76
N PRO A 142 1.41 4.76 -16.14
CA PRO A 142 1.51 5.91 -17.08
C PRO A 142 2.44 6.99 -16.51
N THR A 143 3.10 7.73 -17.36
CA THR A 143 4.03 8.78 -16.86
C THR A 143 3.28 10.11 -16.70
N ASP A 144 2.51 10.49 -17.68
CA ASP A 144 1.76 11.77 -17.59
C ASP A 144 0.51 11.72 -18.48
N VAL A 145 0.65 11.21 -19.68
CA VAL A 145 -0.51 11.13 -20.60
C VAL A 145 -1.13 12.51 -20.80
N ALA A 146 -0.32 13.51 -20.95
CA ALA A 146 -0.87 14.89 -21.15
C ALA A 146 -1.28 15.10 -22.61
N GLY A 147 -2.39 14.53 -23.00
CA GLY A 147 -2.85 14.69 -24.41
C GLY A 147 -3.46 13.37 -24.91
ZN ZNH B . 8.11 -5.03 11.82
CHA ZNH B . 10.88 -3.13 11.78
CHB ZNH B . 9.26 -6.53 14.63
CHC ZNH B . 5.55 -6.85 11.83
CHD ZNH B . 7.07 -3.49 8.99
NA ZNH B . 9.65 -4.87 12.90
C1A ZNH B . 10.76 -3.99 12.76
C2A ZNH B . 11.66 -4.20 13.77
C3A ZNH B . 11.20 -5.15 14.56
C4A ZNH B . 9.99 -5.58 14.08
CMA ZNH B . 11.89 -5.67 15.79
CAA ZNH B . 12.96 -3.47 13.96
CBA ZNH B . 14.01 -4.03 13.01
CGA ZNH B . 15.38 -3.54 13.43
O1A ZNH B . 16.36 -3.91 12.82
O2A ZNH B . 15.50 -2.71 14.47
NB ZNH B . 7.52 -6.42 13.02
C1B ZNH B . 8.09 -6.94 14.16
C2B ZNH B . 7.29 -7.93 14.69
C3B ZNH B . 6.20 -8.05 13.94
C4B ZNH B . 6.33 -7.09 12.82
CMB ZNH B . 7.59 -8.73 15.94
CAB ZNH B . 5.10 -9.02 14.18
CBB ZNH B . 3.85 -8.70 13.88
NC ZNH B . 6.61 -5.12 10.63
C1C ZNH B . 5.55 -6.02 10.84
C2C ZNH B . 4.63 -5.83 9.84
C3C ZNH B . 5.06 -4.87 9.00
C4C ZNH B . 6.28 -4.40 9.46
CMC ZNH B . 3.34 -6.58 9.71
CAC ZNH B . 4.35 -4.38 7.80
CBC ZNH B . 4.16 -5.20 6.78
ND ZNH B . 8.80 -3.66 10.69
C1D ZNH B . 8.23 -3.14 9.54
C2D ZNH B . 9.06 -2.11 8.98
C3D ZNH B . 10.13 -2.00 9.75
C4D ZNH B . 9.98 -2.96 10.81
CMD ZNH B . 8.77 -1.31 7.75
CAD ZNH B . 11.28 -1.05 9.54
CBD ZNH B . 12.55 -1.85 9.24
CGD ZNH B . 13.59 -0.93 8.64
O1D ZNH B . 13.31 -0.24 7.70
O2D ZNH B . 14.82 -0.89 9.18
HHA ZNH B . 11.77 -2.50 11.76
HHB ZNH B . 9.64 -7.00 15.54
HHC ZNH B . 4.66 -7.46 11.83
HHD ZNH B . 6.77 -2.97 8.07
HMA1 ZNH B . 11.43 -5.24 16.69
HMA2 ZNH B . 12.95 -5.41 15.76
HMA3 ZNH B . 11.80 -6.76 15.83
HAA1 ZNH B . 13.30 -3.58 14.99
HAA2 ZNH B . 12.81 -2.40 13.74
HBA1 ZNH B . 13.80 -3.69 12.00
HBA2 ZNH B . 13.99 -5.11 13.05
HMB1 ZNH B . 6.69 -9.27 16.24
HMB2 ZNH B . 7.90 -8.06 16.73
HMB3 ZNH B . 8.38 -9.45 15.73
HAB ZNH B . 5.29 -9.88 14.81
HBB1 ZNH B . 3.03 -9.31 14.26
HBB2 ZNH B . 3.63 -7.72 13.45
HMC1 ZNH B . 2.85 -6.64 10.68
HMC2 ZNH B . 3.54 -7.59 9.35
HMC3 ZNH B . 2.68 -6.06 9.00
HAC ZNH B . 4.07 -3.33 7.72
HBC1 ZNH B . 3.73 -4.83 5.85
HBC2 ZNH B . 4.54 -6.23 6.82
HMD1 ZNH B . 7.70 -1.17 7.64
HMD2 ZNH B . 9.17 -1.83 6.88
HMD3 ZNH B . 9.25 -0.33 7.83
HAD1 ZNH B . 11.06 -0.39 8.70
HAD2 ZNH B . 11.43 -0.46 10.44
HBD1 ZNH B . 12.32 -2.65 8.53
HBD2 ZNH B . 12.93 -2.28 10.16
N SER A 22 -10.48 -3.83 -20.55
CA SER A 22 -10.90 -2.54 -21.19
C SER A 22 -12.25 -2.71 -21.89
N ALA A 23 -13.33 -2.46 -21.18
CA ALA A 23 -14.67 -2.61 -21.81
C ALA A 23 -15.66 -1.62 -21.19
N ASN A 24 -15.93 -0.53 -21.88
CA ASN A 24 -16.89 0.47 -21.32
C ASN A 24 -16.33 1.06 -20.03
N ALA A 25 -15.04 1.25 -19.96
CA ALA A 25 -14.43 1.82 -18.73
C ALA A 25 -12.92 2.00 -18.91
N ALA A 26 -12.31 2.82 -18.11
CA ALA A 26 -10.83 3.03 -18.24
C ALA A 26 -10.30 3.76 -17.00
N ASP A 27 -9.14 4.36 -17.11
CA ASP A 27 -8.56 5.08 -15.94
C ASP A 27 -8.48 4.15 -14.73
N SER A 28 -8.41 2.87 -14.93
CA SER A 28 -8.34 1.93 -13.78
C SER A 28 -7.79 0.59 -14.23
N GLY A 29 -6.86 0.03 -13.47
CA GLY A 29 -6.28 -1.28 -13.85
C GLY A 29 -5.28 -1.72 -12.78
N THR A 30 -4.69 -2.87 -12.95
CA THR A 30 -3.70 -3.36 -11.94
C THR A 30 -2.29 -2.84 -12.28
N LEU A 31 -1.75 -1.97 -11.46
CA LEU A 31 -0.39 -1.44 -11.74
C LEU A 31 0.67 -2.25 -10.98
N ASN A 32 1.83 -2.40 -11.55
CA ASN A 32 2.90 -3.17 -10.86
C ASN A 32 3.59 -2.29 -9.83
N TYR A 33 3.79 -2.79 -8.64
CA TYR A 33 4.46 -1.96 -7.60
C TYR A 33 4.91 -2.83 -6.43
N GLU A 34 5.79 -2.31 -5.62
CA GLU A 34 6.28 -3.08 -4.45
C GLU A 34 6.78 -2.12 -3.37
N VAL A 35 7.46 -2.62 -2.37
CA VAL A 35 7.98 -1.72 -1.32
C VAL A 35 9.37 -2.15 -0.88
N TYR A 36 10.34 -1.32 -1.07
CA TYR A 36 11.73 -1.69 -0.65
C TYR A 36 11.99 -1.23 0.78
N LYS A 37 12.90 -1.87 1.45
CA LYS A 37 13.21 -1.48 2.86
C LYS A 37 13.85 -0.09 2.90
N TYR A 38 13.31 0.81 3.68
CA TYR A 38 13.90 2.18 3.75
C TYR A 38 15.37 2.09 4.15
N ASN A 39 16.17 3.00 3.66
CA ASN A 39 17.63 3.00 3.98
C ASN A 39 18.36 1.85 3.25
N THR A 40 17.64 1.07 2.49
CA THR A 40 18.28 -0.05 1.74
C THR A 40 17.70 -0.13 0.33
N ASN A 41 17.98 -1.19 -0.38
CA ASN A 41 17.43 -1.31 -1.76
C ASN A 41 16.90 -2.73 -2.00
N ASP A 42 16.53 -3.42 -0.95
CA ASP A 42 16.01 -4.81 -1.13
C ASP A 42 14.77 -5.06 -0.29
N THR A 43 13.67 -5.36 -0.94
CA THR A 43 12.41 -5.65 -0.18
C THR A 43 12.70 -6.65 0.94
N SER A 44 12.45 -6.29 2.17
CA SER A 44 12.77 -7.23 3.28
C SER A 44 11.59 -7.43 4.23
N ILE A 45 10.63 -6.54 4.24
CA ILE A 45 9.48 -6.71 5.17
C ILE A 45 8.14 -6.39 4.49
N ALA A 46 7.88 -5.13 4.32
CA ALA A 46 6.60 -4.69 3.67
C ALA A 46 6.36 -5.42 2.36
N ASN A 47 7.38 -5.94 1.74
CA ASN A 47 7.21 -6.66 0.45
C ASN A 47 6.25 -7.85 0.59
N ASP A 48 6.24 -8.50 1.73
CA ASP A 48 5.34 -9.67 1.90
C ASP A 48 4.09 -9.29 2.72
N TYR A 49 3.81 -8.03 2.86
CA TYR A 49 2.62 -7.62 3.67
C TYR A 49 1.43 -7.29 2.74
N PHE A 50 1.68 -7.07 1.48
CA PHE A 50 0.56 -6.73 0.55
C PHE A 50 0.55 -7.66 -0.66
N ASN A 51 -0.59 -8.17 -1.02
CA ASN A 51 -0.67 -9.08 -2.20
C ASN A 51 -0.56 -8.25 -3.50
N LYS A 52 0.49 -8.42 -4.24
CA LYS A 52 0.64 -7.65 -5.51
C LYS A 52 0.07 -8.43 -6.69
N PRO A 53 -0.19 -7.75 -7.77
CA PRO A 53 0.06 -6.29 -7.83
C PRO A 53 -1.12 -5.51 -7.22
N ALA A 54 -1.08 -4.21 -7.28
CA ALA A 54 -2.20 -3.40 -6.72
C ALA A 54 -3.11 -2.89 -7.83
N LYS A 55 -4.04 -2.03 -7.52
CA LYS A 55 -4.96 -1.51 -8.57
C LYS A 55 -4.92 0.02 -8.58
N TYR A 56 -4.42 0.60 -9.64
CA TYR A 56 -4.36 2.09 -9.72
C TYR A 56 -5.55 2.63 -10.51
N ILE A 57 -5.79 3.91 -10.43
CA ILE A 57 -6.95 4.49 -11.17
C ILE A 57 -6.72 5.98 -11.44
N LYS A 58 -7.35 6.53 -12.44
CA LYS A 58 -7.17 7.98 -12.75
C LYS A 58 -8.50 8.62 -13.16
N LYS A 59 -8.51 9.91 -13.33
CA LYS A 59 -9.77 10.60 -13.73
C LYS A 59 -9.44 11.95 -14.38
N ASN A 60 -8.74 11.93 -15.47
CA ASN A 60 -8.37 13.20 -16.17
C ASN A 60 -7.87 14.25 -15.18
N GLY A 61 -6.61 14.19 -14.81
CA GLY A 61 -6.06 15.19 -13.86
C GLY A 61 -6.01 14.63 -12.45
N LYS A 62 -6.13 13.34 -12.29
CA LYS A 62 -6.08 12.75 -10.91
C LYS A 62 -5.90 11.24 -10.98
N LEU A 63 -5.50 10.63 -9.89
CA LEU A 63 -5.33 9.16 -9.89
C LEU A 63 -5.04 8.64 -8.47
N TYR A 64 -5.55 7.48 -8.18
CA TYR A 64 -5.34 6.89 -6.85
C TYR A 64 -5.08 5.39 -6.99
N VAL A 65 -4.74 4.71 -5.92
CA VAL A 65 -4.47 3.25 -6.03
C VAL A 65 -5.01 2.53 -4.80
N GLN A 66 -5.54 1.35 -4.99
CA GLN A 66 -6.07 0.58 -3.83
C GLN A 66 -5.03 -0.44 -3.38
N ILE A 67 -4.77 -0.52 -2.10
CA ILE A 67 -3.76 -1.48 -1.60
C ILE A 67 -4.43 -2.56 -0.74
N THR A 68 -4.11 -3.80 -0.97
CA THR A 68 -4.72 -4.89 -0.16
C THR A 68 -3.86 -5.17 1.07
N VAL A 69 -4.44 -5.11 2.23
CA VAL A 69 -3.64 -5.37 3.47
C VAL A 69 -3.92 -6.77 4.01
N ASN A 70 -2.88 -7.49 4.37
CA ASN A 70 -3.08 -8.86 4.90
C ASN A 70 -2.94 -8.86 6.43
N HIS A 71 -3.69 -9.68 7.12
CA HIS A 71 -3.59 -9.71 8.61
C HIS A 71 -3.71 -8.29 9.16
N SER A 72 -4.90 -7.84 9.41
CA SER A 72 -5.08 -6.47 9.97
C SER A 72 -4.31 -6.31 11.28
N HIS A 73 -4.26 -7.35 12.07
CA HIS A 73 -3.53 -7.27 13.36
C HIS A 73 -2.08 -6.84 13.14
N TRP A 74 -1.51 -7.22 12.03
CA TRP A 74 -0.09 -6.83 11.75
C TRP A 74 -0.02 -5.36 11.30
N ILE A 75 -0.67 -5.03 10.23
CA ILE A 75 -0.64 -3.62 9.73
C ILE A 75 -1.77 -2.82 10.38
N THR A 76 -1.43 -1.82 11.15
CA THR A 76 -2.47 -1.00 11.83
C THR A 76 -2.95 0.13 10.91
N GLY A 77 -2.15 0.55 9.98
CA GLY A 77 -2.57 1.65 9.06
C GLY A 77 -1.47 1.96 8.06
N MET A 78 -1.71 2.88 7.17
CA MET A 78 -0.67 3.24 6.15
C MET A 78 -0.88 4.68 5.69
N SER A 79 0.12 5.27 5.09
CA SER A 79 -0.01 6.68 4.62
C SER A 79 0.95 6.94 3.45
N ILE A 80 0.63 7.87 2.60
CA ILE A 80 1.53 8.15 1.45
C ILE A 80 1.40 9.62 1.00
N GLU A 81 2.48 10.19 0.53
CA GLU A 81 2.44 11.61 0.05
C GLU A 81 2.06 12.59 1.17
N GLY A 82 2.01 12.14 2.40
CA GLY A 82 1.67 13.09 3.50
C GLY A 82 0.27 12.81 4.05
N HIS A 83 -0.42 11.82 3.56
CA HIS A 83 -1.79 11.56 4.09
C HIS A 83 -1.99 10.06 4.34
N LYS A 84 -2.81 9.72 5.31
CA LYS A 84 -3.06 8.28 5.60
C LYS A 84 -3.87 7.63 4.48
N GLU A 85 -4.44 6.48 4.74
CA GLU A 85 -5.24 5.80 3.68
C GLU A 85 -6.73 5.89 4.00
N ASN A 86 -7.57 5.50 3.07
CA ASN A 86 -9.04 5.56 3.32
C ASN A 86 -9.62 4.14 3.41
N ILE A 87 -10.47 3.90 4.37
CA ILE A 87 -11.06 2.54 4.48
C ILE A 87 -11.96 2.24 3.29
N ILE A 88 -11.48 1.50 2.33
CA ILE A 88 -12.31 1.21 1.13
C ILE A 88 -13.01 -0.15 1.28
N SER A 89 -12.41 -1.06 2.00
CA SER A 89 -13.04 -2.39 2.17
C SER A 89 -12.34 -3.17 3.28
N LYS A 90 -12.92 -3.18 4.45
CA LYS A 90 -12.29 -3.91 5.58
C LYS A 90 -12.89 -5.31 5.70
N ASN A 91 -12.14 -6.25 6.23
CA ASN A 91 -12.67 -7.63 6.37
C ASN A 91 -12.18 -8.25 7.68
N THR A 92 -12.72 -7.82 8.78
CA THR A 92 -12.28 -8.39 10.09
C THR A 92 -12.53 -9.90 10.12
N ALA A 93 -13.58 -10.35 9.50
CA ALA A 93 -13.87 -11.82 9.50
C ALA A 93 -12.74 -12.59 8.80
N LYS A 94 -12.31 -12.12 7.66
CA LYS A 94 -11.21 -12.82 6.93
C LYS A 94 -9.86 -12.15 7.24
N ASP A 95 -9.80 -11.33 8.26
CA ASP A 95 -8.51 -10.66 8.60
C ASP A 95 -7.92 -9.99 7.35
N GLU A 96 -8.69 -9.14 6.71
CA GLU A 96 -8.17 -8.45 5.48
C GLU A 96 -8.75 -7.04 5.39
N ARG A 97 -8.21 -6.23 4.52
CA ARG A 97 -8.72 -4.83 4.37
C ARG A 97 -8.06 -4.16 3.17
N THR A 98 -8.62 -3.07 2.71
CA THR A 98 -8.02 -2.37 1.53
C THR A 98 -8.09 -0.85 1.74
N SER A 99 -7.22 -0.12 1.12
CA SER A 99 -7.24 1.36 1.29
C SER A 99 -6.81 2.05 0.00
N GLU A 100 -7.40 3.17 -0.32
CA GLU A 100 -7.02 3.91 -1.57
C GLU A 100 -5.94 4.95 -1.25
N PHE A 101 -5.05 5.20 -2.18
CA PHE A 101 -3.98 6.20 -1.93
C PHE A 101 -3.94 7.23 -3.06
N GLU A 102 -3.81 8.49 -2.72
CA GLU A 102 -3.75 9.55 -3.77
C GLU A 102 -2.30 10.04 -3.92
N VAL A 103 -1.82 10.11 -5.12
CA VAL A 103 -0.41 10.58 -5.33
C VAL A 103 -0.27 11.30 -6.67
N SER A 104 0.75 12.10 -6.82
CA SER A 104 0.95 12.82 -8.11
C SER A 104 0.86 11.82 -9.26
N LYS A 105 1.53 10.70 -9.10
CA LYS A 105 1.50 9.65 -10.15
C LYS A 105 2.03 8.34 -9.58
N LEU A 106 2.34 7.39 -10.42
CA LEU A 106 2.86 6.10 -9.91
C LEU A 106 3.82 5.46 -10.91
N ASN A 107 4.99 6.03 -11.06
CA ASN A 107 5.98 5.45 -12.02
C ASN A 107 7.40 5.64 -11.50
N GLY A 108 7.68 5.18 -10.30
CA GLY A 108 9.06 5.34 -9.74
C GLY A 108 9.06 4.96 -8.26
N LYS A 109 9.19 5.92 -7.39
CA LYS A 109 9.22 5.61 -5.93
C LYS A 109 8.79 6.85 -5.13
N ILE A 110 7.94 6.68 -4.16
CA ILE A 110 7.47 7.84 -3.35
C ILE A 110 7.65 7.56 -1.86
N ASP A 111 7.92 8.57 -1.08
CA ASP A 111 8.11 8.35 0.39
C ASP A 111 6.76 8.16 1.07
N GLY A 112 6.56 7.02 1.69
CA GLY A 112 5.27 6.77 2.38
C GLY A 112 5.52 6.42 3.84
N LYS A 113 4.48 6.19 4.60
CA LYS A 113 4.65 5.83 6.04
C LYS A 113 3.56 4.86 6.48
N ILE A 114 3.78 4.14 7.53
CA ILE A 114 2.74 3.17 7.98
C ILE A 114 2.94 2.83 9.47
N ASP A 115 1.86 2.59 10.16
CA ASP A 115 1.96 2.25 11.61
C ASP A 115 1.67 0.76 11.79
N VAL A 116 2.09 0.19 12.90
CA VAL A 116 1.83 -1.26 13.13
C VAL A 116 1.37 -1.48 14.57
N TYR A 117 0.59 -2.50 14.80
CA TYR A 117 0.11 -2.78 16.18
C TYR A 117 -0.14 -4.27 16.39
N ILE A 118 0.74 -4.95 17.07
CA ILE A 118 0.55 -6.41 17.30
C ILE A 118 0.78 -6.75 18.77
N ASP A 119 0.16 -7.79 19.24
CA ASP A 119 0.35 -8.17 20.68
C ASP A 119 -0.03 -9.65 20.87
N GLU A 120 0.95 -10.51 20.87
CA GLU A 120 0.65 -11.97 21.05
C GLU A 120 1.95 -12.75 21.17
N LYS A 121 1.86 -14.05 21.32
CA LYS A 121 3.10 -14.87 21.45
C LYS A 121 3.39 -15.61 20.14
N VAL A 122 4.39 -15.19 19.42
CA VAL A 122 4.72 -15.87 18.13
C VAL A 122 5.44 -17.20 18.40
N ASN A 123 4.73 -18.28 18.33
CA ASN A 123 5.36 -19.61 18.57
C ASN A 123 5.91 -19.70 20.00
N GLY A 124 5.16 -19.21 20.96
CA GLY A 124 5.62 -19.28 22.38
C GLY A 124 6.62 -18.14 22.63
N LYS A 125 6.39 -16.99 22.05
CA LYS A 125 7.32 -15.85 22.27
C LYS A 125 6.54 -14.52 22.28
N PRO A 126 6.38 -13.96 23.45
CA PRO A 126 5.65 -12.69 23.58
C PRO A 126 6.20 -11.65 22.60
N PHE A 127 5.41 -11.24 21.64
CA PHE A 127 5.89 -10.24 20.65
C PHE A 127 5.10 -8.93 20.79
N LYS A 128 5.78 -7.86 21.13
CA LYS A 128 5.08 -6.55 21.29
C LYS A 128 5.38 -5.67 20.07
N TYR A 129 4.37 -5.05 19.52
CA TYR A 129 4.60 -4.19 18.33
C TYR A 129 3.57 -3.04 18.31
N ASP A 130 4.02 -1.82 18.36
CA ASP A 130 3.07 -0.68 18.34
C ASP A 130 3.83 0.62 18.06
N HIS A 131 4.23 0.85 16.84
CA HIS A 131 4.96 2.10 16.51
C HIS A 131 4.76 2.47 15.04
N HIS A 132 5.57 3.35 14.53
CA HIS A 132 5.44 3.75 13.10
C HIS A 132 6.75 3.50 12.34
N TYR A 133 6.67 3.29 11.06
CA TYR A 133 7.90 3.04 10.26
C TYR A 133 7.68 3.45 8.80
N ASN A 134 8.62 4.14 8.22
CA ASN A 134 8.47 4.57 6.80
C ASN A 134 8.98 3.49 5.85
N ILE A 135 8.66 3.59 4.60
CA ILE A 135 9.14 2.57 3.61
C ILE A 135 9.17 3.17 2.20
N THR A 136 9.78 2.49 1.28
CA THR A 136 9.86 3.02 -0.11
C THR A 136 8.70 2.51 -0.96
N TYR A 137 7.84 3.38 -1.40
CA TYR A 137 6.69 2.95 -2.26
C TYR A 137 7.11 3.00 -3.73
N LYS A 138 7.54 1.91 -4.29
CA LYS A 138 7.96 1.91 -5.72
C LYS A 138 6.76 1.65 -6.64
N PHE A 139 6.23 2.67 -7.24
CA PHE A 139 5.06 2.48 -8.15
C PHE A 139 5.54 2.31 -9.60
N ASN A 140 4.95 1.41 -10.34
CA ASN A 140 5.38 1.21 -11.75
C ASN A 140 4.16 1.16 -12.68
N GLY A 141 3.87 2.25 -13.33
CA GLY A 141 2.70 2.30 -14.25
C GLY A 141 2.88 3.45 -15.24
N PRO A 142 1.79 4.11 -15.55
CA PRO A 142 1.86 5.25 -16.49
C PRO A 142 2.75 6.35 -15.92
N THR A 143 3.63 6.89 -16.72
CA THR A 143 4.54 7.97 -16.22
C THR A 143 3.91 9.34 -16.46
N ASP A 144 3.50 9.61 -17.67
CA ASP A 144 2.89 10.93 -17.98
C ASP A 144 2.15 10.89 -19.32
N VAL A 145 1.65 9.74 -19.70
CA VAL A 145 0.92 9.65 -21.00
C VAL A 145 1.84 10.07 -22.16
N ALA A 146 3.09 9.70 -22.10
CA ALA A 146 4.03 10.09 -23.19
C ALA A 146 3.90 9.12 -24.37
N GLY A 147 2.71 8.97 -24.91
CA GLY A 147 2.53 8.04 -26.05
C GLY A 147 1.13 7.43 -26.00
ZN ZNH B . 8.22 -5.25 10.90
CHA ZNH B . 11.08 -3.54 11.23
CHB ZNH B . 9.33 -7.45 13.22
CHC ZNH B . 5.54 -6.88 10.57
CHD ZNH B . 7.20 -3.01 8.57
NA ZNH B . 9.78 -5.44 11.94
C1A ZNH B . 10.94 -4.61 11.97
C2A ZNH B . 11.84 -5.11 12.88
C3A ZNH B . 11.35 -6.20 13.42
C4A ZNH B . 10.10 -6.44 12.89
CMA ZNH B . 12.03 -7.04 14.47
CAA ZNH B . 13.19 -4.52 13.19
CBA ZNH B . 13.16 -3.88 14.58
CGA ZNH B . 14.46 -3.16 14.85
O1A ZNH B . 15.42 -3.38 14.14
O2A ZNH B . 14.54 -2.27 15.84
NB ZNH B . 7.56 -6.85 11.76
C1B ZNH B . 8.12 -7.68 12.71
C2B ZNH B . 7.28 -8.71 13.03
C3B ZNH B . 6.17 -8.60 12.29
C4B ZNH B . 6.34 -7.40 11.45
CMB ZNH B . 7.55 -9.80 14.02
CAB ZNH B . 5.04 -9.54 12.33
CBB ZNH B . 3.79 -9.10 12.15
NC ZNH B . 6.68 -4.97 9.79
C1C ZNH B . 5.58 -5.83 9.82
C2C ZNH B . 4.64 -5.35 8.93
C3C ZNH B . 5.11 -4.24 8.33
C4C ZNH B . 6.37 -3.96 8.84
CMC ZNH B . 3.30 -5.99 8.67
CAC ZNH B . 4.39 -3.45 7.32
CBC ZNH B . 4.10 -3.99 6.15
ND ZNH B . 8.96 -3.68 10.11
C1D ZNH B . 8.38 -2.86 9.15
C2D ZNH B . 9.27 -1.78 8.83
C3D ZNH B . 10.36 -1.92 9.56
C4D ZNH B . 10.18 -3.09 10.37
CMD ZNH B . 9.00 -0.68 7.83
CAD ZNH B . 11.56 -1.01 9.56
CBD ZNH B . 11.68 -0.32 10.91
CGD ZNH B . 13.06 -0.57 11.48
O1D ZNH B . 13.20 -1.31 12.42
O2D ZNH B . 14.13 0.03 10.94
HHA ZNH B . 12.01 -2.97 11.33
HHB ZNH B . 9.70 -8.15 13.97
HHC ZNH B . 4.62 -7.43 10.45
HHD ZNH B . 6.91 -2.27 7.83
HMA1 ZNH B . 11.58 -8.03 14.49
HMA2 ZNH B . 11.91 -6.57 15.45
HMA3 ZNH B . 13.09 -7.13 14.23
HAA1 ZNH B . 13.43 -3.75 12.45
HAA2 ZNH B . 13.95 -5.29 13.16
HBA1 ZNH B . 13.02 -4.66 15.32
HBA2 ZNH B . 12.33 -3.18 14.64
HMB1 ZNH B . 6.64 -10.37 14.20
HMB2 ZNH B . 7.89 -9.36 14.96
HMB3 ZNH B . 8.33 -10.47 13.64
HAB ZNH B . 5.18 -10.53 12.73
HBB1 ZNH B . 2.95 -9.75 12.41
HBB2 ZNH B . 3.61 -8.04 11.98
HMC1 ZNH B . 2.89 -6.36 9.60
HMC2 ZNH B . 3.42 -6.81 7.96
HMC3 ZNH B . 2.62 -5.24 8.25
HAC ZNH B . 4.21 -2.38 7.49
HBC1 ZNH B . 3.66 -3.37 5.36
HBC2 ZNH B . 4.38 -5.02 5.95
HMD1 ZNH B . 8.01 -0.27 8.01
HMD2 ZNH B . 9.05 -1.09 6.82
HMD3 ZNH B . 9.75 0.10 7.94
HAD1 ZNH B . 12.46 -1.60 9.36
HAD2 ZNH B . 11.45 -0.26 8.77
HBD1 ZNH B . 10.93 -0.70 11.59
HBD2 ZNH B . 11.54 0.76 10.78
N SER A 22 -15.83 -4.02 -11.05
CA SER A 22 -16.32 -5.42 -11.29
C SER A 22 -16.72 -5.59 -12.75
N ALA A 23 -17.22 -4.57 -13.36
CA ALA A 23 -17.64 -4.68 -14.79
C ALA A 23 -17.97 -3.31 -15.36
N ASN A 24 -17.50 -3.00 -16.54
CA ASN A 24 -17.78 -1.67 -17.15
C ASN A 24 -17.17 -0.56 -16.30
N ALA A 25 -16.03 -0.82 -15.72
CA ALA A 25 -15.38 0.23 -14.87
C ALA A 25 -14.00 0.60 -15.44
N ALA A 26 -13.95 1.53 -16.35
CA ALA A 26 -12.65 1.94 -16.94
C ALA A 26 -11.86 2.78 -15.93
N ASP A 27 -10.84 3.48 -16.39
CA ASP A 27 -10.03 4.31 -15.46
C ASP A 27 -9.54 3.49 -14.28
N SER A 28 -9.37 2.21 -14.45
CA SER A 28 -8.92 1.36 -13.32
C SER A 28 -8.29 0.06 -13.83
N GLY A 29 -7.24 -0.38 -13.21
CA GLY A 29 -6.59 -1.66 -13.66
C GLY A 29 -5.49 -2.05 -12.67
N THR A 30 -4.92 -3.21 -12.84
CA THR A 30 -3.84 -3.66 -11.91
C THR A 30 -2.47 -3.18 -12.39
N LEU A 31 -1.88 -2.26 -11.70
CA LEU A 31 -0.53 -1.74 -12.12
C LEU A 31 0.58 -2.49 -11.38
N ASN A 32 1.76 -2.53 -11.95
CA ASN A 32 2.89 -3.23 -11.27
C ASN A 32 3.53 -2.32 -10.23
N TYR A 33 3.82 -2.81 -9.06
CA TYR A 33 4.44 -1.93 -8.04
C TYR A 33 4.99 -2.76 -6.87
N GLU A 34 5.91 -2.21 -6.12
CA GLU A 34 6.50 -2.94 -4.97
C GLU A 34 7.02 -1.95 -3.93
N VAL A 35 7.81 -2.41 -2.99
CA VAL A 35 8.34 -1.49 -1.96
C VAL A 35 9.80 -1.83 -1.62
N TYR A 36 10.44 -1.03 -0.82
CA TYR A 36 11.85 -1.30 -0.44
C TYR A 36 12.12 -0.80 0.98
N LYS A 37 13.12 -1.34 1.63
CA LYS A 37 13.42 -0.89 3.02
C LYS A 37 13.94 0.55 3.01
N TYR A 38 13.47 1.36 3.92
CA TYR A 38 13.94 2.78 3.96
C TYR A 38 15.46 2.79 4.21
N ASN A 39 16.15 3.75 3.64
CA ASN A 39 17.63 3.84 3.81
C ASN A 39 18.34 2.72 3.02
N THR A 40 17.60 1.93 2.29
CA THR A 40 18.24 0.83 1.49
C THR A 40 17.61 0.79 0.09
N ASN A 41 17.85 -0.26 -0.64
CA ASN A 41 17.25 -0.36 -2.01
C ASN A 41 16.59 -1.73 -2.19
N ASP A 42 16.35 -2.45 -1.12
CA ASP A 42 15.72 -3.79 -1.25
C ASP A 42 14.62 -3.98 -0.19
N THR A 43 13.52 -4.57 -0.55
CA THR A 43 12.43 -4.81 0.44
C THR A 43 12.88 -5.89 1.42
N SER A 44 12.68 -5.68 2.70
CA SER A 44 13.14 -6.71 3.68
C SER A 44 12.01 -7.11 4.65
N ILE A 45 11.00 -6.31 4.78
CA ILE A 45 9.90 -6.69 5.74
C ILE A 45 8.53 -6.40 5.13
N ALA A 46 8.34 -5.22 4.62
CA ALA A 46 7.02 -4.84 4.04
C ALA A 46 6.87 -5.37 2.60
N ASN A 47 7.80 -6.18 2.14
CA ASN A 47 7.69 -6.70 0.75
C ASN A 47 6.55 -7.72 0.64
N ASP A 48 6.33 -8.48 1.69
CA ASP A 48 5.24 -9.51 1.65
C ASP A 48 4.01 -9.02 2.42
N TYR A 49 3.93 -7.76 2.71
CA TYR A 49 2.75 -7.24 3.48
C TYR A 49 1.64 -6.79 2.53
N PHE A 50 1.97 -6.55 1.28
CA PHE A 50 0.92 -6.09 0.31
C PHE A 50 0.75 -7.11 -0.83
N ASN A 51 -0.45 -7.53 -1.08
CA ASN A 51 -0.69 -8.50 -2.18
C ASN A 51 -0.56 -7.80 -3.53
N LYS A 52 0.47 -8.09 -4.28
CA LYS A 52 0.65 -7.42 -5.60
C LYS A 52 0.00 -8.26 -6.71
N PRO A 53 -0.25 -7.63 -7.82
CA PRO A 53 0.08 -6.19 -7.99
C PRO A 53 -0.98 -5.31 -7.33
N ALA A 54 -0.88 -4.02 -7.47
CA ALA A 54 -1.88 -3.11 -6.86
C ALA A 54 -2.87 -2.62 -7.92
N LYS A 55 -3.95 -2.02 -7.52
CA LYS A 55 -4.94 -1.53 -8.52
C LYS A 55 -4.87 0.00 -8.67
N TYR A 56 -4.50 0.47 -9.82
CA TYR A 56 -4.42 1.94 -10.03
C TYR A 56 -5.72 2.43 -10.69
N ILE A 57 -6.00 3.70 -10.61
CA ILE A 57 -7.27 4.21 -11.22
C ILE A 57 -7.15 5.69 -11.58
N LYS A 58 -7.39 6.03 -12.81
CA LYS A 58 -7.29 7.46 -13.24
C LYS A 58 -8.46 7.83 -14.15
N LYS A 59 -9.16 8.90 -13.86
CA LYS A 59 -10.31 9.30 -14.72
C LYS A 59 -9.98 10.55 -15.53
N ASN A 60 -9.01 10.46 -16.41
CA ASN A 60 -8.64 11.64 -17.26
C ASN A 60 -8.52 12.91 -16.41
N GLY A 61 -7.33 13.25 -16.00
CA GLY A 61 -7.15 14.49 -15.18
C GLY A 61 -7.03 14.12 -13.70
N LYS A 62 -6.84 12.87 -13.40
CA LYS A 62 -6.72 12.45 -11.97
C LYS A 62 -6.30 10.98 -11.90
N LEU A 63 -5.70 10.57 -10.82
CA LEU A 63 -5.27 9.15 -10.70
C LEU A 63 -4.94 8.78 -9.25
N TYR A 64 -5.27 7.57 -8.89
CA TYR A 64 -4.99 7.11 -7.50
C TYR A 64 -4.51 5.65 -7.53
N VAL A 65 -4.58 4.97 -6.43
CA VAL A 65 -4.15 3.55 -6.40
C VAL A 65 -4.55 2.89 -5.08
N GLN A 66 -5.16 1.74 -5.14
CA GLN A 66 -5.58 1.06 -3.89
C GLN A 66 -4.55 0.00 -3.49
N ILE A 67 -4.30 -0.14 -2.22
CA ILE A 67 -3.32 -1.15 -1.75
C ILE A 67 -4.02 -2.23 -0.93
N THR A 68 -3.62 -3.46 -1.08
CA THR A 68 -4.27 -4.55 -0.29
C THR A 68 -3.55 -4.74 1.04
N VAL A 69 -4.28 -4.85 2.11
CA VAL A 69 -3.63 -5.04 3.44
C VAL A 69 -3.75 -6.49 3.90
N ASN A 70 -2.66 -7.13 4.20
CA ASN A 70 -2.72 -8.55 4.65
C ASN A 70 -2.64 -8.62 6.18
N HIS A 71 -3.56 -9.31 6.80
CA HIS A 71 -3.55 -9.41 8.29
C HIS A 71 -3.74 -8.02 8.91
N SER A 72 -4.84 -7.82 9.57
CA SER A 72 -5.09 -6.48 10.20
C SER A 72 -4.27 -6.31 11.48
N HIS A 73 -3.71 -7.38 11.99
CA HIS A 73 -2.89 -7.28 13.23
C HIS A 73 -1.46 -6.84 12.90
N TRP A 74 -0.79 -7.58 12.05
CA TRP A 74 0.61 -7.21 11.68
C TRP A 74 0.71 -5.73 11.34
N ILE A 75 0.11 -5.33 10.24
CA ILE A 75 0.18 -3.89 9.84
C ILE A 75 -0.98 -3.12 10.49
N THR A 76 -0.66 -2.11 11.26
CA THR A 76 -1.73 -1.32 11.94
C THR A 76 -2.24 -0.19 11.03
N GLY A 77 -1.42 0.29 10.13
CA GLY A 77 -1.89 1.39 9.23
C GLY A 77 -0.80 1.71 8.19
N MET A 78 -1.07 2.67 7.34
CA MET A 78 -0.07 3.04 6.29
C MET A 78 -0.27 4.51 5.88
N SER A 79 0.65 5.06 5.13
CA SER A 79 0.51 6.48 4.69
C SER A 79 1.27 6.70 3.39
N ILE A 80 0.96 7.75 2.68
CA ILE A 80 1.67 7.99 1.40
C ILE A 80 1.44 9.44 0.93
N GLU A 81 2.47 10.04 0.38
CA GLU A 81 2.35 11.45 -0.12
C GLU A 81 2.04 12.44 1.02
N GLY A 82 2.08 12.01 2.25
CA GLY A 82 1.80 12.97 3.35
C GLY A 82 0.49 12.65 4.06
N HIS A 83 -0.20 11.61 3.67
CA HIS A 83 -1.49 11.29 4.36
C HIS A 83 -1.60 9.79 4.65
N LYS A 84 -2.37 9.43 5.64
CA LYS A 84 -2.53 7.99 6.00
C LYS A 84 -3.32 7.26 4.91
N GLU A 85 -3.86 6.11 5.24
CA GLU A 85 -4.65 5.34 4.24
C GLU A 85 -6.15 5.52 4.49
N ASN A 86 -6.94 5.43 3.45
CA ASN A 86 -8.41 5.58 3.62
C ASN A 86 -9.07 4.20 3.65
N ILE A 87 -9.83 3.90 4.66
CA ILE A 87 -10.49 2.57 4.72
C ILE A 87 -11.54 2.46 3.62
N ILE A 88 -11.22 1.75 2.57
CA ILE A 88 -12.18 1.60 1.44
C ILE A 88 -12.99 0.30 1.58
N SER A 89 -12.42 -0.71 2.19
CA SER A 89 -13.17 -1.99 2.34
C SER A 89 -12.46 -2.89 3.34
N LYS A 90 -13.00 -3.01 4.53
CA LYS A 90 -12.35 -3.86 5.56
C LYS A 90 -12.98 -5.26 5.55
N ASN A 91 -12.28 -6.23 5.04
CA ASN A 91 -12.84 -7.62 5.01
C ASN A 91 -12.33 -8.41 6.21
N THR A 92 -13.09 -8.46 7.27
CA THR A 92 -12.64 -9.22 8.48
C THR A 92 -12.84 -10.73 8.26
N ALA A 93 -13.66 -11.10 7.31
CA ALA A 93 -13.88 -12.55 7.07
C ALA A 93 -12.58 -13.23 6.65
N LYS A 94 -11.93 -12.71 5.65
CA LYS A 94 -10.64 -13.32 5.19
C LYS A 94 -9.45 -12.56 5.78
N ASP A 95 -9.68 -11.74 6.77
CA ASP A 95 -8.56 -10.98 7.37
C ASP A 95 -7.84 -10.16 6.31
N GLU A 96 -8.50 -9.20 5.72
CA GLU A 96 -7.85 -8.37 4.67
C GLU A 96 -8.40 -6.94 4.70
N ARG A 97 -7.78 -6.06 3.96
CA ARG A 97 -8.25 -4.64 3.94
C ARG A 97 -7.70 -3.93 2.72
N THR A 98 -8.25 -2.79 2.38
CA THR A 98 -7.75 -2.04 1.19
C THR A 98 -7.74 -0.54 1.50
N SER A 99 -6.88 0.20 0.87
CA SER A 99 -6.82 1.66 1.14
C SER A 99 -6.52 2.44 -0.14
N GLU A 100 -7.18 3.55 -0.35
CA GLU A 100 -6.94 4.36 -1.56
C GLU A 100 -5.85 5.40 -1.30
N PHE A 101 -4.96 5.60 -2.22
CA PHE A 101 -3.87 6.60 -1.99
C PHE A 101 -3.78 7.57 -3.18
N GLU A 102 -3.77 8.86 -2.91
CA GLU A 102 -3.67 9.85 -4.00
C GLU A 102 -2.19 10.17 -4.27
N VAL A 103 -1.74 10.06 -5.49
CA VAL A 103 -0.32 10.34 -5.79
C VAL A 103 -0.15 10.90 -7.20
N SER A 104 1.01 11.41 -7.52
CA SER A 104 1.23 11.94 -8.89
C SER A 104 1.47 10.77 -9.86
N LYS A 105 0.54 10.53 -10.74
CA LYS A 105 0.70 9.39 -11.69
C LYS A 105 1.13 8.13 -10.93
N LEU A 106 1.71 7.18 -11.60
CA LEU A 106 2.14 5.94 -10.89
C LEU A 106 3.34 5.30 -11.60
N ASN A 107 4.43 6.03 -11.69
CA ASN A 107 5.64 5.46 -12.35
C ASN A 107 6.92 6.00 -11.68
N GLY A 108 7.05 5.78 -10.40
CA GLY A 108 8.27 6.28 -9.69
C GLY A 108 8.19 5.92 -8.20
N LYS A 109 9.20 6.27 -7.45
CA LYS A 109 9.18 5.95 -5.99
C LYS A 109 8.35 6.99 -5.22
N ILE A 110 7.71 6.58 -4.15
CA ILE A 110 6.89 7.55 -3.37
C ILE A 110 7.11 7.32 -1.87
N ASP A 111 6.99 8.34 -1.08
CA ASP A 111 7.19 8.18 0.39
C ASP A 111 5.96 7.51 1.01
N GLY A 112 6.15 6.41 1.70
CA GLY A 112 4.99 5.72 2.32
C GLY A 112 5.31 5.39 3.78
N LYS A 113 4.57 5.95 4.70
CA LYS A 113 4.83 5.67 6.14
C LYS A 113 3.89 4.56 6.61
N ILE A 114 4.23 3.88 7.68
CA ILE A 114 3.35 2.79 8.15
C ILE A 114 3.58 2.50 9.63
N ASP A 115 2.52 2.23 10.35
CA ASP A 115 2.65 1.91 11.80
C ASP A 115 2.37 0.42 12.00
N VAL A 116 2.80 -0.14 13.09
CA VAL A 116 2.54 -1.59 13.32
C VAL A 116 1.96 -1.83 14.71
N TYR A 117 1.13 -2.83 14.85
CA TYR A 117 0.53 -3.12 16.18
C TYR A 117 0.18 -4.61 16.29
N ILE A 118 0.94 -5.36 17.05
CA ILE A 118 0.64 -6.82 17.18
C ILE A 118 0.73 -7.25 18.64
N ASP A 119 -0.02 -8.25 19.02
CA ASP A 119 0.01 -8.74 20.42
C ASP A 119 -0.57 -10.16 20.50
N GLU A 120 0.28 -11.14 20.49
CA GLU A 120 -0.23 -12.55 20.56
C GLU A 120 0.94 -13.54 20.69
N LYS A 121 0.67 -14.81 20.53
CA LYS A 121 1.77 -15.82 20.64
C LYS A 121 2.28 -16.20 19.26
N VAL A 122 3.20 -15.43 18.72
CA VAL A 122 3.75 -15.76 17.38
C VAL A 122 4.75 -16.91 17.48
N ASN A 123 4.70 -17.84 16.58
CA ASN A 123 5.66 -18.99 16.64
C ASN A 123 5.65 -19.58 18.05
N GLY A 124 4.56 -19.47 18.75
CA GLY A 124 4.49 -20.03 20.14
C GLY A 124 5.23 -19.09 21.09
N LYS A 125 5.17 -17.81 20.85
CA LYS A 125 5.86 -16.85 21.75
C LYS A 125 5.05 -15.55 21.87
N PRO A 126 4.82 -15.13 23.09
CA PRO A 126 4.04 -13.89 23.31
C PRO A 126 4.86 -12.67 22.87
N PHE A 127 4.46 -12.02 21.81
CA PHE A 127 5.23 -10.84 21.34
C PHE A 127 4.36 -9.57 21.42
N LYS A 128 4.97 -8.43 21.50
CA LYS A 128 4.19 -7.17 21.60
C LYS A 128 4.78 -6.13 20.63
N TYR A 129 4.06 -5.81 19.59
CA TYR A 129 4.57 -4.82 18.61
C TYR A 129 3.71 -3.55 18.65
N ASP A 130 4.33 -2.41 18.83
CA ASP A 130 3.56 -1.14 18.88
C ASP A 130 4.49 0.06 18.67
N HIS A 131 4.76 0.40 17.44
CA HIS A 131 5.67 1.55 17.17
C HIS A 131 5.36 2.18 15.82
N HIS A 132 6.20 3.07 15.35
CA HIS A 132 5.96 3.72 14.04
C HIS A 132 7.12 3.42 13.09
N TYR A 133 6.83 3.28 11.83
CA TYR A 133 7.92 2.98 10.85
C TYR A 133 7.51 3.46 9.45
N ASN A 134 8.36 3.27 8.47
CA ASN A 134 8.01 3.71 7.09
C ASN A 134 8.71 2.84 6.05
N ILE A 135 8.40 3.02 4.80
CA ILE A 135 9.05 2.19 3.74
C ILE A 135 9.00 2.93 2.41
N THR A 136 9.75 2.48 1.44
CA THR A 136 9.77 3.16 0.12
C THR A 136 8.74 2.54 -0.83
N TYR A 137 7.82 3.33 -1.32
CA TYR A 137 6.80 2.79 -2.27
C TYR A 137 7.31 2.90 -3.71
N LYS A 138 6.74 2.19 -4.63
CA LYS A 138 7.20 2.27 -6.04
C LYS A 138 6.09 1.92 -7.02
N PHE A 139 5.47 2.89 -7.61
CA PHE A 139 4.38 2.60 -8.60
C PHE A 139 4.97 2.49 -10.00
N ASN A 140 4.60 1.48 -10.74
CA ASN A 140 5.16 1.33 -12.12
C ASN A 140 4.03 1.15 -13.14
N GLY A 141 3.80 2.15 -13.95
CA GLY A 141 2.73 2.06 -14.98
C GLY A 141 3.01 3.12 -16.06
N PRO A 142 1.95 3.66 -16.60
CA PRO A 142 2.09 4.70 -17.65
C PRO A 142 2.87 5.90 -17.11
N THR A 143 2.90 6.98 -17.84
CA THR A 143 3.64 8.19 -17.36
C THR A 143 2.98 9.46 -17.89
N ASP A 144 2.61 9.47 -19.14
CA ASP A 144 1.96 10.68 -19.71
C ASP A 144 0.48 10.41 -20.01
N VAL A 145 0.22 9.47 -20.88
CA VAL A 145 -1.20 9.15 -21.22
C VAL A 145 -1.93 10.41 -21.68
N ALA A 146 -1.35 11.14 -22.59
CA ALA A 146 -2.02 12.38 -23.09
C ALA A 146 -1.46 12.77 -24.46
N GLY A 147 -1.38 11.82 -25.36
CA GLY A 147 -0.84 12.13 -26.72
C GLY A 147 0.41 11.29 -26.97
ZN ZNH B . 8.40 -5.38 11.77
CHA ZNH B . 11.33 -3.78 12.19
CHB ZNH B . 9.25 -7.49 14.27
CHC ZNH B . 5.66 -6.86 11.38
CHD ZNH B . 7.65 -3.21 9.28
NA ZNH B . 9.89 -5.58 12.92
C1A ZNH B . 11.08 -4.80 12.98
C2A ZNH B . 11.90 -5.30 13.96
C3A ZNH B . 11.31 -6.33 14.54
C4A ZNH B . 10.10 -6.54 13.95
CMA ZNH B . 11.89 -7.15 15.67
CAA ZNH B . 13.26 -4.75 14.33
CBA ZNH B . 13.10 -3.60 15.33
CGA ZNH B . 13.47 -4.08 16.71
O1A ZNH B . 14.60 -3.99 17.09
O2A ZNH B . 12.53 -4.61 17.51
NB ZNH B . 7.62 -6.89 12.66
C1B ZNH B . 8.07 -7.68 13.69
C2B ZNH B . 7.15 -8.66 13.99
C3B ZNH B . 6.11 -8.51 13.18
C4B ZNH B . 6.39 -7.38 12.31
CMB ZNH B . 7.29 -9.72 15.06
CAB ZNH B . 4.89 -9.35 13.17
CBB ZNH B . 4.00 -9.23 14.13
NC ZNH B . 6.95 -5.08 10.56
C1C ZNH B . 5.80 -5.88 10.55
C2C ZNH B . 4.96 -5.42 9.57
C3C ZNH B . 5.52 -4.36 8.96
C4C ZNH B . 6.75 -4.12 9.53
CMC ZNH B . 3.61 -6.00 9.23
CAC ZNH B . 4.92 -3.59 7.85
CBC ZNH B . 4.94 -4.07 6.62
ND ZNH B . 9.27 -3.88 10.95
C1D ZNH B . 8.80 -3.09 9.92
C2D ZNH B . 9.76 -2.08 9.60
C3D ZNH B . 10.79 -2.22 10.40
C4D ZNH B . 10.50 -3.35 11.26
CMD ZNH B . 9.60 -1.03 8.53
CAD ZNH B . 12.03 -1.38 10.42
CBD ZNH B . 13.21 -2.19 9.88
CGD ZNH B . 14.48 -1.38 10.03
O1D ZNH B . 14.45 -0.18 9.94
O2D ZNH B . 15.65 -2.00 10.25
HHA ZNH B . 12.28 -3.26 12.33
HHB ZNH B . 9.53 -8.16 15.09
HHC ZNH B . 4.72 -7.39 11.25
HHD ZNH B . 7.44 -2.50 8.48
HMA1 ZNH B . 11.13 -7.31 16.42
HMA2 ZNH B . 12.74 -6.61 16.12
HMA3 ZNH B . 12.24 -8.11 15.29
HAA1 ZNH B . 13.76 -4.37 13.43
HAA2 ZNH B . 13.87 -5.54 14.77
HBA1 ZNH B . 12.06 -3.27 15.33
HBA2 ZNH B . 13.74 -2.77 15.05
HMB1 ZNH B . 6.35 -9.84 15.59
HMB2 ZNH B . 8.06 -9.41 15.77
HMB3 ZNH B . 7.58 -10.67 14.59
HAB ZNH B . 4.65 -9.92 12.27
HBB1 ZNH B . 3.02 -9.70 14.03
HBB2 ZNH B . 4.16 -8.51 14.93
HMC1 ZNH B . 3.03 -6.11 10.15
HMC2 ZNH B . 3.75 -6.98 8.77
HMC3 ZNH B . 3.10 -5.34 8.54
HAC ZNH B . 4.46 -2.62 8.05
HBC1 ZNH B . 4.49 -3.50 5.80
HBC2 ZNH B . 5.39 -5.04 6.41
HMD1 ZNH B . 8.60 -0.61 8.57
HMD2 ZNH B . 9.78 -1.47 7.55
HMD3 ZNH B . 10.33 -0.23 8.69
HAD1 ZNH B . 11.89 -0.49 9.81
HAD2 ZNH B . 12.24 -1.07 11.45
HBD1 ZNH B . 13.04 -2.41 8.83
HBD2 ZNH B . 13.30 -3.12 10.44
N SER A 22 -14.01 -4.13 -18.06
CA SER A 22 -13.62 -4.37 -19.48
C SER A 22 -14.61 -3.69 -20.43
N ALA A 23 -15.83 -3.51 -20.00
CA ALA A 23 -16.85 -2.85 -20.86
C ALA A 23 -17.59 -1.76 -20.08
N ASN A 24 -17.74 -0.60 -20.67
CA ASN A 24 -18.44 0.51 -19.96
C ASN A 24 -17.66 0.89 -18.70
N ALA A 25 -16.39 0.62 -18.68
CA ALA A 25 -15.57 0.96 -17.48
C ALA A 25 -14.11 1.17 -17.88
N ALA A 26 -13.42 2.06 -17.21
CA ALA A 26 -12.00 2.31 -17.55
C ALA A 26 -11.32 3.11 -16.43
N ASP A 27 -10.21 3.73 -16.74
CA ASP A 27 -9.51 4.54 -15.69
C ASP A 27 -9.17 3.65 -14.50
N SER A 28 -9.00 2.38 -14.70
CA SER A 28 -8.68 1.48 -13.55
C SER A 28 -8.05 0.17 -14.05
N GLY A 29 -7.34 -0.52 -13.20
CA GLY A 29 -6.71 -1.80 -13.63
C GLY A 29 -5.63 -2.21 -12.62
N THR A 30 -5.02 -3.35 -12.81
CA THR A 30 -3.96 -3.80 -11.87
C THR A 30 -2.59 -3.29 -12.32
N LEU A 31 -2.05 -2.31 -11.64
CA LEU A 31 -0.72 -1.76 -12.04
C LEU A 31 0.40 -2.41 -11.22
N ASN A 32 1.60 -2.39 -11.72
CA ASN A 32 2.75 -3.00 -10.98
C ASN A 32 3.25 -2.03 -9.90
N TYR A 33 3.55 -2.55 -8.73
CA TYR A 33 4.07 -1.66 -7.64
C TYR A 33 4.70 -2.50 -6.53
N GLU A 34 5.59 -1.93 -5.77
CA GLU A 34 6.24 -2.70 -4.67
C GLU A 34 6.75 -1.74 -3.60
N VAL A 35 7.40 -2.26 -2.58
CA VAL A 35 7.92 -1.37 -1.51
C VAL A 35 9.30 -1.85 -1.06
N TYR A 36 10.30 -1.03 -1.25
CA TYR A 36 11.67 -1.44 -0.83
C TYR A 36 11.96 -0.94 0.58
N LYS A 37 13.04 -1.38 1.16
CA LYS A 37 13.38 -0.94 2.55
C LYS A 37 13.74 0.55 2.54
N TYR A 38 13.08 1.33 3.36
CA TYR A 38 13.36 2.79 3.39
C TYR A 38 14.88 3.04 3.47
N ASN A 39 15.35 4.07 2.81
CA ASN A 39 16.81 4.41 2.84
C ASN A 39 17.62 3.42 1.98
N THR A 40 16.99 2.42 1.41
CA THR A 40 17.76 1.46 0.57
C THR A 40 16.97 1.13 -0.70
N ASN A 41 17.33 0.08 -1.38
CA ASN A 41 16.60 -0.29 -2.63
C ASN A 41 16.34 -1.80 -2.67
N ASP A 42 16.17 -2.43 -1.54
CA ASP A 42 15.92 -3.90 -1.53
C ASP A 42 14.78 -4.26 -0.59
N THR A 43 13.74 -4.84 -1.12
CA THR A 43 12.59 -5.24 -0.27
C THR A 43 13.06 -6.19 0.84
N SER A 44 12.86 -5.84 2.08
CA SER A 44 13.33 -6.75 3.17
C SER A 44 12.23 -7.05 4.20
N ILE A 45 11.21 -6.24 4.27
CA ILE A 45 10.13 -6.51 5.27
C ILE A 45 8.74 -6.27 4.68
N ALA A 46 8.36 -5.03 4.55
CA ALA A 46 7.02 -4.70 4.00
C ALA A 46 6.73 -5.50 2.73
N ASN A 47 7.74 -5.92 2.03
CA ASN A 47 7.51 -6.71 0.78
C ASN A 47 6.87 -8.07 1.09
N ASP A 48 6.88 -8.48 2.33
CA ASP A 48 6.29 -9.80 2.69
C ASP A 48 4.92 -9.63 3.35
N TYR A 49 4.32 -8.48 3.24
CA TYR A 49 2.98 -8.27 3.88
C TYR A 49 2.05 -7.47 2.95
N PHE A 50 2.41 -7.32 1.71
CA PHE A 50 1.54 -6.55 0.77
C PHE A 50 1.21 -7.39 -0.47
N ASN A 51 -0.05 -7.50 -0.81
CA ASN A 51 -0.44 -8.30 -2.00
C ASN A 51 -0.06 -7.57 -3.29
N LYS A 52 0.09 -8.27 -4.37
CA LYS A 52 0.46 -7.61 -5.66
C LYS A 52 -0.14 -8.38 -6.83
N PRO A 53 -0.35 -7.69 -7.93
CA PRO A 53 -0.02 -6.25 -8.02
C PRO A 53 -1.13 -5.41 -7.36
N ALA A 54 -1.03 -4.11 -7.45
CA ALA A 54 -2.08 -3.24 -6.83
C ALA A 54 -3.04 -2.72 -7.91
N LYS A 55 -4.13 -2.13 -7.52
CA LYS A 55 -5.11 -1.61 -8.52
C LYS A 55 -4.99 -0.09 -8.64
N TYR A 56 -4.59 0.39 -9.79
CA TYR A 56 -4.46 1.86 -9.98
C TYR A 56 -5.71 2.41 -10.68
N ILE A 57 -5.91 3.70 -10.63
CA ILE A 57 -7.11 4.28 -11.30
C ILE A 57 -6.85 5.74 -11.66
N LYS A 58 -7.13 6.12 -12.89
CA LYS A 58 -6.92 7.54 -13.33
C LYS A 58 -8.06 8.00 -14.24
N LYS A 59 -8.86 8.93 -13.77
CA LYS A 59 -9.99 9.41 -14.62
C LYS A 59 -9.59 10.69 -15.36
N ASN A 60 -8.61 10.61 -16.22
CA ASN A 60 -8.16 11.80 -17.00
C ASN A 60 -8.03 13.04 -16.12
N GLY A 61 -6.83 13.37 -15.71
CA GLY A 61 -6.63 14.58 -14.86
C GLY A 61 -6.50 14.18 -13.39
N LYS A 62 -6.99 13.02 -13.05
CA LYS A 62 -6.88 12.56 -11.64
C LYS A 62 -6.38 11.13 -11.57
N LEU A 63 -5.99 10.67 -10.41
CA LEU A 63 -5.52 9.26 -10.32
C LEU A 63 -5.31 8.83 -8.86
N TYR A 64 -5.58 7.59 -8.58
CA TYR A 64 -5.41 7.08 -7.19
C TYR A 64 -4.87 5.65 -7.24
N VAL A 65 -4.91 4.94 -6.14
CA VAL A 65 -4.40 3.54 -6.14
C VAL A 65 -4.88 2.81 -4.89
N GLN A 66 -5.44 1.65 -5.05
CA GLN A 66 -5.90 0.89 -3.87
C GLN A 66 -4.87 -0.19 -3.50
N ILE A 67 -4.52 -0.28 -2.26
CA ILE A 67 -3.51 -1.29 -1.84
C ILE A 67 -4.14 -2.30 -0.87
N THR A 68 -3.98 -3.57 -1.12
CA THR A 68 -4.56 -4.59 -0.21
C THR A 68 -3.58 -4.91 0.91
N VAL A 69 -4.02 -4.83 2.15
CA VAL A 69 -3.11 -5.12 3.28
C VAL A 69 -3.38 -6.53 3.83
N ASN A 70 -2.35 -7.23 4.21
CA ASN A 70 -2.56 -8.61 4.76
C ASN A 70 -2.52 -8.59 6.28
N HIS A 71 -3.26 -9.46 6.92
CA HIS A 71 -3.27 -9.50 8.41
C HIS A 71 -3.56 -8.11 8.98
N SER A 72 -4.81 -7.81 9.23
CA SER A 72 -5.15 -6.47 9.79
C SER A 72 -4.38 -6.22 11.09
N HIS A 73 -4.06 -7.26 11.81
CA HIS A 73 -3.31 -7.09 13.08
C HIS A 73 -1.86 -6.69 12.78
N TRP A 74 -1.19 -7.45 11.96
CA TRP A 74 0.24 -7.12 11.63
C TRP A 74 0.34 -5.67 11.16
N ILE A 75 -0.17 -5.35 10.00
CA ILE A 75 -0.09 -3.96 9.49
C ILE A 75 -1.31 -3.16 9.99
N THR A 76 -1.07 -2.15 10.78
CA THR A 76 -2.20 -1.34 11.31
C THR A 76 -2.58 -0.21 10.34
N GLY A 77 -1.67 0.18 9.48
CA GLY A 77 -2.01 1.28 8.52
C GLY A 77 -0.82 1.56 7.60
N MET A 78 -1.02 2.36 6.58
CA MET A 78 0.09 2.67 5.63
C MET A 78 -0.14 4.05 4.99
N SER A 79 0.61 5.03 5.38
CA SER A 79 0.44 6.39 4.79
C SER A 79 1.25 6.51 3.50
N ILE A 80 0.96 7.50 2.70
CA ILE A 80 1.71 7.67 1.42
C ILE A 80 1.72 9.15 1.02
N GLU A 81 2.79 9.61 0.44
CA GLU A 81 2.85 11.04 0.01
C GLU A 81 2.80 11.98 1.23
N GLY A 82 2.93 11.45 2.42
CA GLY A 82 2.89 12.32 3.62
C GLY A 82 1.47 12.45 4.17
N HIS A 83 0.57 11.58 3.76
CA HIS A 83 -0.82 11.68 4.28
C HIS A 83 -1.35 10.28 4.67
N LYS A 84 -2.35 10.24 5.49
CA LYS A 84 -2.90 8.92 5.94
C LYS A 84 -3.65 8.22 4.79
N GLU A 85 -4.13 7.04 5.03
CA GLU A 85 -4.87 6.30 3.97
C GLU A 85 -6.37 6.33 4.24
N ASN A 86 -7.17 5.90 3.29
CA ASN A 86 -8.65 5.89 3.50
C ASN A 86 -9.16 4.46 3.58
N ILE A 87 -9.91 4.15 4.60
CA ILE A 87 -10.45 2.76 4.72
C ILE A 87 -11.47 2.51 3.61
N ILE A 88 -11.08 1.78 2.60
CA ILE A 88 -12.02 1.51 1.47
C ILE A 88 -12.74 0.18 1.68
N SER A 89 -12.14 -0.74 2.38
CA SER A 89 -12.80 -2.06 2.61
C SER A 89 -12.06 -2.82 3.70
N LYS A 90 -12.59 -2.81 4.89
CA LYS A 90 -11.92 -3.53 6.00
C LYS A 90 -12.52 -4.93 6.17
N ASN A 91 -11.80 -5.94 5.79
CA ASN A 91 -12.33 -7.33 5.93
C ASN A 91 -11.81 -7.96 7.21
N THR A 92 -12.24 -7.47 8.35
CA THR A 92 -11.77 -8.04 9.64
C THR A 92 -12.02 -9.55 9.68
N ALA A 93 -13.02 -10.01 8.98
CA ALA A 93 -13.33 -11.47 8.97
C ALA A 93 -12.14 -12.25 8.38
N LYS A 94 -11.62 -11.82 7.27
CA LYS A 94 -10.47 -12.53 6.65
C LYS A 94 -9.15 -11.86 7.04
N ASP A 95 -9.16 -11.06 8.07
CA ASP A 95 -7.91 -10.37 8.50
C ASP A 95 -7.27 -9.64 7.31
N GLU A 96 -7.99 -8.73 6.70
CA GLU A 96 -7.42 -7.99 5.54
C GLU A 96 -7.99 -6.58 5.47
N ARG A 97 -7.50 -5.77 4.58
CA ARG A 97 -8.00 -4.37 4.46
C ARG A 97 -7.46 -3.71 3.19
N THR A 98 -8.06 -2.64 2.76
CA THR A 98 -7.58 -1.94 1.53
C THR A 98 -7.70 -0.43 1.71
N SER A 99 -6.89 0.33 1.03
CA SER A 99 -6.97 1.82 1.18
C SER A 99 -6.66 2.52 -0.14
N GLU A 100 -7.32 3.62 -0.40
CA GLU A 100 -7.06 4.37 -1.67
C GLU A 100 -6.01 5.45 -1.42
N PHE A 101 -5.13 5.68 -2.37
CA PHE A 101 -4.08 6.71 -2.16
C PHE A 101 -4.01 7.67 -3.36
N GLU A 102 -3.80 8.93 -3.11
CA GLU A 102 -3.68 9.92 -4.23
C GLU A 102 -2.20 10.26 -4.43
N VAL A 103 -1.72 10.15 -5.64
CA VAL A 103 -0.28 10.45 -5.86
C VAL A 103 -0.04 10.99 -7.28
N SER A 104 0.95 11.84 -7.44
CA SER A 104 1.26 12.36 -8.80
C SER A 104 1.74 11.20 -9.67
N LYS A 105 0.89 10.68 -10.51
CA LYS A 105 1.28 9.52 -11.35
C LYS A 105 1.78 8.40 -10.44
N LEU A 106 2.08 7.26 -10.97
CA LEU A 106 2.55 6.14 -10.11
C LEU A 106 3.52 5.22 -10.87
N ASN A 107 4.70 5.70 -11.13
CA ASN A 107 5.70 4.88 -11.86
C ASN A 107 7.12 5.22 -11.39
N GLY A 108 7.43 4.97 -10.14
CA GLY A 108 8.79 5.30 -9.64
C GLY A 108 8.89 4.98 -8.15
N LYS A 109 9.03 5.99 -7.32
CA LYS A 109 9.14 5.73 -5.86
C LYS A 109 8.74 6.99 -5.08
N ILE A 110 7.99 6.83 -4.02
CA ILE A 110 7.55 8.01 -3.21
C ILE A 110 7.74 7.71 -1.72
N ASP A 111 7.95 8.72 -0.93
CA ASP A 111 8.13 8.49 0.54
C ASP A 111 6.79 8.21 1.21
N GLY A 112 6.68 7.10 1.91
CA GLY A 112 5.39 6.77 2.59
C GLY A 112 5.68 6.33 4.02
N LYS A 113 4.67 6.03 4.78
CA LYS A 113 4.89 5.59 6.18
C LYS A 113 3.90 4.48 6.55
N ILE A 114 4.10 3.80 7.64
CA ILE A 114 3.16 2.72 8.03
C ILE A 114 3.26 2.41 9.52
N ASP A 115 2.14 2.17 10.16
CA ASP A 115 2.16 1.85 11.61
C ASP A 115 1.87 0.36 11.80
N VAL A 116 2.22 -0.18 12.93
CA VAL A 116 1.94 -1.64 13.17
C VAL A 116 1.40 -1.86 14.58
N TYR A 117 0.58 -2.87 14.76
CA TYR A 117 0.02 -3.14 16.11
C TYR A 117 -0.30 -4.62 16.28
N ILE A 118 0.49 -5.34 17.03
CA ILE A 118 0.21 -6.79 17.23
C ILE A 118 0.43 -7.17 18.70
N ASP A 119 -0.31 -8.13 19.18
CA ASP A 119 -0.16 -8.57 20.60
C ASP A 119 -0.73 -9.98 20.77
N GLU A 120 0.10 -10.98 20.70
CA GLU A 120 -0.40 -12.37 20.85
C GLU A 120 0.76 -13.36 20.91
N LYS A 121 0.49 -14.63 21.01
CA LYS A 121 1.58 -15.64 21.06
C LYS A 121 1.78 -16.26 19.67
N VAL A 122 2.81 -15.84 18.97
CA VAL A 122 3.06 -16.42 17.62
C VAL A 122 3.69 -17.80 17.74
N ASN A 123 2.89 -18.84 17.64
CA ASN A 123 3.45 -20.22 17.75
C ASN A 123 4.17 -20.41 19.08
N GLY A 124 3.53 -20.07 20.17
CA GLY A 124 4.19 -20.22 21.50
C GLY A 124 5.28 -19.17 21.67
N LYS A 125 5.05 -17.98 21.18
CA LYS A 125 6.07 -16.90 21.33
C LYS A 125 5.39 -15.54 21.50
N PRO A 126 5.36 -15.05 22.71
CA PRO A 126 4.73 -13.74 22.99
C PRO A 126 5.25 -12.69 22.02
N PHE A 127 4.39 -12.13 21.22
CA PHE A 127 4.84 -11.09 20.25
C PHE A 127 4.28 -9.71 20.63
N LYS A 128 5.12 -8.82 21.07
CA LYS A 128 4.63 -7.46 21.45
C LYS A 128 5.04 -6.44 20.39
N TYR A 129 4.11 -5.97 19.61
CA TYR A 129 4.45 -4.97 18.55
C TYR A 129 3.43 -3.83 18.56
N ASP A 130 3.90 -2.60 18.60
CA ASP A 130 2.95 -1.45 18.61
C ASP A 130 3.73 -0.13 18.51
N HIS A 131 4.09 0.26 17.32
CA HIS A 131 4.84 1.54 17.16
C HIS A 131 4.60 2.11 15.77
N HIS A 132 5.46 2.99 15.31
CA HIS A 132 5.28 3.59 13.97
C HIS A 132 6.51 3.33 13.10
N TYR A 133 6.33 3.20 11.81
CA TYR A 133 7.48 2.94 10.90
C TYR A 133 7.13 3.42 9.49
N ASN A 134 8.04 3.27 8.56
CA ASN A 134 7.74 3.73 7.17
C ASN A 134 8.50 2.90 6.14
N ILE A 135 8.21 3.11 4.88
CA ILE A 135 8.92 2.33 3.82
C ILE A 135 8.87 3.09 2.48
N THR A 136 9.57 2.61 1.50
CA THR A 136 9.57 3.29 0.17
C THR A 136 8.48 2.72 -0.73
N TYR A 137 7.60 3.56 -1.23
CA TYR A 137 6.52 3.05 -2.12
C TYR A 137 6.98 3.12 -3.58
N LYS A 138 7.31 2.00 -4.16
CA LYS A 138 7.77 2.00 -5.59
C LYS A 138 6.62 1.63 -6.52
N PHE A 139 6.09 2.59 -7.23
CA PHE A 139 4.97 2.30 -8.17
C PHE A 139 5.50 2.01 -9.57
N ASN A 140 4.74 1.35 -10.40
CA ASN A 140 5.21 1.04 -11.78
C ASN A 140 4.04 1.08 -12.76
N GLY A 141 3.92 2.11 -13.54
CA GLY A 141 2.80 2.20 -14.52
C GLY A 141 3.11 3.30 -15.56
N PRO A 142 2.07 3.94 -16.01
CA PRO A 142 2.23 5.03 -17.02
C PRO A 142 2.99 6.20 -16.41
N THR A 143 4.10 6.58 -17.00
CA THR A 143 4.87 7.73 -16.46
C THR A 143 4.42 9.03 -17.12
N ASP A 144 4.05 8.98 -18.37
CA ASP A 144 3.59 10.23 -19.05
C ASP A 144 2.65 9.87 -20.21
N VAL A 145 3.16 9.22 -21.22
CA VAL A 145 2.29 8.84 -22.37
C VAL A 145 1.66 10.08 -22.99
N ALA A 146 2.40 11.15 -23.09
CA ALA A 146 1.82 12.40 -23.69
C ALA A 146 1.86 12.32 -25.21
N GLY A 147 1.21 11.35 -25.79
CA GLY A 147 1.21 11.22 -27.27
C GLY A 147 0.08 10.29 -27.71
ZN ZNH B . 7.86 -5.40 11.53
CHA ZNH B . 10.86 -3.95 11.92
CHB ZNH B . 8.55 -7.42 14.15
CHC ZNH B . 5.05 -6.76 11.16
CHD ZNH B . 7.26 -3.34 8.91
NA ZNH B . 9.32 -5.62 12.71
C1A ZNH B . 10.56 -4.92 12.76
C2A ZNH B . 11.32 -5.41 13.78
C3A ZNH B . 10.68 -6.37 14.39
C4A ZNH B . 9.45 -6.54 13.79
CMA ZNH B . 11.19 -7.15 15.57
CAA ZNH B . 12.70 -4.91 14.13
CBA ZNH B . 13.74 -5.57 13.23
CGA ZNH B . 14.79 -4.56 12.85
O1A ZNH B . 15.18 -3.76 13.67
O2A ZNH B . 15.30 -4.54 11.60
NB ZNH B . 6.98 -6.81 12.48
C1B ZNH B . 7.38 -7.59 13.56
C2B ZNH B . 6.39 -8.49 13.90
C3B ZNH B . 5.38 -8.32 13.06
C4B ZNH B . 5.73 -7.26 12.14
CMB ZNH B . 6.46 -9.49 15.03
CAB ZNH B . 4.13 -9.09 13.06
CBB ZNH B . 3.32 -9.03 14.11
NC ZNH B . 6.45 -5.09 10.27
C1C ZNH B . 5.26 -5.83 10.30
C2C ZNH B . 4.46 -5.37 9.28
C3C ZNH B . 5.08 -4.38 8.61
C4C ZNH B . 6.31 -4.18 9.20
CMC ZNH B . 3.08 -5.89 8.97
CAC ZNH B . 4.53 -3.64 7.47
CBC ZNH B . 4.27 -4.29 6.33
ND ZNH B . 8.82 -4.01 10.64
C1D ZNH B . 8.41 -3.25 9.56
C2D ZNH B . 9.44 -2.30 9.21
C3D ZNH B . 10.44 -2.46 10.03
C4D ZNH B . 10.08 -3.53 10.94
CMD ZNH B . 9.36 -1.30 8.08
CAD ZNH B . 11.73 -1.69 10.04
CBD ZNH B . 11.65 -0.58 11.10
CGD ZNH B . 12.99 -0.46 11.79
O1D ZNH B . 13.38 0.63 12.14
O2D ZNH B . 13.73 -1.55 12.02
HHA ZNH B . 11.84 -3.48 12.04
HHB ZNH B . 8.79 -8.06 15.00
HHC ZNH B . 4.09 -7.24 11.04
HHD ZNH B . 7.10 -2.66 8.07
HMA1 ZNH B . 10.81 -6.72 16.49
HMA2 ZNH B . 12.28 -7.12 15.58
HMA3 ZNH B . 10.85 -8.19 15.49
HAA1 ZNH B . 12.92 -5.16 15.17
HAA2 ZNH B . 12.74 -3.82 14.01
HBA1 ZNH B . 13.25 -5.93 12.32
HBA2 ZNH B . 14.21 -6.41 13.75
HMB1 ZNH B . 5.82 -10.35 14.79
HMB2 ZNH B . 6.11 -9.03 15.95
HMB3 ZNH B . 7.49 -9.82 15.15
HAB ZNH B . 3.76 -9.53 12.14
HBB1 ZNH B . 2.30 -9.42 14.04
HBB2 ZNH B . 3.59 -8.42 14.97
HMC1 ZNH B . 2.55 -6.11 9.90
HMC2 ZNH B . 3.16 -6.80 8.37
HMC3 ZNH B . 2.52 -5.15 8.41
HAC ZNH B . 4.37 -2.56 7.54
HBC1 ZNH B . 3.90 -3.73 5.47
HBC2 ZNH B . 4.47 -5.35 6.25
HMD1 ZNH B . 8.33 -0.96 7.97
HMD2 ZNH B . 9.69 -1.77 7.16
HMD3 ZNH B . 10.01 -0.45 8.31
HAD1 ZNH B . 12.56 -2.35 10.27
HAD2 ZNH B . 11.88 -1.23 9.06
HBD1 ZNH B . 10.89 -0.84 11.84
HBD2 ZNH B . 11.39 0.37 10.63
N SER A 22 -17.96 4.87 -26.92
CA SER A 22 -17.76 3.99 -25.74
C SER A 22 -16.45 3.18 -25.90
N ALA A 23 -15.34 3.78 -25.59
CA ALA A 23 -14.04 3.06 -25.73
C ALA A 23 -12.98 3.71 -24.86
N ASN A 24 -12.08 2.94 -24.30
CA ASN A 24 -11.02 3.52 -23.44
C ASN A 24 -11.65 4.20 -22.22
N ALA A 25 -12.79 3.73 -21.80
CA ALA A 25 -13.47 4.34 -20.61
C ALA A 25 -13.37 3.40 -19.40
N ALA A 26 -12.54 3.72 -18.45
CA ALA A 26 -12.41 2.84 -17.25
C ALA A 26 -11.68 3.58 -16.13
N ASP A 27 -10.60 4.24 -16.45
CA ASP A 27 -9.84 4.98 -15.40
C ASP A 27 -9.41 4.03 -14.29
N SER A 28 -9.17 2.79 -14.60
CA SER A 28 -8.76 1.84 -13.53
C SER A 28 -8.05 0.62 -14.13
N GLY A 29 -7.21 -0.02 -13.36
CA GLY A 29 -6.49 -1.22 -13.89
C GLY A 29 -5.40 -1.64 -12.89
N THR A 30 -4.79 -2.76 -13.11
CA THR A 30 -3.72 -3.22 -12.17
C THR A 30 -2.36 -2.66 -12.58
N LEU A 31 -1.81 -1.77 -11.80
CA LEU A 31 -0.48 -1.20 -12.14
C LEU A 31 0.63 -1.97 -11.43
N ASN A 32 1.80 -2.06 -12.02
CA ASN A 32 2.90 -2.80 -11.36
C ASN A 32 3.56 -1.93 -10.29
N TYR A 33 3.87 -2.50 -9.15
CA TYR A 33 4.52 -1.70 -8.07
C TYR A 33 5.09 -2.60 -6.98
N GLU A 34 5.95 -2.06 -6.16
CA GLU A 34 6.55 -2.88 -5.06
C GLU A 34 6.99 -1.95 -3.92
N VAL A 35 7.55 -2.50 -2.88
CA VAL A 35 8.00 -1.64 -1.75
C VAL A 35 9.34 -2.14 -1.21
N TYR A 36 10.38 -1.38 -1.41
CA TYR A 36 11.72 -1.82 -0.90
C TYR A 36 11.91 -1.32 0.53
N LYS A 37 12.89 -1.83 1.21
CA LYS A 37 13.14 -1.39 2.61
C LYS A 37 13.61 0.07 2.63
N TYR A 38 12.95 0.91 3.37
CA TYR A 38 13.35 2.34 3.42
C TYR A 38 14.85 2.45 3.74
N ASN A 39 15.51 3.41 3.16
CA ASN A 39 16.98 3.60 3.39
C ASN A 39 17.79 2.49 2.69
N THR A 40 17.14 1.60 1.99
CA THR A 40 17.89 0.52 1.28
C THR A 40 17.34 0.35 -0.14
N ASN A 41 17.69 -0.72 -0.80
CA ASN A 41 17.18 -0.94 -2.18
C ASN A 41 16.73 -2.40 -2.34
N ASP A 42 16.48 -3.09 -1.26
CA ASP A 42 16.05 -4.51 -1.37
C ASP A 42 14.90 -4.81 -0.40
N THR A 43 13.82 -5.34 -0.91
CA THR A 43 12.67 -5.68 -0.02
C THR A 43 13.18 -6.57 1.12
N SER A 44 12.95 -6.19 2.35
CA SER A 44 13.46 -7.04 3.47
C SER A 44 12.37 -7.35 4.50
N ILE A 45 11.30 -6.61 4.52
CA ILE A 45 10.23 -6.90 5.52
C ILE A 45 8.85 -6.75 4.88
N ALA A 46 8.39 -5.55 4.73
CA ALA A 46 7.04 -5.30 4.13
C ALA A 46 6.84 -6.16 2.86
N ASN A 47 7.90 -6.52 2.20
CA ASN A 47 7.75 -7.34 0.96
C ASN A 47 6.96 -8.63 1.24
N ASP A 48 6.86 -9.03 2.48
CA ASP A 48 6.12 -10.29 2.79
C ASP A 48 4.72 -9.98 3.32
N TYR A 49 4.24 -8.77 3.16
CA TYR A 49 2.88 -8.44 3.67
C TYR A 49 2.14 -7.51 2.69
N PHE A 50 2.67 -7.31 1.52
CA PHE A 50 1.99 -6.41 0.53
C PHE A 50 1.61 -7.21 -0.72
N ASN A 51 0.33 -7.33 -0.99
CA ASN A 51 -0.11 -8.09 -2.19
C ASN A 51 0.20 -7.29 -3.46
N LYS A 52 0.40 -7.97 -4.57
CA LYS A 52 0.69 -7.25 -5.84
C LYS A 52 0.11 -8.03 -7.03
N PRO A 53 -0.10 -7.33 -8.12
CA PRO A 53 0.19 -5.89 -8.20
C PRO A 53 -0.93 -5.08 -7.54
N ALA A 54 -0.86 -3.77 -7.62
CA ALA A 54 -1.92 -2.93 -6.99
C ALA A 54 -2.86 -2.39 -8.08
N LYS A 55 -4.01 -1.91 -7.70
CA LYS A 55 -4.97 -1.39 -8.72
C LYS A 55 -4.94 0.14 -8.74
N TYR A 56 -4.57 0.72 -9.85
CA TYR A 56 -4.53 2.21 -9.94
C TYR A 56 -5.81 2.73 -10.59
N ILE A 57 -6.09 3.99 -10.47
CA ILE A 57 -7.34 4.54 -11.08
C ILE A 57 -7.19 6.04 -11.35
N LYS A 58 -7.25 6.45 -12.59
CA LYS A 58 -7.12 7.91 -12.90
C LYS A 58 -8.29 8.38 -13.77
N LYS A 59 -9.04 9.35 -13.32
CA LYS A 59 -10.18 9.85 -14.12
C LYS A 59 -9.81 11.16 -14.82
N ASN A 60 -8.83 11.11 -15.69
CA ASN A 60 -8.41 12.34 -16.43
C ASN A 60 -8.23 13.53 -15.49
N GLY A 61 -7.01 13.84 -15.12
CA GLY A 61 -6.77 15.00 -14.22
C GLY A 61 -6.53 14.52 -12.79
N LYS A 62 -6.87 13.30 -12.48
CA LYS A 62 -6.65 12.79 -11.10
C LYS A 62 -6.25 11.32 -11.13
N LEU A 63 -5.82 10.78 -10.01
CA LEU A 63 -5.42 9.35 -9.99
C LEU A 63 -5.20 8.87 -8.56
N TYR A 64 -5.55 7.64 -8.32
CA TYR A 64 -5.37 7.05 -6.96
C TYR A 64 -4.84 5.63 -7.10
N VAL A 65 -4.82 4.87 -6.04
CA VAL A 65 -4.32 3.49 -6.13
C VAL A 65 -4.71 2.70 -4.87
N GLN A 66 -5.27 1.53 -5.05
CA GLN A 66 -5.67 0.73 -3.87
C GLN A 66 -4.59 -0.31 -3.54
N ILE A 67 -4.18 -0.39 -2.31
CA ILE A 67 -3.14 -1.38 -1.92
C ILE A 67 -3.76 -2.46 -1.03
N THR A 68 -3.46 -3.70 -1.28
CA THR A 68 -4.03 -4.78 -0.43
C THR A 68 -3.12 -5.06 0.76
N VAL A 69 -3.64 -5.01 1.95
CA VAL A 69 -2.80 -5.28 3.15
C VAL A 69 -3.09 -6.68 3.70
N ASN A 70 -2.08 -7.35 4.19
CA ASN A 70 -2.29 -8.72 4.73
C ASN A 70 -2.37 -8.69 6.26
N HIS A 71 -3.39 -9.26 6.82
CA HIS A 71 -3.52 -9.28 8.32
C HIS A 71 -3.61 -7.85 8.85
N SER A 72 -4.73 -7.49 9.44
CA SER A 72 -4.88 -6.12 9.99
C SER A 72 -4.07 -5.98 11.29
N HIS A 73 -4.13 -6.97 12.14
CA HIS A 73 -3.37 -6.88 13.42
C HIS A 73 -1.91 -6.52 13.14
N TRP A 74 -1.34 -7.07 12.09
CA TRP A 74 0.07 -6.75 11.75
C TRP A 74 0.21 -5.27 11.39
N ILE A 75 -0.27 -4.89 10.23
CA ILE A 75 -0.17 -3.46 9.82
C ILE A 75 -1.40 -2.69 10.30
N THR A 76 -1.21 -1.70 11.12
CA THR A 76 -2.37 -0.92 11.64
C THR A 76 -2.73 0.22 10.68
N GLY A 77 -1.82 0.65 9.86
CA GLY A 77 -2.15 1.76 8.91
C GLY A 77 -1.00 1.96 7.92
N MET A 78 -1.21 2.76 6.90
CA MET A 78 -0.14 2.99 5.89
C MET A 78 -0.32 4.38 5.26
N SER A 79 0.53 5.32 5.62
CA SER A 79 0.42 6.69 5.03
C SER A 79 1.20 6.76 3.72
N ILE A 80 0.87 7.70 2.88
CA ILE A 80 1.61 7.81 1.58
C ILE A 80 1.52 9.24 1.03
N GLU A 81 2.61 9.76 0.56
CA GLU A 81 2.63 11.16 0.00
C GLU A 81 2.33 12.21 1.06
N GLY A 82 2.23 11.84 2.32
CA GLY A 82 1.96 12.87 3.36
C GLY A 82 0.59 12.64 4.02
N HIS A 83 -0.15 11.65 3.62
CA HIS A 83 -1.48 11.43 4.27
C HIS A 83 -1.66 9.96 4.65
N LYS A 84 -2.53 9.69 5.59
CA LYS A 84 -2.77 8.28 6.04
C LYS A 84 -3.48 7.49 4.94
N GLU A 85 -4.04 6.36 5.29
CA GLU A 85 -4.74 5.53 4.27
C GLU A 85 -6.26 5.65 4.45
N ASN A 86 -7.02 5.25 3.46
CA ASN A 86 -8.50 5.33 3.57
C ASN A 86 -9.10 3.92 3.54
N ILE A 87 -10.01 3.63 4.42
CA ILE A 87 -10.61 2.26 4.42
C ILE A 87 -11.47 2.07 3.17
N ILE A 88 -10.94 1.37 2.20
CA ILE A 88 -11.71 1.15 0.94
C ILE A 88 -12.45 -0.18 0.97
N SER A 89 -11.93 -1.15 1.70
CA SER A 89 -12.61 -2.46 1.76
C SER A 89 -12.02 -3.30 2.90
N LYS A 90 -12.72 -3.40 4.00
CA LYS A 90 -12.19 -4.19 5.14
C LYS A 90 -12.75 -5.62 5.10
N ASN A 91 -11.99 -6.57 5.55
CA ASN A 91 -12.48 -7.98 5.53
C ASN A 91 -11.99 -8.73 6.78
N THR A 92 -12.52 -8.40 7.93
CA THR A 92 -12.08 -9.08 9.17
C THR A 92 -12.23 -10.60 9.03
N ALA A 93 -13.20 -11.05 8.29
CA ALA A 93 -13.40 -12.52 8.11
C ALA A 93 -12.18 -13.12 7.41
N LYS A 94 -11.67 -12.47 6.41
CA LYS A 94 -10.49 -13.01 5.68
C LYS A 94 -9.19 -12.38 6.21
N ASP A 95 -9.27 -11.67 7.31
CA ASP A 95 -8.04 -11.03 7.87
C ASP A 95 -7.31 -10.25 6.77
N GLU A 96 -7.98 -9.31 6.17
CA GLU A 96 -7.32 -8.52 5.09
C GLU A 96 -7.87 -7.08 5.06
N ARG A 97 -7.37 -6.27 4.18
CA ARG A 97 -7.86 -4.86 4.10
C ARG A 97 -7.22 -4.15 2.90
N THR A 98 -7.79 -3.06 2.48
CA THR A 98 -7.23 -2.32 1.32
C THR A 98 -7.32 -0.82 1.57
N SER A 99 -6.48 -0.03 0.95
CA SER A 99 -6.55 1.44 1.17
C SER A 99 -6.26 2.21 -0.12
N GLU A 100 -6.97 3.27 -0.35
CA GLU A 100 -6.75 4.08 -1.59
C GLU A 100 -5.77 5.21 -1.32
N PHE A 101 -4.86 5.46 -2.22
CA PHE A 101 -3.88 6.56 -2.00
C PHE A 101 -3.82 7.48 -3.21
N GLU A 102 -3.70 8.77 -2.98
CA GLU A 102 -3.63 9.73 -4.12
C GLU A 102 -2.17 10.17 -4.31
N VAL A 103 -1.69 10.13 -5.52
CA VAL A 103 -0.27 10.54 -5.75
C VAL A 103 -0.09 11.15 -7.14
N SER A 104 0.81 12.08 -7.29
CA SER A 104 1.02 12.70 -8.63
C SER A 104 1.51 11.63 -9.60
N LYS A 105 0.68 11.23 -10.53
CA LYS A 105 1.11 10.16 -11.48
C LYS A 105 1.58 8.94 -10.69
N LEU A 106 1.92 7.88 -11.36
CA LEU A 106 2.38 6.67 -10.62
C LEU A 106 3.40 5.89 -11.45
N ASN A 107 4.59 6.41 -11.58
CA ASN A 107 5.65 5.71 -12.37
C ASN A 107 7.03 5.97 -11.74
N GLY A 108 7.12 5.86 -10.45
CA GLY A 108 8.43 6.09 -9.77
C GLY A 108 8.31 5.77 -8.28
N LYS A 109 9.38 5.87 -7.54
CA LYS A 109 9.32 5.56 -6.08
C LYS A 109 8.76 6.75 -5.30
N ILE A 110 8.03 6.49 -4.25
CA ILE A 110 7.46 7.61 -3.44
C ILE A 110 7.64 7.31 -1.95
N ASP A 111 7.75 8.32 -1.14
CA ASP A 111 7.94 8.08 0.33
C ASP A 111 6.61 7.68 0.98
N GLY A 112 6.61 6.64 1.76
CA GLY A 112 5.36 6.20 2.43
C GLY A 112 5.62 5.95 3.91
N LYS A 113 4.58 5.76 4.69
CA LYS A 113 4.79 5.50 6.14
C LYS A 113 3.75 4.50 6.64
N ILE A 114 3.97 3.88 7.77
CA ILE A 114 2.97 2.90 8.26
C ILE A 114 3.13 2.67 9.77
N ASP A 115 2.06 2.30 10.42
CA ASP A 115 2.13 2.03 11.88
C ASP A 115 1.84 0.56 12.13
N VAL A 116 2.34 0.01 13.21
CA VAL A 116 2.09 -1.44 13.48
C VAL A 116 1.56 -1.64 14.90
N TYR A 117 0.66 -2.57 15.08
CA TYR A 117 0.10 -2.82 16.43
C TYR A 117 -0.34 -4.28 16.56
N ILE A 118 0.48 -5.10 17.18
CA ILE A 118 0.09 -6.54 17.34
C ILE A 118 0.09 -6.94 18.81
N ASP A 119 -0.70 -7.92 19.16
CA ASP A 119 -0.76 -8.37 20.57
C ASP A 119 -1.37 -9.78 20.64
N GLU A 120 -0.54 -10.79 20.70
CA GLU A 120 -1.08 -12.18 20.77
C GLU A 120 0.05 -13.18 20.98
N LYS A 121 -0.24 -14.45 20.87
CA LYS A 121 0.82 -15.48 21.08
C LYS A 121 1.44 -15.89 19.74
N VAL A 122 2.62 -15.41 19.44
CA VAL A 122 3.27 -15.77 18.15
C VAL A 122 3.85 -17.18 18.23
N ASN A 123 3.19 -18.14 17.65
CA ASN A 123 3.70 -19.54 17.70
C ASN A 123 3.97 -19.97 19.14
N GLY A 124 3.07 -19.65 20.04
CA GLY A 124 3.26 -20.04 21.45
C GLY A 124 4.26 -19.08 22.12
N LYS A 125 4.27 -17.85 21.71
CA LYS A 125 5.22 -16.88 22.32
C LYS A 125 4.58 -15.49 22.38
N PRO A 126 4.13 -15.12 23.55
CA PRO A 126 3.47 -13.79 23.73
C PRO A 126 4.33 -12.70 23.07
N PHE A 127 3.75 -11.99 22.13
CA PHE A 127 4.51 -10.90 21.45
C PHE A 127 3.75 -9.58 21.55
N LYS A 128 4.44 -8.48 21.60
CA LYS A 128 3.75 -7.17 21.71
C LYS A 128 4.37 -6.16 20.74
N TYR A 129 3.69 -5.86 19.66
CA TYR A 129 4.23 -4.89 18.67
C TYR A 129 3.43 -3.58 18.71
N ASP A 130 4.10 -2.46 18.77
CA ASP A 130 3.36 -1.16 18.81
C ASP A 130 4.34 -0.01 18.64
N HIS A 131 4.63 0.38 17.43
CA HIS A 131 5.58 1.50 17.21
C HIS A 131 5.28 2.21 15.88
N HIS A 132 6.16 3.05 15.44
CA HIS A 132 5.93 3.76 14.15
C HIS A 132 7.02 3.39 13.14
N TYR A 133 6.67 3.24 11.90
CA TYR A 133 7.68 2.86 10.87
C TYR A 133 7.23 3.32 9.49
N ASN A 134 8.00 3.06 8.47
CA ASN A 134 7.60 3.48 7.10
C ASN A 134 8.19 2.53 6.06
N ILE A 135 7.87 2.72 4.82
CA ILE A 135 8.41 1.82 3.76
C ILE A 135 8.41 2.55 2.41
N THR A 136 8.87 1.89 1.37
CA THR A 136 8.93 2.55 0.04
C THR A 136 7.63 2.29 -0.75
N TYR A 137 7.40 3.08 -1.76
CA TYR A 137 6.16 2.90 -2.59
C TYR A 137 6.46 3.31 -4.03
N LYS A 138 6.73 2.37 -4.88
CA LYS A 138 7.04 2.72 -6.30
C LYS A 138 6.00 2.14 -7.25
N PHE A 139 5.20 2.98 -7.83
CA PHE A 139 4.15 2.50 -8.78
C PHE A 139 4.70 2.51 -10.22
N ASN A 140 4.20 1.67 -11.07
CA ASN A 140 4.68 1.64 -12.48
C ASN A 140 3.51 1.70 -13.45
N GLY A 141 3.29 2.84 -14.05
CA GLY A 141 2.17 2.99 -15.02
C GLY A 141 2.50 4.08 -16.03
N PRO A 142 1.50 4.81 -16.44
CA PRO A 142 1.71 5.90 -17.43
C PRO A 142 2.71 6.92 -16.91
N THR A 143 2.91 8.00 -17.62
CA THR A 143 3.87 9.03 -17.16
C THR A 143 3.43 10.42 -17.65
N ASP A 144 2.99 10.52 -18.88
CA ASP A 144 2.55 11.85 -19.40
C ASP A 144 1.65 11.65 -20.62
N VAL A 145 1.99 10.73 -21.48
CA VAL A 145 1.15 10.49 -22.70
C VAL A 145 1.01 11.78 -23.51
N ALA A 146 2.09 12.50 -23.68
CA ALA A 146 2.02 13.76 -24.45
C ALA A 146 2.10 13.48 -25.95
N GLY A 147 1.17 14.00 -26.72
CA GLY A 147 1.19 13.75 -28.18
C GLY A 147 2.47 14.33 -28.79
ZN ZNH B . 8.23 -5.30 11.52
CHA ZNH B . 10.96 -3.35 11.88
CHB ZNH B . 9.31 -7.18 14.12
CHC ZNH B . 5.71 -7.13 11.17
CHD ZNH B . 7.25 -3.34 8.94
NA ZNH B . 9.74 -5.27 12.68
C1A ZNH B . 10.82 -4.37 12.71
C2A ZNH B . 11.69 -4.72 13.71
C3A ZNH B . 11.22 -5.78 14.33
C4A ZNH B . 10.04 -6.16 13.74
CMA ZNH B . 11.89 -6.48 15.49
CAA ZNH B . 12.97 -4.00 14.05
CBA ZNH B . 12.84 -3.34 15.42
CGA ZNH B . 13.76 -2.15 15.50
O1A ZNH B . 14.64 -2.02 14.69
O2A ZNH B . 13.59 -1.23 16.47
NB ZNH B . 7.63 -6.85 12.47
C1B ZNH B . 8.17 -7.54 13.54
C2B ZNH B . 7.37 -8.61 13.90
C3B ZNH B . 6.32 -8.62 13.09
C4B ZNH B . 6.46 -7.51 12.14
CMB ZNH B . 7.65 -9.59 15.00
CAB ZNH B . 5.21 -9.61 13.16
CBB ZNH B . 3.97 -9.26 12.88
NC ZNH B . 6.77 -5.22 10.29
C1C ZNH B . 5.72 -6.16 10.32
C2C ZNH B . 4.83 -5.83 9.34
C3C ZNH B . 5.26 -4.74 8.67
C4C ZNH B . 6.46 -4.33 9.24
CMC ZNH B . 3.56 -6.57 9.05
CAC ZNH B . 4.58 -4.10 7.53
CBC ZNH B . 4.33 -4.79 6.43
ND ZNH B . 8.93 -3.75 10.65
C1D ZNH B . 8.37 -3.06 9.58
C2D ZNH B . 9.21 -1.95 9.21
C3D ZNH B . 10.24 -1.95 10.02
C4D ZNH B . 10.09 -3.06 10.92
CMD ZNH B . 8.94 -0.97 8.11
CAD ZNH B . 11.38 -0.96 10.01
CBD ZNH B . 12.67 -1.65 9.60
CGD ZNH B . 13.74 -1.39 10.62
O1D ZNH B . 14.55 -2.24 10.89
O2D ZNH B . 13.81 -0.19 11.23
HHA ZNH B . 11.84 -2.72 11.98
HHB ZNH B . 9.67 -7.78 14.95
HHC ZNH B . 4.83 -7.75 11.04
HHD ZNH B . 6.96 -2.70 8.11
HMA1 ZNH B . 12.97 -6.43 15.38
HMA2 ZNH B . 11.57 -7.52 15.52
HMA3 ZNH B . 11.60 -5.99 16.42
HAA1 ZNH B . 13.18 -3.24 13.30
HAA2 ZNH B . 13.79 -4.71 14.08
HBA1 ZNH B . 13.10 -4.05 16.20
HBA2 ZNH B . 11.81 -3.01 15.57
HMB1 ZNH B . 6.71 -9.88 15.47
HMB2 ZNH B . 8.29 -9.12 15.75
HMB3 ZNH B . 8.15 -10.46 14.59
HAB ZNH B . 5.39 -10.55 13.69
HBB1 ZNH B . 3.14 -9.90 13.17
HBB2 ZNH B . 3.76 -8.23 12.58
HMC1 ZNH B . 3.12 -6.91 9.99
HMC2 ZNH B . 3.77 -7.43 8.42
HMC3 ZNH B . 2.86 -5.92 8.55
HAC ZNH B . 4.16 -3.10 7.65
HBC1 ZNH B . 3.70 -4.35 5.65
HBC2 ZNH B . 4.62 -5.84 6.37
HMD1 ZNH B . 7.87 -0.91 7.93
HMD2 ZNH B . 9.45 -1.30 7.19
HMD3 ZNH B . 9.33 0.01 8.38
HAD1 ZNH B . 11.15 -0.15 9.30
HAD2 ZNH B . 11.50 -0.53 11.00
HBD1 ZNH B . 12.99 -1.28 8.63
HBD2 ZNH B . 12.50 -2.72 9.53
N SER A 22 -18.66 8.11 -23.97
CA SER A 22 -18.08 6.74 -23.81
C SER A 22 -17.19 6.40 -25.00
N ALA A 23 -15.94 6.13 -24.75
CA ALA A 23 -15.01 5.80 -25.87
C ALA A 23 -13.99 4.75 -25.41
N ASN A 24 -14.46 3.65 -24.88
CA ASN A 24 -13.52 2.59 -24.40
C ASN A 24 -12.63 3.15 -23.29
N ALA A 25 -13.09 4.16 -22.61
CA ALA A 25 -12.27 4.75 -21.51
C ALA A 25 -12.01 3.71 -20.43
N ALA A 26 -11.32 4.07 -19.39
CA ALA A 26 -11.02 3.09 -18.30
C ALA A 26 -10.52 3.81 -17.05
N ASP A 27 -9.33 4.36 -17.10
CA ASP A 27 -8.79 5.07 -15.92
C ASP A 27 -8.78 4.14 -14.70
N SER A 28 -8.76 2.86 -14.92
CA SER A 28 -8.75 1.91 -13.77
C SER A 28 -8.23 0.54 -14.21
N GLY A 29 -7.29 -0.01 -13.50
CA GLY A 29 -6.74 -1.34 -13.88
C GLY A 29 -5.70 -1.78 -12.86
N THR A 30 -5.15 -2.96 -13.01
CA THR A 30 -4.13 -3.45 -12.04
C THR A 30 -2.74 -2.98 -12.47
N LEU A 31 -2.20 -2.00 -11.79
CA LEU A 31 -0.85 -1.48 -12.14
C LEU A 31 0.23 -2.20 -11.31
N ASN A 32 1.42 -2.32 -11.84
CA ASN A 32 2.50 -3.01 -11.08
C ASN A 32 3.09 -2.05 -10.04
N TYR A 33 3.49 -2.56 -8.90
CA TYR A 33 4.08 -1.67 -7.85
C TYR A 33 4.82 -2.52 -6.81
N GLU A 34 5.77 -1.94 -6.12
CA GLU A 34 6.52 -2.71 -5.09
C GLU A 34 7.09 -1.75 -4.04
N VAL A 35 7.84 -2.26 -3.11
CA VAL A 35 8.43 -1.39 -2.05
C VAL A 35 9.86 -1.82 -1.74
N TYR A 36 10.54 -1.07 -0.92
CA TYR A 36 11.95 -1.44 -0.57
C TYR A 36 12.27 -1.00 0.87
N LYS A 37 13.27 -1.57 1.45
CA LYS A 37 13.63 -1.20 2.85
C LYS A 37 14.17 0.23 2.88
N TYR A 38 13.54 1.10 3.63
CA TYR A 38 14.01 2.51 3.70
C TYR A 38 15.52 2.56 3.93
N ASN A 39 16.17 3.57 3.42
CA ASN A 39 17.66 3.71 3.58
C ASN A 39 18.41 2.67 2.72
N THR A 40 17.70 1.87 1.97
CA THR A 40 18.39 0.86 1.10
C THR A 40 17.74 0.84 -0.29
N ASN A 41 17.87 -0.24 -1.00
CA ASN A 41 17.26 -0.33 -2.35
C ASN A 41 16.55 -1.68 -2.55
N ASP A 42 16.39 -2.44 -1.50
CA ASP A 42 15.72 -3.76 -1.64
C ASP A 42 14.68 -3.96 -0.53
N THR A 43 13.63 -4.69 -0.82
CA THR A 43 12.58 -4.94 0.21
C THR A 43 13.05 -6.05 1.15
N SER A 44 12.83 -5.90 2.43
CA SER A 44 13.29 -6.97 3.37
C SER A 44 12.18 -7.43 4.31
N ILE A 45 11.13 -6.67 4.45
CA ILE A 45 10.02 -7.10 5.35
C ILE A 45 8.66 -6.81 4.72
N ALA A 46 8.30 -5.56 4.64
CA ALA A 46 6.98 -5.18 4.05
C ALA A 46 6.74 -5.93 2.73
N ASN A 47 7.78 -6.32 2.05
CA ASN A 47 7.59 -7.04 0.76
C ASN A 47 6.80 -8.35 0.97
N ASP A 48 6.75 -8.83 2.18
CA ASP A 48 6.00 -10.10 2.44
C ASP A 48 4.64 -9.81 3.08
N TYR A 49 4.20 -8.58 3.05
CA TYR A 49 2.88 -8.26 3.67
C TYR A 49 1.97 -7.49 2.68
N PHE A 50 2.40 -7.34 1.45
CA PHE A 50 1.56 -6.60 0.46
C PHE A 50 1.41 -7.42 -0.82
N ASN A 51 0.21 -7.82 -1.15
CA ASN A 51 0.00 -8.62 -2.39
C ASN A 51 0.16 -7.73 -3.62
N LYS A 52 0.27 -8.33 -4.78
CA LYS A 52 0.43 -7.53 -6.02
C LYS A 52 -0.23 -8.25 -7.21
N PRO A 53 -0.53 -7.50 -8.23
CA PRO A 53 -0.25 -6.04 -8.25
C PRO A 53 -1.36 -5.28 -7.53
N ALA A 54 -1.30 -3.98 -7.53
CA ALA A 54 -2.36 -3.18 -6.86
C ALA A 54 -3.35 -2.62 -7.89
N LYS A 55 -4.43 -2.06 -7.45
CA LYS A 55 -5.43 -1.50 -8.41
C LYS A 55 -5.33 0.03 -8.46
N TYR A 56 -4.80 0.56 -9.54
CA TYR A 56 -4.69 2.04 -9.65
C TYR A 56 -5.87 2.59 -10.47
N ILE A 57 -6.12 3.87 -10.37
CA ILE A 57 -7.26 4.45 -11.14
C ILE A 57 -7.02 5.95 -11.39
N LYS A 58 -7.62 6.49 -12.42
CA LYS A 58 -7.43 7.94 -12.73
C LYS A 58 -8.76 8.59 -13.09
N LYS A 59 -8.78 9.90 -13.17
CA LYS A 59 -10.05 10.62 -13.50
C LYS A 59 -9.73 11.89 -14.28
N ASN A 60 -9.13 11.76 -15.43
CA ASN A 60 -8.78 12.95 -16.26
C ASN A 60 -8.15 14.05 -15.39
N GLY A 61 -6.89 13.91 -15.06
CA GLY A 61 -6.21 14.95 -14.23
C GLY A 61 -6.12 14.49 -12.77
N LYS A 62 -6.24 13.21 -12.53
CA LYS A 62 -6.15 12.71 -11.12
C LYS A 62 -6.04 11.19 -11.12
N LEU A 63 -5.61 10.62 -10.02
CA LEU A 63 -5.51 9.14 -9.96
C LEU A 63 -5.15 8.65 -8.56
N TYR A 64 -5.61 7.48 -8.24
CA TYR A 64 -5.35 6.90 -6.89
C TYR A 64 -5.04 5.41 -7.03
N VAL A 65 -5.08 4.67 -5.97
CA VAL A 65 -4.81 3.21 -6.07
C VAL A 65 -5.15 2.50 -4.77
N GLN A 66 -5.65 1.30 -4.85
CA GLN A 66 -5.99 0.56 -3.61
C GLN A 66 -4.88 -0.43 -3.29
N ILE A 67 -4.43 -0.47 -2.06
CA ILE A 67 -3.35 -1.41 -1.68
C ILE A 67 -3.92 -2.51 -0.77
N THR A 68 -3.60 -3.75 -1.04
CA THR A 68 -4.13 -4.85 -0.19
C THR A 68 -3.17 -5.13 0.97
N VAL A 69 -3.66 -5.05 2.18
CA VAL A 69 -2.78 -5.30 3.36
C VAL A 69 -3.09 -6.69 3.94
N ASN A 70 -2.11 -7.35 4.48
CA ASN A 70 -2.36 -8.71 5.05
C ASN A 70 -2.50 -8.62 6.58
N HIS A 71 -3.40 -9.39 7.14
CA HIS A 71 -3.59 -9.36 8.61
C HIS A 71 -3.85 -7.92 9.09
N SER A 72 -5.10 -7.53 9.17
CA SER A 72 -5.41 -6.15 9.62
C SER A 72 -4.71 -5.84 10.95
N HIS A 73 -4.52 -6.85 11.77
CA HIS A 73 -3.83 -6.62 13.08
C HIS A 73 -2.35 -6.33 12.86
N TRP A 74 -1.70 -7.10 12.02
CA TRP A 74 -0.25 -6.87 11.77
C TRP A 74 -0.02 -5.44 11.30
N ILE A 75 -0.57 -5.08 10.18
CA ILE A 75 -0.38 -3.69 9.66
C ILE A 75 -1.46 -2.76 10.23
N THR A 76 -1.06 -1.75 10.93
CA THR A 76 -2.05 -0.81 11.53
C THR A 76 -2.39 0.32 10.57
N GLY A 77 -1.49 0.68 9.68
CA GLY A 77 -1.80 1.78 8.73
C GLY A 77 -0.63 2.03 7.78
N MET A 78 -0.83 2.86 6.79
CA MET A 78 0.28 3.16 5.82
C MET A 78 0.08 4.55 5.22
N SER A 79 0.93 5.49 5.56
CA SER A 79 0.77 6.86 5.00
C SER A 79 1.48 6.96 3.64
N ILE A 80 0.77 7.33 2.62
CA ILE A 80 1.41 7.44 1.27
C ILE A 80 1.44 8.90 0.82
N GLU A 81 2.58 9.37 0.37
CA GLU A 81 2.70 10.79 -0.09
C GLU A 81 2.60 11.75 1.10
N GLY A 82 2.54 11.26 2.30
CA GLY A 82 2.48 12.17 3.48
C GLY A 82 1.03 12.31 3.99
N HIS A 83 0.19 11.36 3.72
CA HIS A 83 -1.22 11.47 4.22
C HIS A 83 -1.70 10.12 4.76
N LYS A 84 -2.74 10.11 5.53
CA LYS A 84 -3.25 8.82 6.09
C LYS A 84 -3.90 7.99 4.97
N GLU A 85 -4.47 6.87 5.32
CA GLU A 85 -5.10 6.01 4.27
C GLU A 85 -6.63 6.02 4.43
N ASN A 86 -7.34 5.55 3.45
CA ASN A 86 -8.83 5.52 3.54
C ASN A 86 -9.32 4.08 3.58
N ILE A 87 -10.18 3.76 4.52
CA ILE A 87 -10.69 2.36 4.60
C ILE A 87 -11.57 2.06 3.38
N ILE A 88 -11.03 1.37 2.41
CA ILE A 88 -11.82 1.05 1.19
C ILE A 88 -12.45 -0.33 1.30
N SER A 89 -11.89 -1.18 2.12
CA SER A 89 -12.46 -2.56 2.27
C SER A 89 -11.83 -3.22 3.48
N LYS A 90 -12.53 -3.24 4.58
CA LYS A 90 -11.97 -3.87 5.80
C LYS A 90 -12.45 -5.33 5.90
N ASN A 91 -11.61 -6.21 6.37
CA ASN A 91 -12.01 -7.63 6.47
C ASN A 91 -11.41 -8.26 7.73
N THR A 92 -11.94 -7.93 8.88
CA THR A 92 -11.41 -8.51 10.14
C THR A 92 -11.65 -10.02 10.17
N ALA A 93 -12.71 -10.47 9.56
CA ALA A 93 -13.00 -11.94 9.55
C ALA A 93 -11.89 -12.69 8.82
N LYS A 94 -11.53 -12.25 7.65
CA LYS A 94 -10.45 -12.96 6.89
C LYS A 94 -9.10 -12.26 7.13
N ASP A 95 -9.02 -11.41 8.11
CA ASP A 95 -7.73 -10.70 8.39
C ASP A 95 -7.22 -10.02 7.12
N GLU A 96 -7.98 -9.11 6.58
CA GLU A 96 -7.53 -8.40 5.33
C GLU A 96 -8.04 -6.96 5.32
N ARG A 97 -7.32 -6.08 4.69
CA ARG A 97 -7.75 -4.65 4.63
C ARG A 97 -7.20 -3.98 3.38
N THR A 98 -7.82 -2.92 2.93
CA THR A 98 -7.33 -2.23 1.71
C THR A 98 -7.46 -0.72 1.89
N SER A 99 -6.67 0.05 1.20
CA SER A 99 -6.77 1.53 1.35
C SER A 99 -6.48 2.24 0.02
N GLU A 100 -7.22 3.27 -0.27
CA GLU A 100 -6.99 4.02 -1.55
C GLU A 100 -6.04 5.19 -1.28
N PHE A 101 -5.11 5.45 -2.16
CA PHE A 101 -4.16 6.57 -1.93
C PHE A 101 -4.08 7.50 -3.14
N GLU A 102 -3.90 8.78 -2.90
CA GLU A 102 -3.80 9.75 -4.03
C GLU A 102 -2.34 10.17 -4.20
N VAL A 103 -1.82 10.12 -5.39
CA VAL A 103 -0.38 10.51 -5.58
C VAL A 103 -0.14 11.08 -6.98
N SER A 104 1.02 11.63 -7.20
CA SER A 104 1.35 12.19 -8.54
C SER A 104 1.60 11.02 -9.50
N LYS A 105 0.73 10.81 -10.44
CA LYS A 105 0.91 9.67 -11.39
C LYS A 105 1.27 8.41 -10.62
N LEU A 106 1.78 7.41 -11.28
CA LEU A 106 2.15 6.16 -10.56
C LEU A 106 3.31 5.44 -11.27
N ASN A 107 4.41 6.11 -11.44
CA ASN A 107 5.58 5.46 -12.11
C ASN A 107 6.88 5.98 -11.51
N GLY A 108 7.18 5.61 -10.29
CA GLY A 108 8.44 6.08 -9.65
C GLY A 108 8.39 5.79 -8.14
N LYS A 109 9.46 6.08 -7.44
CA LYS A 109 9.49 5.82 -5.97
C LYS A 109 8.79 6.95 -5.22
N ILE A 110 8.08 6.63 -4.17
CA ILE A 110 7.38 7.68 -3.39
C ILE A 110 7.55 7.42 -1.89
N ASP A 111 7.49 8.45 -1.09
CA ASP A 111 7.64 8.27 0.39
C ASP A 111 6.36 7.68 0.99
N GLY A 112 6.48 6.61 1.74
CA GLY A 112 5.26 6.01 2.34
C GLY A 112 5.56 5.57 3.78
N LYS A 113 4.80 6.06 4.73
CA LYS A 113 5.04 5.69 6.15
C LYS A 113 4.10 4.55 6.54
N ILE A 114 4.37 3.86 7.62
CA ILE A 114 3.46 2.76 8.02
C ILE A 114 3.62 2.42 9.51
N ASP A 115 2.53 2.29 10.21
CA ASP A 115 2.60 1.94 11.66
C ASP A 115 2.14 0.50 11.84
N VAL A 116 2.40 -0.09 12.98
CA VAL A 116 1.95 -1.50 13.20
C VAL A 116 1.45 -1.70 14.63
N TYR A 117 0.58 -2.64 14.84
CA TYR A 117 0.06 -2.89 16.21
C TYR A 117 -0.35 -4.35 16.37
N ILE A 118 0.38 -5.10 17.15
CA ILE A 118 0.03 -6.53 17.34
C ILE A 118 0.12 -6.90 18.82
N ASP A 119 -0.63 -7.88 19.24
CA ASP A 119 -0.60 -8.30 20.66
C ASP A 119 -1.17 -9.71 20.79
N GLU A 120 -0.32 -10.71 20.85
CA GLU A 120 -0.82 -12.10 20.96
C GLU A 120 0.35 -13.08 21.18
N LYS A 121 0.09 -14.35 21.07
CA LYS A 121 1.20 -15.34 21.29
C LYS A 121 1.67 -15.89 19.93
N VAL A 122 2.74 -15.36 19.41
CA VAL A 122 3.26 -15.86 18.10
C VAL A 122 3.99 -17.19 18.29
N ASN A 123 3.60 -18.21 17.58
CA ASN A 123 4.29 -19.52 17.72
C ASN A 123 4.32 -19.94 19.20
N GLY A 124 3.39 -19.46 19.97
CA GLY A 124 3.37 -19.84 21.42
C GLY A 124 4.29 -18.90 22.20
N LYS A 125 4.38 -17.66 21.80
CA LYS A 125 5.26 -16.70 22.53
C LYS A 125 4.63 -15.31 22.53
N PRO A 126 4.63 -14.68 23.68
CA PRO A 126 4.04 -13.32 23.80
C PRO A 126 4.75 -12.35 22.86
N PHE A 127 4.00 -11.64 22.05
CA PHE A 127 4.63 -10.67 21.10
C PHE A 127 3.92 -9.32 21.20
N LYS A 128 4.61 -8.32 21.67
CA LYS A 128 3.98 -6.96 21.78
C LYS A 128 4.50 -6.05 20.67
N TYR A 129 3.70 -5.81 19.66
CA TYR A 129 4.15 -4.92 18.55
C TYR A 129 3.30 -3.65 18.52
N ASP A 130 3.91 -2.51 18.58
CA ASP A 130 3.13 -1.23 18.55
C ASP A 130 4.06 -0.04 18.41
N HIS A 131 4.42 0.32 17.20
CA HIS A 131 5.32 1.48 17.00
C HIS A 131 5.09 2.12 15.63
N HIS A 132 5.95 3.00 15.22
CA HIS A 132 5.77 3.64 13.89
C HIS A 132 6.96 3.35 12.98
N TYR A 133 6.75 3.27 11.70
CA TYR A 133 7.88 2.99 10.77
C TYR A 133 7.55 3.52 9.37
N ASN A 134 8.42 3.32 8.43
CA ASN A 134 8.16 3.81 7.04
C ASN A 134 8.85 2.90 6.02
N ILE A 135 8.58 3.10 4.76
CA ILE A 135 9.21 2.25 3.71
C ILE A 135 9.22 2.98 2.36
N THR A 136 9.99 2.49 1.42
CA THR A 136 10.05 3.15 0.08
C THR A 136 9.01 2.54 -0.86
N TYR A 137 8.11 3.34 -1.35
CA TYR A 137 7.08 2.82 -2.29
C TYR A 137 7.56 2.92 -3.74
N LYS A 138 6.95 2.19 -4.63
CA LYS A 138 7.40 2.25 -6.06
C LYS A 138 6.24 1.83 -6.99
N PHE A 139 5.61 2.78 -7.61
CA PHE A 139 4.49 2.44 -8.54
C PHE A 139 5.01 2.26 -9.96
N ASN A 140 4.32 1.50 -10.76
CA ASN A 140 4.77 1.29 -12.17
C ASN A 140 3.57 1.22 -13.11
N GLY A 141 3.27 2.32 -13.76
CA GLY A 141 2.11 2.33 -14.71
C GLY A 141 2.33 3.39 -15.78
N PRO A 142 1.26 4.00 -16.21
CA PRO A 142 1.35 5.05 -17.26
C PRO A 142 2.23 6.21 -16.78
N THR A 143 3.00 6.81 -17.66
CA THR A 143 3.87 7.93 -17.24
C THR A 143 3.13 9.27 -17.42
N ASP A 144 2.46 9.44 -18.52
CA ASP A 144 1.72 10.72 -18.75
C ASP A 144 0.56 10.49 -19.72
N VAL A 145 0.80 9.80 -20.80
CA VAL A 145 -0.28 9.54 -21.79
C VAL A 145 -0.90 10.87 -22.26
N ALA A 146 -0.08 11.81 -22.64
CA ALA A 146 -0.62 13.12 -23.11
C ALA A 146 -1.05 13.01 -24.58
N GLY A 147 -2.23 12.52 -24.83
CA GLY A 147 -2.70 12.39 -26.24
C GLY A 147 -2.01 11.20 -26.90
ZN ZNH B . 8.16 -5.89 11.27
CHA ZNH B . 11.11 -4.32 11.64
CHB ZNH B . 9.10 -8.09 13.66
CHC ZNH B . 5.42 -7.37 10.91
CHD ZNH B . 7.32 -3.62 8.89
NA ZNH B . 9.69 -6.13 12.35
C1A ZNH B . 10.89 -5.36 12.39
C2A ZNH B . 11.74 -5.90 13.33
C3A ZNH B . 11.17 -6.95 13.89
C4A ZNH B . 9.93 -7.14 13.33
CMA ZNH B . 11.79 -7.81 14.96
CAA ZNH B . 13.11 -5.37 13.66
CBA ZNH B . 14.17 -6.14 12.87
CGA ZNH B . 15.07 -5.17 12.15
O1A ZNH B . 14.92 -4.96 10.96
O2A ZNH B . 16.04 -4.53 12.82
NB ZNH B . 7.41 -7.43 12.13
C1B ZNH B . 7.91 -8.26 13.12
C2B ZNH B . 6.99 -9.25 13.43
C3B ZNH B . 5.92 -9.09 12.67
C4B ZNH B . 6.16 -7.91 11.81
CMB ZNH B . 7.19 -10.34 14.46
CAB ZNH B . 4.73 -9.96 12.70
CBB ZNH B . 3.51 -9.47 12.49
NC ZNH B . 6.67 -5.54 10.12
C1C ZNH B . 5.52 -6.34 10.13
C2C ZNH B . 4.63 -5.82 9.22
C3C ZNH B . 5.17 -4.75 8.61
C4C ZNH B . 6.42 -4.53 9.14
CMC ZNH B . 3.27 -6.38 8.94
CAC ZNH B . 4.54 -3.94 7.56
CBC ZNH B . 4.35 -4.45 6.35
ND ZNH B . 9.00 -4.36 10.48
C1D ZNH B . 8.49 -3.54 9.49
C2D ZNH B . 9.45 -2.50 9.17
C3D ZNH B . 10.50 -2.68 9.93
C4D ZNH B . 10.25 -3.84 10.75
CMD ZNH B . 9.27 -1.41 8.15
CAD ZNH B . 11.75 -1.84 9.94
CBD ZNH B . 11.76 -0.97 11.19
CGD ZNH B . 13.16 -0.92 11.77
O1D ZNH B . 13.94 -0.07 11.39
O2D ZNH B . 13.54 -1.82 12.68
HHA ZNH B . 12.06 -3.80 11.75
HHB ZNH B . 9.42 -8.80 14.42
HHC ZNH B . 4.47 -7.87 10.78
HHD ZNH B . 7.08 -2.88 8.13
HMA1 ZNH B . 12.27 -8.68 14.50
HMA2 ZNH B . 11.01 -8.15 15.64
HMA3 ZNH B . 12.52 -7.23 15.51
HAA1 ZNH B . 13.31 -5.49 14.73
HAA2 ZNH B . 13.17 -4.31 13.40
HBA1 ZNH B . 13.68 -6.78 12.13
HBA2 ZNH B . 14.77 -6.75 13.54
HMB1 ZNH B . 6.22 -10.65 14.83
HMB2 ZNH B . 7.80 -9.96 15.27
HMB3 ZNH B . 7.68 -11.19 13.98
HAB ZNH B . 4.81 -10.97 13.11
HBB1 ZNH B . 2.63 -10.07 12.72
HBB2 ZNH B . 3.39 -8.41 12.29
HMC1 ZNH B . 2.85 -6.82 9.85
HMC2 ZNH B . 3.34 -7.15 8.17
HMC3 ZNH B . 2.61 -5.58 8.60
HAC ZNH B . 4.28 -2.90 7.76
HBC1 ZNH B . 3.95 -3.83 5.55
HBC2 ZNH B . 4.67 -5.47 6.13
HMD1 ZNH B . 8.33 -0.88 8.35
HMD2 ZNH B . 9.23 -1.84 7.16
HMD3 ZNH B . 10.10 -0.71 8.22
HAD1 ZNH B . 12.62 -2.49 9.95
HAD2 ZNH B . 11.77 -1.20 9.05
HBD1 ZNH B . 11.08 -1.38 11.94
HBD2 ZNH B . 11.44 0.05 10.94
N SER A 22 -16.67 2.75 -27.80
CA SER A 22 -16.78 1.85 -26.62
C SER A 22 -15.38 1.39 -26.17
N ALA A 23 -14.58 2.29 -25.69
CA ALA A 23 -13.21 1.90 -25.24
C ALA A 23 -12.46 3.13 -24.72
N ASN A 24 -11.30 2.93 -24.15
CA ASN A 24 -10.52 4.09 -23.62
C ASN A 24 -11.29 4.77 -22.50
N ALA A 25 -12.09 4.03 -21.78
CA ALA A 25 -12.88 4.63 -20.67
C ALA A 25 -12.93 3.67 -19.48
N ALA A 26 -12.18 3.95 -18.44
CA ALA A 26 -12.20 3.06 -17.25
C ALA A 26 -11.55 3.76 -16.05
N ASP A 27 -10.50 4.50 -16.28
CA ASP A 27 -9.82 5.21 -15.16
C ASP A 27 -9.40 4.22 -14.08
N SER A 28 -9.11 3.00 -14.44
CA SER A 28 -8.70 2.01 -13.40
C SER A 28 -7.96 0.83 -14.04
N GLY A 29 -7.21 0.11 -13.26
CA GLY A 29 -6.45 -1.05 -13.81
C GLY A 29 -5.38 -1.48 -12.79
N THR A 30 -4.72 -2.58 -13.05
CA THR A 30 -3.67 -3.04 -12.09
C THR A 30 -2.32 -2.42 -12.42
N LEU A 31 -1.79 -1.61 -11.55
CA LEU A 31 -0.48 -0.97 -11.81
C LEU A 31 0.65 -1.77 -11.16
N ASN A 32 1.77 -1.89 -11.81
CA ASN A 32 2.90 -2.65 -11.22
C ASN A 32 3.62 -1.81 -10.18
N TYR A 33 3.94 -2.37 -9.03
CA TYR A 33 4.64 -1.57 -8.00
C TYR A 33 5.24 -2.49 -6.92
N GLU A 34 6.02 -1.94 -6.03
CA GLU A 34 6.63 -2.78 -4.96
C GLU A 34 6.97 -1.90 -3.75
N VAL A 35 7.57 -2.48 -2.74
CA VAL A 35 7.93 -1.68 -1.53
C VAL A 35 9.29 -2.12 -1.00
N TYR A 36 10.28 -1.30 -1.17
CA TYR A 36 11.64 -1.68 -0.68
C TYR A 36 11.87 -1.14 0.74
N LYS A 37 12.84 -1.68 1.42
CA LYS A 37 13.14 -1.21 2.80
C LYS A 37 13.66 0.22 2.78
N TYR A 38 13.27 1.03 3.72
CA TYR A 38 13.77 2.43 3.74
C TYR A 38 15.28 2.42 3.97
N ASN A 39 15.98 3.38 3.41
CA ASN A 39 17.46 3.43 3.58
C ASN A 39 18.15 2.29 2.79
N THR A 40 17.39 1.51 2.07
CA THR A 40 18.00 0.41 1.27
C THR A 40 17.34 0.35 -0.12
N ASN A 41 17.58 -0.68 -0.87
CA ASN A 41 16.96 -0.77 -2.23
C ASN A 41 16.24 -2.13 -2.39
N ASP A 42 16.06 -2.85 -1.33
CA ASP A 42 15.38 -4.18 -1.44
C ASP A 42 14.36 -4.35 -0.31
N THR A 43 13.17 -4.79 -0.61
CA THR A 43 12.17 -4.98 0.46
C THR A 43 12.65 -6.07 1.41
N SER A 44 12.47 -5.90 2.69
CA SER A 44 12.97 -6.94 3.64
C SER A 44 11.88 -7.38 4.63
N ILE A 45 10.82 -6.61 4.78
CA ILE A 45 9.75 -7.01 5.74
C ILE A 45 8.36 -6.74 5.15
N ALA A 46 8.15 -5.56 4.65
CA ALA A 46 6.83 -5.20 4.08
C ALA A 46 6.43 -6.15 2.93
N ASN A 47 7.26 -6.29 1.95
CA ASN A 47 6.93 -7.19 0.80
C ASN A 47 6.41 -8.54 1.30
N ASP A 48 6.78 -8.94 2.49
CA ASP A 48 6.31 -10.25 3.02
C ASP A 48 4.82 -10.19 3.41
N TYR A 49 4.20 -9.05 3.30
CA TYR A 49 2.76 -8.96 3.67
C TYR A 49 2.00 -8.00 2.75
N PHE A 50 2.44 -7.86 1.54
CA PHE A 50 1.74 -6.93 0.59
C PHE A 50 1.47 -7.63 -0.74
N ASN A 51 0.24 -7.94 -1.03
CA ASN A 51 -0.09 -8.63 -2.31
C ASN A 51 0.06 -7.66 -3.49
N LYS A 52 0.39 -8.16 -4.64
CA LYS A 52 0.55 -7.27 -5.84
C LYS A 52 0.14 -8.02 -7.11
N PRO A 53 -0.01 -7.29 -8.19
CA PRO A 53 0.22 -5.83 -8.17
C PRO A 53 -0.97 -5.10 -7.52
N ALA A 54 -0.95 -3.79 -7.53
CA ALA A 54 -2.07 -3.02 -6.92
C ALA A 54 -2.98 -2.46 -8.01
N LYS A 55 -4.12 -1.96 -7.64
CA LYS A 55 -5.05 -1.40 -8.67
C LYS A 55 -5.02 0.14 -8.65
N TYR A 56 -4.64 0.75 -9.73
CA TYR A 56 -4.60 2.24 -9.77
C TYR A 56 -5.88 2.78 -10.40
N ILE A 57 -6.16 4.04 -10.23
CA ILE A 57 -7.42 4.59 -10.83
C ILE A 57 -7.31 6.11 -11.06
N LYS A 58 -7.36 6.55 -12.29
CA LYS A 58 -7.27 8.01 -12.58
C LYS A 58 -8.45 8.45 -13.45
N LYS A 59 -9.26 9.36 -12.97
CA LYS A 59 -10.42 9.83 -13.77
C LYS A 59 -10.09 11.15 -14.48
N ASN A 60 -9.12 11.13 -15.36
CA ASN A 60 -8.75 12.37 -16.10
C ASN A 60 -8.66 13.58 -15.16
N GLY A 61 -7.48 13.89 -14.70
CA GLY A 61 -7.31 15.06 -13.78
C GLY A 61 -7.20 14.58 -12.33
N LYS A 62 -7.04 13.30 -12.12
CA LYS A 62 -6.92 12.78 -10.73
C LYS A 62 -6.48 11.32 -10.76
N LEU A 63 -5.95 10.82 -9.67
CA LEU A 63 -5.52 9.39 -9.66
C LEU A 63 -5.26 8.88 -8.25
N TYR A 64 -5.62 7.66 -8.01
CA TYR A 64 -5.41 7.06 -6.67
C TYR A 64 -4.95 5.62 -6.85
N VAL A 65 -4.75 4.89 -5.78
CA VAL A 65 -4.31 3.48 -5.95
C VAL A 65 -4.68 2.67 -4.70
N GLN A 66 -5.28 1.52 -4.90
CA GLN A 66 -5.67 0.68 -3.73
C GLN A 66 -4.60 -0.39 -3.48
N ILE A 67 -4.19 -0.55 -2.26
CA ILE A 67 -3.16 -1.57 -1.95
C ILE A 67 -3.77 -2.66 -1.06
N THR A 68 -3.57 -3.90 -1.40
CA THR A 68 -4.16 -5.00 -0.58
C THR A 68 -3.20 -5.39 0.54
N VAL A 69 -3.62 -5.19 1.76
CA VAL A 69 -2.75 -5.55 2.92
C VAL A 69 -3.23 -6.85 3.57
N ASN A 70 -2.34 -7.68 4.02
CA ASN A 70 -2.76 -8.96 4.65
C ASN A 70 -2.69 -8.84 6.18
N HIS A 71 -3.45 -9.66 6.88
CA HIS A 71 -3.45 -9.60 8.36
C HIS A 71 -3.68 -8.16 8.84
N SER A 72 -4.92 -7.76 8.97
CA SER A 72 -5.21 -6.38 9.43
C SER A 72 -4.73 -6.19 10.87
N HIS A 73 -4.73 -7.25 11.64
CA HIS A 73 -4.28 -7.14 13.07
C HIS A 73 -2.79 -6.77 13.11
N TRP A 74 -2.02 -7.24 12.18
CA TRP A 74 -0.57 -6.91 12.18
C TRP A 74 -0.34 -5.49 11.64
N ILE A 75 -0.78 -5.23 10.44
CA ILE A 75 -0.60 -3.87 9.87
C ILE A 75 -1.78 -2.98 10.25
N THR A 76 -1.52 -1.89 10.92
CA THR A 76 -2.64 -0.99 11.32
C THR A 76 -2.96 0.01 10.21
N GLY A 77 -2.02 0.32 9.36
CA GLY A 77 -2.31 1.29 8.26
C GLY A 77 -1.06 1.52 7.41
N MET A 78 -1.17 2.37 6.42
CA MET A 78 0.01 2.65 5.54
C MET A 78 -0.09 4.05 4.95
N SER A 79 0.81 4.93 5.30
CA SER A 79 0.77 6.32 4.77
C SER A 79 1.48 6.38 3.41
N ILE A 80 1.14 7.35 2.60
CA ILE A 80 1.79 7.49 1.26
C ILE A 80 1.68 8.93 0.76
N GLU A 81 2.76 9.48 0.26
CA GLU A 81 2.74 10.88 -0.25
C GLU A 81 2.59 11.90 0.88
N GLY A 82 2.56 11.45 2.12
CA GLY A 82 2.45 12.42 3.25
C GLY A 82 1.00 12.47 3.78
N HIS A 83 0.22 11.45 3.56
CA HIS A 83 -1.17 11.48 4.09
C HIS A 83 -1.54 10.12 4.68
N LYS A 84 -2.56 10.06 5.49
CA LYS A 84 -2.96 8.76 6.11
C LYS A 84 -3.56 7.83 5.05
N GLU A 85 -4.14 6.74 5.47
CA GLU A 85 -4.74 5.79 4.50
C GLU A 85 -6.27 5.85 4.58
N ASN A 86 -6.94 5.23 3.65
CA ASN A 86 -8.43 5.24 3.66
C ASN A 86 -8.98 3.82 3.66
N ILE A 87 -9.87 3.51 4.57
CA ILE A 87 -10.43 2.14 4.61
C ILE A 87 -11.32 1.91 3.38
N ILE A 88 -10.81 1.22 2.40
CA ILE A 88 -11.60 0.96 1.17
C ILE A 88 -12.30 -0.40 1.26
N SER A 89 -11.73 -1.32 1.98
CA SER A 89 -12.37 -2.67 2.10
C SER A 89 -11.72 -3.45 3.24
N LYS A 90 -12.34 -3.47 4.38
CA LYS A 90 -11.76 -4.20 5.53
C LYS A 90 -12.37 -5.61 5.62
N ASN A 91 -11.61 -6.61 5.25
CA ASN A 91 -12.15 -8.01 5.31
C ASN A 91 -11.72 -8.69 6.61
N THR A 92 -12.59 -8.78 7.57
CA THR A 92 -12.23 -9.43 8.86
C THR A 92 -12.28 -10.95 8.72
N ALA A 93 -13.12 -11.45 7.85
CA ALA A 93 -13.21 -12.92 7.65
C ALA A 93 -11.87 -13.48 7.15
N LYS A 94 -11.33 -12.90 6.12
CA LYS A 94 -10.03 -13.39 5.58
C LYS A 94 -8.88 -12.56 6.15
N ASP A 95 -9.11 -11.80 7.19
CA ASP A 95 -8.03 -10.97 7.77
C ASP A 95 -7.39 -10.10 6.69
N GLU A 96 -8.11 -9.82 5.64
CA GLU A 96 -7.54 -8.98 4.55
C GLU A 96 -7.91 -7.51 4.77
N ARG A 97 -7.44 -6.64 3.91
CA ARG A 97 -7.75 -5.19 4.06
C ARG A 97 -7.09 -4.41 2.91
N THR A 98 -7.67 -3.30 2.55
CA THR A 98 -7.08 -2.50 1.43
C THR A 98 -7.20 -1.00 1.73
N SER A 99 -6.38 -0.19 1.11
CA SER A 99 -6.44 1.27 1.36
C SER A 99 -6.13 2.05 0.09
N GLU A 100 -6.78 3.16 -0.12
CA GLU A 100 -6.52 3.97 -1.35
C GLU A 100 -5.47 5.05 -1.05
N PHE A 101 -4.61 5.34 -1.97
CA PHE A 101 -3.57 6.39 -1.72
C PHE A 101 -3.53 7.40 -2.87
N GLU A 102 -3.54 8.67 -2.55
CA GLU A 102 -3.48 9.71 -3.61
C GLU A 102 -2.02 10.10 -3.89
N VAL A 103 -1.61 10.08 -5.13
CA VAL A 103 -0.19 10.44 -5.44
C VAL A 103 -0.09 11.08 -6.83
N SER A 104 0.81 12.02 -6.99
CA SER A 104 0.98 12.66 -8.32
C SER A 104 1.46 11.60 -9.32
N LYS A 105 0.62 11.22 -10.24
CA LYS A 105 1.03 10.17 -11.22
C LYS A 105 1.51 8.92 -10.46
N LEU A 106 1.81 7.87 -11.15
CA LEU A 106 2.28 6.64 -10.45
C LEU A 106 3.25 5.84 -11.33
N ASN A 107 4.44 6.34 -11.52
CA ASN A 107 5.43 5.62 -12.37
C ASN A 107 6.85 5.85 -11.83
N GLY A 108 7.01 5.83 -10.53
CA GLY A 108 8.37 6.06 -9.95
C GLY A 108 8.36 5.75 -8.45
N LYS A 109 9.42 6.07 -7.76
CA LYS A 109 9.47 5.79 -6.30
C LYS A 109 8.73 6.88 -5.52
N ILE A 110 8.10 6.52 -4.44
CA ILE A 110 7.37 7.52 -3.62
C ILE A 110 7.61 7.28 -2.13
N ASP A 111 7.82 8.32 -1.37
CA ASP A 111 8.07 8.14 0.08
C ASP A 111 6.76 7.84 0.82
N GLY A 112 6.70 6.72 1.51
CA GLY A 112 5.45 6.38 2.24
C GLY A 112 5.79 5.91 3.65
N LYS A 113 4.80 5.64 4.46
CA LYS A 113 5.08 5.17 5.84
C LYS A 113 4.02 4.16 6.28
N ILE A 114 4.14 3.59 7.45
CA ILE A 114 3.12 2.60 7.90
C ILE A 114 3.12 2.46 9.41
N ASP A 115 1.96 2.26 9.99
CA ASP A 115 1.88 2.08 11.46
C ASP A 115 1.54 0.61 11.77
N VAL A 116 1.87 0.15 12.94
CA VAL A 116 1.56 -1.28 13.27
C VAL A 116 1.11 -1.42 14.73
N TYR A 117 0.31 -2.41 15.02
CA TYR A 117 -0.17 -2.61 16.42
C TYR A 117 -0.46 -4.08 16.68
N ILE A 118 0.41 -4.75 17.40
CA ILE A 118 0.19 -6.20 17.69
C ILE A 118 0.42 -6.48 19.17
N ASP A 119 -0.21 -7.49 19.70
CA ASP A 119 -0.02 -7.82 21.15
C ASP A 119 -0.43 -9.27 21.42
N GLU A 120 0.52 -10.16 21.43
CA GLU A 120 0.20 -11.60 21.69
C GLU A 120 1.48 -12.42 21.79
N LYS A 121 1.40 -13.70 21.53
CA LYS A 121 2.61 -14.56 21.59
C LYS A 121 2.85 -15.25 20.26
N VAL A 122 4.03 -15.14 19.71
CA VAL A 122 4.32 -15.80 18.40
C VAL A 122 4.53 -17.29 18.61
N ASN A 123 3.47 -18.07 18.52
CA ASN A 123 3.61 -19.55 18.70
C ASN A 123 4.34 -19.85 20.02
N GLY A 124 4.24 -18.96 20.97
CA GLY A 124 4.93 -19.20 22.27
C GLY A 124 5.97 -18.10 22.52
N LYS A 125 5.71 -16.91 22.04
CA LYS A 125 6.68 -15.80 22.24
C LYS A 125 5.93 -14.48 22.43
N PRO A 126 5.64 -14.17 23.66
CA PRO A 126 4.92 -12.92 23.97
C PRO A 126 5.68 -11.71 23.43
N PHE A 127 5.04 -10.91 22.61
CA PHE A 127 5.74 -9.72 22.04
C PHE A 127 4.74 -8.58 21.82
N LYS A 128 5.08 -7.39 22.24
CA LYS A 128 4.15 -6.24 22.05
C LYS A 128 4.64 -5.36 20.90
N TYR A 129 3.77 -5.00 20.00
CA TYR A 129 4.18 -4.13 18.86
C TYR A 129 3.30 -2.88 18.79
N ASP A 130 3.89 -1.74 18.68
CA ASP A 130 3.08 -0.49 18.60
C ASP A 130 3.97 0.70 18.22
N HIS A 131 4.19 0.90 16.95
CA HIS A 131 5.05 2.03 16.51
C HIS A 131 4.67 2.47 15.09
N HIS A 132 5.39 3.42 14.55
CA HIS A 132 5.07 3.90 13.18
C HIS A 132 6.27 3.70 12.26
N TYR A 133 6.38 2.56 11.63
CA TYR A 133 7.52 2.30 10.70
C TYR A 133 7.21 2.88 9.32
N ASN A 134 8.12 2.74 8.38
CA ASN A 134 7.84 3.28 7.02
C ASN A 134 8.58 2.47 5.95
N ILE A 135 8.26 2.69 4.70
CA ILE A 135 8.92 1.92 3.62
C ILE A 135 8.85 2.69 2.28
N THR A 136 9.42 2.13 1.26
CA THR A 136 9.41 2.80 -0.08
C THR A 136 8.19 2.35 -0.89
N TYR A 137 7.84 3.09 -1.91
CA TYR A 137 6.67 2.72 -2.76
C TYR A 137 6.95 3.09 -4.21
N LYS A 138 7.23 2.14 -5.05
CA LYS A 138 7.51 2.46 -6.47
C LYS A 138 6.32 2.09 -7.37
N PHE A 139 5.63 3.07 -7.87
CA PHE A 139 4.46 2.78 -8.76
C PHE A 139 4.92 2.73 -10.21
N ASN A 140 4.32 1.89 -11.01
CA ASN A 140 4.74 1.80 -12.44
C ASN A 140 3.52 1.79 -13.36
N GLY A 141 3.32 2.86 -14.09
CA GLY A 141 2.14 2.93 -15.01
C GLY A 141 2.47 3.91 -16.15
N PRO A 142 1.52 4.76 -16.48
CA PRO A 142 1.74 5.74 -17.56
C PRO A 142 3.01 6.56 -17.28
N THR A 143 3.28 7.56 -18.07
CA THR A 143 4.50 8.38 -17.84
C THR A 143 4.27 9.82 -18.32
N ASP A 144 3.95 10.00 -19.57
CA ASP A 144 3.72 11.38 -20.10
C ASP A 144 2.30 11.51 -20.66
N VAL A 145 2.01 10.80 -21.72
CA VAL A 145 0.64 10.88 -22.32
C VAL A 145 0.32 12.34 -22.67
N ALA A 146 1.22 13.03 -23.29
CA ALA A 146 0.95 14.45 -23.65
C ALA A 146 0.14 14.53 -24.94
N GLY A 147 -1.05 15.08 -24.88
CA GLY A 147 -1.89 15.18 -26.10
C GLY A 147 -2.06 13.80 -26.72
ZN ZNH B . 7.77 -5.38 11.53
CHA ZNH B . 10.62 -3.60 11.73
CHB ZNH B . 8.70 -7.08 14.31
CHC ZNH B . 5.13 -7.06 11.32
CHD ZNH B . 6.94 -3.64 8.75
NA ZNH B . 9.25 -5.35 12.70
C1A ZNH B . 10.41 -4.52 12.66
C2A ZNH B . 11.24 -4.82 13.71
C3A ZNH B . 10.70 -5.79 14.42
C4A ZNH B . 9.50 -6.15 13.86
CMA ZNH B . 11.30 -6.41 15.65
CAA ZNH B . 12.56 -4.16 14.00
CBA ZNH B . 12.34 -2.94 14.90
CGA ZNH B . 13.66 -2.29 15.19
O1A ZNH B . 13.72 -1.36 15.97
O2A ZNH B . 14.77 -2.72 14.58
NB ZNH B . 7.06 -6.80 12.63
C1B ZNH B . 7.54 -7.41 13.77
C2B ZNH B . 6.66 -8.38 14.21
C3B ZNH B . 5.62 -8.41 13.39
C4B ZNH B . 5.85 -7.40 12.34
CMB ZNH B . 6.86 -9.26 15.42
CAB ZNH B . 4.45 -9.33 13.53
CBB ZNH B . 3.23 -8.93 13.18
NC ZNH B . 6.32 -5.34 10.27
C1C ZNH B . 5.22 -6.18 10.39
C2C ZNH B . 4.36 -5.90 9.36
C3C ZNH B . 4.88 -4.92 8.59
C4C ZNH B . 6.09 -4.54 9.13
CMC ZNH B . 3.04 -6.59 9.13
CAC ZNH B . 4.25 -4.35 7.38
CBC ZNH B . 3.95 -5.14 6.35
ND ZNH B . 8.58 -3.98 10.52
C1D ZNH B . 8.08 -3.38 9.38
C2D ZNH B . 8.99 -2.36 8.92
C3D ZNH B . 10.02 -2.34 9.74
C4D ZNH B . 9.78 -3.35 10.74
CMD ZNH B . 8.80 -1.48 7.71
CAD ZNH B . 11.22 -1.44 9.64
CBD ZNH B . 12.47 -2.27 9.39
CGD ZNH B . 13.64 -1.63 10.09
O1D ZNH B . 13.48 -1.01 11.11
O2D ZNH B . 14.87 -1.76 9.57
HHA ZNH B . 11.53 -3.03 11.80
HHB ZNH B . 9.01 -7.61 15.20
HHC ZNH B . 4.22 -7.64 11.24
HHD ZNH B . 6.71 -3.06 7.85
HMA1 ZNH B . 11.61 -7.43 15.44
HMA2 ZNH B . 10.56 -6.42 16.45
HMA3 ZNH B . 12.17 -5.83 15.97
HAA1 ZNH B . 13.02 -3.84 13.06
HAA2 ZNH B . 13.23 -4.87 14.51
HBA1 ZNH B . 11.88 -3.26 15.83
HBA2 ZNH B . 11.68 -2.24 14.39
HMB1 ZNH B . 5.89 -9.67 15.72
HMB2 ZNH B . 7.28 -8.67 16.22
HMB3 ZNH B . 7.53 -10.08 15.17
HAB ZNH B . 4.57 -10.24 14.10
HBB1 ZNH B . 2.37 -9.52 13.48
HBB2 ZNH B . 3.09 -7.93 12.80
HMC1 ZNH B . 2.54 -6.73 10.08
HMC2 ZNH B . 3.20 -7.54 8.65
HMC3 ZNH B . 2.41 -5.96 8.49
HAC ZNH B . 4.14 -3.27 7.28
HBC1 ZNH B . 3.60 -4.70 5.42
HBC2 ZNH B . 4.17 -6.20 6.41
HMD1 ZNH B . 7.75 -1.22 7.62
HMD2 ZNH B . 9.12 -2.01 6.81
HMD3 ZNH B . 9.39 -0.58 7.83
HAD1 ZNH B . 11.07 -0.73 8.82
HAD2 ZNH B . 11.33 -0.88 10.57
HBD1 ZNH B . 12.67 -2.32 8.32
HBD2 ZNH B . 12.32 -3.27 9.78
N SER A 22 -21.02 6.41 -21.65
CA SER A 22 -19.61 5.93 -21.66
C SER A 22 -19.38 4.98 -22.83
N ALA A 23 -18.17 4.51 -22.99
CA ALA A 23 -17.88 3.58 -24.13
C ALA A 23 -16.74 2.62 -23.75
N ASN A 24 -17.04 1.59 -23.01
CA ASN A 24 -15.97 0.63 -22.62
C ASN A 24 -14.92 1.34 -21.76
N ALA A 25 -15.33 2.36 -21.05
CA ALA A 25 -14.36 3.10 -20.19
C ALA A 25 -13.68 2.15 -19.21
N ALA A 26 -12.81 2.66 -18.39
CA ALA A 26 -12.11 1.79 -17.40
C ALA A 26 -11.42 2.65 -16.34
N ASP A 27 -10.39 3.36 -16.71
CA ASP A 27 -9.67 4.21 -15.72
C ASP A 27 -9.23 3.36 -14.52
N SER A 28 -9.01 2.09 -14.73
CA SER A 28 -8.58 1.23 -13.60
C SER A 28 -7.91 -0.04 -14.12
N GLY A 29 -7.04 -0.63 -13.35
CA GLY A 29 -6.36 -1.88 -13.81
C GLY A 29 -5.25 -2.25 -12.82
N THR A 30 -4.55 -3.33 -13.07
CA THR A 30 -3.46 -3.75 -12.15
C THR A 30 -2.13 -3.09 -12.56
N LEU A 31 -1.66 -2.16 -11.79
CA LEU A 31 -0.38 -1.48 -12.13
C LEU A 31 0.79 -2.17 -11.40
N ASN A 32 1.96 -2.12 -11.97
CA ASN A 32 3.13 -2.77 -11.29
C ASN A 32 3.64 -1.87 -10.18
N TYR A 33 3.95 -2.42 -9.04
CA TYR A 33 4.45 -1.57 -7.92
C TYR A 33 5.08 -2.44 -6.84
N GLU A 34 5.92 -1.87 -6.03
CA GLU A 34 6.57 -2.65 -4.95
C GLU A 34 6.99 -1.72 -3.81
N VAL A 35 7.58 -2.24 -2.78
CA VAL A 35 8.00 -1.36 -1.66
C VAL A 35 9.38 -1.80 -1.14
N TYR A 36 10.36 -0.94 -1.23
CA TYR A 36 11.70 -1.31 -0.76
C TYR A 36 11.89 -0.92 0.71
N LYS A 37 12.86 -1.50 1.35
CA LYS A 37 13.12 -1.18 2.80
C LYS A 37 13.62 0.27 2.93
N TYR A 38 13.09 0.99 3.88
CA TYR A 38 13.55 2.40 4.06
C TYR A 38 15.04 2.43 4.40
N ASN A 39 15.74 3.43 3.92
CA ASN A 39 17.21 3.54 4.18
C ASN A 39 17.98 2.46 3.41
N THR A 40 17.30 1.67 2.61
CA THR A 40 18.00 0.62 1.82
C THR A 40 17.41 0.56 0.40
N ASN A 41 17.76 -0.44 -0.36
CA ASN A 41 17.21 -0.55 -1.74
C ASN A 41 16.78 -1.99 -2.04
N ASP A 42 16.46 -2.75 -1.03
CA ASP A 42 16.05 -4.16 -1.26
C ASP A 42 14.84 -4.52 -0.40
N THR A 43 13.76 -4.92 -1.03
CA THR A 43 12.54 -5.31 -0.26
C THR A 43 12.93 -6.30 0.83
N SER A 44 12.66 -6.00 2.07
CA SER A 44 13.06 -6.96 3.14
C SER A 44 11.91 -7.27 4.10
N ILE A 45 10.89 -6.45 4.14
CA ILE A 45 9.76 -6.75 5.07
C ILE A 45 8.40 -6.47 4.41
N ALA A 46 8.03 -5.21 4.35
CA ALA A 46 6.72 -4.84 3.75
C ALA A 46 6.49 -5.58 2.42
N ASN A 47 7.53 -5.96 1.74
CA ASN A 47 7.34 -6.67 0.43
C ASN A 47 6.64 -8.02 0.65
N ASP A 48 6.61 -8.50 1.87
CA ASP A 48 5.94 -9.81 2.12
C ASP A 48 4.56 -9.61 2.75
N TYR A 49 4.02 -8.43 2.69
CA TYR A 49 2.68 -8.18 3.29
C TYR A 49 1.74 -7.48 2.30
N PHE A 50 2.12 -7.40 1.06
CA PHE A 50 1.25 -6.71 0.06
C PHE A 50 1.09 -7.58 -1.19
N ASN A 51 -0.11 -8.01 -1.47
CA ASN A 51 -0.35 -8.87 -2.67
C ASN A 51 -0.22 -8.04 -3.95
N LYS A 52 0.83 -8.25 -4.71
CA LYS A 52 1.02 -7.47 -5.96
C LYS A 52 0.46 -8.27 -7.15
N PRO A 53 0.17 -7.58 -8.23
CA PRO A 53 0.38 -6.11 -8.29
C PRO A 53 -0.76 -5.37 -7.57
N ALA A 54 -0.76 -4.07 -7.61
CA ALA A 54 -1.84 -3.29 -6.93
C ALA A 54 -2.86 -2.79 -7.97
N LYS A 55 -3.96 -2.25 -7.53
CA LYS A 55 -4.98 -1.77 -8.50
C LYS A 55 -4.97 -0.23 -8.58
N TYR A 56 -4.55 0.31 -9.70
CA TYR A 56 -4.52 1.78 -9.85
C TYR A 56 -5.78 2.27 -10.57
N ILE A 57 -6.03 3.55 -10.55
CA ILE A 57 -7.26 4.05 -11.24
C ILE A 57 -7.10 5.53 -11.62
N LYS A 58 -7.20 5.85 -12.89
CA LYS A 58 -7.06 7.27 -13.31
C LYS A 58 -8.12 7.61 -14.37
N LYS A 59 -8.88 8.65 -14.16
CA LYS A 59 -9.91 9.02 -15.15
C LYS A 59 -9.51 10.30 -15.90
N ASN A 60 -8.42 10.25 -16.62
CA ASN A 60 -7.96 11.45 -17.39
C ASN A 60 -7.86 12.68 -16.49
N GLY A 61 -6.67 13.07 -16.12
CA GLY A 61 -6.51 14.28 -15.27
C GLY A 61 -6.40 13.87 -13.79
N LYS A 62 -6.84 12.69 -13.44
CA LYS A 62 -6.77 12.26 -12.02
C LYS A 62 -6.34 10.80 -11.92
N LEU A 63 -5.75 10.41 -10.82
CA LEU A 63 -5.32 9.00 -10.65
C LEU A 63 -5.19 8.62 -9.18
N TYR A 64 -5.56 7.43 -8.86
CA TYR A 64 -5.47 6.95 -7.45
C TYR A 64 -4.96 5.50 -7.44
N VAL A 65 -4.95 4.87 -6.30
CA VAL A 65 -4.46 3.47 -6.27
C VAL A 65 -4.89 2.76 -4.99
N GLN A 66 -5.46 1.60 -5.11
CA GLN A 66 -5.89 0.86 -3.89
C GLN A 66 -4.84 -0.19 -3.54
N ILE A 67 -4.51 -0.31 -2.28
CA ILE A 67 -3.48 -1.30 -1.87
C ILE A 67 -4.11 -2.37 -0.98
N THR A 68 -3.83 -3.61 -1.27
CA THR A 68 -4.42 -4.71 -0.45
C THR A 68 -3.48 -5.05 0.72
N VAL A 69 -3.95 -4.91 1.92
CA VAL A 69 -3.09 -5.22 3.09
C VAL A 69 -3.45 -6.57 3.69
N ASN A 70 -2.47 -7.36 4.03
CA ASN A 70 -2.77 -8.71 4.61
C ASN A 70 -2.64 -8.68 6.13
N HIS A 71 -3.44 -9.45 6.82
CA HIS A 71 -3.37 -9.46 8.31
C HIS A 71 -3.60 -8.06 8.87
N SER A 72 -4.83 -7.74 9.19
CA SER A 72 -5.13 -6.37 9.73
C SER A 72 -4.35 -6.14 11.03
N HIS A 73 -4.26 -7.15 11.86
CA HIS A 73 -3.51 -6.98 13.15
C HIS A 73 -2.04 -6.67 12.87
N TRP A 74 -1.53 -7.12 11.76
CA TRP A 74 -0.10 -6.84 11.43
C TRP A 74 0.08 -5.37 11.06
N ILE A 75 -0.37 -4.99 9.90
CA ILE A 75 -0.24 -3.55 9.49
C ILE A 75 -1.45 -2.77 9.98
N THR A 76 -1.23 -1.82 10.85
CA THR A 76 -2.37 -1.03 11.40
C THR A 76 -2.71 0.16 10.49
N GLY A 77 -1.81 0.60 9.68
CA GLY A 77 -2.13 1.77 8.80
C GLY A 77 -0.98 2.02 7.81
N MET A 78 -1.21 2.85 6.84
CA MET A 78 -0.14 3.15 5.84
C MET A 78 -0.35 4.54 5.24
N SER A 79 0.44 5.50 5.65
CA SER A 79 0.29 6.88 5.10
C SER A 79 1.09 7.03 3.80
N ILE A 80 0.73 7.96 2.97
CA ILE A 80 1.47 8.15 1.69
C ILE A 80 1.34 9.60 1.23
N GLU A 81 2.31 10.09 0.50
CA GLU A 81 2.24 11.49 0.01
C GLU A 81 2.08 12.47 1.18
N GLY A 82 2.38 12.04 2.37
CA GLY A 82 2.26 12.96 3.55
C GLY A 82 0.84 12.95 4.09
N HIS A 83 0.05 11.97 3.73
CA HIS A 83 -1.36 11.94 4.26
C HIS A 83 -1.75 10.52 4.67
N LYS A 84 -2.75 10.40 5.50
CA LYS A 84 -3.20 9.05 5.97
C LYS A 84 -3.89 8.28 4.84
N GLU A 85 -4.15 7.02 5.05
CA GLU A 85 -4.83 6.21 3.98
C GLU A 85 -6.35 6.28 4.16
N ASN A 86 -7.08 5.83 3.17
CA ASN A 86 -8.57 5.88 3.27
C ASN A 86 -9.14 4.46 3.39
N ILE A 87 -9.95 4.21 4.39
CA ILE A 87 -10.54 2.85 4.54
C ILE A 87 -11.51 2.57 3.40
N ILE A 88 -11.10 1.78 2.44
CA ILE A 88 -12.00 1.48 1.29
C ILE A 88 -12.77 0.17 1.50
N SER A 89 -12.20 -0.76 2.22
CA SER A 89 -12.92 -2.05 2.43
C SER A 89 -12.24 -2.86 3.54
N LYS A 90 -12.80 -2.84 4.72
CA LYS A 90 -12.19 -3.61 5.84
C LYS A 90 -12.89 -4.96 5.98
N ASN A 91 -12.16 -5.97 6.37
CA ASN A 91 -12.79 -7.32 6.53
C ASN A 91 -12.22 -8.04 7.74
N THR A 92 -13.00 -8.21 8.78
CA THR A 92 -12.50 -8.90 10.00
C THR A 92 -12.57 -10.42 9.81
N ALA A 93 -13.62 -10.92 9.22
CA ALA A 93 -13.73 -12.39 9.00
C ALA A 93 -12.60 -12.89 8.10
N LYS A 94 -12.17 -12.08 7.17
CA LYS A 94 -11.07 -12.52 6.26
C LYS A 94 -9.73 -12.00 6.76
N ASP A 95 -9.73 -11.11 7.73
CA ASP A 95 -8.45 -10.57 8.25
C ASP A 95 -7.71 -9.83 7.14
N GLU A 96 -8.35 -8.88 6.52
CA GLU A 96 -7.67 -8.12 5.42
C GLU A 96 -8.17 -6.68 5.39
N ARG A 97 -7.66 -5.88 4.49
CA ARG A 97 -8.09 -4.46 4.40
C ARG A 97 -7.50 -3.80 3.16
N THR A 98 -8.08 -2.73 2.72
CA THR A 98 -7.54 -2.04 1.50
C THR A 98 -7.63 -0.52 1.69
N SER A 99 -6.79 0.22 1.03
CA SER A 99 -6.84 1.71 1.20
C SER A 99 -6.50 2.41 -0.13
N GLU A 100 -7.17 3.47 -0.43
CA GLU A 100 -6.88 4.21 -1.69
C GLU A 100 -5.89 5.34 -1.42
N PHE A 101 -5.06 5.65 -2.38
CA PHE A 101 -4.06 6.75 -2.15
C PHE A 101 -4.13 7.77 -3.29
N GLU A 102 -3.80 9.00 -3.01
CA GLU A 102 -3.83 10.05 -4.07
C GLU A 102 -2.40 10.51 -4.39
N VAL A 103 -2.00 10.41 -5.63
CA VAL A 103 -0.62 10.83 -5.99
C VAL A 103 -0.58 11.36 -7.43
N SER A 104 0.48 12.03 -7.81
CA SER A 104 0.55 12.56 -9.21
C SER A 104 0.38 11.40 -10.21
N LYS A 105 0.99 10.29 -9.94
CA LYS A 105 0.87 9.12 -10.85
C LYS A 105 1.34 7.85 -10.11
N LEU A 106 1.93 6.93 -10.80
CA LEU A 106 2.39 5.67 -10.12
C LEU A 106 3.60 5.07 -10.85
N ASN A 107 4.65 5.85 -11.00
CA ASN A 107 5.86 5.32 -11.69
C ASN A 107 7.13 5.93 -11.07
N GLY A 108 7.72 5.27 -10.11
CA GLY A 108 8.96 5.81 -9.49
C GLY A 108 9.02 5.38 -8.03
N LYS A 109 9.04 6.32 -7.12
CA LYS A 109 9.12 5.97 -5.68
C LYS A 109 8.56 7.10 -4.82
N ILE A 110 7.45 6.87 -4.17
CA ILE A 110 6.85 7.94 -3.32
C ILE A 110 7.14 7.65 -1.84
N ASP A 111 7.45 8.66 -1.08
CA ASP A 111 7.75 8.44 0.37
C ASP A 111 6.44 8.21 1.14
N GLY A 112 6.34 7.10 1.83
CA GLY A 112 5.08 6.83 2.58
C GLY A 112 5.44 6.36 4.01
N LYS A 113 4.45 6.09 4.81
CA LYS A 113 4.73 5.63 6.20
C LYS A 113 3.70 4.59 6.62
N ILE A 114 3.93 3.88 7.69
CA ILE A 114 2.93 2.86 8.13
C ILE A 114 3.11 2.53 9.60
N ASP A 115 2.03 2.29 10.29
CA ASP A 115 2.12 1.94 11.73
C ASP A 115 1.81 0.44 11.89
N VAL A 116 2.23 -0.15 12.98
CA VAL A 116 1.95 -1.61 13.17
C VAL A 116 1.60 -1.90 14.63
N TYR A 117 0.77 -2.89 14.86
CA TYR A 117 0.39 -3.23 16.25
C TYR A 117 0.03 -4.72 16.35
N ILE A 118 0.91 -5.53 16.88
CA ILE A 118 0.60 -6.99 16.99
C ILE A 118 0.84 -7.46 18.43
N ASP A 119 0.14 -8.48 18.84
CA ASP A 119 0.32 -9.00 20.22
C ASP A 119 -0.19 -10.44 20.30
N GLU A 120 0.69 -11.41 20.19
CA GLU A 120 0.24 -12.82 20.26
C GLU A 120 1.45 -13.75 20.26
N LYS A 121 1.23 -15.03 20.10
CA LYS A 121 2.37 -15.99 20.10
C LYS A 121 2.55 -16.59 18.70
N VAL A 122 3.53 -16.12 17.97
CA VAL A 122 3.77 -16.66 16.61
C VAL A 122 4.46 -18.03 16.68
N ASN A 123 3.81 -19.05 16.19
CA ASN A 123 4.42 -20.41 16.23
C ASN A 123 4.84 -20.76 17.66
N GLY A 124 4.17 -20.20 18.64
CA GLY A 124 4.52 -20.51 20.05
C GLY A 124 5.59 -19.54 20.55
N LYS A 125 5.47 -18.28 20.22
CA LYS A 125 6.49 -17.29 20.68
C LYS A 125 5.82 -15.94 20.98
N PRO A 126 5.72 -15.62 22.25
CA PRO A 126 5.09 -14.35 22.65
C PRO A 126 5.71 -13.18 21.88
N PHE A 127 4.97 -12.58 20.99
CA PHE A 127 5.53 -11.44 20.21
C PHE A 127 4.85 -10.13 20.62
N LYS A 128 5.57 -9.04 20.61
CA LYS A 128 4.96 -7.74 21.01
C LYS A 128 5.33 -6.65 20.00
N TYR A 129 4.44 -6.35 19.08
CA TYR A 129 4.75 -5.29 18.07
C TYR A 129 3.80 -4.11 18.25
N ASP A 130 4.33 -2.91 18.32
CA ASP A 130 3.46 -1.72 18.50
C ASP A 130 4.29 -0.43 18.43
N HIS A 131 4.60 0.01 17.24
CA HIS A 131 5.42 1.25 17.10
C HIS A 131 5.11 1.95 15.77
N HIS A 132 5.94 2.87 15.36
CA HIS A 132 5.69 3.56 14.08
C HIS A 132 6.84 3.32 13.10
N TYR A 133 6.54 3.18 11.84
CA TYR A 133 7.63 2.93 10.84
C TYR A 133 7.18 3.41 9.46
N ASN A 134 8.00 3.26 8.46
CA ASN A 134 7.60 3.70 7.09
C ASN A 134 8.30 2.86 6.03
N ILE A 135 8.03 3.12 4.78
CA ILE A 135 8.67 2.32 3.70
C ILE A 135 8.68 3.10 2.38
N THR A 136 9.43 2.62 1.43
CA THR A 136 9.51 3.32 0.11
C THR A 136 8.45 2.76 -0.85
N TYR A 137 7.57 3.58 -1.35
CA TYR A 137 6.53 3.07 -2.28
C TYR A 137 7.03 3.19 -3.74
N LYS A 138 7.58 2.13 -4.26
CA LYS A 138 8.09 2.18 -5.66
C LYS A 138 7.00 1.72 -6.64
N PHE A 139 6.40 2.64 -7.35
CA PHE A 139 5.33 2.27 -8.33
C PHE A 139 5.93 2.07 -9.72
N ASN A 140 5.25 1.34 -10.56
CA ASN A 140 5.79 1.12 -11.94
C ASN A 140 4.67 1.19 -12.98
N GLY A 141 4.51 2.33 -13.61
CA GLY A 141 3.45 2.49 -14.65
C GLY A 141 3.77 3.71 -15.53
N PRO A 142 2.73 4.29 -16.07
CA PRO A 142 2.90 5.48 -16.94
C PRO A 142 3.45 6.65 -16.13
N THR A 143 3.32 7.86 -16.63
CA THR A 143 3.84 9.03 -15.88
C THR A 143 2.96 10.26 -16.16
N ASP A 144 2.67 10.51 -17.40
CA ASP A 144 1.82 11.70 -17.74
C ASP A 144 0.97 11.39 -18.97
N VAL A 145 1.58 10.89 -20.02
CA VAL A 145 0.81 10.57 -21.25
C VAL A 145 0.06 11.81 -21.75
N ALA A 146 0.67 12.96 -21.65
CA ALA A 146 -0.01 14.21 -22.12
C ALA A 146 1.02 15.29 -22.42
N GLY A 147 2.08 14.95 -23.10
CA GLY A 147 3.12 15.96 -23.42
C GLY A 147 2.96 16.41 -24.87
ZN ZNH B . 8.05 -5.47 10.78
CHA ZNH B . 10.88 -3.74 11.31
CHB ZNH B . 9.13 -7.79 13.01
CHC ZNH B . 5.43 -7.12 10.27
CHD ZNH B . 7.07 -3.11 8.57
NA ZNH B . 9.59 -5.70 11.86
C1A ZNH B . 10.73 -4.85 11.98
C2A ZNH B . 11.61 -5.40 12.87
C3A ZNH B . 11.12 -6.52 13.35
C4A ZNH B . 9.89 -6.75 12.76
CMA ZNH B . 11.78 -7.42 14.36
CAA ZNH B . 12.94 -4.80 13.27
CBA ZNH B . 14.07 -5.67 12.71
CGA ZNH B . 15.38 -5.27 13.34
O1A ZNH B . 15.75 -4.12 13.27
O2A ZNH B . 16.13 -6.19 13.97
NB ZNH B . 7.41 -7.13 11.52
C1B ZNH B . 7.95 -8.00 12.44
C2B ZNH B . 7.11 -9.07 12.66
C3B ZNH B . 6.03 -8.92 11.90
C4B ZNH B . 6.20 -7.68 11.14
CMB ZNH B . 7.37 -10.22 13.60
CAB ZNH B . 4.90 -9.87 11.86
CBB ZNH B . 3.65 -9.44 11.68
NC ZNH B . 6.55 -5.14 9.65
C1C ZNH B . 5.46 -6.03 9.58
C2C ZNH B . 4.55 -5.51 8.70
C3C ZNH B . 5.01 -4.35 8.18
C4C ZNH B . 6.25 -4.09 8.75
CMC ZNH B . 3.22 -6.13 8.37
CAC ZNH B . 4.32 -3.51 7.19
CBC ZNH B . 4.10 -3.99 5.97
ND ZNH B . 8.79 -3.84 10.12
C1D ZNH B . 8.23 -2.98 9.19
C2D ZNH B . 9.11 -1.86 8.97
C3D ZNH B . 10.16 -2.02 9.72
C4D ZNH B . 9.99 -3.25 10.45
CMD ZNH B . 8.86 -0.72 8.02
CAD ZNH B . 11.35 -1.08 9.82
CBD ZNH B . 12.58 -1.75 9.21
CGD ZNH B . 13.75 -1.60 10.14
O1D ZNH B . 13.77 -2.19 11.18
O2D ZNH B . 14.78 -0.80 9.79
HHA ZNH B . 11.79 -3.16 11.48
HHB ZNH B . 9.49 -8.53 13.73
HHC ZNH B . 4.52 -7.68 10.09
HHD ZNH B . 6.79 -2.32 7.86
HMA1 ZNH B . 12.27 -6.81 15.12
HMA2 ZNH B . 12.53 -8.04 13.86
HMA3 ZNH B . 11.04 -8.05 14.83
HAA1 ZNH B . 13.02 -4.76 14.36
HAA2 ZNH B . 13.02 -3.79 12.85
HBA1 ZNH B . 14.13 -5.53 11.63
HBA2 ZNH B . 13.87 -6.71 12.93
HMB1 ZNH B . 6.43 -10.59 13.99
HMB2 ZNH B . 8.00 -9.87 14.42
HMB3 ZNH B . 7.89 -11.02 13.06
HAB ZNH B . 5.05 -10.90 12.19
HBB1 ZNH B . 2.81 -10.11 11.86
HBB2 ZNH B . 3.47 -8.37 11.56
HMC1 ZNH B . 2.82 -6.61 9.26
HMC2 ZNH B . 3.36 -6.88 7.58
HMC3 ZNH B . 2.53 -5.36 8.01
HAC ZNH B . 4.04 -2.50 7.44
HBC1 ZNH B . 3.62 -3.35 5.22
HBC2 ZNH B . 4.42 -4.99 5.70
HMD1 ZNH B . 8.08 -0.07 8.44
HMD2 ZNH B . 8.53 -1.10 7.06
HMD3 ZNH B . 9.77 -0.14 7.89
HAD1 ZNH B . 11.13 -0.16 9.28
HAD2 ZNH B . 11.55 -0.86 10.86
HBD1 ZNH B . 12.81 -1.29 8.24
HBD2 ZNH B . 12.38 -2.81 9.05
N SER A 22 -17.05 -2.21 -20.38
CA SER A 22 -15.68 -1.62 -20.46
C SER A 22 -15.35 -1.25 -21.91
N ALA A 23 -15.26 0.02 -22.21
CA ALA A 23 -14.94 0.44 -23.60
C ALA A 23 -14.64 1.93 -23.64
N ASN A 24 -13.38 2.30 -23.67
CA ASN A 24 -13.02 3.75 -23.71
C ASN A 24 -13.53 4.44 -22.44
N ALA A 25 -13.74 3.70 -21.40
CA ALA A 25 -14.24 4.32 -20.13
C ALA A 25 -14.01 3.37 -18.95
N ALA A 26 -13.10 3.71 -18.09
CA ALA A 26 -12.83 2.84 -16.91
C ALA A 26 -12.00 3.58 -15.87
N ASP A 27 -10.92 4.19 -16.29
CA ASP A 27 -10.07 4.94 -15.32
C ASP A 27 -9.60 4.02 -14.20
N SER A 28 -9.38 2.77 -14.48
CA SER A 28 -8.94 1.85 -13.39
C SER A 28 -8.28 0.59 -13.98
N GLY A 29 -7.41 -0.03 -13.24
CA GLY A 29 -6.72 -1.25 -13.74
C GLY A 29 -5.59 -1.65 -12.78
N THR A 30 -4.94 -2.75 -13.05
CA THR A 30 -3.83 -3.18 -12.15
C THR A 30 -2.48 -2.63 -12.65
N LEU A 31 -1.91 -1.68 -11.94
CA LEU A 31 -0.60 -1.12 -12.38
C LEU A 31 0.55 -1.83 -11.66
N ASN A 32 1.73 -1.80 -12.23
CA ASN A 32 2.89 -2.46 -11.58
C ASN A 32 3.46 -1.56 -10.47
N TYR A 33 3.83 -2.13 -9.37
CA TYR A 33 4.40 -1.32 -8.25
C TYR A 33 5.08 -2.23 -7.23
N GLU A 34 5.94 -1.68 -6.41
CA GLU A 34 6.64 -2.53 -5.40
C GLU A 34 7.10 -1.66 -4.21
N VAL A 35 7.79 -2.25 -3.28
CA VAL A 35 8.28 -1.48 -2.11
C VAL A 35 9.70 -1.93 -1.73
N TYR A 36 10.38 -1.18 -0.91
CA TYR A 36 11.76 -1.59 -0.52
C TYR A 36 12.06 -1.16 0.92
N LYS A 37 13.05 -1.74 1.52
CA LYS A 37 13.41 -1.38 2.92
C LYS A 37 13.98 0.04 2.95
N TYR A 38 13.55 0.84 3.90
CA TYR A 38 14.06 2.24 3.97
C TYR A 38 15.58 2.24 4.18
N ASN A 39 16.26 3.22 3.63
CA ASN A 39 17.75 3.29 3.77
C ASN A 39 18.43 2.19 2.96
N THR A 40 17.68 1.42 2.21
CA THR A 40 18.30 0.34 1.38
C THR A 40 17.70 0.35 -0.03
N ASN A 41 17.88 -0.70 -0.77
CA ASN A 41 17.31 -0.75 -2.15
C ASN A 41 16.53 -2.05 -2.36
N ASP A 42 16.27 -2.79 -1.32
CA ASP A 42 15.52 -4.07 -1.48
C ASP A 42 14.44 -4.20 -0.40
N THR A 43 13.35 -4.85 -0.70
CA THR A 43 12.28 -5.02 0.31
C THR A 43 12.66 -6.13 1.29
N SER A 44 12.44 -5.93 2.56
CA SER A 44 12.83 -7.00 3.53
C SER A 44 11.67 -7.35 4.48
N ILE A 45 10.68 -6.51 4.60
CA ILE A 45 9.55 -6.83 5.52
C ILE A 45 8.21 -6.49 4.88
N ALA A 46 7.93 -5.24 4.71
CA ALA A 46 6.63 -4.81 4.10
C ALA A 46 6.31 -5.64 2.85
N ASN A 47 7.30 -6.16 2.20
CA ASN A 47 7.04 -6.98 0.97
C ASN A 47 6.33 -8.29 1.33
N ASP A 48 6.24 -8.60 2.59
CA ASP A 48 5.57 -9.88 2.99
C ASP A 48 4.11 -9.62 3.42
N TYR A 49 3.58 -8.46 3.13
CA TYR A 49 2.17 -8.18 3.53
C TYR A 49 1.45 -7.38 2.44
N PHE A 50 2.03 -7.26 1.28
CA PHE A 50 1.36 -6.49 0.18
C PHE A 50 1.37 -7.28 -1.12
N ASN A 51 0.25 -7.80 -1.54
CA ASN A 51 0.20 -8.58 -2.81
C ASN A 51 0.33 -7.63 -4.00
N LYS A 52 0.55 -8.15 -5.18
CA LYS A 52 0.68 -7.29 -6.38
C LYS A 52 0.12 -8.01 -7.61
N PRO A 53 -0.12 -7.26 -8.65
CA PRO A 53 0.15 -5.79 -8.64
C PRO A 53 -0.97 -5.05 -7.89
N ALA A 54 -0.92 -3.76 -7.87
CA ALA A 54 -1.97 -2.97 -7.17
C ALA A 54 -2.98 -2.45 -8.19
N LYS A 55 -4.08 -1.91 -7.73
CA LYS A 55 -5.10 -1.38 -8.69
C LYS A 55 -5.00 0.14 -8.79
N TYR A 56 -4.74 0.65 -9.96
CA TYR A 56 -4.63 2.13 -10.14
C TYR A 56 -5.94 2.68 -10.68
N ILE A 57 -6.14 3.97 -10.57
CA ILE A 57 -7.40 4.56 -11.09
C ILE A 57 -7.22 6.06 -11.38
N LYS A 58 -7.21 6.45 -12.64
CA LYS A 58 -7.02 7.89 -12.98
C LYS A 58 -8.13 8.36 -13.93
N LYS A 59 -8.66 9.53 -13.72
CA LYS A 59 -9.73 10.03 -14.62
C LYS A 59 -9.32 11.38 -15.21
N ASN A 60 -8.26 11.40 -15.98
CA ASN A 60 -7.79 12.67 -16.60
C ASN A 60 -7.79 13.82 -15.59
N GLY A 61 -6.66 14.13 -15.01
CA GLY A 61 -6.59 15.24 -14.02
C GLY A 61 -6.62 14.69 -12.59
N LYS A 62 -6.85 13.42 -12.43
CA LYS A 62 -6.88 12.85 -11.06
C LYS A 62 -6.44 11.39 -11.08
N LEU A 63 -6.00 10.86 -9.97
CA LEU A 63 -5.59 9.44 -9.94
C LEU A 63 -5.35 8.95 -8.51
N TYR A 64 -5.60 7.69 -8.28
CA TYR A 64 -5.42 7.13 -6.92
C TYR A 64 -4.83 5.72 -7.03
N VAL A 65 -4.90 4.96 -5.98
CA VAL A 65 -4.34 3.58 -6.03
C VAL A 65 -4.81 2.78 -4.81
N GLN A 66 -5.43 1.65 -5.01
CA GLN A 66 -5.89 0.84 -3.86
C GLN A 66 -4.86 -0.26 -3.54
N ILE A 67 -4.49 -0.39 -2.31
CA ILE A 67 -3.48 -1.42 -1.93
C ILE A 67 -4.14 -2.52 -1.09
N THR A 68 -3.75 -3.74 -1.29
CA THR A 68 -4.35 -4.85 -0.51
C THR A 68 -3.53 -5.08 0.77
N VAL A 69 -4.16 -5.00 1.91
CA VAL A 69 -3.42 -5.20 3.18
C VAL A 69 -3.68 -6.62 3.74
N ASN A 70 -2.65 -7.32 4.11
CA ASN A 70 -2.84 -8.69 4.65
C ASN A 70 -2.77 -8.68 6.18
N HIS A 71 -3.55 -9.50 6.83
CA HIS A 71 -3.52 -9.54 8.32
C HIS A 71 -3.79 -8.14 8.90
N SER A 72 -5.00 -7.86 9.28
CA SER A 72 -5.32 -6.52 9.85
C SER A 72 -4.66 -6.37 11.24
N HIS A 73 -4.28 -7.46 11.84
CA HIS A 73 -3.65 -7.37 13.19
C HIS A 73 -2.18 -6.94 13.06
N TRP A 74 -1.45 -7.56 12.17
CA TRP A 74 -0.02 -7.18 11.99
C TRP A 74 0.10 -5.71 11.56
N ILE A 75 -0.47 -5.36 10.45
CA ILE A 75 -0.38 -3.95 9.98
C ILE A 75 -1.53 -3.13 10.57
N THR A 76 -1.20 -2.08 11.27
CA THR A 76 -2.26 -1.23 11.89
C THR A 76 -2.75 -0.17 10.90
N GLY A 77 -1.92 0.24 9.98
CA GLY A 77 -2.36 1.27 8.99
C GLY A 77 -1.24 1.51 7.97
N MET A 78 -1.48 2.41 7.04
CA MET A 78 -0.45 2.69 6.01
C MET A 78 -0.59 4.14 5.51
N SER A 79 0.42 4.65 4.87
CA SER A 79 0.36 6.04 4.35
C SER A 79 1.31 6.23 3.17
N ILE A 80 0.88 6.90 2.14
CA ILE A 80 1.76 7.10 0.96
C ILE A 80 1.69 8.55 0.46
N GLU A 81 2.80 9.10 0.06
CA GLU A 81 2.83 10.51 -0.44
C GLU A 81 2.66 11.52 0.71
N GLY A 82 2.52 11.06 1.93
CA GLY A 82 2.39 12.01 3.07
C GLY A 82 0.93 12.09 3.56
N HIS A 83 0.13 11.10 3.30
CA HIS A 83 -1.29 11.17 3.79
C HIS A 83 -1.72 9.80 4.33
N LYS A 84 -2.74 9.78 5.14
CA LYS A 84 -3.21 8.48 5.72
C LYS A 84 -3.88 7.63 4.64
N GLU A 85 -4.45 6.53 5.02
CA GLU A 85 -5.13 5.65 4.01
C GLU A 85 -6.65 5.71 4.20
N ASN A 86 -7.39 5.16 3.28
CA ASN A 86 -8.87 5.18 3.40
C ASN A 86 -9.41 3.75 3.42
N ILE A 87 -10.18 3.40 4.41
CA ILE A 87 -10.73 2.02 4.47
C ILE A 87 -11.73 1.80 3.35
N ILE A 88 -11.32 1.13 2.31
CA ILE A 88 -12.24 0.89 1.15
C ILE A 88 -12.94 -0.46 1.28
N SER A 89 -12.30 -1.39 1.95
CA SER A 89 -12.92 -2.74 2.11
C SER A 89 -12.18 -3.52 3.18
N LYS A 90 -12.66 -3.51 4.39
CA LYS A 90 -11.97 -4.25 5.47
C LYS A 90 -12.61 -5.63 5.66
N ASN A 91 -11.92 -6.68 5.30
CA ASN A 91 -12.49 -8.04 5.47
C ASN A 91 -11.99 -8.68 6.76
N THR A 92 -12.62 -8.39 7.86
CA THR A 92 -12.18 -8.97 9.17
C THR A 92 -12.37 -10.49 9.16
N ALA A 93 -13.37 -10.96 8.46
CA ALA A 93 -13.61 -12.44 8.40
C ALA A 93 -12.41 -13.15 7.78
N LYS A 94 -11.94 -12.65 6.66
CA LYS A 94 -10.77 -13.29 6.00
C LYS A 94 -9.47 -12.59 6.41
N ASP A 95 -9.50 -11.84 7.47
CA ASP A 95 -8.26 -11.14 7.92
C ASP A 95 -7.62 -10.39 6.74
N GLU A 96 -8.33 -9.47 6.15
CA GLU A 96 -7.75 -8.71 5.00
C GLU A 96 -8.29 -7.27 4.99
N ARG A 97 -7.85 -6.47 4.07
CA ARG A 97 -8.33 -5.07 4.00
C ARG A 97 -7.67 -4.33 2.83
N THR A 98 -8.25 -3.26 2.39
CA THR A 98 -7.64 -2.50 1.24
C THR A 98 -7.72 -1.00 1.52
N SER A 99 -6.84 -0.23 0.94
CA SER A 99 -6.86 1.24 1.19
C SER A 99 -6.46 2.01 -0.08
N GLU A 100 -7.12 3.10 -0.36
CA GLU A 100 -6.78 3.90 -1.58
C GLU A 100 -5.79 5.00 -1.21
N PHE A 101 -4.88 5.32 -2.09
CA PHE A 101 -3.89 6.39 -1.79
C PHE A 101 -3.84 7.41 -2.93
N GLU A 102 -3.60 8.66 -2.62
CA GLU A 102 -3.52 9.70 -3.69
C GLU A 102 -2.05 10.03 -3.97
N VAL A 103 -1.67 10.01 -5.21
CA VAL A 103 -0.24 10.32 -5.55
C VAL A 103 -0.12 10.97 -6.92
N SER A 104 0.73 11.96 -7.06
CA SER A 104 0.91 12.61 -8.38
C SER A 104 1.47 11.58 -9.35
N LYS A 105 0.64 11.04 -10.21
CA LYS A 105 1.13 10.00 -11.15
C LYS A 105 1.76 8.85 -10.34
N LEU A 106 2.09 7.77 -10.97
CA LEU A 106 2.69 6.63 -10.22
C LEU A 106 3.67 5.85 -11.09
N ASN A 107 4.85 6.39 -11.28
CA ASN A 107 5.89 5.71 -12.11
C ASN A 107 7.27 5.99 -11.55
N GLY A 108 7.55 5.53 -10.35
CA GLY A 108 8.90 5.79 -9.76
C GLY A 108 8.85 5.55 -8.24
N LYS A 109 9.90 5.89 -7.55
CA LYS A 109 9.92 5.69 -6.07
C LYS A 109 9.21 6.84 -5.36
N ILE A 110 8.46 6.55 -4.33
CA ILE A 110 7.75 7.62 -3.59
C ILE A 110 7.89 7.38 -2.08
N ASP A 111 7.88 8.44 -1.31
CA ASP A 111 8.02 8.27 0.17
C ASP A 111 6.70 7.78 0.77
N GLY A 112 6.74 6.71 1.53
CA GLY A 112 5.49 6.19 2.14
C GLY A 112 5.72 5.91 3.63
N LYS A 113 4.67 5.65 4.36
CA LYS A 113 4.83 5.36 5.81
C LYS A 113 3.78 4.35 6.27
N ILE A 114 4.00 3.69 7.37
CA ILE A 114 3.00 2.70 7.85
C ILE A 114 3.17 2.46 9.36
N ASP A 115 2.08 2.26 10.06
CA ASP A 115 2.17 2.01 11.51
C ASP A 115 1.88 0.53 11.79
N VAL A 116 2.28 0.02 12.92
CA VAL A 116 2.03 -1.41 13.21
C VAL A 116 1.52 -1.59 14.64
N TYR A 117 0.70 -2.59 14.86
CA TYR A 117 0.17 -2.82 16.24
C TYR A 117 -0.13 -4.31 16.43
N ILE A 118 0.67 -5.00 17.20
CA ILE A 118 0.42 -6.45 17.41
C ILE A 118 0.56 -6.81 18.89
N ASP A 119 -0.11 -7.84 19.32
CA ASP A 119 -0.02 -8.24 20.75
C ASP A 119 -0.46 -9.70 20.90
N GLU A 120 0.46 -10.60 21.01
CA GLU A 120 0.09 -12.04 21.14
C GLU A 120 1.33 -12.89 21.43
N LYS A 121 1.21 -14.19 21.28
CA LYS A 121 2.38 -15.07 21.54
C LYS A 121 3.13 -15.39 20.24
N VAL A 122 4.32 -15.91 20.36
CA VAL A 122 5.12 -16.25 19.15
C VAL A 122 6.17 -17.30 19.53
N ASN A 123 5.86 -18.55 19.34
CA ASN A 123 6.83 -19.62 19.71
C ASN A 123 7.04 -19.63 21.22
N GLY A 124 6.04 -19.25 21.97
CA GLY A 124 6.17 -19.23 23.45
C GLY A 124 6.85 -17.94 23.88
N LYS A 125 6.53 -16.84 23.26
CA LYS A 125 7.16 -15.54 23.64
C LYS A 125 6.18 -14.39 23.44
N PRO A 126 5.68 -13.87 24.53
CA PRO A 126 4.72 -12.74 24.45
C PRO A 126 5.27 -11.65 23.51
N PHE A 127 4.62 -11.42 22.41
CA PHE A 127 5.11 -10.39 21.46
C PHE A 127 4.36 -9.07 21.68
N LYS A 128 5.05 -7.97 21.57
CA LYS A 128 4.39 -6.64 21.76
C LYS A 128 4.84 -5.68 20.66
N TYR A 129 4.02 -5.51 19.65
CA TYR A 129 4.40 -4.59 18.54
C TYR A 129 3.47 -3.37 18.52
N ASP A 130 4.02 -2.20 18.59
CA ASP A 130 3.15 -0.98 18.58
C ASP A 130 4.02 0.27 18.42
N HIS A 131 4.36 0.62 17.21
CA HIS A 131 5.22 1.83 17.01
C HIS A 131 4.98 2.42 15.62
N HIS A 132 5.86 3.29 15.18
CA HIS A 132 5.70 3.90 13.83
C HIS A 132 6.88 3.51 12.95
N TYR A 133 6.69 3.46 11.66
CA TYR A 133 7.82 3.09 10.75
C TYR A 133 7.59 3.67 9.36
N ASN A 134 8.49 3.41 8.44
CA ASN A 134 8.32 3.94 7.06
C ASN A 134 8.96 2.99 6.05
N ILE A 135 8.65 3.16 4.79
CA ILE A 135 9.25 2.26 3.77
C ILE A 135 9.24 2.95 2.40
N THR A 136 9.85 2.34 1.42
CA THR A 136 9.90 2.95 0.07
C THR A 136 8.72 2.44 -0.79
N TYR A 137 8.41 3.13 -1.85
CA TYR A 137 7.28 2.69 -2.72
C TYR A 137 7.59 3.01 -4.19
N LYS A 138 7.86 2.00 -4.97
CA LYS A 138 8.18 2.25 -6.41
C LYS A 138 6.98 1.91 -7.30
N PHE A 139 6.35 2.90 -7.87
CA PHE A 139 5.17 2.65 -8.74
C PHE A 139 5.62 2.47 -10.20
N ASN A 140 4.84 1.81 -11.00
CA ASN A 140 5.24 1.61 -12.43
C ASN A 140 4.03 1.78 -13.35
N GLY A 141 3.88 2.94 -13.93
CA GLY A 141 2.73 3.19 -14.84
C GLY A 141 3.07 4.35 -15.79
N PRO A 142 2.05 5.11 -16.14
CA PRO A 142 2.24 6.25 -17.06
C PRO A 142 2.98 7.40 -16.35
N THR A 143 3.70 8.19 -17.09
CA THR A 143 4.44 9.33 -16.47
C THR A 143 3.57 10.59 -16.48
N ASP A 144 2.63 10.67 -17.38
CA ASP A 144 1.74 11.86 -17.44
C ASP A 144 0.52 11.56 -18.31
N VAL A 145 0.68 11.62 -19.60
CA VAL A 145 -0.48 11.33 -20.51
C VAL A 145 -1.64 12.27 -20.19
N ALA A 146 -1.35 13.49 -19.84
CA ALA A 146 -2.45 14.46 -19.53
C ALA A 146 -3.02 15.04 -20.82
N GLY A 147 -2.18 15.43 -21.73
CA GLY A 147 -2.67 16.01 -23.02
C GLY A 147 -2.88 14.89 -24.04
ZN ZNH B . 8.08 -5.46 11.37
CHA ZNH B . 10.84 -3.62 11.85
CHB ZNH B . 9.08 -7.51 13.87
CHC ZNH B . 5.50 -7.21 10.91
CHD ZNH B . 7.16 -3.36 8.87
NA ZNH B . 9.56 -5.53 12.53
C1A ZNH B . 10.68 -4.66 12.61
C2A ZNH B . 11.52 -5.08 13.61
C3A ZNH B . 11.03 -6.17 14.17
C4A ZNH B . 9.84 -6.48 13.55
CMA ZNH B . 11.66 -6.94 15.29
CAA ZNH B . 12.82 -4.42 13.99
CBA ZNH B . 12.61 -3.59 15.26
CGA ZNH B . 13.52 -2.38 15.23
O1A ZNH B . 13.51 -1.64 14.28
O2A ZNH B . 14.34 -2.13 16.26
NB ZNH B . 7.43 -7.05 12.24
C1B ZNH B . 7.94 -7.81 13.27
C2B ZNH B . 7.11 -8.87 13.56
C3B ZNH B . 6.06 -8.82 12.75
C4B ZNH B . 6.24 -7.65 11.87
CMB ZNH B . 7.35 -9.91 14.63
CAB ZNH B . 4.94 -9.80 12.74
CBB ZNH B . 3.70 -9.41 12.47
NC ZNH B . 6.61 -5.29 10.14
C1C ZNH B . 5.55 -6.20 10.12
C2C ZNH B . 4.68 -5.79 9.14
C3C ZNH B . 5.14 -4.69 8.53
C4C ZNH B . 6.34 -4.34 9.12
CMC ZNH B . 3.38 -6.49 8.81
CAC ZNH B . 4.48 -3.97 7.43
CBC ZNH B . 3.37 -3.28 7.65
ND ZNH B . 8.81 -3.90 10.57
C1D ZNH B . 8.28 -3.15 9.54
C2D ZNH B . 9.15 -2.03 9.24
C3D ZNH B . 10.18 -2.09 10.05
C4D ZNH B . 9.99 -3.25 10.89
CMD ZNH B . 8.92 -0.99 8.18
CAD ZNH B . 11.35 -1.14 10.10
CBD ZNH B . 12.59 -1.82 9.52
CGD ZNH B . 13.72 -1.71 10.51
O1D ZNH B . 14.20 -0.63 10.76
O2D ZNH B . 14.20 -2.81 11.10
HHA ZNH B . 11.74 -3.01 11.99
HHB ZNH B . 9.42 -8.16 14.68
HHC ZNH B . 4.61 -7.80 10.75
HHD ZNH B . 6.89 -2.66 8.08
HMA1 ZNH B . 11.36 -7.99 15.23
HMA2 ZNH B . 11.34 -6.52 16.24
HMA3 ZNH B . 12.75 -6.87 15.22
HAA1 ZNH B . 13.16 -3.77 13.18
HAA2 ZNH B . 13.58 -5.18 14.18
HBA1 ZNH B . 12.84 -4.20 16.13
HBA2 ZNH B . 11.57 -3.26 15.30
HMB1 ZNH B . 6.39 -10.30 14.98
HMB2 ZNH B . 7.88 -9.46 15.47
HMB3 ZNH B . 7.94 -10.72 14.21
HAB ZNH B . 5.11 -10.78 13.17
HBB1 ZNH B . 2.87 -10.08 12.68
HBB2 ZNH B . 3.50 -8.36 12.26
HMC1 ZNH B . 2.87 -6.76 9.73
HMC2 ZNH B . 3.59 -7.40 8.24
HMC3 ZNH B . 2.75 -5.82 8.22
HAC ZNH B . 4.89 -4.03 6.42
HBC1 ZNH B . 2.86 -2.78 6.83
HBC2 ZNH B . 2.94 -3.25 8.66
HMD1 ZNH B . 7.87 -0.70 8.18
HMD2 ZNH B . 9.18 -1.40 7.20
HMD3 ZNH B . 9.54 -0.11 8.38
HAD1 ZNH B . 11.11 -0.25 9.51
HAD2 ZNH B . 11.54 -0.85 11.13
HBD1 ZNH B . 12.87 -1.33 8.59
HBD2 ZNH B . 12.37 -2.87 9.33
N SER A 22 -21.82 5.59 -19.27
CA SER A 22 -20.46 5.03 -19.01
C SER A 22 -20.01 4.17 -20.19
N ALA A 23 -19.41 4.78 -21.18
CA ALA A 23 -18.94 4.00 -22.36
C ALA A 23 -17.42 3.86 -22.34
N ASN A 24 -16.93 2.68 -22.03
CA ASN A 24 -15.46 2.48 -22.00
C ASN A 24 -14.82 3.38 -20.93
N ALA A 25 -15.60 3.78 -19.96
CA ALA A 25 -15.04 4.65 -18.88
C ALA A 25 -14.43 3.80 -17.77
N ALA A 26 -13.39 3.08 -18.06
CA ALA A 26 -12.75 2.23 -17.01
C ALA A 26 -11.97 3.09 -16.02
N ASP A 27 -10.97 3.79 -16.49
CA ASP A 27 -10.17 4.66 -15.56
C ASP A 27 -9.61 3.82 -14.42
N SER A 28 -9.39 2.55 -14.63
CA SER A 28 -8.86 1.69 -13.54
C SER A 28 -8.20 0.43 -14.11
N GLY A 29 -7.34 -0.18 -13.35
CA GLY A 29 -6.66 -1.42 -13.83
C GLY A 29 -5.56 -1.81 -12.85
N THR A 30 -4.97 -2.96 -13.03
CA THR A 30 -3.88 -3.40 -12.10
C THR A 30 -2.53 -2.89 -12.59
N LEU A 31 -1.97 -1.93 -11.90
CA LEU A 31 -0.65 -1.37 -12.31
C LEU A 31 0.47 -2.09 -11.56
N ASN A 32 1.64 -2.16 -12.13
CA ASN A 32 2.77 -2.85 -11.43
C ASN A 32 3.38 -1.92 -10.36
N TYR A 33 3.72 -2.46 -9.22
CA TYR A 33 4.33 -1.62 -8.15
C TYR A 33 4.96 -2.51 -7.08
N GLU A 34 5.86 -1.97 -6.31
CA GLU A 34 6.51 -2.78 -5.24
C GLU A 34 7.02 -1.85 -4.14
N VAL A 35 7.77 -2.37 -3.21
CA VAL A 35 8.30 -1.50 -2.12
C VAL A 35 9.74 -1.91 -1.77
N TYR A 36 10.40 -1.14 -0.95
CA TYR A 36 11.79 -1.47 -0.58
C TYR A 36 12.07 -1.03 0.86
N LYS A 37 13.04 -1.63 1.49
CA LYS A 37 13.37 -1.24 2.90
C LYS A 37 13.93 0.18 2.94
N TYR A 38 13.54 0.95 3.93
CA TYR A 38 14.05 2.35 4.02
C TYR A 38 15.56 2.33 4.25
N ASN A 39 16.26 3.31 3.73
CA ASN A 39 17.74 3.36 3.89
C ASN A 39 18.43 2.25 3.07
N THR A 40 17.67 1.50 2.31
CA THR A 40 18.28 0.42 1.49
C THR A 40 17.65 0.41 0.09
N ASN A 41 18.08 -0.47 -0.76
CA ASN A 41 17.50 -0.53 -2.14
C ASN A 41 16.77 -1.87 -2.35
N ASP A 42 16.54 -2.61 -1.30
CA ASP A 42 15.84 -3.91 -1.46
C ASP A 42 14.76 -4.08 -0.38
N THR A 43 13.66 -4.68 -0.73
CA THR A 43 12.57 -4.88 0.27
C THR A 43 12.98 -5.99 1.24
N SER A 44 12.70 -5.82 2.51
CA SER A 44 13.11 -6.88 3.49
C SER A 44 11.96 -7.31 4.38
N ILE A 45 10.91 -6.55 4.47
CA ILE A 45 9.76 -6.96 5.35
C ILE A 45 8.43 -6.69 4.64
N ALA A 46 8.04 -5.45 4.56
CA ALA A 46 6.75 -5.09 3.91
C ALA A 46 6.57 -5.84 2.58
N ASN A 47 7.65 -6.21 1.95
CA ASN A 47 7.53 -6.94 0.64
C ASN A 47 6.75 -8.25 0.82
N ASP A 48 6.61 -8.71 2.03
CA ASP A 48 5.88 -9.99 2.26
C ASP A 48 4.46 -9.73 2.77
N TYR A 49 3.98 -8.52 2.66
CA TYR A 49 2.59 -8.23 3.16
C TYR A 49 1.78 -7.43 2.14
N PHE A 50 2.29 -7.24 0.95
CA PHE A 50 1.51 -6.47 -0.07
C PHE A 50 1.15 -7.38 -1.26
N ASN A 51 -0.12 -7.61 -1.45
CA ASN A 51 -0.56 -8.48 -2.58
C ASN A 51 -0.44 -7.73 -3.91
N LYS A 52 0.53 -8.07 -4.72
CA LYS A 52 0.69 -7.38 -6.02
C LYS A 52 -0.01 -8.17 -7.13
N PRO A 53 -0.28 -7.50 -8.22
CA PRO A 53 0.05 -6.06 -8.35
C PRO A 53 -0.99 -5.18 -7.65
N ALA A 54 -0.88 -3.89 -7.77
CA ALA A 54 -1.86 -2.98 -7.12
C ALA A 54 -2.86 -2.46 -8.15
N LYS A 55 -3.96 -1.91 -7.72
CA LYS A 55 -4.97 -1.40 -8.69
C LYS A 55 -4.93 0.13 -8.77
N TYR A 56 -4.62 0.67 -9.91
CA TYR A 56 -4.57 2.16 -10.06
C TYR A 56 -5.87 2.66 -10.69
N ILE A 57 -6.14 3.93 -10.64
CA ILE A 57 -7.40 4.45 -11.24
C ILE A 57 -7.27 5.93 -11.62
N LYS A 58 -7.49 6.26 -12.87
CA LYS A 58 -7.37 7.68 -13.30
C LYS A 58 -8.47 8.02 -14.30
N LYS A 59 -9.16 9.11 -14.10
CA LYS A 59 -10.25 9.50 -15.04
C LYS A 59 -9.86 10.76 -15.83
N ASN A 60 -8.81 10.68 -16.60
CA ASN A 60 -8.37 11.87 -17.41
C ASN A 60 -8.28 13.13 -16.54
N GLY A 61 -7.09 13.50 -16.15
CA GLY A 61 -6.93 14.72 -15.31
C GLY A 61 -6.75 14.33 -13.83
N LYS A 62 -7.12 13.13 -13.47
CA LYS A 62 -6.97 12.70 -12.06
C LYS A 62 -6.50 11.24 -11.99
N LEU A 63 -5.94 10.84 -10.89
CA LEU A 63 -5.48 9.43 -10.76
C LEU A 63 -5.25 9.04 -9.31
N TYR A 64 -5.53 7.82 -8.97
CA TYR A 64 -5.33 7.36 -7.56
C TYR A 64 -4.80 5.92 -7.57
N VAL A 65 -4.95 5.23 -6.48
CA VAL A 65 -4.47 3.82 -6.44
C VAL A 65 -4.98 3.13 -5.17
N GLN A 66 -4.89 1.83 -5.13
CA GLN A 66 -5.35 1.09 -3.93
C GLN A 66 -4.40 -0.06 -3.61
N ILE A 67 -4.02 -0.21 -2.37
CA ILE A 67 -3.08 -1.30 -2.00
C ILE A 67 -3.82 -2.33 -1.14
N THR A 68 -3.55 -3.59 -1.34
CA THR A 68 -4.23 -4.64 -0.53
C THR A 68 -3.42 -4.92 0.73
N VAL A 69 -4.06 -4.99 1.86
CA VAL A 69 -3.33 -5.25 3.13
C VAL A 69 -3.51 -6.71 3.55
N ASN A 70 -2.43 -7.41 3.79
CA ASN A 70 -2.53 -8.83 4.21
C ASN A 70 -2.38 -8.95 5.73
N HIS A 71 -3.30 -9.59 6.38
CA HIS A 71 -3.21 -9.74 7.86
C HIS A 71 -3.29 -8.36 8.53
N SER A 72 -4.44 -7.75 8.48
CA SER A 72 -4.59 -6.40 9.10
C SER A 72 -4.24 -6.44 10.59
N HIS A 73 -4.40 -7.58 11.21
CA HIS A 73 -4.06 -7.69 12.66
C HIS A 73 -2.61 -7.27 12.91
N TRP A 74 -1.72 -7.63 12.04
CA TRP A 74 -0.28 -7.26 12.23
C TRP A 74 -0.05 -5.82 11.76
N ILE A 75 -0.44 -5.51 10.55
CA ILE A 75 -0.23 -4.13 10.03
C ILE A 75 -1.44 -3.26 10.40
N THR A 76 -1.21 -2.18 11.09
CA THR A 76 -2.36 -1.31 11.49
C THR A 76 -2.69 -0.28 10.39
N GLY A 77 -1.72 0.13 9.62
CA GLY A 77 -2.03 1.13 8.55
C GLY A 77 -0.80 1.41 7.70
N MET A 78 -0.96 2.20 6.65
CA MET A 78 0.19 2.53 5.77
C MET A 78 -0.04 3.90 5.12
N SER A 79 0.72 4.88 5.49
CA SER A 79 0.55 6.24 4.89
C SER A 79 1.35 6.35 3.59
N ILE A 80 0.96 7.26 2.73
CA ILE A 80 1.69 7.42 1.45
C ILE A 80 1.57 8.87 0.97
N GLU A 81 2.55 9.36 0.26
CA GLU A 81 2.49 10.76 -0.23
C GLU A 81 2.41 11.76 0.95
N GLY A 82 2.70 11.30 2.15
CA GLY A 82 2.67 12.22 3.32
C GLY A 82 1.24 12.33 3.89
N HIS A 83 0.39 11.38 3.60
CA HIS A 83 -1.00 11.46 4.15
C HIS A 83 -1.47 10.09 4.65
N LYS A 84 -2.47 10.06 5.47
CA LYS A 84 -2.98 8.76 6.01
C LYS A 84 -3.72 7.98 4.93
N GLU A 85 -4.12 6.77 5.23
CA GLU A 85 -4.86 5.96 4.22
C GLU A 85 -6.37 6.01 4.49
N ASN A 86 -7.16 5.56 3.55
CA ASN A 86 -8.64 5.59 3.75
C ASN A 86 -9.19 4.16 3.71
N ILE A 87 -10.07 3.83 4.63
CA ILE A 87 -10.64 2.45 4.62
C ILE A 87 -11.54 2.28 3.41
N ILE A 88 -11.05 1.63 2.38
CA ILE A 88 -11.86 1.45 1.15
C ILE A 88 -12.54 0.07 1.16
N SER A 89 -11.98 -0.87 1.86
CA SER A 89 -12.61 -2.22 1.89
C SER A 89 -11.97 -3.07 2.99
N LYS A 90 -12.56 -3.10 4.14
CA LYS A 90 -11.99 -3.91 5.26
C LYS A 90 -12.68 -5.28 5.33
N ASN A 91 -11.95 -6.30 5.66
CA ASN A 91 -12.57 -7.66 5.74
C ASN A 91 -11.97 -8.45 6.91
N THR A 92 -12.59 -8.40 8.05
CA THR A 92 -12.07 -9.16 9.22
C THR A 92 -12.39 -10.65 9.09
N ALA A 93 -13.30 -11.00 8.23
CA ALA A 93 -13.65 -12.43 8.06
C ALA A 93 -12.45 -13.23 7.56
N LYS A 94 -11.55 -12.60 6.85
CA LYS A 94 -10.36 -13.34 6.34
C LYS A 94 -9.08 -12.50 6.54
N ASP A 95 -9.09 -11.61 7.49
CA ASP A 95 -7.88 -10.77 7.74
C ASP A 95 -7.44 -10.10 6.43
N GLU A 96 -8.18 -9.15 5.95
CA GLU A 96 -7.79 -8.46 4.69
C GLU A 96 -8.25 -7.00 4.73
N ARG A 97 -7.67 -6.17 3.90
CA ARG A 97 -8.07 -4.74 3.90
C ARG A 97 -7.47 -4.02 2.69
N THR A 98 -7.99 -2.87 2.36
CA THR A 98 -7.46 -2.11 1.20
C THR A 98 -7.48 -0.61 1.52
N SER A 99 -6.68 0.17 0.86
CA SER A 99 -6.66 1.63 1.17
C SER A 99 -6.45 2.44 -0.12
N GLU A 100 -7.19 3.51 -0.28
CA GLU A 100 -7.03 4.36 -1.50
C GLU A 100 -6.03 5.49 -1.23
N PHE A 101 -5.15 5.75 -2.16
CA PHE A 101 -4.16 6.84 -1.94
C PHE A 101 -4.12 7.79 -3.14
N GLU A 102 -3.91 9.06 -2.89
CA GLU A 102 -3.84 10.04 -4.01
C GLU A 102 -2.37 10.37 -4.29
N VAL A 103 -1.94 10.27 -5.52
CA VAL A 103 -0.52 10.56 -5.82
C VAL A 103 -0.36 11.14 -7.22
N SER A 104 0.77 11.75 -7.50
CA SER A 104 0.98 12.31 -8.86
C SER A 104 1.25 11.16 -9.83
N LYS A 105 0.33 10.89 -10.71
CA LYS A 105 0.52 9.75 -11.65
C LYS A 105 0.95 8.50 -10.89
N LEU A 106 1.54 7.55 -11.54
CA LEU A 106 1.97 6.32 -10.82
C LEU A 106 3.20 5.69 -11.49
N ASN A 107 4.28 6.41 -11.55
CA ASN A 107 5.52 5.86 -12.17
C ASN A 107 6.75 6.40 -11.43
N GLY A 108 7.11 5.81 -10.32
CA GLY A 108 8.30 6.31 -9.57
C GLY A 108 8.20 5.89 -8.10
N LYS A 109 9.25 6.09 -7.35
CA LYS A 109 9.22 5.71 -5.91
C LYS A 109 8.56 6.81 -5.07
N ILE A 110 7.87 6.44 -4.04
CA ILE A 110 7.19 7.46 -3.18
C ILE A 110 7.34 7.09 -1.71
N ASP A 111 7.38 8.05 -0.84
CA ASP A 111 7.52 7.74 0.62
C ASP A 111 6.19 7.25 1.19
N GLY A 112 6.26 6.30 2.10
CA GLY A 112 5.00 5.77 2.70
C GLY A 112 5.28 5.35 4.14
N LYS A 113 4.49 5.83 5.07
CA LYS A 113 4.71 5.45 6.49
C LYS A 113 3.82 4.25 6.86
N ILE A 114 4.06 3.65 7.99
CA ILE A 114 3.20 2.49 8.38
C ILE A 114 3.26 2.26 9.89
N ASP A 115 2.13 2.06 10.50
CA ASP A 115 2.12 1.80 11.96
C ASP A 115 1.78 0.32 12.18
N VAL A 116 2.04 -0.20 13.35
CA VAL A 116 1.73 -1.64 13.59
C VAL A 116 1.25 -1.86 15.03
N TYR A 117 0.45 -2.87 15.26
CA TYR A 117 -0.06 -3.13 16.63
C TYR A 117 -0.33 -4.63 16.83
N ILE A 118 0.42 -5.27 17.69
CA ILE A 118 0.22 -6.72 17.95
C ILE A 118 0.33 -7.02 19.44
N ASP A 119 -0.32 -8.06 19.90
CA ASP A 119 -0.25 -8.40 21.35
C ASP A 119 -0.60 -9.87 21.57
N GLU A 120 0.39 -10.71 21.67
CA GLU A 120 0.11 -12.17 21.89
C GLU A 120 1.42 -12.92 22.12
N LYS A 121 1.37 -14.23 22.14
CA LYS A 121 2.62 -15.01 22.37
C LYS A 121 3.04 -15.72 21.08
N VAL A 122 4.14 -15.31 20.50
CA VAL A 122 4.59 -15.97 19.23
C VAL A 122 5.25 -17.32 19.55
N ASN A 123 4.59 -18.40 19.23
CA ASN A 123 5.17 -19.75 19.50
C ASN A 123 5.68 -19.83 20.94
N GLY A 124 4.97 -19.23 21.86
CA GLY A 124 5.41 -19.29 23.29
C GLY A 124 6.28 -18.08 23.59
N LYS A 125 5.94 -16.94 23.07
CA LYS A 125 6.76 -15.71 23.34
C LYS A 125 5.83 -14.48 23.42
N PRO A 126 5.39 -14.21 24.62
CA PRO A 126 4.48 -13.05 24.84
C PRO A 126 5.18 -11.74 24.50
N PHE A 127 4.64 -10.99 23.59
CA PHE A 127 5.28 -9.69 23.20
C PHE A 127 4.20 -8.67 22.83
N LYS A 128 4.56 -7.42 22.74
CA LYS A 128 3.54 -6.39 22.39
C LYS A 128 4.11 -5.42 21.35
N TYR A 129 3.52 -5.37 20.18
CA TYR A 129 4.01 -4.45 19.13
C TYR A 129 3.10 -3.22 19.04
N ASP A 130 3.66 -2.05 18.96
CA ASP A 130 2.81 -0.82 18.87
C ASP A 130 3.70 0.41 18.63
N HIS A 131 4.05 0.67 17.41
CA HIS A 131 4.90 1.86 17.12
C HIS A 131 4.67 2.36 15.70
N HIS A 132 5.58 3.14 15.19
CA HIS A 132 5.43 3.67 13.80
C HIS A 132 6.60 3.22 12.94
N TYR A 133 6.42 3.19 11.65
CA TYR A 133 7.54 2.76 10.75
C TYR A 133 7.34 3.36 9.36
N ASN A 134 8.23 3.06 8.44
CA ASN A 134 8.08 3.62 7.07
C ASN A 134 8.70 2.66 6.04
N ILE A 135 8.39 2.87 4.79
CA ILE A 135 8.95 1.99 3.72
C ILE A 135 8.97 2.73 2.39
N THR A 136 9.77 2.29 1.46
CA THR A 136 9.85 2.98 0.14
C THR A 136 8.86 2.35 -0.85
N TYR A 137 7.94 3.12 -1.35
CA TYR A 137 6.95 2.56 -2.33
C TYR A 137 7.48 2.74 -3.75
N LYS A 138 6.89 2.07 -4.70
CA LYS A 138 7.36 2.20 -6.11
C LYS A 138 6.25 1.80 -7.09
N PHE A 139 5.63 2.76 -7.71
CA PHE A 139 4.54 2.44 -8.68
C PHE A 139 5.12 2.32 -10.10
N ASN A 140 4.47 1.57 -10.94
CA ASN A 140 4.98 1.41 -12.34
C ASN A 140 3.82 1.37 -13.33
N GLY A 141 3.51 2.49 -13.94
CA GLY A 141 2.39 2.52 -14.93
C GLY A 141 2.65 3.60 -15.97
N PRO A 142 1.60 4.14 -16.52
CA PRO A 142 1.73 5.20 -17.54
C PRO A 142 2.49 6.40 -16.96
N THR A 143 2.72 7.41 -17.76
CA THR A 143 3.45 8.61 -17.26
C THR A 143 2.96 9.86 -17.99
N ASP A 144 3.10 9.90 -19.29
CA ASP A 144 2.63 11.09 -20.06
C ASP A 144 1.15 10.94 -20.41
N VAL A 145 0.82 9.95 -21.20
CA VAL A 145 -0.61 9.75 -21.58
C VAL A 145 -1.17 11.02 -22.23
N ALA A 146 -0.54 11.50 -23.27
CA ALA A 146 -1.03 12.73 -23.94
C ALA A 146 -2.17 12.39 -24.90
N GLY A 147 -2.23 11.16 -25.35
CA GLY A 147 -3.31 10.76 -26.29
C GLY A 147 -2.96 11.24 -27.71
ZN ZNH B . 8.22 -5.16 11.89
CHA ZNH B . 11.03 -3.33 11.93
CHB ZNH B . 9.24 -6.67 14.75
CHC ZNH B . 5.60 -6.90 11.85
CHD ZNH B . 7.30 -3.61 9.04
NA ZNH B . 9.73 -5.03 13.03
C1A ZNH B . 10.87 -4.18 12.91
C2A ZNH B . 11.73 -4.40 13.94
C3A ZNH B . 11.22 -5.33 14.73
C4A ZNH B . 10.01 -5.74 14.22
CMA ZNH B . 11.86 -5.86 15.99
CAA ZNH B . 13.05 -3.70 14.17
CBA ZNH B . 12.82 -2.44 15.00
CGA ZNH B . 14.15 -1.81 15.31
O1A ZNH B . 14.65 -1.04 14.52
O2A ZNH B . 14.78 -2.10 16.46
NB ZNH B . 7.56 -6.52 13.09
C1B ZNH B . 8.08 -7.06 14.25
C2B ZNH B . 7.24 -8.01 14.78
C3B ZNH B . 6.17 -8.10 14.00
C4B ZNH B . 6.36 -7.16 12.88
CMB ZNH B . 7.48 -8.80 16.04
CAB ZNH B . 5.04 -9.04 14.21
CBB ZNH B . 3.81 -8.70 13.88
NC ZNH B . 6.75 -5.22 10.68
C1C ZNH B . 5.66 -6.09 10.86
C2C ZNH B . 4.77 -5.88 9.84
C3C ZNH B . 5.25 -4.93 9.01
C4C ZNH B . 6.47 -4.50 9.49
CMC ZNH B . 3.46 -6.60 9.68
CAC ZNH B . 4.58 -4.44 7.78
CBC ZNH B . 4.31 -5.29 6.80
ND ZNH B . 8.97 -3.82 10.78
C1D ZNH B . 8.44 -3.29 9.61
C2D ZNH B . 9.33 -2.29 9.08
C3D ZNH B . 10.37 -2.20 9.87
C4D ZNH B . 10.17 -3.14 10.94
CMD ZNH B . 9.09 -1.49 7.82
CAD ZNH B . 11.55 -1.28 9.69
CBD ZNH B . 11.16 0.14 10.08
CGD ZNH B . 11.92 1.13 9.25
O1D ZNH B . 12.24 2.20 9.71
O2D ZNH B . 12.27 0.82 7.99
HHA ZNH B . 11.95 -2.73 11.92
HHB ZNH B . 9.59 -7.14 15.67
HHC ZNH B . 4.70 -7.50 11.84
HHD ZNH B . 7.03 -3.09 8.11
HMA1 ZNH B . 11.09 -6.07 16.73
HMA2 ZNH B . 12.55 -5.12 16.39
HMA3 ZNH B . 12.40 -6.78 15.77
HAA1 ZNH B . 13.48 -3.44 13.20
HAA2 ZNH B . 13.73 -4.37 14.69
HBA1 ZNH B . 12.32 -2.71 15.93
HBA2 ZNH B . 12.21 -1.73 14.43
HMB1 ZNH B . 6.78 -9.63 16.08
HMB2 ZNH B . 7.34 -8.16 16.90
HMB3 ZNH B . 8.50 -9.19 16.03
HAB ZNH B . 5.19 -9.89 14.88
HBB1 ZNH B . 2.97 -9.28 14.27
HBB2 ZNH B . 3.62 -7.73 13.43
HMC1 ZNH B . 2.98 -6.71 10.66
HMC2 ZNH B . 3.64 -7.58 9.24
HMC3 ZNH B . 2.81 -6.02 9.02
HAC ZNH B . 4.33 -3.39 7.69
HBC1 ZNH B . 3.82 -4.92 5.89
HBC2 ZNH B . 4.57 -6.34 6.89
HMD1 ZNH B . 8.07 -1.12 7.80
HMD2 ZNH B . 9.28 -2.11 6.95
HMD3 ZNH B . 9.77 -0.63 7.80
HAD1 ZNH B . 12.37 -1.62 10.32
HAD2 ZNH B . 11.86 -1.30 8.65
HBD1 ZNH B . 11.39 0.30 11.14
HBD2 ZNH B . 10.09 0.28 9.93
N SER A 22 -19.92 5.65 -16.07
CA SER A 22 -21.12 4.86 -16.46
C SER A 22 -21.24 4.82 -18.00
N ALA A 23 -20.16 5.04 -18.69
CA ALA A 23 -20.22 5.02 -20.18
C ALA A 23 -18.83 4.79 -20.76
N ASN A 24 -18.37 3.57 -20.77
CA ASN A 24 -17.01 3.28 -21.31
C ASN A 24 -15.96 4.01 -20.49
N ALA A 25 -16.26 4.34 -19.27
CA ALA A 25 -15.28 5.06 -18.42
C ALA A 25 -14.55 4.06 -17.50
N ALA A 26 -13.45 3.53 -17.96
CA ALA A 26 -12.70 2.56 -17.10
C ALA A 26 -11.97 3.31 -15.98
N ASP A 27 -10.92 4.00 -16.30
CA ASP A 27 -10.18 4.77 -15.24
C ASP A 27 -9.82 3.84 -14.09
N SER A 28 -9.65 2.57 -14.34
CA SER A 28 -9.31 1.65 -13.22
C SER A 28 -8.66 0.36 -13.76
N GLY A 29 -7.80 -0.24 -12.98
CA GLY A 29 -7.14 -1.50 -13.44
C GLY A 29 -6.13 -1.95 -12.38
N THR A 30 -4.96 -2.36 -12.80
CA THR A 30 -3.94 -2.82 -11.82
C THR A 30 -2.53 -2.53 -12.35
N LEU A 31 -1.84 -1.60 -11.74
CA LEU A 31 -0.47 -1.28 -12.21
C LEU A 31 0.57 -2.05 -11.40
N ASN A 32 1.74 -2.25 -11.95
CA ASN A 32 2.80 -2.99 -11.21
C ASN A 32 3.49 -2.06 -10.20
N TYR A 33 3.81 -2.56 -9.04
CA TYR A 33 4.48 -1.70 -8.03
C TYR A 33 5.12 -2.55 -6.94
N GLU A 34 6.02 -1.98 -6.18
CA GLU A 34 6.70 -2.73 -5.10
C GLU A 34 7.19 -1.76 -4.02
N VAL A 35 8.04 -2.21 -3.15
CA VAL A 35 8.56 -1.30 -2.08
C VAL A 35 10.05 -1.56 -1.85
N TYR A 36 10.67 -0.76 -1.02
CA TYR A 36 12.12 -0.95 -0.76
C TYR A 36 12.45 -0.55 0.68
N LYS A 37 13.39 -1.21 1.28
CA LYS A 37 13.76 -0.87 2.68
C LYS A 37 14.39 0.52 2.75
N TYR A 38 13.92 1.36 3.64
CA TYR A 38 14.50 2.72 3.76
C TYR A 38 16.01 2.66 3.90
N ASN A 39 16.71 3.63 3.35
CA ASN A 39 18.21 3.65 3.42
C ASN A 39 18.82 2.59 2.51
N THR A 40 18.02 1.83 1.81
CA THR A 40 18.57 0.78 0.90
C THR A 40 17.82 0.81 -0.43
N ASN A 41 17.93 -0.24 -1.20
CA ASN A 41 17.21 -0.28 -2.51
C ASN A 41 16.53 -1.65 -2.69
N ASP A 42 16.41 -2.42 -1.64
CA ASP A 42 15.76 -3.74 -1.77
C ASP A 42 14.75 -3.98 -0.64
N THR A 43 13.54 -4.35 -0.97
CA THR A 43 12.52 -4.60 0.09
C THR A 43 13.04 -5.68 1.05
N SER A 44 12.87 -5.49 2.32
CA SER A 44 13.38 -6.52 3.28
C SER A 44 12.29 -6.95 4.27
N ILE A 45 11.25 -6.19 4.42
CA ILE A 45 10.18 -6.58 5.38
C ILE A 45 8.79 -6.33 4.78
N ALA A 46 8.41 -5.09 4.67
CA ALA A 46 7.08 -4.74 4.11
C ALA A 46 6.77 -5.55 2.85
N ASN A 47 7.78 -5.97 2.14
CA ASN A 47 7.54 -6.76 0.90
C ASN A 47 6.82 -8.08 1.21
N ASP A 48 6.73 -8.46 2.45
CA ASP A 48 6.05 -9.73 2.79
C ASP A 48 4.62 -9.48 3.28
N TYR A 49 4.11 -8.29 3.07
CA TYR A 49 2.71 -8.00 3.54
C TYR A 49 1.90 -7.26 2.47
N PHE A 50 2.49 -6.95 1.34
CA PHE A 50 1.73 -6.23 0.28
C PHE A 50 1.52 -7.15 -0.93
N ASN A 51 0.34 -7.71 -1.07
CA ASN A 51 0.08 -8.61 -2.22
C ASN A 51 -0.07 -7.79 -3.51
N LYS A 52 0.84 -7.96 -4.44
CA LYS A 52 0.74 -7.20 -5.71
C LYS A 52 0.02 -8.04 -6.77
N PRO A 53 -0.37 -7.40 -7.85
CA PRO A 53 -0.12 -5.96 -8.03
C PRO A 53 -1.20 -5.13 -7.31
N ALA A 54 -1.15 -3.83 -7.46
CA ALA A 54 -2.18 -2.98 -6.79
C ALA A 54 -3.20 -2.50 -7.83
N LYS A 55 -4.35 -2.04 -7.40
CA LYS A 55 -5.38 -1.56 -8.37
C LYS A 55 -5.33 -0.03 -8.49
N TYR A 56 -4.98 0.47 -9.63
CA TYR A 56 -4.91 1.96 -9.79
C TYR A 56 -6.18 2.49 -10.46
N ILE A 57 -6.45 3.76 -10.33
CA ILE A 57 -7.68 4.32 -10.95
C ILE A 57 -7.50 5.81 -11.24
N LYS A 58 -7.77 6.23 -12.45
CA LYS A 58 -7.61 7.68 -12.79
C LYS A 58 -8.78 8.16 -13.64
N LYS A 59 -9.53 9.12 -13.17
CA LYS A 59 -10.69 9.63 -13.95
C LYS A 59 -10.28 10.86 -14.77
N ASN A 60 -9.36 10.70 -15.68
CA ASN A 60 -8.92 11.85 -16.53
C ASN A 60 -8.61 13.09 -15.68
N GLY A 61 -7.35 13.35 -15.44
CA GLY A 61 -6.98 14.55 -14.63
C GLY A 61 -6.65 14.12 -13.19
N LYS A 62 -7.14 12.99 -12.78
CA LYS A 62 -6.85 12.52 -11.39
C LYS A 62 -6.48 11.05 -11.40
N LEU A 63 -5.73 10.60 -10.43
CA LEU A 63 -5.34 9.16 -10.39
C LEU A 63 -4.99 8.71 -8.97
N TYR A 64 -5.47 7.57 -8.59
CA TYR A 64 -5.19 7.04 -7.22
C TYR A 64 -4.99 5.53 -7.29
N VAL A 65 -4.65 4.90 -6.21
CA VAL A 65 -4.45 3.42 -6.26
C VAL A 65 -4.81 2.79 -4.92
N GLN A 66 -5.41 1.63 -4.95
CA GLN A 66 -5.76 0.95 -3.68
C GLN A 66 -4.73 -0.14 -3.38
N ILE A 67 -4.28 -0.22 -2.16
CA ILE A 67 -3.27 -1.25 -1.81
C ILE A 67 -3.90 -2.31 -0.90
N THR A 68 -3.72 -3.56 -1.21
CA THR A 68 -4.32 -4.63 -0.36
C THR A 68 -3.36 -4.99 0.78
N VAL A 69 -3.85 -4.97 1.99
CA VAL A 69 -2.98 -5.31 3.15
C VAL A 69 -3.28 -6.72 3.64
N ASN A 70 -2.28 -7.43 4.08
CA ASN A 70 -2.51 -8.82 4.57
C ASN A 70 -2.59 -8.83 6.10
N HIS A 71 -3.39 -9.70 6.66
CA HIS A 71 -3.51 -9.75 8.14
C HIS A 71 -3.86 -8.38 8.70
N SER A 72 -5.12 -8.02 8.71
CA SER A 72 -5.52 -6.68 9.23
C SER A 72 -4.91 -6.44 10.61
N HIS A 73 -4.74 -7.47 11.39
CA HIS A 73 -4.15 -7.29 12.75
C HIS A 73 -2.66 -6.95 12.64
N TRP A 74 -1.97 -7.60 11.75
CA TRP A 74 -0.50 -7.31 11.58
C TRP A 74 -0.28 -5.85 11.18
N ILE A 75 -0.77 -5.47 10.03
CA ILE A 75 -0.59 -4.05 9.58
C ILE A 75 -1.74 -3.19 10.11
N THR A 76 -1.43 -2.21 10.91
CA THR A 76 -2.50 -1.34 11.48
C THR A 76 -2.83 -0.19 10.53
N GLY A 77 -1.91 0.18 9.67
CA GLY A 77 -2.21 1.31 8.73
C GLY A 77 -0.99 1.58 7.84
N MET A 78 -1.13 2.46 6.88
CA MET A 78 0.01 2.77 5.97
C MET A 78 -0.13 4.19 5.41
N SER A 79 0.76 5.08 5.78
CA SER A 79 0.67 6.47 5.26
C SER A 79 1.37 6.60 3.91
N ILE A 80 1.20 7.70 3.24
CA ILE A 80 1.85 7.87 1.91
C ILE A 80 1.73 9.34 1.45
N GLU A 81 2.75 9.86 0.83
CA GLU A 81 2.70 11.27 0.37
C GLU A 81 2.60 12.24 1.55
N GLY A 82 2.81 11.75 2.75
CA GLY A 82 2.74 12.66 3.94
C GLY A 82 1.29 12.77 4.42
N HIS A 83 0.43 11.86 4.02
CA HIS A 83 -0.99 11.94 4.49
C HIS A 83 -1.50 10.55 4.86
N LYS A 84 -2.55 10.49 5.63
CA LYS A 84 -3.12 9.18 6.04
C LYS A 84 -3.81 8.50 4.86
N GLU A 85 -4.04 7.21 4.94
CA GLU A 85 -4.72 6.50 3.83
C GLU A 85 -6.24 6.48 4.05
N ASN A 86 -6.99 6.11 3.06
CA ASN A 86 -8.47 6.07 3.21
C ASN A 86 -8.97 4.62 3.19
N ILE A 87 -9.83 4.26 4.10
CA ILE A 87 -10.35 2.87 4.11
C ILE A 87 -11.24 2.65 2.86
N ILE A 88 -11.17 1.48 2.28
CA ILE A 88 -12.00 1.23 1.06
C ILE A 88 -12.67 -0.15 1.11
N SER A 89 -12.07 -1.10 1.77
CA SER A 89 -12.68 -2.45 1.83
C SER A 89 -12.00 -3.27 2.93
N LYS A 90 -12.55 -3.27 4.11
CA LYS A 90 -11.94 -4.05 5.22
C LYS A 90 -12.61 -5.41 5.34
N ASN A 91 -11.85 -6.43 5.65
CA ASN A 91 -12.45 -7.78 5.78
C ASN A 91 -11.80 -8.55 6.94
N THR A 92 -12.36 -8.45 8.11
CA THR A 92 -11.78 -9.16 9.28
C THR A 92 -12.00 -10.67 9.15
N ALA A 93 -12.99 -11.07 8.40
CA ALA A 93 -13.26 -12.53 8.24
C ALA A 93 -12.07 -13.20 7.57
N LYS A 94 -11.65 -12.70 6.44
CA LYS A 94 -10.48 -13.33 5.73
C LYS A 94 -9.19 -12.55 6.06
N ASP A 95 -9.22 -11.70 7.05
CA ASP A 95 -7.99 -10.93 7.39
C ASP A 95 -7.47 -10.19 6.16
N GLU A 96 -8.25 -9.29 5.62
CA GLU A 96 -7.79 -8.54 4.41
C GLU A 96 -8.36 -7.11 4.42
N ARG A 97 -7.57 -6.14 4.08
CA ARG A 97 -8.05 -4.74 4.05
C ARG A 97 -7.40 -3.97 2.91
N THR A 98 -7.97 -2.86 2.52
CA THR A 98 -7.37 -2.08 1.39
C THR A 98 -7.50 -0.58 1.66
N SER A 99 -6.66 0.22 1.06
CA SER A 99 -6.74 1.69 1.28
C SER A 99 -6.36 2.45 0.00
N GLU A 100 -6.99 3.56 -0.23
CA GLU A 100 -6.68 4.35 -1.47
C GLU A 100 -5.57 5.37 -1.18
N PHE A 101 -4.70 5.61 -2.12
CA PHE A 101 -3.60 6.59 -1.90
C PHE A 101 -3.53 7.60 -3.05
N GLU A 102 -3.36 8.85 -2.72
CA GLU A 102 -3.26 9.89 -3.80
C GLU A 102 -1.79 10.12 -4.13
N VAL A 103 -1.42 10.02 -5.38
CA VAL A 103 0.01 10.21 -5.76
C VAL A 103 0.12 10.78 -7.18
N SER A 104 1.23 11.40 -7.49
CA SER A 104 1.41 11.95 -8.87
C SER A 104 1.56 10.78 -9.84
N LYS A 105 0.58 10.55 -10.66
CA LYS A 105 0.65 9.41 -11.62
C LYS A 105 1.11 8.14 -10.87
N LEU A 106 1.72 7.20 -11.53
CA LEU A 106 2.15 5.97 -10.83
C LEU A 106 3.39 5.35 -11.49
N ASN A 107 4.47 6.06 -11.51
CA ASN A 107 5.72 5.50 -12.13
C ASN A 107 6.96 6.04 -11.41
N GLY A 108 7.46 5.30 -10.44
CA GLY A 108 8.68 5.78 -9.71
C GLY A 108 8.67 5.26 -8.28
N LYS A 109 8.75 6.14 -7.31
CA LYS A 109 8.75 5.69 -5.89
C LYS A 109 8.28 6.84 -4.99
N ILE A 110 7.67 6.53 -3.89
CA ILE A 110 7.17 7.59 -2.97
C ILE A 110 7.45 7.21 -1.52
N ASP A 111 8.04 8.09 -0.77
CA ASP A 111 8.34 7.78 0.66
C ASP A 111 7.06 7.88 1.50
N GLY A 112 6.80 6.90 2.30
CA GLY A 112 5.58 6.93 3.15
C GLY A 112 5.89 6.32 4.51
N LYS A 113 4.88 5.95 5.25
CA LYS A 113 5.11 5.34 6.59
C LYS A 113 4.03 4.30 6.88
N ILE A 114 4.17 3.56 7.95
CA ILE A 114 3.14 2.54 8.27
C ILE A 114 3.19 2.19 9.76
N ASP A 115 2.05 2.00 10.36
CA ASP A 115 2.02 1.65 11.80
C ASP A 115 1.64 0.17 11.95
N VAL A 116 1.97 -0.43 13.06
CA VAL A 116 1.62 -1.87 13.24
C VAL A 116 1.04 -2.09 14.64
N TYR A 117 0.17 -3.06 14.78
CA TYR A 117 -0.44 -3.32 16.12
C TYR A 117 -0.82 -4.79 16.26
N ILE A 118 -0.07 -5.53 17.03
CA ILE A 118 -0.39 -6.98 17.22
C ILE A 118 -0.24 -7.36 18.70
N ASP A 119 -0.96 -8.35 19.14
CA ASP A 119 -0.86 -8.76 20.57
C ASP A 119 -1.39 -10.19 20.73
N GLU A 120 -0.52 -11.13 20.93
CA GLU A 120 -0.96 -12.54 21.08
C GLU A 120 0.21 -13.43 21.49
N LYS A 121 -0.03 -14.70 21.66
CA LYS A 121 1.07 -15.62 22.07
C LYS A 121 1.86 -16.09 20.85
N VAL A 122 2.95 -15.45 20.54
CA VAL A 122 3.76 -15.87 19.37
C VAL A 122 4.56 -17.13 19.70
N ASN A 123 4.15 -18.25 19.16
CA ASN A 123 4.88 -19.52 19.44
C ASN A 123 4.78 -19.88 20.93
N GLY A 124 3.73 -19.42 21.58
CA GLY A 124 3.57 -19.73 23.03
C GLY A 124 4.28 -18.67 23.87
N LYS A 125 4.28 -17.44 23.41
CA LYS A 125 4.96 -16.36 24.18
C LYS A 125 4.19 -15.04 24.03
N PRO A 126 3.87 -14.43 25.14
CA PRO A 126 3.13 -13.15 25.11
C PRO A 126 3.89 -12.12 24.27
N PHE A 127 3.37 -11.80 23.11
CA PHE A 127 4.08 -10.81 22.24
C PHE A 127 3.22 -9.54 22.08
N LYS A 128 3.83 -8.40 22.02
CA LYS A 128 3.06 -7.14 21.85
C LYS A 128 3.71 -6.24 20.80
N TYR A 129 3.02 -5.96 19.73
CA TYR A 129 3.59 -5.08 18.68
C TYR A 129 2.80 -3.77 18.57
N ASP A 130 3.48 -2.66 18.63
CA ASP A 130 2.76 -1.36 18.54
C ASP A 130 3.76 -0.24 18.25
N HIS A 131 4.12 -0.06 17.00
CA HIS A 131 5.09 1.02 16.66
C HIS A 131 4.90 1.49 15.22
N HIS A 132 5.77 2.32 14.73
CA HIS A 132 5.65 2.81 13.33
C HIS A 132 6.93 2.47 12.55
N TYR A 133 6.87 2.49 11.25
CA TYR A 133 8.08 2.16 10.44
C TYR A 133 7.98 2.81 9.05
N ASN A 134 9.08 3.33 8.55
CA ASN A 134 9.04 3.97 7.21
C ASN A 134 9.29 2.93 6.11
N ILE A 135 8.85 3.20 4.91
CA ILE A 135 9.06 2.24 3.80
C ILE A 135 8.99 2.97 2.45
N THR A 136 9.78 2.56 1.50
CA THR A 136 9.75 3.25 0.17
C THR A 136 8.78 2.57 -0.79
N TYR A 137 7.89 3.32 -1.37
CA TYR A 137 6.91 2.71 -2.33
C TYR A 137 7.49 2.75 -3.75
N LYS A 138 6.99 1.92 -4.62
CA LYS A 138 7.51 1.93 -6.02
C LYS A 138 6.39 1.60 -7.01
N PHE A 139 5.87 2.60 -7.69
CA PHE A 139 4.78 2.35 -8.67
C PHE A 139 5.35 2.15 -10.07
N ASN A 140 4.68 1.40 -10.90
CA ASN A 140 5.19 1.17 -12.29
C ASN A 140 4.03 1.11 -13.28
N GLY A 141 3.72 2.21 -13.92
CA GLY A 141 2.59 2.19 -14.90
C GLY A 141 2.84 3.27 -15.97
N PRO A 142 1.77 3.73 -16.56
CA PRO A 142 1.87 4.76 -17.62
C PRO A 142 2.49 6.05 -17.07
N THR A 143 2.66 7.04 -17.89
CA THR A 143 3.27 8.32 -17.42
C THR A 143 2.71 9.49 -18.23
N ASP A 144 2.96 9.51 -19.51
CA ASP A 144 2.45 10.62 -20.35
C ASP A 144 1.53 10.08 -21.45
N VAL A 145 2.04 9.23 -22.31
CA VAL A 145 1.20 8.66 -23.40
C VAL A 145 0.60 9.80 -24.24
N ALA A 146 1.36 10.81 -24.54
CA ALA A 146 0.83 11.93 -25.36
C ALA A 146 0.87 11.56 -26.85
N GLY A 147 1.97 11.04 -27.32
CA GLY A 147 2.07 10.67 -28.76
C GLY A 147 2.61 11.86 -29.55
ZN ZNH B . 7.30 -5.96 11.51
CHA ZNH B . 10.34 -4.59 11.97
CHB ZNH B . 7.91 -8.03 14.13
CHC ZNH B . 4.47 -7.24 11.10
CHD ZNH B . 6.79 -3.84 8.92
NA ZNH B . 8.73 -6.22 12.71
C1A ZNH B . 9.99 -5.56 12.79
C2A ZNH B . 10.74 -6.07 13.81
C3A ZNH B . 10.05 -7.03 14.41
C4A ZNH B . 8.84 -7.17 13.78
CMA ZNH B . 10.52 -7.84 15.59
CAA ZNH B . 12.12 -5.62 14.20
CBA ZNH B . 13.16 -6.36 13.35
CGA ZNH B . 14.14 -7.06 14.25
O1A ZNH B . 13.76 -7.94 14.98
O2A ZNH B . 15.43 -6.72 14.23
NB ZNH B . 6.38 -7.36 12.44
C1B ZNH B . 6.73 -8.15 13.52
C2B ZNH B . 5.72 -9.03 13.83
C3B ZNH B . 4.73 -8.84 12.98
C4B ZNH B . 5.11 -7.76 12.08
CMB ZNH B . 5.75 -10.04 14.94
CAB ZNH B . 3.45 -9.58 12.94
CBB ZNH B . 2.61 -9.50 13.96
NC ZNH B . 5.92 -5.59 10.25
C1C ZNH B . 4.71 -6.30 10.24
C2C ZNH B . 3.93 -5.81 9.22
C3C ZNH B . 4.59 -4.83 8.58
C4C ZNH B . 5.82 -4.65 9.18
CMC ZNH B . 2.55 -6.29 8.89
CAC ZNH B . 4.09 -4.07 7.41
CBC ZNH B . 3.03 -3.27 7.55
ND ZNH B . 8.31 -4.57 10.67
C1D ZNH B . 7.93 -3.80 9.59
C2D ZNH B . 8.98 -2.87 9.25
C3D ZNH B . 9.97 -3.06 10.09
C4D ZNH B . 9.57 -4.13 10.99
CMD ZNH B . 8.96 -1.87 8.12
CAD ZNH B . 11.28 -2.32 10.12
CBD ZNH B . 12.39 -3.23 9.61
CGD ZNH B . 13.71 -2.84 10.24
O1D ZNH B . 13.84 -1.73 10.72
O2D ZNH B . 14.73 -3.71 10.28
HHA ZNH B . 11.32 -4.14 12.10
HHB ZNH B . 8.12 -8.68 14.97
HHC ZNH B . 3.48 -7.69 10.96
HHD ZNH B . 6.66 -3.15 8.08
HMA1 ZNH B . 10.20 -7.37 16.51
HMA2 ZNH B . 11.62 -7.90 15.57
HMA3 ZNH B . 10.11 -8.84 15.53
HAA1 ZNH B . 12.29 -5.85 15.25
HAA2 ZNH B . 12.22 -4.55 14.03
HBA1 ZNH B . 13.70 -5.64 12.72
HBA2 ZNH B . 12.66 -7.08 12.71
HMB1 ZNH B . 4.84 -9.96 15.54
HMB2 ZNH B . 6.62 -9.87 15.58
HMB3 ZNH B . 5.81 -11.05 14.52
HAB ZNH B . 3.13 -10.04 12.01
HBB1 ZNH B . 1.60 -9.90 13.85
HBB2 ZNH B . 2.85 -8.87 14.82
HMC1 ZNH B . 1.95 -6.35 9.81
HMC2 ZNH B . 2.60 -7.28 8.43
HMC3 ZNH B . 2.07 -5.60 8.20
HAC ZNH B . 4.55 -4.19 6.45
HBC1 ZNH B . 2.64 -2.74 6.69
HBC2 ZNH B . 2.54 -3.18 8.52
HMD1 ZNH B . 8.22 -1.10 8.34
HMD2 ZNH B . 8.70 -2.37 7.19
HMD3 ZNH B . 9.94 -1.40 8.03
HAD1 ZNH B . 11.22 -1.44 9.49
HAD2 ZNH B . 11.50 -2.02 11.15
HBD1 ZNH B . 12.48 -3.14 8.52
HBD2 ZNH B . 12.17 -4.27 9.88
N SER A 22 -21.36 6.81 -16.18
CA SER A 22 -19.96 6.85 -15.67
C SER A 22 -19.81 5.90 -14.47
N ALA A 23 -19.57 4.64 -14.73
CA ALA A 23 -19.41 3.66 -13.61
C ALA A 23 -18.11 2.88 -13.77
N ASN A 24 -17.02 3.39 -13.26
CA ASN A 24 -15.72 2.67 -13.39
C ASN A 24 -15.34 2.55 -14.86
N ALA A 25 -15.71 3.50 -15.66
CA ALA A 25 -15.37 3.45 -17.10
C ALA A 25 -13.90 3.79 -17.33
N ALA A 26 -13.14 2.88 -17.86
CA ALA A 26 -11.69 3.14 -18.11
C ALA A 26 -11.04 3.87 -16.93
N ASP A 27 -9.88 4.43 -17.12
CA ASP A 27 -9.20 5.15 -16.01
C ASP A 27 -9.02 4.23 -14.81
N SER A 28 -8.91 2.96 -15.04
CA SER A 28 -8.74 2.01 -13.91
C SER A 28 -8.18 0.66 -14.39
N GLY A 29 -7.29 0.07 -13.64
CA GLY A 29 -6.70 -1.23 -14.07
C GLY A 29 -5.64 -1.69 -13.06
N THR A 30 -5.05 -2.82 -13.29
CA THR A 30 -4.00 -3.32 -12.35
C THR A 30 -2.63 -2.79 -12.76
N LEU A 31 -2.06 -1.92 -11.97
CA LEU A 31 -0.72 -1.36 -12.32
C LEU A 31 0.40 -2.15 -11.64
N ASN A 32 1.57 -2.13 -12.21
CA ASN A 32 2.71 -2.86 -11.58
C ASN A 32 3.32 -1.99 -10.47
N TYR A 33 3.68 -2.58 -9.37
CA TYR A 33 4.27 -1.75 -8.28
C TYR A 33 4.91 -2.65 -7.22
N GLU A 34 5.79 -2.09 -6.43
CA GLU A 34 6.45 -2.89 -5.36
C GLU A 34 6.93 -1.96 -4.24
N VAL A 35 7.75 -2.45 -3.35
CA VAL A 35 8.25 -1.59 -2.25
C VAL A 35 9.72 -1.90 -1.95
N TYR A 36 10.33 -1.14 -1.09
CA TYR A 36 11.75 -1.40 -0.74
C TYR A 36 12.02 -1.01 0.71
N LYS A 37 12.99 -1.63 1.33
CA LYS A 37 13.31 -1.31 2.74
C LYS A 37 13.88 0.11 2.84
N TYR A 38 13.29 0.94 3.65
CA TYR A 38 13.81 2.33 3.78
C TYR A 38 15.32 2.29 4.03
N ASN A 39 16.03 3.28 3.55
CA ASN A 39 17.52 3.33 3.71
C ASN A 39 18.21 2.29 2.82
N THR A 40 17.46 1.54 2.05
CA THR A 40 18.09 0.53 1.14
C THR A 40 17.41 0.57 -0.23
N ASN A 41 17.54 -0.48 -0.99
CA ASN A 41 16.91 -0.50 -2.34
C ASN A 41 16.20 -1.84 -2.57
N ASP A 42 16.05 -2.64 -1.54
CA ASP A 42 15.38 -3.96 -1.71
C ASP A 42 14.39 -4.20 -0.57
N THR A 43 13.24 -4.75 -0.88
CA THR A 43 12.24 -5.03 0.19
C THR A 43 12.81 -6.07 1.16
N SER A 44 12.71 -5.85 2.44
CA SER A 44 13.28 -6.83 3.40
C SER A 44 12.26 -7.26 4.46
N ILE A 45 11.21 -6.52 4.64
CA ILE A 45 10.20 -6.91 5.67
C ILE A 45 8.79 -6.73 5.14
N ALA A 46 8.36 -5.51 4.99
CA ALA A 46 6.99 -5.23 4.49
C ALA A 46 6.70 -6.00 3.20
N ASN A 47 7.73 -6.39 2.49
CA ASN A 47 7.51 -7.15 1.22
C ASN A 47 6.65 -8.39 1.47
N ASP A 48 6.57 -8.84 2.69
CA ASP A 48 5.77 -10.06 2.99
C ASP A 48 4.35 -9.69 3.42
N TYR A 49 3.93 -8.47 3.19
CA TYR A 49 2.56 -8.07 3.60
C TYR A 49 1.92 -7.15 2.56
N PHE A 50 2.46 -7.11 1.37
CA PHE A 50 1.88 -6.23 0.32
C PHE A 50 1.52 -7.05 -0.92
N ASN A 51 0.26 -7.28 -1.14
CA ASN A 51 -0.16 -8.09 -2.34
C ASN A 51 0.01 -7.27 -3.62
N LYS A 52 0.23 -7.92 -4.72
CA LYS A 52 0.40 -7.19 -6.02
C LYS A 52 -0.16 -8.05 -7.17
N PRO A 53 -0.40 -7.40 -8.29
CA PRO A 53 -0.16 -5.95 -8.43
C PRO A 53 -1.28 -5.15 -7.75
N ALA A 54 -1.25 -3.85 -7.85
CA ALA A 54 -2.30 -3.02 -7.23
C ALA A 54 -3.25 -2.47 -8.30
N LYS A 55 -4.38 -1.96 -7.91
CA LYS A 55 -5.33 -1.41 -8.92
C LYS A 55 -5.24 0.12 -8.95
N TYR A 56 -4.77 0.67 -10.04
CA TYR A 56 -4.66 2.15 -10.14
C TYR A 56 -5.90 2.72 -10.84
N ILE A 57 -6.12 4.00 -10.71
CA ILE A 57 -7.30 4.61 -11.38
C ILE A 57 -7.06 6.10 -11.64
N LYS A 58 -7.71 6.66 -12.64
CA LYS A 58 -7.50 8.11 -12.94
C LYS A 58 -8.83 8.81 -13.22
N LYS A 59 -8.82 10.11 -13.31
CA LYS A 59 -10.08 10.85 -13.57
C LYS A 59 -9.76 12.20 -14.22
N ASN A 60 -9.20 12.17 -15.40
CA ASN A 60 -8.86 13.44 -16.11
C ASN A 60 -8.13 14.42 -15.18
N GLY A 61 -6.83 14.30 -15.09
CA GLY A 61 -6.05 15.22 -14.22
C GLY A 61 -5.96 14.68 -12.79
N LYS A 62 -6.09 13.39 -12.61
CA LYS A 62 -6.01 12.83 -11.23
C LYS A 62 -5.94 11.30 -11.27
N LEU A 63 -5.50 10.69 -10.21
CA LEU A 63 -5.45 9.20 -10.20
C LEU A 63 -5.09 8.67 -8.82
N TYR A 64 -5.59 7.51 -8.51
CA TYR A 64 -5.33 6.88 -7.20
C TYR A 64 -5.12 5.37 -7.39
N VAL A 65 -4.76 4.68 -6.35
CA VAL A 65 -4.55 3.20 -6.48
C VAL A 65 -4.90 2.49 -5.18
N GLN A 66 -5.49 1.34 -5.26
CA GLN A 66 -5.84 0.60 -4.02
C GLN A 66 -4.80 -0.47 -3.71
N ILE A 67 -4.36 -0.55 -2.48
CA ILE A 67 -3.34 -1.58 -2.12
C ILE A 67 -3.96 -2.61 -1.16
N THR A 68 -3.62 -3.85 -1.32
CA THR A 68 -4.21 -4.89 -0.43
C THR A 68 -3.32 -5.07 0.82
N VAL A 69 -3.92 -5.05 1.98
CA VAL A 69 -3.13 -5.21 3.23
C VAL A 69 -3.31 -6.63 3.78
N ASN A 70 -2.24 -7.34 4.00
CA ASN A 70 -2.36 -8.73 4.52
C ASN A 70 -2.10 -8.75 6.03
N HIS A 71 -2.84 -9.54 6.76
CA HIS A 71 -2.64 -9.61 8.24
C HIS A 71 -2.89 -8.24 8.87
N SER A 72 -4.13 -7.87 9.04
CA SER A 72 -4.44 -6.55 9.66
C SER A 72 -3.98 -6.54 11.12
N HIS A 73 -4.07 -7.65 11.79
CA HIS A 73 -3.64 -7.70 13.22
C HIS A 73 -2.21 -7.17 13.36
N TRP A 74 -1.36 -7.49 12.41
CA TRP A 74 0.05 -7.01 12.49
C TRP A 74 0.16 -5.57 11.98
N ILE A 75 -0.18 -5.36 10.74
CA ILE A 75 -0.10 -3.98 10.18
C ILE A 75 -1.41 -3.23 10.44
N THR A 76 -1.33 -2.11 11.11
CA THR A 76 -2.57 -1.35 11.43
C THR A 76 -2.93 -0.38 10.30
N GLY A 77 -1.98 0.00 9.48
CA GLY A 77 -2.31 0.95 8.37
C GLY A 77 -1.06 1.26 7.55
N MET A 78 -1.22 2.03 6.51
CA MET A 78 -0.04 2.39 5.65
C MET A 78 -0.26 3.77 5.01
N SER A 79 0.46 4.77 5.45
CA SER A 79 0.29 6.13 4.87
C SER A 79 1.15 6.28 3.62
N ILE A 80 0.79 7.19 2.75
CA ILE A 80 1.61 7.40 1.52
C ILE A 80 1.55 8.86 1.09
N GLU A 81 2.55 9.33 0.39
CA GLU A 81 2.55 10.75 -0.04
C GLU A 81 2.52 11.69 1.16
N GLY A 82 2.81 11.20 2.33
CA GLY A 82 2.80 12.08 3.53
C GLY A 82 1.38 12.23 4.08
N HIS A 83 0.50 11.34 3.73
CA HIS A 83 -0.90 11.44 4.25
C HIS A 83 -1.41 10.07 4.69
N LYS A 84 -2.42 10.05 5.53
CA LYS A 84 -2.96 8.74 6.01
C LYS A 84 -3.71 8.01 4.88
N GLU A 85 -3.93 6.74 5.04
CA GLU A 85 -4.66 5.96 3.99
C GLU A 85 -6.16 5.99 4.27
N ASN A 86 -6.95 5.52 3.33
CA ASN A 86 -8.42 5.51 3.54
C ASN A 86 -8.94 4.07 3.60
N ILE A 87 -9.66 3.72 4.63
CA ILE A 87 -10.20 2.34 4.73
C ILE A 87 -11.25 2.12 3.64
N ILE A 88 -10.89 1.43 2.60
CA ILE A 88 -11.86 1.19 1.50
C ILE A 88 -12.59 -0.15 1.67
N SER A 89 -11.96 -1.10 2.31
CA SER A 89 -12.64 -2.41 2.51
C SER A 89 -11.87 -3.24 3.54
N LYS A 90 -12.35 -3.27 4.75
CA LYS A 90 -11.66 -4.06 5.80
C LYS A 90 -12.30 -5.44 5.93
N ASN A 91 -11.67 -6.45 5.39
CA ASN A 91 -12.25 -7.83 5.48
C ASN A 91 -11.63 -8.59 6.65
N THR A 92 -12.26 -8.56 7.79
CA THR A 92 -11.70 -9.28 8.97
C THR A 92 -12.04 -10.78 8.89
N ALA A 93 -13.00 -11.14 8.07
CA ALA A 93 -13.37 -12.58 7.95
C ALA A 93 -12.18 -13.38 7.41
N LYS A 94 -11.24 -12.72 6.79
CA LYS A 94 -10.06 -13.45 6.25
C LYS A 94 -8.77 -12.68 6.55
N ASP A 95 -8.81 -11.83 7.55
CA ASP A 95 -7.59 -11.05 7.91
C ASP A 95 -7.06 -10.32 6.67
N GLU A 96 -7.78 -9.35 6.18
CA GLU A 96 -7.31 -8.61 4.98
C GLU A 96 -7.79 -7.15 5.03
N ARG A 97 -7.39 -6.36 4.09
CA ARG A 97 -7.82 -4.92 4.08
C ARG A 97 -7.31 -4.22 2.83
N THR A 98 -7.88 -3.10 2.49
CA THR A 98 -7.43 -2.36 1.27
C THR A 98 -7.48 -0.86 1.53
N SER A 99 -6.68 -0.10 0.84
CA SER A 99 -6.68 1.38 1.06
C SER A 99 -6.41 2.12 -0.25
N GLU A 100 -7.08 3.24 -0.45
CA GLU A 100 -6.86 4.01 -1.70
C GLU A 100 -5.78 5.08 -1.46
N PHE A 101 -4.98 5.39 -2.46
CA PHE A 101 -3.92 6.40 -2.26
C PHE A 101 -3.96 7.46 -3.36
N GLU A 102 -3.76 8.70 -3.01
CA GLU A 102 -3.77 9.79 -4.02
C GLU A 102 -2.33 10.25 -4.27
N VAL A 103 -1.87 10.18 -5.49
CA VAL A 103 -0.47 10.60 -5.78
C VAL A 103 -0.35 11.17 -7.19
N SER A 104 0.54 12.11 -7.39
CA SER A 104 0.72 12.69 -8.76
C SER A 104 1.22 11.60 -9.71
N LYS A 105 0.37 11.13 -10.57
CA LYS A 105 0.79 10.03 -11.50
C LYS A 105 1.44 8.90 -10.71
N LEU A 106 1.92 7.88 -11.37
CA LEU A 106 2.54 6.74 -10.63
C LEU A 106 3.62 6.06 -11.49
N ASN A 107 4.81 6.61 -11.50
CA ASN A 107 5.91 6.00 -12.29
C ASN A 107 7.25 6.19 -11.58
N GLY A 108 7.53 5.36 -10.59
CA GLY A 108 8.82 5.51 -9.85
C GLY A 108 8.62 5.02 -8.41
N LYS A 109 8.72 5.91 -7.46
CA LYS A 109 8.53 5.51 -6.04
C LYS A 109 8.13 6.72 -5.20
N ILE A 110 7.42 6.50 -4.12
CA ILE A 110 6.99 7.64 -3.26
C ILE A 110 7.25 7.32 -1.78
N ASP A 111 7.49 8.32 -0.99
CA ASP A 111 7.76 8.06 0.46
C ASP A 111 6.43 7.76 1.19
N GLY A 112 6.34 6.64 1.83
CA GLY A 112 5.09 6.29 2.55
C GLY A 112 5.42 5.89 3.99
N LYS A 113 4.42 5.59 4.77
CA LYS A 113 4.66 5.19 6.19
C LYS A 113 3.66 4.11 6.61
N ILE A 114 3.84 3.53 7.75
CA ILE A 114 2.90 2.47 8.20
C ILE A 114 2.95 2.31 9.72
N ASP A 115 1.81 2.15 10.33
CA ASP A 115 1.78 1.96 11.81
C ASP A 115 1.43 0.51 12.12
N VAL A 116 1.77 0.04 13.28
CA VAL A 116 1.46 -1.39 13.62
C VAL A 116 1.11 -1.53 15.10
N TYR A 117 0.33 -2.52 15.44
CA TYR A 117 -0.05 -2.72 16.87
C TYR A 117 -0.35 -4.21 17.14
N ILE A 118 0.52 -4.89 17.83
CA ILE A 118 0.27 -6.33 18.12
C ILE A 118 0.42 -6.60 19.63
N ASP A 119 -0.26 -7.61 20.11
CA ASP A 119 -0.16 -7.94 21.56
C ASP A 119 -0.60 -9.38 21.79
N GLU A 120 0.34 -10.29 21.87
CA GLU A 120 -0.02 -11.72 22.09
C GLU A 120 1.25 -12.56 22.30
N LYS A 121 1.21 -13.80 21.92
CA LYS A 121 2.42 -14.67 22.11
C LYS A 121 2.73 -15.44 20.81
N VAL A 122 3.87 -15.23 20.24
CA VAL A 122 4.23 -15.95 18.98
C VAL A 122 4.62 -17.40 19.28
N ASN A 123 3.68 -18.29 19.26
CA ASN A 123 3.99 -19.72 19.55
C ASN A 123 4.82 -19.84 20.82
N GLY A 124 4.42 -19.17 21.87
CA GLY A 124 5.19 -19.24 23.14
C GLY A 124 6.16 -18.06 23.25
N LYS A 125 5.75 -16.91 22.78
CA LYS A 125 6.64 -15.72 22.87
C LYS A 125 5.81 -14.45 23.08
N PRO A 126 5.56 -14.15 24.32
CA PRO A 126 4.77 -12.95 24.68
C PRO A 126 5.49 -11.69 24.20
N PHE A 127 4.82 -10.87 23.42
CA PHE A 127 5.46 -9.63 22.93
C PHE A 127 4.40 -8.58 22.60
N LYS A 128 4.77 -7.33 22.51
CA LYS A 128 3.78 -6.27 22.19
C LYS A 128 4.35 -5.31 21.13
N TYR A 129 3.86 -5.41 19.93
CA TYR A 129 4.37 -4.51 18.85
C TYR A 129 3.50 -3.25 18.77
N ASP A 130 4.12 -2.09 18.74
CA ASP A 130 3.33 -0.83 18.66
C ASP A 130 4.25 0.34 18.31
N HIS A 131 4.43 0.61 17.05
CA HIS A 131 5.32 1.74 16.65
C HIS A 131 4.91 2.29 15.28
N HIS A 132 5.64 3.24 14.77
CA HIS A 132 5.30 3.82 13.44
C HIS A 132 6.47 3.58 12.47
N TYR A 133 6.41 2.51 11.73
CA TYR A 133 7.51 2.21 10.76
C TYR A 133 7.27 2.93 9.44
N ASN A 134 8.15 2.74 8.49
CA ASN A 134 7.98 3.41 7.17
C ASN A 134 8.63 2.57 6.06
N ILE A 135 8.27 2.80 4.84
CA ILE A 135 8.86 1.99 3.73
C ILE A 135 8.78 2.75 2.40
N THR A 136 9.54 2.34 1.42
CA THR A 136 9.52 3.04 0.11
C THR A 136 8.50 2.39 -0.83
N TYR A 137 7.55 3.13 -1.30
CA TYR A 137 6.54 2.56 -2.24
C TYR A 137 7.03 2.72 -3.68
N LYS A 138 6.87 1.72 -4.49
CA LYS A 138 7.35 1.83 -5.90
C LYS A 138 6.18 1.70 -6.87
N PHE A 139 5.70 2.80 -7.40
CA PHE A 139 4.56 2.74 -8.35
C PHE A 139 5.09 2.68 -9.78
N ASN A 140 4.61 1.75 -10.57
CA ASN A 140 5.10 1.65 -11.98
C ASN A 140 3.92 1.60 -12.96
N GLY A 141 3.66 2.70 -13.63
CA GLY A 141 2.54 2.73 -14.60
C GLY A 141 2.83 3.77 -15.68
N PRO A 142 1.79 4.39 -16.18
CA PRO A 142 1.95 5.41 -17.25
C PRO A 142 2.85 6.56 -16.76
N THR A 143 2.96 7.60 -17.52
CA THR A 143 3.83 8.75 -17.11
C THR A 143 3.26 10.06 -17.66
N ASP A 144 3.00 10.12 -18.94
CA ASP A 144 2.46 11.38 -19.54
C ASP A 144 1.25 11.06 -20.41
N VAL A 145 1.38 10.14 -21.31
CA VAL A 145 0.23 9.78 -22.20
C VAL A 145 -0.27 11.02 -22.95
N ALA A 146 0.62 11.92 -23.27
CA ALA A 146 0.21 13.15 -24.01
C ALA A 146 1.40 13.77 -24.72
N GLY A 147 2.34 12.97 -25.13
CA GLY A 147 3.54 13.51 -25.84
C GLY A 147 4.77 12.68 -25.47
ZN ZNH B . 8.70 -5.47 11.82
CHA ZNH B . 11.63 -3.83 11.93
CHB ZNH B . 9.78 -7.45 14.34
CHC ZNH B . 5.97 -7.01 11.71
CHD ZNH B . 7.72 -3.43 9.30
NA ZNH B . 10.28 -5.59 12.85
C1A ZNH B . 11.47 -4.82 12.78
C2A ZNH B . 12.37 -5.24 13.71
C3A ZNH B . 11.85 -6.26 14.38
C4A ZNH B . 10.58 -6.51 13.90
CMA ZNH B . 12.52 -7.02 15.50
CAA ZNH B . 13.74 -4.67 13.94
CBA ZNH B . 13.71 -3.77 15.18
CGA ZNH B . 15.11 -3.61 15.71
O1A ZNH B . 15.40 -2.65 16.39
O2A ZNH B . 16.05 -4.53 15.43
NB ZNH B . 8.01 -6.94 12.85
C1B ZNH B . 8.56 -7.68 13.88
C2B ZNH B . 7.69 -8.65 14.30
C3B ZNH B . 6.58 -8.56 13.59
C4B ZNH B . 6.75 -7.47 12.62
CMB ZNH B . 7.94 -9.65 15.41
CAB ZNH B . 5.38 -9.44 13.76
CBB ZNH B . 4.16 -8.97 13.56
NC ZNH B . 7.16 -5.24 10.72
C1C ZNH B . 6.03 -6.06 10.85
C2C ZNH B . 5.09 -5.64 9.92
C3C ZNH B . 5.58 -4.60 9.22
C4C ZNH B . 6.85 -4.33 9.67
CMC ZNH B . 3.73 -6.25 9.75
CAC ZNH B . 4.87 -3.90 8.14
CBC ZNH B . 4.59 -4.52 7.00
ND ZNH B . 9.48 -4.01 10.87
C1D ZNH B . 8.92 -3.28 9.84
C2D ZNH B . 9.83 -2.26 9.39
C3D ZNH B . 10.93 -2.36 10.10
C4D ZNH B . 10.73 -3.45 11.03
CMD ZNH B . 9.58 -1.25 8.29
CAD ZNH B . 12.17 -1.51 9.97
CBD ZNH B . 12.40 -0.73 11.27
CGD ZNH B . 12.42 0.74 10.97
O1D ZNH B . 12.83 1.15 9.90
O2D ZNH B . 11.98 1.63 11.88
HHA ZNH B . 12.59 -3.30 11.95
HHB ZNH B . 10.15 -8.08 15.16
HHC ZNH B . 5.03 -7.54 11.67
HHD ZNH B . 7.43 -2.75 8.49
HMA1 ZNH B . 13.59 -6.77 15.51
HMA2 ZNH B . 12.40 -8.08 15.33
HMA3 ZNH B . 12.07 -6.74 16.45
HAA1 ZNH B . 14.04 -4.08 13.08
HAA2 ZNH B . 14.46 -5.48 14.10
HBA1 ZNH B . 13.08 -4.22 15.94
HBA2 ZNH B . 13.32 -2.80 14.91
HMB1 ZNH B . 6.99 -10.04 15.78
HMB2 ZNH B . 8.47 -9.15 16.23
HMB3 ZNH B . 8.55 -10.46 15.02
HAB ZNH B . 5.50 -10.40 14.25
HBB1 ZNH B . 3.30 -9.54 13.90
HBB2 ZNH B . 4.02 -7.92 13.28
HMC1 ZNH B . 3.29 -6.45 10.72
HMC2 ZNH B . 3.81 -7.18 9.18
HMC3 ZNH B . 3.09 -5.55 9.19
HAC ZNH B . 4.49 -2.89 8.31
HBC1 ZNH B . 3.97 -4.03 6.25
HBC2 ZNH B . 4.88 -5.57 6.87
HMD1 ZNH B . 8.51 -1.13 8.16
HMD2 ZNH B . 10.03 -1.61 7.36
HMD3 ZNH B . 10.03 -0.30 8.57
HAD1 ZNH B . 13.03 -2.14 9.77
HAD2 ZNH B . 12.03 -0.81 9.14
HBD1 ZNH B . 13.36 -1.02 11.70
HBD2 ZNH B . 11.60 -0.95 11.97
#